data_2H5L
#
_entry.id   2H5L
#
_cell.length_a   90.50
_cell.length_b   178.60
_cell.length_c   112.66
_cell.angle_alpha   90
_cell.angle_beta   107.9
_cell.angle_gamma   90
#
_symmetry.space_group_name_H-M   'P 1 21 1'
#
loop_
_entity.id
_entity.type
_entity.pdbx_description
1 polymer Adenosylhomocysteinase
2 non-polymer NICOTINAMIDE-ADENINE-DINUCLEOTIDE
3 non-polymer '(2R,3R)-4-(4-AMINO-1H-IMIDAZO[4,5-C]PYRIDIN-1-YL)-2,3-DIHYDROXYBUTANOIC ACID'
4 water water
#
_entity_poly.entity_id   1
_entity_poly.type   'polypeptide(L)'
_entity_poly.pdbx_seq_one_letter_code
;ADKLPYKVADIGLAAWGRKALDIAENEMPGLMRMREMYSASKPLKGARIAGCLHMTVETAVLIETLVALGAEVRWSSCNI
FSTQDHAAAAIAKAGIPVFAWKGETDEEYLWCIEQTLHFKDGPLNMILDDGGDLTNLIHTKHPQLLSGIRGISEETTTGV
HNLYKMMANGILKVPAINVNDSVTKSKFDNLYGCRESLIDGIKRATDVMIAGKVAVVAGYGDVGKGCAQALRGFGARVII
TEIDPINALQAAMEGYEVTTMDEACKEGNIFVTTTGCVDIILGRHFEQMKDDAIVCNIGHFDVEIDVKWLNENAVEKVNI
KPQVDRYLLKNGHRIILLAEGRLVNLGCAMGHPSFVMSNSFTNQVMAQIELWTHPDKYPVGVHFLPKKLDEAVAEAHLGK
LNVKLTKLTEKQAQYLGMPINGPFKPDHYRY
;
_entity_poly.pdbx_strand_id   A,B,C,D,E,F,G,H
#
loop_
_chem_comp.id
_chem_comp.type
_chem_comp.name
_chem_comp.formula
3DD non-polymer '(2R,3R)-4-(4-AMINO-1H-IMIDAZO[4,5-C]PYRIDIN-1-YL)-2,3-DIHYDROXYBUTANOIC ACID' 'C10 H12 N4 O4'
NAD non-polymer NICOTINAMIDE-ADENINE-DINUCLEOTIDE 'C21 H27 N7 O14 P2'
#
# COMPACT_ATOMS: atom_id res chain seq x y z
N ASP A 2 -4.93 -11.23 -40.00
CA ASP A 2 -3.84 -11.87 -40.81
C ASP A 2 -3.62 -13.30 -40.35
N LYS A 3 -2.48 -13.54 -39.71
CA LYS A 3 -2.12 -14.85 -39.23
C LYS A 3 -2.96 -15.29 -38.03
N LEU A 4 -2.65 -16.46 -37.49
CA LEU A 4 -3.39 -17.00 -36.35
C LEU A 4 -3.37 -16.03 -35.20
N PRO A 5 -4.22 -16.28 -34.18
CA PRO A 5 -4.26 -15.37 -33.03
C PRO A 5 -3.12 -15.69 -32.06
N TYR A 6 -2.62 -16.91 -32.16
CA TYR A 6 -1.53 -17.35 -31.31
C TYR A 6 -1.23 -18.77 -31.71
N LYS A 7 -0.17 -19.32 -31.13
CA LYS A 7 0.17 -20.70 -31.37
C LYS A 7 1.09 -21.14 -30.25
N VAL A 8 0.70 -22.21 -29.58
CA VAL A 8 1.45 -22.75 -28.47
C VAL A 8 1.52 -24.27 -28.63
N ALA A 9 2.10 -24.97 -27.67
CA ALA A 9 2.22 -26.42 -27.80
C ALA A 9 0.90 -27.14 -27.51
N ASP A 10 0.19 -26.70 -26.48
CA ASP A 10 -1.06 -27.33 -26.11
C ASP A 10 -1.84 -26.35 -25.22
N ILE A 11 -3.00 -25.89 -25.68
CA ILE A 11 -3.77 -24.95 -24.89
C ILE A 11 -4.49 -25.63 -23.74
N GLY A 12 -4.37 -26.94 -23.67
CA GLY A 12 -5.02 -27.67 -22.60
C GLY A 12 -4.24 -27.50 -21.32
N LEU A 13 -3.06 -26.88 -21.43
CA LEU A 13 -2.18 -26.64 -20.29
C LEU A 13 -2.53 -25.37 -19.52
N ALA A 14 -3.40 -24.54 -20.11
CA ALA A 14 -3.84 -23.26 -19.53
C ALA A 14 -4.25 -23.27 -18.07
N ALA A 15 -5.09 -24.23 -17.70
CA ALA A 15 -5.56 -24.33 -16.32
C ALA A 15 -4.40 -24.45 -15.35
N TRP A 16 -3.52 -25.43 -15.61
CA TRP A 16 -2.36 -25.64 -14.76
C TRP A 16 -1.46 -24.41 -14.81
N GLY A 17 -1.26 -23.88 -16.01
CA GLY A 17 -0.41 -22.72 -16.14
C GLY A 17 -0.90 -21.58 -15.28
N ARG A 18 -2.21 -21.47 -15.16
CA ARG A 18 -2.85 -20.42 -14.37
C ARG A 18 -2.58 -20.52 -12.86
N LYS A 19 -2.57 -21.76 -12.35
CA LYS A 19 -2.30 -21.98 -10.93
C LYS A 19 -0.87 -21.58 -10.66
N ALA A 20 0.03 -21.92 -11.58
CA ALA A 20 1.44 -21.56 -11.44
C ALA A 20 1.56 -20.05 -11.42
N LEU A 21 0.81 -19.38 -12.31
CA LEU A 21 0.83 -17.94 -12.39
C LEU A 21 0.32 -17.35 -11.09
N ASP A 22 -0.64 -18.04 -10.47
CA ASP A 22 -1.23 -17.59 -9.23
C ASP A 22 -0.19 -17.61 -8.13
N ILE A 23 0.48 -18.73 -7.99
CA ILE A 23 1.51 -18.86 -6.99
C ILE A 23 2.66 -17.88 -7.30
N ALA A 24 3.00 -17.76 -8.58
CA ALA A 24 4.07 -16.87 -9.02
C ALA A 24 3.81 -15.44 -8.60
N GLU A 25 2.59 -14.96 -8.83
CA GLU A 25 2.22 -13.59 -8.50
C GLU A 25 2.52 -13.26 -7.04
N ASN A 26 2.23 -14.21 -6.17
CA ASN A 26 2.46 -14.03 -4.72
C ASN A 26 3.94 -13.98 -4.41
N GLU A 27 4.78 -14.26 -5.40
CA GLU A 27 6.22 -14.24 -5.17
C GLU A 27 6.91 -13.07 -5.85
N MET A 28 6.16 -12.29 -6.64
CA MET A 28 6.75 -11.15 -7.33
C MET A 28 6.04 -9.87 -6.89
N PRO A 29 6.40 -9.35 -5.72
CA PRO A 29 5.83 -8.14 -5.15
C PRO A 29 6.05 -6.90 -5.99
N GLY A 30 7.19 -6.86 -6.67
CA GLY A 30 7.49 -5.71 -7.50
C GLY A 30 6.49 -5.53 -8.60
N LEU A 31 6.19 -6.62 -9.30
CA LEU A 31 5.25 -6.57 -10.41
C LEU A 31 3.87 -6.24 -9.91
N MET A 32 3.47 -6.92 -8.83
CA MET A 32 2.15 -6.70 -8.25
C MET A 32 1.99 -5.26 -7.76
N ARG A 33 3.06 -4.69 -7.22
CA ARG A 33 2.99 -3.32 -6.74
C ARG A 33 2.85 -2.38 -7.94
N MET A 34 3.49 -2.73 -9.05
CA MET A 34 3.41 -1.92 -10.28
C MET A 34 1.96 -1.96 -10.75
N ARG A 35 1.32 -3.11 -10.55
CA ARG A 35 -0.06 -3.30 -10.93
C ARG A 35 -0.92 -2.44 -10.02
N GLU A 36 -0.65 -2.53 -8.73
CA GLU A 36 -1.38 -1.79 -7.71
C GLU A 36 -1.43 -0.31 -8.03
N MET A 37 -0.27 0.26 -8.32
CA MET A 37 -0.18 1.68 -8.59
C MET A 37 -0.61 2.19 -9.95
N TYR A 38 -0.35 1.41 -11.01
CA TYR A 38 -0.69 1.88 -12.35
C TYR A 38 -1.83 1.24 -13.12
N SER A 39 -2.53 0.29 -12.50
CA SER A 39 -3.66 -0.36 -13.16
C SER A 39 -4.71 0.67 -13.60
N ALA A 40 -5.02 1.61 -12.72
CA ALA A 40 -6.00 2.65 -13.01
C ALA A 40 -5.49 3.66 -14.03
N SER A 41 -4.33 4.26 -13.78
CA SER A 41 -3.77 5.24 -14.71
C SER A 41 -3.50 4.64 -16.09
N LYS A 42 -3.15 3.36 -16.16
CA LYS A 42 -2.86 2.74 -17.45
C LYS A 42 -1.78 3.55 -18.18
N PRO A 43 -0.62 3.76 -17.54
CA PRO A 43 0.45 4.54 -18.17
C PRO A 43 0.93 4.03 -19.53
N LEU A 44 0.69 2.74 -19.80
CA LEU A 44 1.12 2.13 -21.04
C LEU A 44 0.02 2.08 -22.09
N LYS A 45 -1.06 2.82 -21.88
CA LYS A 45 -2.15 2.84 -22.85
C LYS A 45 -1.66 3.41 -24.16
N GLY A 46 -2.02 2.75 -25.27
CA GLY A 46 -1.59 3.23 -26.57
C GLY A 46 -0.30 2.57 -27.01
N ALA A 47 0.28 1.76 -26.12
CA ALA A 47 1.52 1.09 -26.45
C ALA A 47 1.23 -0.26 -27.04
N ARG A 48 2.04 -0.63 -28.02
CA ARG A 48 1.92 -1.92 -28.67
C ARG A 48 3.29 -2.53 -28.50
N ILE A 49 3.46 -3.24 -27.39
CA ILE A 49 4.73 -3.85 -27.03
C ILE A 49 4.96 -5.22 -27.64
N ALA A 50 5.99 -5.32 -28.47
CA ALA A 50 6.34 -6.59 -29.08
C ALA A 50 7.41 -7.10 -28.16
N GLY A 51 7.20 -8.26 -27.56
CA GLY A 51 8.19 -8.79 -26.64
C GLY A 51 8.85 -10.06 -27.11
N CYS A 52 10.14 -10.17 -26.85
CA CYS A 52 10.91 -11.35 -27.19
C CYS A 52 11.71 -11.66 -25.93
N LEU A 53 11.20 -12.58 -25.13
CA LEU A 53 11.81 -12.93 -23.86
C LEU A 53 11.27 -14.31 -23.50
N HIS A 54 12.13 -15.20 -22.97
CA HIS A 54 11.73 -16.56 -22.63
C HIS A 54 10.33 -16.56 -22.09
N MET A 55 9.48 -17.43 -22.63
CA MET A 55 8.08 -17.48 -22.19
C MET A 55 7.91 -18.45 -21.05
N THR A 56 8.14 -17.95 -19.84
CA THR A 56 8.05 -18.73 -18.62
C THR A 56 6.94 -18.17 -17.75
N VAL A 57 6.72 -18.80 -16.60
CA VAL A 57 5.67 -18.34 -15.69
C VAL A 57 5.89 -16.88 -15.25
N GLU A 58 7.15 -16.53 -15.00
CA GLU A 58 7.51 -15.18 -14.59
C GLU A 58 7.29 -14.19 -15.72
N THR A 59 7.60 -14.61 -16.94
CA THR A 59 7.39 -13.74 -18.10
C THR A 59 5.89 -13.60 -18.35
N ALA A 60 5.12 -14.54 -17.84
CA ALA A 60 3.67 -14.50 -17.99
C ALA A 60 3.13 -13.42 -17.06
N VAL A 61 3.66 -13.36 -15.84
CA VAL A 61 3.22 -12.35 -14.88
C VAL A 61 3.64 -10.98 -15.39
N LEU A 62 4.77 -10.92 -16.08
CA LEU A 62 5.23 -9.66 -16.63
C LEU A 62 4.25 -9.21 -17.71
N ILE A 63 3.98 -10.11 -18.65
CA ILE A 63 3.05 -9.81 -19.75
C ILE A 63 1.74 -9.27 -19.22
N GLU A 64 1.14 -9.99 -18.27
CA GLU A 64 -0.13 -9.58 -17.71
C GLU A 64 -0.03 -8.25 -16.96
N THR A 65 1.16 -7.91 -16.48
CA THR A 65 1.33 -6.67 -15.76
C THR A 65 1.35 -5.53 -16.75
N LEU A 66 2.04 -5.73 -17.87
CA LEU A 66 2.11 -4.72 -18.91
C LEU A 66 0.71 -4.45 -19.43
N VAL A 67 -0.09 -5.51 -19.52
CA VAL A 67 -1.46 -5.40 -19.98
C VAL A 67 -2.34 -4.68 -18.96
N ALA A 68 -2.13 -4.96 -17.68
CA ALA A 68 -2.91 -4.32 -16.63
C ALA A 68 -2.64 -2.82 -16.65
N LEU A 69 -1.50 -2.44 -17.22
CA LEU A 69 -1.12 -1.04 -17.29
C LEU A 69 -1.57 -0.38 -18.60
N GLY A 70 -2.47 -1.05 -19.30
CA GLY A 70 -3.00 -0.52 -20.55
C GLY A 70 -2.24 -0.79 -21.84
N ALA A 71 -1.20 -1.61 -21.76
CA ALA A 71 -0.42 -1.92 -22.95
C ALA A 71 -1.07 -2.99 -23.81
N GLU A 72 -0.59 -3.11 -25.04
CA GLU A 72 -1.06 -4.13 -25.97
C GLU A 72 0.20 -4.90 -26.33
N VAL A 73 0.20 -6.21 -26.11
CA VAL A 73 1.39 -7.00 -26.40
C VAL A 73 1.20 -8.26 -27.24
N ARG A 74 2.30 -8.67 -27.87
CA ARG A 74 2.38 -9.88 -28.69
C ARG A 74 3.71 -10.46 -28.25
N TRP A 75 3.72 -11.67 -27.72
CA TRP A 75 4.98 -12.25 -27.25
C TRP A 75 5.57 -13.37 -28.07
N SER A 76 6.78 -13.74 -27.69
CA SER A 76 7.54 -14.79 -28.34
C SER A 76 8.72 -15.07 -27.42
N SER A 77 9.23 -16.29 -27.43
CA SER A 77 10.39 -16.60 -26.59
C SER A 77 11.64 -16.20 -27.34
N CYS A 78 12.76 -16.03 -26.64
CA CYS A 78 14.01 -15.66 -27.29
C CYS A 78 14.92 -16.87 -27.31
N ASN A 79 14.35 -18.03 -26.95
CA ASN A 79 15.07 -19.28 -26.93
C ASN A 79 14.09 -20.37 -27.38
N ILE A 80 14.58 -21.30 -28.21
CA ILE A 80 13.74 -22.38 -28.70
C ILE A 80 13.48 -23.47 -27.67
N PHE A 81 14.19 -23.43 -26.54
CA PHE A 81 14.02 -24.43 -25.49
C PHE A 81 13.49 -23.86 -24.17
N SER A 82 13.70 -22.56 -23.97
CA SER A 82 13.30 -21.88 -22.75
C SER A 82 11.81 -21.78 -22.42
N THR A 83 10.94 -21.96 -23.41
CA THR A 83 9.50 -21.83 -23.16
C THR A 83 8.89 -22.82 -22.15
N GLN A 84 7.96 -22.31 -21.35
CA GLN A 84 7.24 -23.10 -20.35
C GLN A 84 5.84 -23.15 -20.95
N ASP A 85 5.53 -24.26 -21.59
CA ASP A 85 4.24 -24.43 -22.25
C ASP A 85 2.95 -24.21 -21.44
N HIS A 86 2.93 -24.54 -20.16
CA HIS A 86 1.69 -24.29 -19.40
C HIS A 86 1.52 -22.80 -19.19
N ALA A 87 2.64 -22.09 -19.10
CA ALA A 87 2.62 -20.65 -18.91
C ALA A 87 2.17 -19.98 -20.20
N ALA A 88 2.65 -20.50 -21.33
CA ALA A 88 2.26 -19.94 -22.62
C ALA A 88 0.78 -20.17 -22.85
N ALA A 89 0.30 -21.35 -22.48
CA ALA A 89 -1.11 -21.69 -22.65
C ALA A 89 -2.00 -20.73 -21.89
N ALA A 90 -1.62 -20.43 -20.64
CA ALA A 90 -2.41 -19.51 -19.81
C ALA A 90 -2.52 -18.15 -20.47
N ILE A 91 -1.39 -17.67 -21.00
CA ILE A 91 -1.34 -16.38 -21.67
C ILE A 91 -2.18 -16.39 -22.95
N ALA A 92 -2.03 -17.45 -23.74
CA ALA A 92 -2.77 -17.60 -24.98
C ALA A 92 -4.25 -17.65 -24.69
N LYS A 93 -4.64 -18.52 -23.76
CA LYS A 93 -6.03 -18.64 -23.36
C LYS A 93 -6.55 -17.33 -22.74
N ALA A 94 -5.63 -16.49 -22.26
CA ALA A 94 -6.03 -15.21 -21.66
C ALA A 94 -6.31 -14.14 -22.71
N GLY A 95 -6.20 -14.50 -23.99
CA GLY A 95 -6.45 -13.55 -25.04
C GLY A 95 -5.21 -12.82 -25.54
N ILE A 96 -4.06 -13.12 -24.94
CA ILE A 96 -2.82 -12.47 -25.34
C ILE A 96 -2.18 -13.29 -26.46
N PRO A 97 -1.93 -12.65 -27.61
CA PRO A 97 -1.32 -13.41 -28.69
C PRO A 97 0.13 -13.76 -28.38
N VAL A 98 0.35 -14.99 -27.93
CA VAL A 98 1.69 -15.44 -27.61
C VAL A 98 2.05 -16.50 -28.65
N PHE A 99 3.25 -16.39 -29.22
CA PHE A 99 3.68 -17.36 -30.20
C PHE A 99 4.99 -18.02 -29.74
N ALA A 100 4.87 -19.04 -28.90
CA ALA A 100 6.05 -19.72 -28.42
C ALA A 100 5.71 -21.07 -27.84
N TRP A 101 6.66 -21.99 -27.89
CA TRP A 101 6.50 -23.32 -27.35
C TRP A 101 7.88 -23.95 -27.21
N LYS A 102 8.01 -24.91 -26.29
CA LYS A 102 9.32 -25.53 -26.11
C LYS A 102 9.69 -26.42 -27.27
N GLY A 103 10.96 -26.37 -27.67
CA GLY A 103 11.44 -27.21 -28.75
C GLY A 103 11.16 -26.75 -30.18
N GLU A 104 11.20 -25.45 -30.42
CA GLU A 104 10.96 -24.96 -31.77
C GLU A 104 12.20 -25.19 -32.61
N THR A 105 12.10 -24.89 -33.90
CA THR A 105 13.22 -25.03 -34.82
C THR A 105 13.65 -23.62 -35.18
N ASP A 106 14.93 -23.47 -35.50
CA ASP A 106 15.45 -22.17 -35.87
C ASP A 106 14.51 -21.48 -36.85
N GLU A 107 13.76 -22.28 -37.60
CA GLU A 107 12.82 -21.76 -38.58
C GLU A 107 11.56 -21.21 -37.90
N GLU A 108 10.94 -22.02 -37.02
CA GLU A 108 9.74 -21.58 -36.32
C GLU A 108 10.05 -20.42 -35.38
N TYR A 109 11.25 -20.45 -34.80
CA TYR A 109 11.70 -19.40 -33.89
C TYR A 109 11.50 -18.05 -34.56
N LEU A 110 12.07 -17.89 -35.75
CA LEU A 110 11.97 -16.64 -36.51
C LEU A 110 10.54 -16.28 -36.89
N TRP A 111 9.72 -17.30 -37.18
CA TRP A 111 8.34 -17.08 -37.55
C TRP A 111 7.62 -16.40 -36.40
N CYS A 112 7.84 -16.92 -35.19
CA CYS A 112 7.22 -16.36 -33.98
C CYS A 112 7.56 -14.88 -33.76
N ILE A 113 8.82 -14.50 -33.91
CA ILE A 113 9.21 -13.12 -33.70
C ILE A 113 8.49 -12.23 -34.69
N GLU A 114 8.46 -12.66 -35.94
CA GLU A 114 7.80 -11.89 -36.99
C GLU A 114 6.31 -11.73 -36.71
N GLN A 115 5.77 -12.69 -35.95
CA GLN A 115 4.35 -12.68 -35.60
C GLN A 115 4.00 -11.55 -34.63
N THR A 116 4.97 -11.10 -33.85
CA THR A 116 4.72 -10.03 -32.87
C THR A 116 4.87 -8.61 -33.39
N LEU A 117 5.39 -8.46 -34.61
CA LEU A 117 5.62 -7.16 -35.22
C LEU A 117 4.39 -6.36 -35.59
N HIS A 118 3.28 -7.03 -35.89
CA HIS A 118 2.08 -6.31 -36.29
C HIS A 118 0.84 -6.47 -35.42
N PHE A 119 0.32 -5.35 -34.97
CA PHE A 119 -0.85 -5.32 -34.12
C PHE A 119 -2.12 -4.94 -34.87
N LYS A 120 -3.26 -5.16 -34.21
CA LYS A 120 -4.57 -4.86 -34.76
C LYS A 120 -4.63 -3.48 -35.39
N ASP A 121 -4.22 -2.45 -34.65
CA ASP A 121 -4.28 -1.08 -35.17
C ASP A 121 -2.95 -0.52 -35.63
N GLY A 122 -2.03 -1.39 -36.03
CA GLY A 122 -0.74 -0.91 -36.50
C GLY A 122 0.44 -1.74 -36.05
N PRO A 123 1.65 -1.40 -36.51
CA PRO A 123 2.84 -2.16 -36.13
C PRO A 123 3.29 -1.83 -34.70
N LEU A 124 4.20 -2.64 -34.18
CA LEU A 124 4.71 -2.45 -32.83
C LEU A 124 5.33 -1.09 -32.68
N ASN A 125 5.08 -0.43 -31.56
CA ASN A 125 5.66 0.88 -31.29
C ASN A 125 6.52 0.82 -30.02
N MET A 126 6.83 -0.40 -29.59
CA MET A 126 7.64 -0.61 -28.40
C MET A 126 8.32 -1.97 -28.44
N ILE A 127 9.52 -2.04 -27.91
CA ILE A 127 10.26 -3.30 -27.86
C ILE A 127 10.68 -3.67 -26.45
N LEU A 128 10.46 -4.93 -26.07
CA LEU A 128 10.88 -5.44 -24.76
C LEU A 128 11.68 -6.67 -25.13
N ASP A 129 12.98 -6.48 -25.31
CA ASP A 129 13.86 -7.55 -25.72
C ASP A 129 14.78 -8.15 -24.65
N ASP A 130 15.18 -9.40 -24.89
CA ASP A 130 16.09 -10.12 -24.02
C ASP A 130 16.99 -10.87 -25.00
N GLY A 131 18.17 -10.32 -25.28
CA GLY A 131 19.08 -10.96 -26.21
C GLY A 131 19.34 -10.12 -27.45
N GLY A 132 18.46 -9.15 -27.70
CA GLY A 132 18.61 -8.29 -28.86
C GLY A 132 18.09 -8.83 -30.19
N ASP A 133 17.48 -10.01 -30.17
CA ASP A 133 16.98 -10.59 -31.42
C ASP A 133 15.88 -9.75 -32.05
N LEU A 134 14.95 -9.28 -31.25
CA LEU A 134 13.86 -8.48 -31.79
C LEU A 134 14.39 -7.16 -32.33
N THR A 135 15.24 -6.51 -31.56
CA THR A 135 15.77 -5.21 -31.96
C THR A 135 16.71 -5.32 -33.15
N ASN A 136 17.40 -6.45 -33.26
CA ASN A 136 18.32 -6.63 -34.37
C ASN A 136 17.53 -7.01 -35.61
N LEU A 137 16.41 -7.70 -35.41
CA LEU A 137 15.57 -8.10 -36.52
C LEU A 137 14.99 -6.85 -37.16
N ILE A 138 14.29 -6.05 -36.37
CA ILE A 138 13.67 -4.82 -36.85
C ILE A 138 14.70 -3.94 -37.55
N HIS A 139 15.82 -3.73 -36.88
CA HIS A 139 16.89 -2.89 -37.38
C HIS A 139 17.46 -3.33 -38.73
N THR A 140 17.69 -4.63 -38.89
CA THR A 140 18.27 -5.13 -40.14
C THR A 140 17.31 -5.69 -41.18
N LYS A 141 16.11 -6.08 -40.75
CA LYS A 141 15.14 -6.66 -41.69
C LYS A 141 13.92 -5.78 -41.93
N HIS A 142 13.46 -5.11 -40.88
CA HIS A 142 12.29 -4.24 -40.97
C HIS A 142 12.55 -2.75 -40.70
N PRO A 143 13.68 -2.21 -41.20
CA PRO A 143 14.01 -0.78 -40.99
C PRO A 143 12.85 0.18 -41.14
N GLN A 144 11.83 -0.20 -41.90
CA GLN A 144 10.67 0.67 -42.12
C GLN A 144 9.92 0.94 -40.82
N LEU A 145 9.89 -0.06 -39.94
CA LEU A 145 9.20 0.02 -38.66
C LEU A 145 10.01 0.75 -37.59
N LEU A 146 11.30 0.90 -37.86
CA LEU A 146 12.24 1.55 -36.96
C LEU A 146 11.79 2.91 -36.42
N SER A 147 11.24 3.75 -37.28
CA SER A 147 10.81 5.09 -36.85
C SER A 147 9.49 5.15 -36.09
N GLY A 148 8.79 4.02 -35.99
CA GLY A 148 7.53 4.01 -35.27
C GLY A 148 7.66 3.42 -33.87
N ILE A 149 8.84 2.90 -33.56
CA ILE A 149 9.13 2.31 -32.26
C ILE A 149 9.61 3.42 -31.34
N ARG A 150 8.91 3.62 -30.23
CA ARG A 150 9.27 4.67 -29.29
C ARG A 150 10.53 4.36 -28.47
N GLY A 151 10.76 3.09 -28.17
CA GLY A 151 11.93 2.76 -27.41
C GLY A 151 12.18 1.28 -27.24
N ILE A 152 13.40 0.93 -26.85
CA ILE A 152 13.77 -0.47 -26.65
C ILE A 152 14.03 -0.72 -25.17
N SER A 153 13.85 -1.97 -24.77
CA SER A 153 14.06 -2.37 -23.39
C SER A 153 14.86 -3.67 -23.39
N GLU A 154 16.18 -3.59 -23.21
CA GLU A 154 17.03 -4.77 -23.19
C GLU A 154 17.39 -5.14 -21.75
N GLU A 155 17.45 -6.44 -21.47
CA GLU A 155 17.72 -6.90 -20.11
C GLU A 155 18.87 -7.89 -19.97
N THR A 156 19.43 -8.32 -21.09
CA THR A 156 20.52 -9.28 -21.05
C THR A 156 21.91 -8.65 -21.21
N THR A 157 22.88 -9.16 -20.45
CA THR A 157 24.22 -8.61 -20.51
C THR A 157 24.75 -8.55 -21.92
N THR A 158 24.57 -9.64 -22.66
CA THR A 158 25.03 -9.70 -24.04
C THR A 158 24.23 -8.74 -24.94
N GLY A 159 22.92 -8.73 -24.76
CA GLY A 159 22.08 -7.86 -25.57
C GLY A 159 22.43 -6.41 -25.38
N VAL A 160 22.55 -6.00 -24.11
CA VAL A 160 22.90 -4.63 -23.77
C VAL A 160 24.31 -4.33 -24.30
N HIS A 161 25.14 -5.36 -24.33
CA HIS A 161 26.49 -5.23 -24.82
C HIS A 161 26.38 -4.89 -26.30
N ASN A 162 25.51 -5.63 -27.00
CA ASN A 162 25.30 -5.44 -28.42
C ASN A 162 24.72 -4.07 -28.71
N LEU A 163 23.88 -3.57 -27.82
CA LEU A 163 23.26 -2.26 -27.99
C LEU A 163 24.32 -1.17 -27.93
N TYR A 164 25.17 -1.22 -26.91
CA TYR A 164 26.23 -0.24 -26.74
C TYR A 164 27.09 -0.24 -28.00
N LYS A 165 27.27 -1.42 -28.58
CA LYS A 165 28.05 -1.58 -29.80
C LYS A 165 27.33 -0.90 -30.97
N MET A 166 26.03 -1.16 -31.08
CA MET A 166 25.23 -0.58 -32.15
C MET A 166 25.35 0.94 -32.13
N MET A 167 25.25 1.53 -30.94
CA MET A 167 25.39 2.99 -30.82
C MET A 167 26.79 3.43 -31.22
N ALA A 168 27.80 2.72 -30.71
CA ALA A 168 29.18 3.03 -31.00
C ALA A 168 29.42 3.10 -32.51
N ASN A 169 28.60 2.40 -33.28
CA ASN A 169 28.75 2.38 -34.73
C ASN A 169 27.67 3.19 -35.43
N GLY A 170 26.82 3.84 -34.66
CA GLY A 170 25.76 4.64 -35.23
C GLY A 170 24.69 3.82 -35.92
N ILE A 171 24.49 2.59 -35.47
CA ILE A 171 23.49 1.70 -36.05
C ILE A 171 22.16 1.75 -35.28
N LEU A 172 22.25 1.99 -33.97
CA LEU A 172 21.05 2.07 -33.13
C LEU A 172 20.21 3.23 -33.64
N LYS A 173 18.93 2.98 -33.93
CA LYS A 173 18.07 4.04 -34.41
C LYS A 173 16.88 4.35 -33.51
N VAL A 174 16.81 3.71 -32.35
CA VAL A 174 15.73 3.97 -31.42
C VAL A 174 16.31 3.97 -30.00
N PRO A 175 15.81 4.86 -29.12
CA PRO A 175 16.30 4.96 -27.75
C PRO A 175 16.16 3.65 -27.01
N ALA A 176 17.24 3.19 -26.40
CA ALA A 176 17.19 1.93 -25.68
C ALA A 176 17.50 2.19 -24.22
N ILE A 177 17.06 1.29 -23.35
CA ILE A 177 17.32 1.42 -21.93
C ILE A 177 18.01 0.14 -21.46
N ASN A 178 19.15 0.29 -20.82
CA ASN A 178 19.89 -0.85 -20.31
C ASN A 178 19.28 -1.23 -18.96
N VAL A 179 18.49 -2.29 -18.95
CA VAL A 179 17.83 -2.75 -17.74
C VAL A 179 18.68 -3.74 -16.96
N ASN A 180 19.60 -4.39 -17.66
CA ASN A 180 20.46 -5.38 -17.02
C ASN A 180 21.35 -4.71 -16.00
N ASP A 181 21.79 -3.51 -16.34
CA ASP A 181 22.69 -2.82 -15.45
C ASP A 181 22.11 -1.99 -14.32
N SER A 182 20.89 -2.32 -13.91
CA SER A 182 20.29 -1.67 -12.76
C SER A 182 20.90 -2.54 -11.66
N VAL A 183 21.15 -1.99 -10.49
CA VAL A 183 21.73 -2.81 -9.43
C VAL A 183 20.82 -3.95 -9.06
N THR A 184 19.52 -3.65 -8.95
CA THR A 184 18.53 -4.66 -8.58
C THR A 184 18.37 -5.77 -9.61
N LYS A 185 18.81 -5.54 -10.84
CA LYS A 185 18.73 -6.56 -11.86
C LYS A 185 20.02 -7.37 -11.88
N SER A 186 21.11 -6.70 -12.20
CA SER A 186 22.40 -7.34 -12.27
C SER A 186 22.90 -8.09 -11.05
N LYS A 187 23.02 -7.39 -9.92
CA LYS A 187 23.52 -8.02 -8.69
C LYS A 187 22.58 -9.05 -8.11
N PHE A 188 21.32 -9.04 -8.54
CA PHE A 188 20.37 -10.01 -8.00
C PHE A 188 19.95 -11.11 -8.95
N ASP A 189 19.59 -10.74 -10.17
CA ASP A 189 19.15 -11.71 -11.16
C ASP A 189 20.33 -12.59 -11.57
N ASN A 190 21.27 -12.00 -12.29
CA ASN A 190 22.45 -12.71 -12.77
C ASN A 190 23.14 -13.52 -11.67
N LEU A 191 23.35 -12.90 -10.50
CA LEU A 191 24.05 -13.57 -9.42
C LEU A 191 23.20 -14.53 -8.58
N TYR A 192 22.20 -14.00 -7.88
CA TYR A 192 21.36 -14.84 -7.05
C TYR A 192 20.50 -15.79 -7.89
N GLY A 193 20.12 -15.35 -9.07
CA GLY A 193 19.32 -16.18 -9.94
C GLY A 193 20.04 -17.47 -10.26
N CYS A 194 21.17 -17.34 -10.95
CA CYS A 194 21.97 -18.49 -11.34
C CYS A 194 22.42 -19.35 -10.17
N ARG A 195 22.58 -18.71 -9.01
CA ARG A 195 23.03 -19.45 -7.82
C ARG A 195 21.97 -20.49 -7.50
N GLU A 196 20.72 -20.17 -7.82
CA GLU A 196 19.63 -21.08 -7.54
C GLU A 196 19.22 -21.98 -8.70
N SER A 197 19.22 -21.44 -9.92
CA SER A 197 18.78 -22.21 -11.06
C SER A 197 19.80 -23.04 -11.83
N LEU A 198 21.08 -22.90 -11.52
CA LEU A 198 22.08 -23.67 -12.24
C LEU A 198 22.04 -25.14 -11.85
N ILE A 199 22.15 -25.41 -10.55
CA ILE A 199 22.13 -26.79 -10.05
C ILE A 199 20.78 -27.45 -10.29
N ASP A 200 19.74 -26.64 -10.41
CA ASP A 200 18.40 -27.13 -10.67
C ASP A 200 18.44 -27.77 -12.05
N GLY A 201 19.01 -27.05 -13.01
CA GLY A 201 19.10 -27.59 -14.35
C GLY A 201 19.97 -28.83 -14.39
N ILE A 202 21.15 -28.73 -13.80
CA ILE A 202 22.08 -29.85 -13.78
C ILE A 202 21.46 -31.08 -13.14
N LYS A 203 20.77 -30.88 -12.03
CA LYS A 203 20.15 -31.99 -11.30
C LYS A 203 18.96 -32.59 -12.04
N ARG A 204 18.03 -31.76 -12.47
CA ARG A 204 16.88 -32.28 -13.18
C ARG A 204 17.35 -33.04 -14.41
N ALA A 205 18.43 -32.58 -15.04
CA ALA A 205 18.94 -33.25 -16.22
C ALA A 205 19.70 -34.53 -15.92
N THR A 206 20.67 -34.48 -15.02
CA THR A 206 21.50 -35.64 -14.71
C THR A 206 21.29 -36.26 -13.34
N ASP A 207 20.80 -35.47 -12.40
CA ASP A 207 20.56 -35.94 -11.03
C ASP A 207 21.88 -36.35 -10.41
N VAL A 208 22.95 -35.74 -10.91
CA VAL A 208 24.30 -36.03 -10.44
C VAL A 208 24.54 -35.42 -9.06
N MET A 209 25.45 -36.01 -8.29
CA MET A 209 25.78 -35.46 -6.99
C MET A 209 26.89 -34.44 -7.17
N ILE A 210 26.63 -33.21 -6.70
CA ILE A 210 27.59 -32.11 -6.82
C ILE A 210 28.74 -32.30 -5.85
N ALA A 211 28.44 -32.71 -4.62
CA ALA A 211 29.45 -32.90 -3.59
C ALA A 211 30.62 -33.79 -4.00
N GLY A 212 31.83 -33.33 -3.69
CA GLY A 212 33.01 -34.11 -4.00
C GLY A 212 33.44 -34.12 -5.45
N LYS A 213 32.80 -33.31 -6.28
CA LYS A 213 33.15 -33.24 -7.69
C LYS A 213 33.95 -31.98 -7.93
N VAL A 214 34.70 -31.96 -9.03
CA VAL A 214 35.47 -30.79 -9.40
C VAL A 214 34.60 -30.06 -10.42
N ALA A 215 34.14 -28.87 -10.08
CA ALA A 215 33.30 -28.13 -11.00
C ALA A 215 34.11 -26.99 -11.56
N VAL A 216 34.19 -26.92 -12.90
CA VAL A 216 34.97 -25.88 -13.54
C VAL A 216 34.01 -24.84 -14.07
N VAL A 217 34.19 -23.60 -13.62
CA VAL A 217 33.33 -22.51 -14.05
C VAL A 217 34.14 -21.53 -14.86
N ALA A 218 33.71 -21.29 -16.10
CA ALA A 218 34.40 -20.34 -16.99
C ALA A 218 33.80 -18.95 -16.84
N GLY A 219 34.63 -18.00 -16.41
CA GLY A 219 34.14 -16.65 -16.22
C GLY A 219 33.69 -16.43 -14.79
N TYR A 220 34.16 -15.36 -14.16
CA TYR A 220 33.79 -15.02 -12.79
C TYR A 220 32.97 -13.74 -12.69
N GLY A 221 32.13 -13.49 -13.69
CA GLY A 221 31.28 -12.32 -13.65
C GLY A 221 30.16 -12.60 -12.69
N ASP A 222 29.06 -11.86 -12.78
CA ASP A 222 27.94 -12.09 -11.87
C ASP A 222 27.39 -13.51 -11.95
N VAL A 223 27.29 -14.05 -13.16
CA VAL A 223 26.76 -15.40 -13.36
C VAL A 223 27.75 -16.42 -12.79
N GLY A 224 29.02 -16.26 -13.13
CA GLY A 224 30.04 -17.16 -12.65
C GLY A 224 30.11 -17.13 -11.14
N LYS A 225 29.96 -15.93 -10.59
CA LYS A 225 29.98 -15.73 -9.14
C LYS A 225 28.85 -16.53 -8.50
N GLY A 226 27.67 -16.43 -9.09
CA GLY A 226 26.53 -17.15 -8.57
C GLY A 226 26.68 -18.66 -8.71
N CYS A 227 27.16 -19.12 -9.86
CA CYS A 227 27.36 -20.54 -10.09
C CYS A 227 28.45 -21.13 -9.20
N ALA A 228 29.57 -20.43 -9.12
CA ALA A 228 30.69 -20.87 -8.30
C ALA A 228 30.24 -21.06 -6.86
N GLN A 229 29.43 -20.12 -6.40
CA GLN A 229 28.92 -20.16 -5.05
C GLN A 229 27.95 -21.33 -4.87
N ALA A 230 27.05 -21.53 -5.83
CA ALA A 230 26.09 -22.62 -5.72
C ALA A 230 26.79 -23.97 -5.64
N LEU A 231 27.75 -24.21 -6.52
CA LEU A 231 28.48 -25.46 -6.53
C LEU A 231 29.33 -25.63 -5.28
N ARG A 232 29.94 -24.54 -4.83
CA ARG A 232 30.77 -24.58 -3.64
C ARG A 232 29.95 -25.00 -2.41
N GLY A 233 28.76 -24.44 -2.28
CA GLY A 233 27.90 -24.76 -1.16
C GLY A 233 27.42 -26.20 -1.04
N PHE A 234 27.57 -26.99 -2.10
CA PHE A 234 27.12 -28.37 -2.08
C PHE A 234 28.25 -29.34 -1.81
N GLY A 235 29.47 -28.81 -1.83
CA GLY A 235 30.63 -29.66 -1.56
C GLY A 235 31.50 -29.90 -2.79
N ALA A 236 31.37 -29.07 -3.81
CA ALA A 236 32.16 -29.25 -4.99
C ALA A 236 33.41 -28.40 -4.90
N ARG A 237 34.46 -28.81 -5.60
CA ARG A 237 35.69 -28.05 -5.61
C ARG A 237 35.62 -27.26 -6.91
N VAL A 238 35.36 -25.97 -6.79
CA VAL A 238 35.23 -25.09 -7.94
C VAL A 238 36.55 -24.51 -8.40
N ILE A 239 36.85 -24.68 -9.69
CA ILE A 239 38.05 -24.07 -10.25
C ILE A 239 37.51 -23.00 -11.19
N ILE A 240 38.15 -21.84 -11.22
CA ILE A 240 37.69 -20.74 -12.06
C ILE A 240 38.65 -20.37 -13.16
N THR A 241 38.11 -19.95 -14.29
CA THR A 241 38.95 -19.49 -15.41
C THR A 241 38.44 -18.09 -15.74
N GLU A 242 39.36 -17.16 -16.00
CA GLU A 242 38.98 -15.79 -16.27
C GLU A 242 39.98 -15.09 -17.16
N ILE A 243 39.57 -14.00 -17.78
CA ILE A 243 40.48 -13.23 -18.62
C ILE A 243 40.72 -11.88 -17.96
N ASP A 244 39.83 -11.53 -17.04
CA ASP A 244 39.92 -10.27 -16.31
C ASP A 244 40.72 -10.46 -15.02
N PRO A 245 41.80 -9.67 -14.85
CA PRO A 245 42.63 -9.77 -13.65
C PRO A 245 41.91 -9.41 -12.36
N ILE A 246 40.94 -8.50 -12.46
CA ILE A 246 40.16 -8.09 -11.28
C ILE A 246 39.22 -9.20 -10.89
N ASN A 247 38.45 -9.71 -11.83
CA ASN A 247 37.54 -10.80 -11.55
C ASN A 247 38.31 -12.05 -11.14
N ALA A 248 39.56 -12.12 -11.57
CA ALA A 248 40.41 -13.25 -11.23
C ALA A 248 40.85 -13.14 -9.78
N LEU A 249 41.24 -11.94 -9.38
CA LEU A 249 41.68 -11.70 -8.01
C LEU A 249 40.54 -11.96 -7.03
N GLN A 250 39.33 -11.59 -7.43
CA GLN A 250 38.15 -11.80 -6.58
C GLN A 250 37.97 -13.28 -6.32
N ALA A 251 38.08 -14.08 -7.38
CA ALA A 251 37.93 -15.52 -7.25
C ALA A 251 38.97 -16.06 -6.28
N ALA A 252 40.19 -15.59 -6.44
CA ALA A 252 41.30 -16.01 -5.58
C ALA A 252 41.03 -15.64 -4.13
N MET A 253 40.59 -14.40 -3.91
CA MET A 253 40.27 -13.93 -2.56
C MET A 253 39.12 -14.71 -1.94
N GLU A 254 38.38 -15.45 -2.77
CA GLU A 254 37.26 -16.26 -2.28
C GLU A 254 37.64 -17.73 -2.13
N GLY A 255 38.92 -18.04 -2.34
CA GLY A 255 39.42 -19.39 -2.19
C GLY A 255 39.25 -20.32 -3.38
N TYR A 256 39.05 -19.76 -4.56
CA TYR A 256 38.91 -20.56 -5.77
C TYR A 256 40.21 -20.59 -6.54
N GLU A 257 40.66 -21.77 -6.95
CA GLU A 257 41.86 -21.83 -7.74
C GLU A 257 41.48 -21.23 -9.11
N VAL A 258 42.37 -20.48 -9.72
CA VAL A 258 42.11 -19.87 -11.02
C VAL A 258 43.16 -20.29 -12.04
N THR A 259 42.75 -21.09 -13.02
CA THR A 259 43.66 -21.55 -14.07
C THR A 259 43.02 -21.39 -15.44
N THR A 260 43.70 -21.93 -16.44
CA THR A 260 43.21 -21.88 -17.80
C THR A 260 42.41 -23.15 -18.05
N MET A 261 41.49 -23.09 -19.00
CA MET A 261 40.68 -24.24 -19.34
C MET A 261 41.58 -25.34 -19.88
N ASP A 262 42.66 -24.96 -20.55
CA ASP A 262 43.61 -25.91 -21.10
C ASP A 262 44.10 -26.84 -20.01
N GLU A 263 44.25 -26.29 -18.81
CA GLU A 263 44.71 -27.06 -17.67
C GLU A 263 43.57 -27.69 -16.91
N ALA A 264 42.54 -26.90 -16.62
CA ALA A 264 41.37 -27.35 -15.87
C ALA A 264 40.56 -28.48 -16.50
N CYS A 265 40.51 -28.54 -17.84
CA CYS A 265 39.75 -29.58 -18.54
C CYS A 265 40.18 -30.98 -18.13
N LYS A 266 41.45 -31.14 -17.78
CA LYS A 266 41.94 -32.45 -17.38
C LYS A 266 41.49 -32.78 -15.97
N GLU A 267 40.98 -31.79 -15.25
CA GLU A 267 40.56 -32.04 -13.88
C GLU A 267 39.06 -32.03 -13.63
N GLY A 268 38.36 -31.12 -14.29
CA GLY A 268 36.92 -30.99 -14.10
C GLY A 268 36.04 -32.20 -14.21
N ASN A 269 34.96 -32.20 -13.43
CA ASN A 269 33.97 -33.27 -13.40
C ASN A 269 32.65 -32.66 -13.92
N ILE A 270 32.54 -31.35 -13.81
CA ILE A 270 31.37 -30.61 -14.26
C ILE A 270 31.91 -29.32 -14.84
N PHE A 271 31.45 -28.96 -16.03
CA PHE A 271 31.91 -27.73 -16.66
C PHE A 271 30.74 -26.78 -16.89
N VAL A 272 30.91 -25.54 -16.47
CA VAL A 272 29.87 -24.54 -16.63
C VAL A 272 30.45 -23.30 -17.26
N THR A 273 29.94 -22.93 -18.44
CA THR A 273 30.43 -21.73 -19.11
C THR A 273 29.48 -20.57 -18.83
N THR A 274 30.01 -19.53 -18.18
CA THR A 274 29.25 -18.33 -17.83
C THR A 274 29.83 -17.14 -18.56
N THR A 275 30.78 -17.46 -19.43
CA THR A 275 31.47 -16.48 -20.26
C THR A 275 30.45 -15.85 -21.19
N GLY A 276 30.79 -14.71 -21.77
CA GLY A 276 29.86 -14.14 -22.72
C GLY A 276 30.40 -14.35 -24.12
N CYS A 277 31.40 -15.22 -24.27
CA CYS A 277 32.01 -15.41 -25.58
C CYS A 277 32.26 -16.82 -26.11
N VAL A 278 32.69 -16.88 -27.36
CA VAL A 278 32.93 -18.13 -28.08
C VAL A 278 34.17 -18.89 -27.70
N ASP A 279 34.17 -20.15 -28.09
CA ASP A 279 35.31 -21.04 -27.89
C ASP A 279 35.80 -21.19 -26.47
N ILE A 280 34.90 -21.48 -25.53
CA ILE A 280 35.32 -21.68 -24.16
C ILE A 280 35.72 -23.14 -23.98
N ILE A 281 34.87 -24.06 -24.43
CA ILE A 281 35.19 -25.48 -24.34
C ILE A 281 35.28 -26.07 -25.76
N LEU A 282 36.51 -26.37 -26.20
CA LEU A 282 36.77 -26.91 -27.51
C LEU A 282 37.05 -28.40 -27.50
N GLY A 283 37.26 -28.97 -28.68
CA GLY A 283 37.55 -30.39 -28.78
C GLY A 283 38.82 -30.77 -28.07
N ARG A 284 39.80 -29.88 -28.12
CA ARG A 284 41.07 -30.15 -27.44
C ARG A 284 40.86 -30.39 -25.96
N HIS A 285 39.79 -29.80 -25.42
CA HIS A 285 39.42 -29.94 -24.00
C HIS A 285 38.62 -31.22 -23.83
N PHE A 286 37.59 -31.37 -24.65
CA PHE A 286 36.74 -32.57 -24.61
C PHE A 286 37.59 -33.84 -24.57
N GLU A 287 38.64 -33.89 -25.39
CA GLU A 287 39.51 -35.05 -25.44
C GLU A 287 40.26 -35.32 -24.15
N GLN A 288 40.31 -34.33 -23.27
CA GLN A 288 41.02 -34.47 -21.98
C GLN A 288 40.12 -34.81 -20.83
N MET A 289 38.86 -34.41 -20.92
CA MET A 289 37.87 -34.64 -19.88
C MET A 289 37.74 -36.05 -19.32
N LYS A 290 37.53 -36.12 -18.02
CA LYS A 290 37.33 -37.39 -17.33
C LYS A 290 36.04 -38.02 -17.85
N ASP A 291 35.93 -39.34 -17.74
CA ASP A 291 34.75 -40.05 -18.20
C ASP A 291 33.47 -39.49 -17.58
N ASP A 292 32.43 -39.39 -18.41
CA ASP A 292 31.11 -38.92 -17.98
C ASP A 292 31.09 -37.49 -17.45
N ALA A 293 32.01 -36.67 -17.94
CA ALA A 293 32.06 -35.29 -17.50
C ALA A 293 30.80 -34.61 -18.01
N ILE A 294 30.13 -33.87 -17.13
CA ILE A 294 28.91 -33.17 -17.50
C ILE A 294 29.24 -31.77 -17.97
N VAL A 295 28.95 -31.47 -19.23
CA VAL A 295 29.21 -30.15 -19.79
C VAL A 295 27.92 -29.38 -20.06
N CYS A 296 27.90 -28.12 -19.66
CA CYS A 296 26.73 -27.29 -19.87
C CYS A 296 27.13 -25.82 -19.92
N ASN A 297 26.24 -25.02 -20.50
CA ASN A 297 26.48 -23.59 -20.67
C ASN A 297 25.33 -22.80 -20.03
N ILE A 298 25.64 -21.68 -19.42
CA ILE A 298 24.60 -20.88 -18.81
C ILE A 298 24.67 -19.43 -19.28
N GLY A 299 25.69 -19.12 -20.10
CA GLY A 299 25.82 -17.78 -20.64
C GLY A 299 24.73 -17.68 -21.69
N HIS A 300 24.06 -16.53 -21.78
CA HIS A 300 22.95 -16.32 -22.73
C HIS A 300 22.93 -17.07 -24.06
N PHE A 301 24.06 -17.14 -24.76
CA PHE A 301 24.07 -17.84 -26.05
C PHE A 301 24.70 -19.23 -26.00
N ASP A 302 24.52 -19.99 -27.08
CA ASP A 302 25.07 -21.35 -27.18
C ASP A 302 26.37 -21.47 -28.01
N VAL A 303 27.16 -20.39 -28.03
CA VAL A 303 28.41 -20.33 -28.78
C VAL A 303 29.65 -20.62 -27.92
N GLU A 304 29.43 -20.90 -26.64
CA GLU A 304 30.54 -21.13 -25.73
C GLU A 304 31.12 -22.55 -25.73
N ILE A 305 30.28 -23.54 -25.99
CA ILE A 305 30.72 -24.93 -26.04
C ILE A 305 30.70 -25.34 -27.49
N ASP A 306 31.74 -26.04 -27.95
CA ASP A 306 31.78 -26.47 -29.34
C ASP A 306 31.03 -27.77 -29.45
N VAL A 307 29.73 -27.68 -29.67
CA VAL A 307 28.90 -28.86 -29.78
C VAL A 307 29.06 -29.56 -31.11
N LYS A 308 29.33 -28.77 -32.15
CA LYS A 308 29.53 -29.30 -33.50
C LYS A 308 30.65 -30.32 -33.43
N TRP A 309 31.74 -29.96 -32.75
CA TRP A 309 32.87 -30.86 -32.61
C TRP A 309 32.44 -32.18 -32.01
N LEU A 310 31.69 -32.11 -30.92
CA LEU A 310 31.22 -33.32 -30.28
C LEU A 310 30.48 -34.15 -31.29
N ASN A 311 29.61 -33.50 -32.04
CA ASN A 311 28.79 -34.17 -33.06
C ASN A 311 29.61 -34.74 -34.20
N GLU A 312 30.70 -34.07 -34.55
CA GLU A 312 31.53 -34.51 -35.63
C GLU A 312 32.79 -35.28 -35.24
N ASN A 313 32.99 -35.56 -33.96
CA ASN A 313 34.16 -36.32 -33.59
C ASN A 313 33.87 -37.49 -32.66
N ALA A 314 32.72 -37.48 -32.00
CA ALA A 314 32.38 -38.54 -31.08
C ALA A 314 32.14 -39.84 -31.85
N VAL A 315 32.59 -40.95 -31.27
CA VAL A 315 32.40 -42.26 -31.86
C VAL A 315 30.90 -42.50 -32.04
N GLU A 316 30.10 -42.07 -31.06
CA GLU A 316 28.66 -42.23 -31.12
C GLU A 316 27.96 -41.35 -30.09
N LYS A 317 26.74 -40.95 -30.41
CA LYS A 317 25.96 -40.09 -29.52
C LYS A 317 24.63 -40.77 -29.20
N VAL A 318 24.28 -40.80 -27.91
CA VAL A 318 23.03 -41.41 -27.48
C VAL A 318 22.27 -40.42 -26.64
N ASN A 319 21.03 -40.14 -27.02
CA ASN A 319 20.19 -39.22 -26.28
C ASN A 319 19.62 -39.98 -25.08
N ILE A 320 19.78 -39.44 -23.88
CA ILE A 320 19.24 -40.08 -22.69
C ILE A 320 17.78 -39.66 -22.52
N LYS A 321 17.51 -38.40 -22.81
CA LYS A 321 16.17 -37.85 -22.74
C LYS A 321 16.23 -36.44 -23.28
N PRO A 322 15.09 -35.76 -23.39
CA PRO A 322 15.19 -34.39 -23.91
C PRO A 322 16.28 -33.51 -23.26
N GLN A 323 17.04 -32.83 -24.09
CA GLN A 323 18.10 -31.94 -23.64
C GLN A 323 19.20 -32.62 -22.82
N VAL A 324 19.35 -33.94 -22.97
CA VAL A 324 20.42 -34.66 -22.28
C VAL A 324 20.99 -35.72 -23.22
N ASP A 325 22.24 -35.50 -23.64
CA ASP A 325 22.92 -36.39 -24.57
C ASP A 325 24.26 -36.89 -24.03
N ARG A 326 24.54 -38.16 -24.28
CA ARG A 326 25.77 -38.77 -23.84
C ARG A 326 26.61 -39.23 -25.05
N TYR A 327 27.68 -38.50 -25.33
CA TYR A 327 28.57 -38.81 -26.43
C TYR A 327 29.69 -39.74 -25.96
N LEU A 328 30.09 -40.67 -26.82
CA LEU A 328 31.19 -41.58 -26.50
C LEU A 328 32.33 -41.10 -27.38
N LEU A 329 33.46 -40.80 -26.78
CA LEU A 329 34.61 -40.33 -27.54
C LEU A 329 35.53 -41.48 -27.91
N LYS A 330 36.33 -41.28 -28.96
CA LYS A 330 37.26 -42.30 -29.42
C LYS A 330 38.13 -42.81 -28.29
N ASN A 331 38.43 -41.96 -27.32
CA ASN A 331 39.27 -42.35 -26.19
C ASN A 331 38.54 -43.23 -25.19
N GLY A 332 37.29 -43.55 -25.50
CA GLY A 332 36.54 -44.41 -24.61
C GLY A 332 35.88 -43.65 -23.47
N HIS A 333 35.98 -42.33 -23.50
CA HIS A 333 35.38 -41.49 -22.47
C HIS A 333 34.05 -40.96 -22.92
N ARG A 334 33.10 -40.94 -21.99
CA ARG A 334 31.75 -40.45 -22.26
C ARG A 334 31.67 -38.99 -21.83
N ILE A 335 30.81 -38.24 -22.50
CA ILE A 335 30.64 -36.83 -22.20
C ILE A 335 29.16 -36.53 -22.21
N ILE A 336 28.63 -36.04 -21.09
CA ILE A 336 27.22 -35.71 -21.00
C ILE A 336 26.99 -34.22 -21.29
N LEU A 337 26.40 -33.94 -22.45
CA LEU A 337 26.13 -32.57 -22.87
C LEU A 337 24.72 -32.23 -22.43
N LEU A 338 24.52 -31.01 -21.95
CA LEU A 338 23.20 -30.59 -21.48
C LEU A 338 22.57 -29.49 -22.34
N ALA A 339 21.28 -29.62 -22.61
CA ALA A 339 20.52 -28.65 -23.39
C ALA A 339 21.19 -28.27 -24.71
N GLU A 340 21.94 -29.21 -25.28
CA GLU A 340 22.61 -28.98 -26.55
C GLU A 340 23.48 -27.72 -26.55
N GLY A 341 24.08 -27.41 -25.39
CA GLY A 341 24.94 -26.24 -25.29
C GLY A 341 24.20 -24.94 -25.08
N ARG A 342 22.92 -25.01 -24.77
CA ARG A 342 22.13 -23.82 -24.55
C ARG A 342 21.95 -23.58 -23.05
N LEU A 343 21.32 -22.47 -22.69
CA LEU A 343 21.10 -22.15 -21.28
C LEU A 343 20.56 -23.36 -20.55
N VAL A 344 21.35 -23.84 -19.58
CA VAL A 344 21.00 -25.03 -18.82
C VAL A 344 19.88 -24.81 -17.81
N ASN A 345 19.86 -23.65 -17.14
CA ASN A 345 18.82 -23.41 -16.16
C ASN A 345 17.45 -23.28 -16.80
N LEU A 346 17.37 -22.61 -17.94
CA LEU A 346 16.10 -22.44 -18.64
C LEU A 346 15.74 -23.61 -19.55
N GLY A 347 16.76 -24.34 -19.99
CA GLY A 347 16.54 -25.46 -20.88
C GLY A 347 16.34 -26.82 -20.23
N CYS A 348 16.91 -27.01 -19.03
CA CYS A 348 16.80 -28.28 -18.32
C CYS A 348 16.01 -28.13 -17.02
N ALA A 349 15.63 -26.89 -16.70
CA ALA A 349 14.87 -26.57 -15.50
C ALA A 349 13.94 -25.44 -15.83
N MET A 350 13.37 -24.82 -14.79
CA MET A 350 12.43 -23.71 -14.98
C MET A 350 12.99 -22.29 -14.85
N GLY A 351 14.27 -22.09 -15.14
CA GLY A 351 14.86 -20.77 -15.06
C GLY A 351 15.00 -20.29 -13.65
N HIS A 352 15.19 -18.97 -13.48
CA HIS A 352 15.34 -18.37 -12.15
C HIS A 352 14.01 -18.35 -11.40
N PRO A 353 14.06 -18.35 -10.06
CA PRO A 353 12.82 -18.31 -9.28
C PRO A 353 12.08 -17.00 -9.51
N SER A 354 10.79 -16.99 -9.18
CA SER A 354 9.94 -15.82 -9.37
C SER A 354 10.38 -14.57 -8.64
N PHE A 355 10.69 -14.72 -7.36
CA PHE A 355 11.09 -13.59 -6.54
C PHE A 355 12.18 -12.74 -7.17
N VAL A 356 13.22 -13.38 -7.66
CA VAL A 356 14.30 -12.64 -8.27
C VAL A 356 13.93 -12.08 -9.63
N MET A 357 13.08 -12.78 -10.37
CA MET A 357 12.65 -12.32 -11.69
C MET A 357 11.82 -11.07 -11.51
N SER A 358 11.14 -10.96 -10.37
CA SER A 358 10.30 -9.80 -10.09
C SER A 358 11.13 -8.53 -10.10
N ASN A 359 12.38 -8.64 -9.65
CA ASN A 359 13.31 -7.50 -9.60
C ASN A 359 13.59 -7.02 -11.04
N SER A 360 14.00 -7.95 -11.89
CA SER A 360 14.31 -7.62 -13.27
C SER A 360 13.10 -7.09 -14.02
N PHE A 361 12.01 -7.83 -13.91
CA PHE A 361 10.77 -7.46 -14.58
C PHE A 361 10.17 -6.15 -14.09
N THR A 362 10.38 -5.83 -12.81
CA THR A 362 9.89 -4.57 -12.29
C THR A 362 10.70 -3.50 -13.03
N ASN A 363 12.01 -3.73 -13.15
CA ASN A 363 12.89 -2.82 -13.85
C ASN A 363 12.40 -2.70 -15.29
N GLN A 364 11.97 -3.82 -15.85
CA GLN A 364 11.47 -3.85 -17.22
C GLN A 364 10.22 -3.00 -17.38
N VAL A 365 9.27 -3.15 -16.46
CA VAL A 365 8.04 -2.38 -16.52
C VAL A 365 8.35 -0.89 -16.38
N MET A 366 9.30 -0.56 -15.52
CA MET A 366 9.67 0.83 -15.32
C MET A 366 10.26 1.44 -16.58
N ALA A 367 11.09 0.69 -17.29
CA ALA A 367 11.70 1.18 -18.51
C ALA A 367 10.65 1.39 -19.62
N GLN A 368 9.66 0.50 -19.66
CA GLN A 368 8.58 0.59 -20.64
C GLN A 368 7.80 1.87 -20.43
N ILE A 369 7.56 2.22 -19.17
CA ILE A 369 6.81 3.41 -18.85
C ILE A 369 7.62 4.68 -19.09
N GLU A 370 8.92 4.62 -18.82
CA GLU A 370 9.80 5.76 -19.02
C GLU A 370 9.88 6.10 -20.50
N LEU A 371 10.26 5.09 -21.30
CA LEU A 371 10.40 5.24 -22.75
C LEU A 371 9.10 5.62 -23.44
N TRP A 372 8.00 5.03 -22.99
CA TRP A 372 6.71 5.32 -23.56
C TRP A 372 6.17 6.65 -23.06
N THR A 373 6.11 6.79 -21.75
CA THR A 373 5.60 7.98 -21.10
C THR A 373 6.47 9.25 -21.17
N HIS A 374 7.78 9.11 -21.00
CA HIS A 374 8.67 10.27 -21.09
C HIS A 374 9.67 9.98 -22.18
N PRO A 375 9.25 10.15 -23.44
CA PRO A 375 10.10 9.90 -24.60
C PRO A 375 11.24 10.90 -24.78
N ASP A 376 10.90 12.17 -24.69
CA ASP A 376 11.86 13.25 -24.86
C ASP A 376 12.97 13.24 -23.82
N LYS A 377 12.85 12.33 -22.86
CA LYS A 377 13.84 12.20 -21.81
C LYS A 377 14.94 11.24 -22.27
N TYR A 378 14.66 10.46 -23.31
CA TYR A 378 15.63 9.49 -23.82
C TYR A 378 15.96 9.60 -25.31
N PRO A 379 16.98 10.42 -25.65
CA PRO A 379 17.34 10.53 -27.07
C PRO A 379 17.92 9.21 -27.56
N VAL A 380 18.03 9.03 -28.87
CA VAL A 380 18.58 7.76 -29.37
C VAL A 380 19.92 7.51 -28.70
N GLY A 381 20.03 6.34 -28.07
CA GLY A 381 21.23 5.94 -27.38
C GLY A 381 20.77 4.95 -26.34
N VAL A 382 21.69 4.41 -25.54
CA VAL A 382 21.30 3.46 -24.51
C VAL A 382 21.48 4.07 -23.11
N HIS A 383 20.38 4.13 -22.36
CA HIS A 383 20.39 4.73 -21.02
C HIS A 383 20.17 3.77 -19.85
N PHE A 384 20.29 4.32 -18.64
CA PHE A 384 20.10 3.57 -17.41
C PHE A 384 18.88 4.14 -16.69
N LEU A 385 18.27 3.35 -15.82
CA LEU A 385 17.14 3.78 -15.03
C LEU A 385 17.72 4.59 -13.87
N PRO A 386 17.06 5.68 -13.46
CA PRO A 386 17.60 6.46 -12.34
C PRO A 386 17.68 5.68 -11.03
N LYS A 387 18.70 5.97 -10.23
CA LYS A 387 18.91 5.29 -8.95
C LYS A 387 17.67 5.27 -8.08
N LYS A 388 16.90 6.36 -8.10
CA LYS A 388 15.68 6.44 -7.29
C LYS A 388 14.77 5.27 -7.62
N LEU A 389 14.64 4.96 -8.92
CA LEU A 389 13.81 3.86 -9.39
C LEU A 389 14.47 2.53 -9.02
N ASP A 390 15.80 2.51 -9.08
CA ASP A 390 16.56 1.31 -8.73
C ASP A 390 16.30 0.94 -7.26
N GLU A 391 16.37 1.92 -6.37
CA GLU A 391 16.14 1.66 -4.95
C GLU A 391 14.67 1.33 -4.70
N ALA A 392 13.79 1.93 -5.50
CA ALA A 392 12.35 1.69 -5.39
C ALA A 392 12.07 0.23 -5.67
N VAL A 393 12.79 -0.32 -6.64
CA VAL A 393 12.63 -1.72 -7.03
C VAL A 393 13.02 -2.65 -5.89
N ALA A 394 14.11 -2.33 -5.20
CA ALA A 394 14.57 -3.17 -4.08
C ALA A 394 13.59 -3.02 -2.95
N GLU A 395 13.21 -1.77 -2.68
CA GLU A 395 12.26 -1.46 -1.62
C GLU A 395 10.98 -2.30 -1.74
N ALA A 396 10.46 -2.41 -2.96
CA ALA A 396 9.23 -3.17 -3.18
C ALA A 396 9.30 -4.62 -2.75
N HIS A 397 10.50 -5.18 -2.63
CA HIS A 397 10.60 -6.59 -2.24
C HIS A 397 10.97 -6.80 -0.80
N LEU A 398 11.26 -5.70 -0.11
CA LEU A 398 11.65 -5.76 1.29
C LEU A 398 10.53 -6.30 2.15
N GLY A 399 9.32 -5.83 1.90
CA GLY A 399 8.18 -6.27 2.67
C GLY A 399 7.98 -7.77 2.74
N LYS A 400 7.93 -8.43 1.59
CA LYS A 400 7.73 -9.86 1.53
C LYS A 400 8.75 -10.60 2.40
N LEU A 401 10.00 -10.14 2.41
CA LEU A 401 11.06 -10.76 3.18
C LEU A 401 11.02 -10.33 4.63
N ASN A 402 10.16 -9.39 4.94
CA ASN A 402 10.00 -8.86 6.29
C ASN A 402 11.21 -8.08 6.77
N VAL A 403 11.90 -7.42 5.84
CA VAL A 403 13.06 -6.64 6.19
C VAL A 403 12.55 -5.32 6.78
N LYS A 404 13.19 -4.83 7.83
CA LYS A 404 12.80 -3.57 8.42
C LYS A 404 13.92 -2.59 8.15
N LEU A 405 13.67 -1.69 7.23
CA LEU A 405 14.66 -0.71 6.83
C LEU A 405 14.74 0.38 7.88
N THR A 406 15.92 0.96 8.02
CA THR A 406 16.12 2.01 8.98
C THR A 406 15.91 3.33 8.23
N LYS A 407 15.49 4.35 8.95
CA LYS A 407 15.24 5.65 8.37
C LYS A 407 16.20 6.67 9.00
N LEU A 408 16.97 7.35 8.16
CA LEU A 408 17.91 8.34 8.65
C LEU A 408 17.14 9.42 9.42
N THR A 409 17.76 9.99 10.44
CA THR A 409 17.13 11.04 11.20
C THR A 409 17.52 12.31 10.45
N GLU A 410 16.85 13.42 10.74
CA GLU A 410 17.19 14.65 10.06
C GLU A 410 18.66 14.95 10.35
N LYS A 411 19.09 14.59 11.56
CA LYS A 411 20.47 14.83 11.98
C LYS A 411 21.43 13.98 11.16
N GLN A 412 21.13 12.70 11.05
CA GLN A 412 21.97 11.80 10.28
C GLN A 412 21.98 12.18 8.81
N ALA A 413 20.79 12.32 8.22
CA ALA A 413 20.64 12.71 6.81
C ALA A 413 21.48 13.95 6.54
N GLN A 414 21.53 14.85 7.53
CA GLN A 414 22.31 16.08 7.42
C GLN A 414 23.81 15.79 7.48
N TYR A 415 24.20 14.97 8.45
CA TYR A 415 25.59 14.59 8.63
C TYR A 415 26.14 13.92 7.36
N LEU A 416 25.39 12.96 6.83
CA LEU A 416 25.78 12.22 5.63
C LEU A 416 25.63 13.10 4.40
N GLY A 417 24.86 14.17 4.55
CA GLY A 417 24.65 15.07 3.44
C GLY A 417 23.79 14.46 2.35
N MET A 418 22.78 13.67 2.75
CA MET A 418 21.88 13.04 1.79
C MET A 418 20.45 13.08 2.32
N PRO A 419 19.46 12.91 1.44
CA PRO A 419 18.05 12.93 1.84
C PRO A 419 17.58 11.67 2.57
N ILE A 420 16.58 11.83 3.43
CA ILE A 420 16.04 10.73 4.19
C ILE A 420 15.65 9.62 3.24
N ASN A 421 15.14 9.99 2.07
CA ASN A 421 14.73 9.03 1.06
C ASN A 421 15.64 9.09 -0.15
N GLY A 422 16.03 10.30 -0.53
CA GLY A 422 16.87 10.53 -1.70
C GLY A 422 17.88 9.45 -1.92
N PRO A 423 18.34 9.23 -3.16
CA PRO A 423 19.32 8.18 -3.43
C PRO A 423 20.41 8.19 -2.35
N PHE A 424 20.71 7.01 -1.83
CA PHE A 424 21.70 6.85 -0.78
C PHE A 424 23.12 6.56 -1.23
N LYS A 425 23.35 6.48 -2.53
CA LYS A 425 24.70 6.19 -3.05
C LYS A 425 25.05 6.92 -4.32
N PRO A 426 26.34 7.26 -4.49
CA PRO A 426 26.80 7.97 -5.68
C PRO A 426 26.62 7.08 -6.89
N ASP A 427 26.55 7.68 -8.07
CA ASP A 427 26.38 6.91 -9.30
C ASP A 427 27.46 5.84 -9.55
N HIS A 428 28.67 6.06 -9.03
CA HIS A 428 29.76 5.10 -9.22
C HIS A 428 29.74 3.96 -8.22
N TYR A 429 28.83 4.01 -7.25
CA TYR A 429 28.73 2.97 -6.24
C TYR A 429 28.45 1.60 -6.88
N ARG A 430 29.23 0.59 -6.52
CA ARG A 430 29.08 -0.75 -7.08
C ARG A 430 28.34 -1.75 -6.21
N TYR A 431 28.00 -1.37 -4.98
CA TYR A 431 27.30 -2.30 -4.10
C TYR A 431 28.12 -3.58 -3.99
N ASP B 2 64.32 23.71 11.14
CA ASP B 2 63.25 24.20 12.08
C ASP B 2 63.06 23.22 13.25
N LYS B 3 61.93 22.52 13.23
CA LYS B 3 61.60 21.54 14.29
C LYS B 3 62.47 20.28 14.19
N LEU B 4 62.20 19.31 15.05
CA LEU B 4 62.94 18.07 15.08
C LEU B 4 62.91 17.37 13.74
N PRO B 5 63.78 16.34 13.56
CA PRO B 5 63.81 15.62 12.28
C PRO B 5 62.70 14.57 12.21
N TYR B 6 62.20 14.20 13.38
CA TYR B 6 61.12 13.23 13.47
C TYR B 6 60.81 13.07 14.95
N LYS B 7 59.80 12.31 15.24
CA LYS B 7 59.48 12.01 16.62
C LYS B 7 58.57 10.81 16.63
N VAL B 8 59.00 9.79 17.35
CA VAL B 8 58.25 8.55 17.44
C VAL B 8 58.21 8.13 18.89
N ALA B 9 57.63 6.97 19.19
CA ALA B 9 57.55 6.52 20.58
C ALA B 9 58.88 5.99 21.11
N ASP B 10 59.59 5.22 20.28
CA ASP B 10 60.86 4.64 20.70
C ASP B 10 61.61 4.21 19.44
N ILE B 11 62.77 4.80 19.20
CA ILE B 11 63.54 4.44 18.01
C ILE B 11 64.27 3.13 18.20
N GLY B 12 64.17 2.56 19.38
CA GLY B 12 64.83 1.30 19.63
C GLY B 12 64.06 0.17 18.99
N LEU B 13 62.88 0.49 18.48
CA LEU B 13 62.00 -0.49 17.83
C LEU B 13 62.32 -0.67 16.33
N ALA B 14 63.16 0.21 15.80
CA ALA B 14 63.55 0.16 14.38
C ALA B 14 63.99 -1.21 13.85
N ALA B 15 64.85 -1.90 14.59
CA ALA B 15 65.34 -3.19 14.15
C ALA B 15 64.19 -4.14 13.89
N TRP B 16 63.32 -4.29 14.88
CA TRP B 16 62.18 -5.17 14.76
C TRP B 16 61.24 -4.68 13.69
N GLY B 17 61.04 -3.36 13.64
CA GLY B 17 60.15 -2.82 12.64
C GLY B 17 60.66 -3.15 11.24
N ARG B 18 61.96 -3.21 11.08
CA ARG B 18 62.55 -3.50 9.79
C ARG B 18 62.32 -4.94 9.34
N LYS B 19 62.30 -5.88 10.29
CA LYS B 19 62.08 -7.28 9.95
C LYS B 19 60.64 -7.42 9.49
N ALA B 20 59.75 -6.69 10.15
CA ALA B 20 58.33 -6.70 9.79
C ALA B 20 58.18 -6.14 8.37
N LEU B 21 58.91 -5.06 8.08
CA LEU B 21 58.86 -4.44 6.76
C LEU B 21 59.40 -5.40 5.72
N ASP B 22 60.38 -6.21 6.12
CA ASP B 22 60.97 -7.17 5.21
C ASP B 22 59.95 -8.23 4.81
N ILE B 23 59.26 -8.77 5.81
CA ILE B 23 58.25 -9.79 5.53
C ILE B 23 57.09 -9.12 4.78
N ALA B 24 56.75 -7.91 5.17
CA ALA B 24 55.66 -7.18 4.55
C ALA B 24 55.88 -7.01 3.06
N GLU B 25 57.08 -6.60 2.69
CA GLU B 25 57.42 -6.36 1.29
C GLU B 25 57.10 -7.58 0.43
N ASN B 26 57.46 -8.76 0.93
CA ASN B 26 57.24 -10.01 0.22
C ASN B 26 55.76 -10.33 0.08
N GLU B 27 54.91 -9.53 0.72
CA GLU B 27 53.46 -9.75 0.67
C GLU B 27 52.75 -8.68 -0.13
N MET B 28 53.48 -7.66 -0.56
CA MET B 28 52.86 -6.58 -1.33
C MET B 28 53.55 -6.48 -2.67
N PRO B 29 53.19 -7.36 -3.62
CA PRO B 29 53.74 -7.42 -4.98
C PRO B 29 53.49 -6.16 -5.80
N GLY B 30 52.35 -5.55 -5.55
CA GLY B 30 52.03 -4.35 -6.29
C GLY B 30 53.01 -3.24 -6.03
N LEU B 31 53.33 -3.01 -4.75
CA LEU B 31 54.27 -1.95 -4.40
C LEU B 31 55.64 -2.29 -4.90
N MET B 32 56.05 -3.53 -4.71
CA MET B 32 57.36 -3.96 -5.14
C MET B 32 57.51 -3.86 -6.65
N ARG B 33 56.43 -4.13 -7.38
CA ARG B 33 56.49 -4.05 -8.84
C ARG B 33 56.60 -2.59 -9.25
N MET B 34 55.97 -1.69 -8.49
CA MET B 34 56.02 -0.27 -8.77
C MET B 34 57.47 0.16 -8.59
N ARG B 35 58.13 -0.42 -7.60
CA ARG B 35 59.53 -0.15 -7.30
C ARG B 35 60.38 -0.66 -8.44
N GLU B 36 60.12 -1.90 -8.85
CA GLU B 36 60.87 -2.53 -9.93
C GLU B 36 60.88 -1.67 -11.20
N MET B 37 59.72 -1.16 -11.57
CA MET B 37 59.58 -0.39 -12.77
C MET B 37 60.00 1.07 -12.71
N TYR B 38 59.72 1.75 -11.60
CA TYR B 38 60.04 3.16 -11.51
C TYR B 38 61.18 3.64 -10.66
N SER B 39 61.91 2.72 -10.03
CA SER B 39 63.04 3.09 -9.21
C SER B 39 64.06 3.89 -10.00
N ALA B 40 64.33 3.46 -11.22
CA ALA B 40 65.29 4.13 -12.09
C ALA B 40 64.77 5.48 -12.61
N SER B 41 63.59 5.46 -13.21
CA SER B 41 63.02 6.67 -13.76
C SER B 41 62.73 7.72 -12.68
N LYS B 42 62.43 7.28 -11.46
CA LYS B 42 62.15 8.24 -10.40
C LYS B 42 61.06 9.22 -10.85
N PRO B 43 59.91 8.68 -11.28
CA PRO B 43 58.81 9.55 -11.74
C PRO B 43 58.32 10.58 -10.73
N LEU B 44 58.61 10.36 -9.45
CA LEU B 44 58.18 11.27 -8.39
C LEU B 44 59.26 12.24 -7.95
N LYS B 45 60.33 12.32 -8.71
CA LYS B 45 61.41 13.24 -8.39
C LYS B 45 60.90 14.69 -8.40
N GLY B 46 61.26 15.46 -7.40
CA GLY B 46 60.82 16.84 -7.32
C GLY B 46 59.53 16.97 -6.55
N ALA B 47 58.99 15.83 -6.13
CA ALA B 47 57.75 15.83 -5.37
C ALA B 47 58.05 15.89 -3.89
N ARG B 48 57.25 16.66 -3.16
CA ARG B 48 57.41 16.73 -1.73
C ARG B 48 56.05 16.33 -1.19
N ILE B 49 55.89 15.02 -0.97
CA ILE B 49 54.64 14.47 -0.51
C ILE B 49 54.44 14.47 0.99
N ALA B 50 53.42 15.20 1.42
CA ALA B 50 53.06 15.25 2.83
C ALA B 50 52.00 14.16 2.96
N GLY B 51 52.28 13.15 3.77
CA GLY B 51 51.31 12.09 3.92
C GLY B 51 50.65 12.06 5.29
N CYS B 52 49.36 11.74 5.33
CA CYS B 52 48.62 11.61 6.57
C CYS B 52 47.82 10.34 6.38
N LEU B 53 48.37 9.25 6.89
CA LEU B 53 47.75 7.94 6.75
C LEU B 53 48.30 7.09 7.89
N HIS B 54 47.46 6.26 8.51
CA HIS B 54 47.89 5.41 9.64
C HIS B 54 49.31 4.93 9.40
N MET B 55 50.18 5.09 10.39
CA MET B 55 51.56 4.69 10.24
C MET B 55 51.76 3.25 10.70
N THR B 56 51.53 2.34 9.78
CA THR B 56 51.66 0.91 10.04
C THR B 56 52.76 0.36 9.16
N VAL B 57 53.01 -0.95 9.29
CA VAL B 57 54.05 -1.61 8.50
C VAL B 57 53.79 -1.46 7.00
N GLU B 58 52.53 -1.58 6.59
CA GLU B 58 52.15 -1.45 5.18
C GLU B 58 52.36 -0.02 4.70
N THR B 59 52.03 0.96 5.54
CA THR B 59 52.22 2.36 5.19
C THR B 59 53.71 2.65 5.14
N ALA B 60 54.49 1.80 5.80
CA ALA B 60 55.93 1.98 5.82
C ALA B 60 56.47 1.56 4.45
N VAL B 61 55.95 0.46 3.93
CA VAL B 61 56.36 -0.04 2.62
C VAL B 61 55.90 0.97 1.56
N LEU B 62 54.76 1.61 1.79
CA LEU B 62 54.27 2.60 0.86
C LEU B 62 55.23 3.81 0.83
N ILE B 63 55.56 4.31 2.02
CA ILE B 63 56.46 5.46 2.13
C ILE B 63 57.79 5.20 1.43
N GLU B 64 58.38 4.04 1.70
CA GLU B 64 59.65 3.68 1.09
C GLU B 64 59.54 3.46 -0.41
N THR B 65 58.34 3.15 -0.90
CA THR B 65 58.15 2.97 -2.33
C THR B 65 58.11 4.34 -3.01
N LEU B 66 57.42 5.29 -2.39
CA LEU B 66 57.32 6.62 -2.93
C LEU B 66 58.72 7.22 -3.01
N VAL B 67 59.54 6.93 -2.00
CA VAL B 67 60.91 7.43 -1.91
C VAL B 67 61.77 6.77 -2.98
N ALA B 68 61.58 5.48 -3.20
CA ALA B 68 62.33 4.76 -4.21
C ALA B 68 62.03 5.35 -5.57
N LEU B 69 60.88 6.02 -5.69
CA LEU B 69 60.48 6.61 -6.95
C LEU B 69 60.90 8.08 -7.06
N GLY B 70 61.82 8.49 -6.18
CA GLY B 70 62.33 9.85 -6.22
C GLY B 70 61.57 10.91 -5.45
N ALA B 71 60.55 10.50 -4.70
CA ALA B 71 59.76 11.46 -3.94
C ALA B 71 60.42 11.84 -2.63
N GLU B 72 59.94 12.93 -2.05
CA GLU B 72 60.42 13.41 -0.76
C GLU B 72 59.17 13.42 0.12
N VAL B 73 59.20 12.70 1.23
CA VAL B 73 58.02 12.67 2.09
C VAL B 73 58.23 12.97 3.57
N ARG B 74 57.13 13.38 4.21
CA ARG B 74 57.08 13.68 5.65
C ARG B 74 55.74 13.05 6.04
N TRP B 75 55.76 12.05 6.92
CA TRP B 75 54.52 11.41 7.30
C TRP B 75 53.94 11.76 8.65
N SER B 76 52.74 11.23 8.87
CA SER B 76 52.02 11.42 10.12
C SER B 76 50.85 10.45 10.02
N SER B 77 50.34 9.96 11.15
CA SER B 77 49.21 9.06 11.12
C SER B 77 47.95 9.91 11.07
N CYS B 78 46.84 9.30 10.69
CA CYS B 78 45.58 10.04 10.61
C CYS B 78 44.70 9.57 11.78
N ASN B 79 45.29 8.78 12.66
CA ASN B 79 44.60 8.25 13.84
C ASN B 79 45.59 8.27 15.00
N ILE B 80 45.10 8.65 16.17
CA ILE B 80 45.94 8.72 17.35
C ILE B 80 46.24 7.35 17.96
N PHE B 81 45.53 6.31 17.51
CA PHE B 81 45.72 4.94 18.02
C PHE B 81 46.23 3.96 16.97
N SER B 82 46.08 4.30 15.70
CA SER B 82 46.44 3.41 14.60
C SER B 82 47.91 3.18 14.33
N THR B 83 48.79 4.03 14.86
CA THR B 83 50.22 3.87 14.61
C THR B 83 50.83 2.58 15.13
N GLN B 84 51.78 2.05 14.35
CA GLN B 84 52.49 0.84 14.70
C GLN B 84 53.89 1.38 14.96
N ASP B 85 54.23 1.54 16.23
CA ASP B 85 55.52 2.11 16.63
C ASP B 85 56.81 1.49 16.09
N HIS B 86 56.86 0.17 15.93
CA HIS B 86 58.08 -0.42 15.39
C HIS B 86 58.23 -0.03 13.92
N ALA B 87 57.09 0.14 13.24
CA ALA B 87 57.08 0.51 11.83
C ALA B 87 57.53 1.96 11.70
N ALA B 88 57.05 2.80 12.61
CA ALA B 88 57.42 4.20 12.60
C ALA B 88 58.91 4.35 12.88
N ALA B 89 59.42 3.53 13.80
CA ALA B 89 60.84 3.59 14.17
C ALA B 89 61.72 3.27 12.98
N ALA B 90 61.35 2.22 12.24
CA ALA B 90 62.12 1.83 11.07
C ALA B 90 62.17 2.97 10.06
N ILE B 91 61.04 3.62 9.85
CA ILE B 91 60.96 4.73 8.90
C ILE B 91 61.80 5.91 9.38
N ALA B 92 61.64 6.24 10.66
CA ALA B 92 62.38 7.34 11.28
C ALA B 92 63.87 7.05 11.19
N LYS B 93 64.27 5.87 11.63
CA LYS B 93 65.67 5.49 11.57
C LYS B 93 66.19 5.40 10.13
N ALA B 94 65.27 5.32 9.16
CA ALA B 94 65.65 5.22 7.76
C ALA B 94 65.93 6.60 7.16
N GLY B 95 65.75 7.65 7.98
CA GLY B 95 66.00 8.99 7.49
C GLY B 95 64.75 9.68 7.02
N ILE B 96 63.61 9.00 7.11
CA ILE B 96 62.35 9.61 6.69
C ILE B 96 61.73 10.34 7.87
N PRO B 97 61.46 11.65 7.73
CA PRO B 97 60.86 12.34 8.87
C PRO B 97 59.43 11.92 9.09
N VAL B 98 59.23 11.01 10.05
CA VAL B 98 57.89 10.54 10.37
C VAL B 98 57.52 11.08 11.75
N PHE B 99 56.31 11.62 11.88
CA PHE B 99 55.88 12.17 13.16
C PHE B 99 54.61 11.50 13.61
N ALA B 100 54.74 10.34 14.23
CA ALA B 100 53.58 9.61 14.71
C ALA B 100 53.97 8.55 15.70
N TRP B 101 53.02 8.21 16.58
CA TRP B 101 53.22 7.19 17.60
C TRP B 101 51.84 6.82 18.11
N LYS B 102 51.70 5.61 18.66
CA LYS B 102 50.42 5.19 19.18
C LYS B 102 50.07 5.93 20.48
N GLY B 103 48.79 6.27 20.61
CA GLY B 103 48.33 6.94 21.82
C GLY B 103 48.58 8.43 21.90
N GLU B 104 48.52 9.16 20.79
CA GLU B 104 48.74 10.60 20.86
C GLU B 104 47.52 11.28 21.42
N THR B 105 47.63 12.58 21.61
CA THR B 105 46.51 13.35 22.13
C THR B 105 46.05 14.24 20.99
N ASP B 106 44.75 14.57 20.98
CA ASP B 106 44.20 15.41 19.93
C ASP B 106 45.14 16.58 19.69
N GLU B 107 45.89 16.96 20.71
CA GLU B 107 46.81 18.09 20.57
C GLU B 107 48.05 17.68 19.81
N GLU B 108 48.68 16.57 20.21
CA GLU B 108 49.88 16.10 19.53
C GLU B 108 49.55 15.70 18.10
N TYR B 109 48.35 15.14 17.92
CA TYR B 109 47.90 14.72 16.60
C TYR B 109 48.07 15.86 15.59
N LEU B 110 47.49 16.99 15.92
CA LEU B 110 47.56 18.16 15.05
C LEU B 110 48.99 18.65 14.86
N TRP B 111 49.80 18.53 15.89
CA TRP B 111 51.20 18.99 15.81
C TRP B 111 51.94 18.19 14.73
N CYS B 112 51.71 16.88 14.72
CA CYS B 112 52.33 15.99 13.75
C CYS B 112 51.97 16.35 12.30
N ILE B 113 50.69 16.61 12.03
CA ILE B 113 50.27 16.96 10.68
C ILE B 113 50.98 18.23 10.23
N GLU B 114 51.01 19.23 11.11
CA GLU B 114 51.66 20.49 10.79
C GLU B 114 53.15 20.31 10.53
N GLN B 115 53.71 19.25 11.09
CA GLN B 115 55.12 18.96 10.93
C GLN B 115 55.45 18.50 9.52
N THR B 116 54.48 17.92 8.81
CA THR B 116 54.74 17.45 7.46
C THR B 116 54.59 18.48 6.33
N LEU B 117 54.01 19.64 6.66
CA LEU B 117 53.77 20.70 5.68
C LEU B 117 55.01 21.34 5.08
N HIS B 118 56.12 21.38 5.81
CA HIS B 118 57.29 22.05 5.27
C HIS B 118 58.52 21.19 5.07
N PHE B 119 59.05 21.23 3.86
CA PHE B 119 60.21 20.45 3.51
C PHE B 119 61.44 21.31 3.43
N LYS B 120 62.59 20.64 3.33
CA LYS B 120 63.89 21.27 3.25
C LYS B 120 63.92 22.40 2.23
N ASP B 121 63.51 22.11 1.00
CA ASP B 121 63.53 23.12 -0.05
C ASP B 121 62.18 23.73 -0.39
N GLY B 122 61.28 23.77 0.57
CA GLY B 122 59.98 24.37 0.33
C GLY B 122 58.83 23.62 0.95
N PRO B 123 57.61 24.15 0.85
CA PRO B 123 56.44 23.49 1.42
C PRO B 123 56.02 22.30 0.58
N LEU B 124 55.08 21.53 1.12
CA LEU B 124 54.60 20.34 0.43
C LEU B 124 53.95 20.74 -0.88
N ASN B 125 54.22 19.96 -1.93
CA ASN B 125 53.61 20.19 -3.24
C ASN B 125 52.76 18.97 -3.66
N MET B 126 52.47 18.09 -2.70
CA MET B 126 51.67 16.90 -2.95
C MET B 126 51.03 16.41 -1.66
N ILE B 127 49.82 15.86 -1.77
CA ILE B 127 49.11 15.35 -0.62
C ILE B 127 48.70 13.90 -0.82
N LEU B 128 48.92 13.08 0.20
CA LEU B 128 48.52 11.68 0.16
C LEU B 128 47.75 11.57 1.45
N ASP B 129 46.43 11.74 1.37
CA ASP B 129 45.57 11.71 2.54
C ASP B 129 44.69 10.47 2.69
N ASP B 130 44.27 10.21 3.93
CA ASP B 130 43.39 9.12 4.26
C ASP B 130 42.51 9.71 5.37
N GLY B 131 41.32 10.18 4.99
CA GLY B 131 40.41 10.78 5.96
C GLY B 131 40.14 12.25 5.67
N GLY B 132 41.00 12.87 4.85
CA GLY B 132 40.81 14.27 4.51
C GLY B 132 41.33 15.29 5.51
N ASP B 133 42.01 14.83 6.56
CA ASP B 133 42.52 15.74 7.59
C ASP B 133 43.60 16.67 7.06
N LEU B 134 44.52 16.13 6.27
CA LEU B 134 45.59 16.94 5.72
C LEU B 134 45.02 17.94 4.71
N THR B 135 44.18 17.46 3.81
CA THR B 135 43.60 18.32 2.80
C THR B 135 42.66 19.36 3.41
N ASN B 136 41.95 18.99 4.47
CA ASN B 136 41.04 19.95 5.11
C ASN B 136 41.81 20.96 5.94
N LEU B 137 42.97 20.54 6.45
CA LEU B 137 43.81 21.42 7.24
C LEU B 137 44.38 22.51 6.32
N ILE B 138 45.07 22.09 5.26
CA ILE B 138 45.66 23.02 4.31
C ILE B 138 44.61 23.98 3.78
N HIS B 139 43.49 23.41 3.34
CA HIS B 139 42.39 24.20 2.78
C HIS B 139 41.83 25.26 3.71
N THR B 140 41.62 24.91 4.98
CA THR B 140 41.04 25.85 5.93
C THR B 140 42.01 26.60 6.83
N LYS B 141 43.22 26.08 7.00
CA LYS B 141 44.19 26.74 7.88
C LYS B 141 45.41 27.30 7.15
N HIS B 142 45.85 26.62 6.10
CA HIS B 142 47.00 27.05 5.33
C HIS B 142 46.73 27.39 3.87
N PRO B 143 45.58 28.04 3.58
CA PRO B 143 45.22 28.39 2.20
C PRO B 143 46.38 28.90 1.34
N GLN B 144 47.39 29.49 1.96
CA GLN B 144 48.53 30.02 1.21
C GLN B 144 49.27 28.94 0.45
N LEU B 145 49.34 27.75 1.05
CA LEU B 145 50.04 26.63 0.45
C LEU B 145 49.20 25.91 -0.59
N LEU B 146 47.91 26.22 -0.61
CA LEU B 146 46.96 25.61 -1.54
C LEU B 146 47.39 25.63 -3.01
N SER B 147 47.93 26.76 -3.47
CA SER B 147 48.34 26.89 -4.86
C SER B 147 49.67 26.24 -5.22
N GLY B 148 50.37 25.71 -4.23
CA GLY B 148 51.65 25.06 -4.50
C GLY B 148 51.54 23.55 -4.54
N ILE B 149 50.37 23.04 -4.14
CA ILE B 149 50.12 21.61 -4.12
C ILE B 149 49.63 21.18 -5.50
N ARG B 150 50.33 20.24 -6.12
CA ARG B 150 49.94 19.77 -7.45
C ARG B 150 48.69 18.87 -7.46
N GLY B 151 48.46 18.13 -6.38
CA GLY B 151 47.30 17.28 -6.34
C GLY B 151 47.09 16.55 -5.03
N ILE B 152 45.87 16.04 -4.83
CA ILE B 152 45.54 15.29 -3.63
C ILE B 152 45.33 13.83 -3.97
N SER B 153 45.47 12.97 -2.97
CA SER B 153 45.28 11.55 -3.15
C SER B 153 44.51 11.04 -1.94
N GLU B 154 43.20 10.85 -2.08
CA GLU B 154 42.37 10.37 -0.98
C GLU B 154 42.05 8.90 -1.17
N GLU B 155 42.01 8.15 -0.08
CA GLU B 155 41.75 6.71 -0.19
C GLU B 155 40.63 6.19 0.68
N THR B 156 40.06 7.06 1.52
CA THR B 156 39.00 6.62 2.41
C THR B 156 37.59 7.01 1.92
N THR B 157 36.64 6.10 2.08
CA THR B 157 35.27 6.34 1.64
C THR B 157 34.74 7.67 2.15
N THR B 158 34.96 7.94 3.43
CA THR B 158 34.48 9.18 4.03
C THR B 158 35.23 10.37 3.48
N GLY B 159 36.55 10.23 3.40
CA GLY B 159 37.36 11.32 2.89
C GLY B 159 36.98 11.70 1.47
N VAL B 160 36.87 10.69 0.61
CA VAL B 160 36.51 10.89 -0.78
C VAL B 160 35.10 11.49 -0.84
N HIS B 161 34.27 11.10 0.11
CA HIS B 161 32.90 11.61 0.22
C HIS B 161 33.00 13.10 0.51
N ASN B 162 33.90 13.45 1.41
CA ASN B 162 34.09 14.85 1.79
C ASN B 162 34.64 15.64 0.62
N LEU B 163 35.48 15.01 -0.18
CA LEU B 163 36.07 15.69 -1.34
C LEU B 163 35.00 16.06 -2.35
N TYR B 164 34.16 15.08 -2.70
CA TYR B 164 33.07 15.30 -3.65
C TYR B 164 32.21 16.44 -3.15
N LYS B 165 32.05 16.51 -1.82
CA LYS B 165 31.27 17.56 -1.20
C LYS B 165 31.98 18.90 -1.37
N MET B 166 33.28 18.91 -1.14
CA MET B 166 34.05 20.13 -1.27
C MET B 166 33.88 20.71 -2.67
N MET B 167 33.96 19.85 -3.67
CA MET B 167 33.81 20.29 -5.06
C MET B 167 32.41 20.82 -5.28
N ALA B 168 31.42 20.05 -4.82
CA ALA B 168 30.03 20.43 -4.98
C ALA B 168 29.77 21.85 -4.43
N ASN B 169 30.61 22.30 -3.51
CA ASN B 169 30.45 23.63 -2.93
C ASN B 169 31.53 24.62 -3.41
N GLY B 170 32.35 24.16 -4.35
CA GLY B 170 33.39 25.01 -4.88
C GLY B 170 34.47 25.34 -3.87
N ILE B 171 34.69 24.42 -2.91
CA ILE B 171 35.71 24.63 -1.89
C ILE B 171 37.04 23.97 -2.26
N LEU B 172 36.97 22.84 -2.97
CA LEU B 172 38.17 22.13 -3.38
C LEU B 172 38.98 23.07 -4.27
N LYS B 173 40.26 23.23 -3.96
CA LYS B 173 41.11 24.11 -4.74
C LYS B 173 42.31 23.41 -5.39
N VAL B 174 42.37 22.08 -5.25
CA VAL B 174 43.46 21.33 -5.86
C VAL B 174 42.88 20.03 -6.40
N PRO B 175 43.36 19.58 -7.58
CA PRO B 175 42.87 18.34 -8.19
C PRO B 175 43.05 17.18 -7.24
N ALA B 176 41.99 16.40 -7.05
CA ALA B 176 42.06 15.25 -6.16
C ALA B 176 41.75 14.01 -6.95
N ILE B 177 42.24 12.87 -6.48
CA ILE B 177 41.98 11.60 -7.14
C ILE B 177 41.32 10.69 -6.13
N ASN B 178 40.20 10.11 -6.52
CA ASN B 178 39.47 9.20 -5.64
C ASN B 178 40.09 7.84 -5.83
N VAL B 179 40.90 7.42 -4.85
CA VAL B 179 41.58 6.13 -4.92
C VAL B 179 40.75 5.02 -4.27
N ASN B 180 39.84 5.41 -3.40
CA ASN B 180 39.01 4.42 -2.72
C ASN B 180 38.10 3.72 -3.71
N ASP B 181 37.61 4.47 -4.68
CA ASP B 181 36.70 3.90 -5.65
C ASP B 181 37.27 3.17 -6.85
N SER B 182 38.52 2.72 -6.74
CA SER B 182 39.11 1.91 -7.81
C SER B 182 38.54 0.55 -7.41
N VAL B 183 38.26 -0.31 -8.37
CA VAL B 183 37.70 -1.61 -8.00
C VAL B 183 38.68 -2.39 -7.11
N THR B 184 39.97 -2.32 -7.44
CA THR B 184 40.99 -3.05 -6.69
C THR B 184 41.16 -2.53 -5.28
N LYS B 185 40.71 -1.31 -5.03
CA LYS B 185 40.79 -0.76 -3.67
C LYS B 185 39.52 -1.10 -2.89
N SER B 186 38.41 -0.55 -3.38
CA SER B 186 37.13 -0.76 -2.74
C SER B 186 36.67 -2.18 -2.51
N LYS B 187 36.55 -2.96 -3.58
CA LYS B 187 36.07 -4.34 -3.45
C LYS B 187 37.03 -5.26 -2.73
N PHE B 188 38.27 -4.83 -2.56
CA PHE B 188 39.22 -5.70 -1.91
C PHE B 188 39.67 -5.24 -0.54
N ASP B 189 40.02 -3.97 -0.43
CA ASP B 189 40.47 -3.40 0.85
C ASP B 189 39.31 -3.37 1.83
N ASN B 190 38.35 -2.49 1.57
CA ASN B 190 37.16 -2.34 2.41
C ASN B 190 36.50 -3.67 2.75
N LEU B 191 36.27 -4.51 1.74
CA LEU B 191 35.60 -5.79 1.95
C LEU B 191 36.47 -6.93 2.49
N TYR B 192 37.49 -7.33 1.73
CA TYR B 192 38.35 -8.41 2.16
C TYR B 192 39.22 -8.02 3.34
N GLY B 193 39.58 -6.75 3.41
CA GLY B 193 40.40 -6.27 4.50
C GLY B 193 39.70 -6.47 5.83
N CYS B 194 38.55 -5.80 5.99
CA CYS B 194 37.78 -5.89 7.23
C CYS B 194 37.36 -7.32 7.55
N ARG B 195 37.15 -8.13 6.53
CA ARG B 195 36.74 -9.50 6.75
C ARG B 195 37.81 -10.19 7.58
N GLU B 196 39.06 -9.78 7.37
CA GLU B 196 40.17 -10.37 8.09
C GLU B 196 40.62 -9.64 9.35
N SER B 197 40.56 -8.32 9.34
CA SER B 197 41.02 -7.55 10.48
C SER B 197 40.01 -7.16 11.54
N LEU B 198 38.73 -7.42 11.31
CA LEU B 198 37.74 -7.06 12.32
C LEU B 198 37.81 -7.99 13.53
N ILE B 199 37.69 -9.28 13.29
CA ILE B 199 37.74 -10.27 14.37
C ILE B 199 39.10 -10.27 15.06
N ASP B 200 40.14 -9.85 14.34
CA ASP B 200 41.49 -9.78 14.89
C ASP B 200 41.47 -8.75 16.01
N GLY B 201 40.87 -7.59 15.72
CA GLY B 201 40.77 -6.55 16.72
C GLY B 201 39.91 -6.99 17.88
N ILE B 202 38.75 -7.54 17.58
CA ILE B 202 37.84 -8.00 18.62
C ILE B 202 38.50 -9.06 19.51
N LYS B 203 39.21 -10.00 18.88
CA LYS B 203 39.86 -11.09 19.61
C LYS B 203 41.04 -10.62 20.44
N ARG B 204 41.93 -9.88 19.81
CA ARG B 204 43.09 -9.40 20.55
C ARG B 204 42.63 -8.57 21.75
N ALA B 205 41.53 -7.86 21.59
CA ALA B 205 41.02 -7.03 22.65
C ALA B 205 40.25 -7.76 23.74
N THR B 206 39.34 -8.64 23.34
CA THR B 206 38.53 -9.35 24.32
C THR B 206 38.77 -10.86 24.37
N ASP B 207 39.25 -11.43 23.27
CA ASP B 207 39.50 -12.87 23.19
C ASP B 207 38.19 -13.62 23.32
N VAL B 208 37.10 -12.93 22.98
CA VAL B 208 35.75 -13.51 23.05
C VAL B 208 35.51 -14.55 21.96
N MET B 209 34.60 -15.48 22.23
CA MET B 209 34.27 -16.50 21.24
C MET B 209 33.17 -15.92 20.37
N ILE B 210 33.40 -15.92 19.07
CA ILE B 210 32.44 -15.39 18.11
C ILE B 210 31.28 -16.36 17.94
N ALA B 211 31.59 -17.65 17.82
CA ALA B 211 30.59 -18.70 17.61
C ALA B 211 29.44 -18.67 18.60
N GLY B 212 28.23 -18.82 18.09
CA GLY B 212 27.06 -18.85 18.94
C GLY B 212 26.62 -17.52 19.52
N LYS B 213 27.24 -16.43 19.09
CA LYS B 213 26.89 -15.11 19.57
C LYS B 213 26.05 -14.40 18.51
N VAL B 214 25.30 -13.39 18.92
CA VAL B 214 24.51 -12.62 17.99
C VAL B 214 25.34 -11.38 17.72
N ALA B 215 25.82 -11.24 16.49
CA ALA B 215 26.63 -10.08 16.14
C ALA B 215 25.75 -9.13 15.33
N VAL B 216 25.68 -7.88 15.75
CA VAL B 216 24.88 -6.89 15.06
C VAL B 216 25.83 -5.98 14.30
N VAL B 217 25.64 -5.92 12.98
CA VAL B 217 26.48 -5.09 12.14
C VAL B 217 25.65 -3.98 11.54
N ALA B 218 26.07 -2.74 11.78
CA ALA B 218 25.36 -1.58 11.27
C ALA B 218 25.91 -1.20 9.90
N GLY B 219 25.06 -1.23 8.89
CA GLY B 219 25.54 -0.89 7.56
C GLY B 219 25.98 -2.13 6.81
N TYR B 220 25.51 -2.27 5.58
CA TYR B 220 25.89 -3.40 4.74
C TYR B 220 26.66 -2.98 3.50
N GLY B 221 27.50 -1.96 3.63
CA GLY B 221 28.32 -1.53 2.51
C GLY B 221 29.47 -2.53 2.39
N ASP B 222 30.54 -2.14 1.74
CA ASP B 222 31.66 -3.05 1.58
C ASP B 222 32.24 -3.49 2.92
N VAL B 223 32.34 -2.56 3.86
CA VAL B 223 32.89 -2.90 5.18
C VAL B 223 31.96 -3.84 5.92
N GLY B 224 30.66 -3.49 5.94
CA GLY B 224 29.66 -4.30 6.59
C GLY B 224 29.59 -5.67 5.97
N LYS B 225 29.75 -5.71 4.66
CA LYS B 225 29.72 -6.98 3.93
C LYS B 225 30.87 -7.85 4.42
N GLY B 226 32.05 -7.25 4.54
CA GLY B 226 33.23 -7.97 4.99
C GLY B 226 33.10 -8.43 6.42
N CYS B 227 32.59 -7.57 7.29
CA CYS B 227 32.41 -7.89 8.70
C CYS B 227 31.36 -8.98 8.91
N ALA B 228 30.21 -8.80 8.27
CA ALA B 228 29.11 -9.73 8.37
C ALA B 228 29.60 -11.12 7.98
N GLN B 229 30.37 -11.16 6.91
CA GLN B 229 30.91 -12.42 6.42
C GLN B 229 31.90 -13.05 7.39
N ALA B 230 32.79 -12.25 7.95
CA ALA B 230 33.78 -12.73 8.90
C ALA B 230 33.08 -13.34 10.11
N LEU B 231 32.13 -12.61 10.68
CA LEU B 231 31.42 -13.08 11.86
C LEU B 231 30.60 -14.33 11.56
N ARG B 232 29.95 -14.33 10.41
CA ARG B 232 29.13 -15.45 10.00
C ARG B 232 29.96 -16.72 9.91
N GLY B 233 31.16 -16.60 9.36
CA GLY B 233 32.03 -17.75 9.19
C GLY B 233 32.54 -18.43 10.43
N PHE B 234 32.39 -17.77 11.58
CA PHE B 234 32.87 -18.32 12.84
C PHE B 234 31.75 -18.93 13.63
N GLY B 235 30.52 -18.76 13.16
CA GLY B 235 29.38 -19.33 13.85
C GLY B 235 28.50 -18.31 14.56
N ALA B 236 28.64 -17.03 14.20
CA ALA B 236 27.83 -16.01 14.83
C ALA B 236 26.58 -15.79 14.02
N ARG B 237 25.52 -15.35 14.68
CA ARG B 237 24.27 -15.06 13.99
C ARG B 237 24.32 -13.56 13.78
N VAL B 238 24.56 -13.16 12.54
CA VAL B 238 24.66 -11.75 12.19
C VAL B 238 23.33 -11.11 11.85
N ILE B 239 23.03 -9.97 12.47
CA ILE B 239 21.82 -9.23 12.18
C ILE B 239 22.32 -7.95 11.55
N ILE B 240 21.65 -7.50 10.49
CA ILE B 240 22.08 -6.30 9.78
C ILE B 240 21.09 -5.15 9.90
N THR B 241 21.62 -3.93 9.92
CA THR B 241 20.78 -2.75 9.95
C THR B 241 21.25 -1.91 8.78
N GLU B 242 20.32 -1.37 8.01
CA GLU B 242 20.66 -0.57 6.84
C GLU B 242 19.62 0.52 6.56
N ILE B 243 20.01 1.53 5.79
CA ILE B 243 19.09 2.59 5.42
C ILE B 243 18.82 2.48 3.93
N ASP B 244 19.73 1.80 3.24
CA ASP B 244 19.62 1.60 1.80
C ASP B 244 18.81 0.35 1.50
N PRO B 245 17.76 0.48 0.68
CA PRO B 245 16.93 -0.68 0.34
C PRO B 245 17.66 -1.73 -0.51
N ILE B 246 18.59 -1.26 -1.34
CA ILE B 246 19.34 -2.19 -2.16
C ILE B 246 20.31 -3.00 -1.28
N ASN B 247 21.11 -2.29 -0.49
CA ASN B 247 22.06 -2.95 0.39
C ASN B 247 21.30 -3.85 1.37
N ALA B 248 20.06 -3.46 1.68
CA ALA B 248 19.24 -4.22 2.60
C ALA B 248 18.81 -5.53 1.96
N LEU B 249 18.39 -5.47 0.69
CA LEU B 249 17.96 -6.65 -0.06
C LEU B 249 19.11 -7.62 -0.23
N GLN B 250 20.32 -7.10 -0.42
CA GLN B 250 21.50 -7.95 -0.57
C GLN B 250 21.72 -8.76 0.71
N ALA B 251 21.65 -8.10 1.86
CA ALA B 251 21.82 -8.76 3.14
C ALA B 251 20.79 -9.86 3.28
N ALA B 252 19.55 -9.55 2.89
CA ALA B 252 18.46 -10.50 2.97
C ALA B 252 18.72 -11.70 2.07
N MET B 253 19.13 -11.43 0.84
CA MET B 253 19.43 -12.50 -0.11
C MET B 253 20.59 -13.35 0.34
N GLU B 254 21.31 -12.88 1.35
CA GLU B 254 22.46 -13.62 1.88
C GLU B 254 22.12 -14.34 3.17
N GLY B 255 20.85 -14.26 3.55
CA GLY B 255 20.40 -14.93 4.75
C GLY B 255 20.57 -14.19 6.07
N TYR B 256 20.74 -12.87 6.01
CA TYR B 256 20.90 -12.08 7.21
C TYR B 256 19.59 -11.40 7.55
N GLU B 257 19.17 -11.45 8.81
CA GLU B 257 17.96 -10.77 9.21
C GLU B 257 18.31 -9.27 9.19
N VAL B 258 17.39 -8.45 8.71
CA VAL B 258 17.62 -7.01 8.65
C VAL B 258 16.58 -6.24 9.45
N THR B 259 17.02 -5.60 10.54
CA THR B 259 16.11 -4.83 11.39
C THR B 259 16.74 -3.52 11.78
N THR B 260 16.06 -2.82 12.67
CA THR B 260 16.52 -1.54 13.16
C THR B 260 17.35 -1.77 14.41
N MET B 261 18.28 -0.85 14.69
CA MET B 261 19.13 -0.99 15.85
C MET B 261 18.25 -0.94 17.09
N ASP B 262 17.15 -0.18 17.00
CA ASP B 262 16.21 -0.04 18.10
C ASP B 262 15.74 -1.42 18.54
N GLU B 263 15.61 -2.33 17.58
CA GLU B 263 15.15 -3.67 17.88
C GLU B 263 16.30 -4.61 18.13
N ALA B 264 17.33 -4.54 17.29
CA ALA B 264 18.50 -5.41 17.42
C ALA B 264 19.31 -5.23 18.69
N CYS B 265 19.36 -4.02 19.23
CA CYS B 265 20.15 -3.76 20.43
C CYS B 265 19.76 -4.69 21.57
N LYS B 266 18.48 -5.07 21.63
CA LYS B 266 18.01 -5.96 22.69
C LYS B 266 18.48 -7.40 22.47
N GLU B 267 18.97 -7.68 21.27
CA GLU B 267 19.41 -9.03 20.94
C GLU B 267 20.91 -9.25 20.79
N GLY B 268 21.60 -8.26 20.25
CA GLY B 268 23.04 -8.38 20.03
C GLY B 268 23.95 -8.71 21.19
N ASN B 269 25.02 -9.43 20.87
CA ASN B 269 26.04 -9.85 21.83
C ASN B 269 27.32 -9.10 21.45
N ILE B 270 27.42 -8.74 20.17
CA ILE B 270 28.57 -8.02 19.63
C ILE B 270 28.01 -6.99 18.67
N PHE B 271 28.42 -5.74 18.80
CA PHE B 271 27.94 -4.69 17.91
C PHE B 271 29.09 -4.10 17.13
N VAL B 272 28.91 -4.00 15.81
CA VAL B 272 29.93 -3.45 14.93
C VAL B 272 29.34 -2.38 14.03
N THR B 273 29.81 -1.16 14.14
CA THR B 273 29.30 -0.09 13.30
C THR B 273 30.23 0.10 12.10
N THR B 274 29.68 -0.10 10.91
CA THR B 274 30.44 0.05 9.67
C THR B 274 29.80 1.17 8.86
N THR B 275 28.89 1.85 9.50
CA THR B 275 28.17 2.97 8.92
C THR B 275 29.19 4.07 8.68
N GLY B 276 28.84 5.07 7.89
CA GLY B 276 29.76 6.17 7.71
C GLY B 276 29.19 7.39 8.44
N CYS B 277 28.21 7.18 9.31
CA CYS B 277 27.60 8.31 10.00
C CYS B 277 27.35 8.24 11.51
N VAL B 278 26.98 9.39 12.06
CA VAL B 278 26.73 9.57 13.48
C VAL B 278 25.50 8.87 14.06
N ASP B 279 25.50 8.76 15.38
CA ASP B 279 24.37 8.21 16.13
C ASP B 279 23.89 6.84 15.75
N ILE B 280 24.79 5.88 15.63
CA ILE B 280 24.37 4.54 15.29
C ILE B 280 24.00 3.82 16.58
N ILE B 281 24.87 3.89 17.58
CA ILE B 281 24.57 3.25 18.87
C ILE B 281 24.48 4.31 19.95
N LEU B 282 23.26 4.57 20.40
CA LEU B 282 23.00 5.58 21.41
C LEU B 282 22.74 4.99 22.79
N GLY B 283 22.56 5.87 23.76
CA GLY B 283 22.31 5.41 25.12
C GLY B 283 21.04 4.58 25.21
N ARG B 284 20.03 4.96 24.46
CA ARG B 284 18.78 4.23 24.48
C ARG B 284 19.03 2.77 24.12
N HIS B 285 20.09 2.53 23.33
CA HIS B 285 20.45 1.18 22.92
C HIS B 285 21.26 0.52 24.01
N PHE B 286 22.28 1.25 24.47
CA PHE B 286 23.15 0.75 25.53
C PHE B 286 22.32 0.19 26.70
N GLU B 287 21.27 0.92 27.07
CA GLU B 287 20.42 0.51 28.19
C GLU B 287 19.68 -0.80 27.94
N GLN B 288 19.63 -1.23 26.69
CA GLN B 288 18.94 -2.46 26.33
C GLN B 288 19.87 -3.67 26.16
N MET B 289 21.13 -3.41 25.86
CA MET B 289 22.09 -4.48 25.62
C MET B 289 22.27 -5.51 26.71
N LYS B 290 22.49 -6.75 26.29
CA LYS B 290 22.71 -7.86 27.18
C LYS B 290 24.01 -7.61 27.93
N ASP B 291 24.15 -8.23 29.09
CA ASP B 291 25.35 -8.06 29.92
C ASP B 291 26.65 -8.39 29.18
N ASP B 292 27.67 -7.56 29.40
CA ASP B 292 28.96 -7.78 28.77
C ASP B 292 28.95 -7.73 27.25
N ALA B 293 28.02 -6.96 26.68
CA ALA B 293 27.94 -6.84 25.24
C ALA B 293 29.19 -6.09 24.80
N ILE B 294 29.86 -6.61 23.78
CA ILE B 294 31.05 -5.97 23.24
C ILE B 294 30.68 -5.00 22.13
N VAL B 295 30.98 -3.73 22.31
CA VAL B 295 30.67 -2.71 21.31
C VAL B 295 31.95 -2.14 20.70
N CYS B 296 31.97 -2.01 19.38
CA CYS B 296 33.12 -1.46 18.68
C CYS B 296 32.69 -0.84 17.37
N ASN B 297 33.56 0.00 16.83
CA ASN B 297 33.28 0.70 15.58
C ASN B 297 34.42 0.45 14.60
N ILE B 298 34.10 0.29 13.33
CA ILE B 298 35.13 0.05 12.33
C ILE B 298 35.02 1.05 11.19
N GLY B 299 34.00 1.90 11.24
CA GLY B 299 33.83 2.93 10.23
C GLY B 299 34.91 3.96 10.50
N HIS B 300 35.54 4.49 9.45
CA HIS B 300 36.65 5.44 9.60
C HIS B 300 36.67 6.38 10.81
N PHE B 301 35.54 6.98 11.16
CA PHE B 301 35.54 7.91 12.31
C PHE B 301 34.94 7.31 13.57
N ASP B 302 35.10 8.02 14.69
CA ASP B 302 34.59 7.57 15.99
C ASP B 302 33.31 8.28 16.43
N VAL B 303 32.48 8.67 15.47
CA VAL B 303 31.23 9.38 15.72
C VAL B 303 30.01 8.47 15.69
N GLU B 304 30.22 7.19 15.43
CA GLU B 304 29.13 6.24 15.32
C GLU B 304 28.58 5.69 16.63
N ILE B 305 29.45 5.54 17.62
CA ILE B 305 29.03 5.06 18.92
C ILE B 305 29.05 6.25 19.89
N ASP B 306 28.01 6.39 20.71
CA ASP B 306 27.96 7.50 21.65
C ASP B 306 28.75 7.11 22.89
N VAL B 307 30.05 7.36 22.88
CA VAL B 307 30.90 7.00 24.01
C VAL B 307 30.73 8.00 25.17
N LYS B 308 30.47 9.24 24.82
CA LYS B 308 30.28 10.28 25.83
C LYS B 308 29.17 9.81 26.75
N TRP B 309 28.08 9.31 26.16
CA TRP B 309 26.96 8.83 26.96
C TRP B 309 27.43 7.78 27.94
N LEU B 310 28.18 6.80 27.45
CA LEU B 310 28.68 5.75 28.31
C LEU B 310 29.43 6.37 29.47
N ASN B 311 30.32 7.30 29.14
CA ASN B 311 31.13 7.98 30.13
C ASN B 311 30.32 8.80 31.11
N GLU B 312 29.22 9.37 30.64
CA GLU B 312 28.38 10.20 31.51
C GLU B 312 27.15 9.53 32.09
N ASN B 313 26.95 8.24 31.85
CA ASN B 313 25.78 7.60 32.41
C ASN B 313 26.08 6.29 33.13
N ALA B 314 27.23 5.69 32.82
CA ALA B 314 27.61 4.45 33.45
C ALA B 314 27.85 4.65 34.94
N VAL B 315 27.47 3.67 35.73
CA VAL B 315 27.65 3.76 37.17
C VAL B 315 29.15 3.87 37.47
N GLU B 316 29.96 3.15 36.68
CA GLU B 316 31.40 3.17 36.84
C GLU B 316 32.09 2.56 35.61
N LYS B 317 33.32 3.02 35.36
CA LYS B 317 34.08 2.56 34.22
C LYS B 317 35.42 2.00 34.68
N VAL B 318 35.76 0.81 34.21
CA VAL B 318 37.02 0.18 34.58
C VAL B 318 37.80 -0.20 33.34
N ASN B 319 39.03 0.28 33.23
CA ASN B 319 39.85 -0.06 32.09
C ASN B 319 40.46 -1.45 32.29
N ILE B 320 40.26 -2.35 31.34
CA ILE B 320 40.82 -3.70 31.45
C ILE B 320 42.27 -3.69 30.98
N LYS B 321 42.51 -2.92 29.92
CA LYS B 321 43.85 -2.77 29.36
C LYS B 321 43.74 -1.72 28.26
N PRO B 322 44.87 -1.31 27.65
CA PRO B 322 44.76 -0.31 26.59
C PRO B 322 43.67 -0.59 25.56
N GLN B 323 42.87 0.42 25.28
CA GLN B 323 41.79 0.33 24.31
C GLN B 323 40.69 -0.69 24.65
N VAL B 324 40.57 -1.06 25.92
CA VAL B 324 39.53 -2.00 26.33
C VAL B 324 38.96 -1.55 27.67
N ASP B 325 37.72 -1.06 27.65
CA ASP B 325 37.04 -0.56 28.84
C ASP B 325 35.73 -1.28 29.10
N ARG B 326 35.47 -1.55 30.37
CA ARG B 326 34.25 -2.22 30.78
C ARG B 326 33.41 -1.30 31.65
N TYR B 327 32.31 -0.79 31.10
CA TYR B 327 31.43 0.11 31.86
C TYR B 327 30.35 -0.69 32.56
N LEU B 328 29.94 -0.22 33.74
CA LEU B 328 28.88 -0.88 34.50
C LEU B 328 27.73 0.07 34.43
N LEU B 329 26.59 -0.40 33.94
CA LEU B 329 25.42 0.46 33.80
C LEU B 329 24.51 0.36 35.00
N LYS B 330 23.76 1.43 35.26
CA LYS B 330 22.84 1.43 36.39
C LYS B 330 21.96 0.17 36.40
N ASN B 331 21.66 -0.40 35.24
CA ASN B 331 20.80 -1.60 35.19
C ASN B 331 21.54 -2.84 35.65
N GLY B 332 22.82 -2.67 36.00
CA GLY B 332 23.61 -3.80 36.46
C GLY B 332 24.26 -4.54 35.31
N HIS B 333 24.11 -4.02 34.10
CA HIS B 333 24.70 -4.65 32.93
C HIS B 333 26.04 -4.01 32.59
N ARG B 334 26.99 -4.85 32.20
CA ARG B 334 28.32 -4.38 31.82
C ARG B 334 28.35 -4.21 30.30
N ILE B 335 29.21 -3.31 29.85
CA ILE B 335 29.36 -3.03 28.44
C ILE B 335 30.85 -2.91 28.17
N ILE B 336 31.35 -3.71 27.24
CA ILE B 336 32.76 -3.66 26.90
C ILE B 336 32.94 -2.83 25.64
N LEU B 337 33.52 -1.64 25.79
CA LEU B 337 33.79 -0.73 24.70
C LEU B 337 35.20 -0.99 24.20
N LEU B 338 35.40 -0.99 22.89
CA LEU B 338 36.71 -1.23 22.31
C LEU B 338 37.30 0.01 21.61
N ALA B 339 38.60 0.23 21.83
CA ALA B 339 39.33 1.34 21.22
C ALA B 339 38.63 2.68 21.38
N GLU B 340 37.87 2.83 22.46
CA GLU B 340 37.19 4.07 22.75
C GLU B 340 36.31 4.55 21.62
N GLY B 341 35.71 3.60 20.89
CA GLY B 341 34.84 3.95 19.78
C GLY B 341 35.56 4.26 18.47
N ARG B 342 36.86 4.02 18.42
CA ARG B 342 37.62 4.26 17.21
C ARG B 342 37.80 2.97 16.41
N LEU B 343 38.41 3.07 15.23
CA LEU B 343 38.62 1.89 14.38
C LEU B 343 39.18 0.74 15.22
N VAL B 344 38.40 -0.33 15.31
CA VAL B 344 38.79 -1.48 16.10
C VAL B 344 39.93 -2.32 15.50
N ASN B 345 39.93 -2.51 14.18
CA ASN B 345 40.99 -3.31 13.55
C ASN B 345 42.36 -2.68 13.68
N LEU B 346 42.41 -1.36 13.49
CA LEU B 346 43.67 -0.64 13.57
C LEU B 346 44.02 -0.24 14.99
N GLY B 347 43.01 -0.14 15.85
CA GLY B 347 43.24 0.26 17.22
C GLY B 347 43.48 -0.84 18.21
N CYS B 348 42.94 -2.03 17.96
CA CYS B 348 43.10 -3.15 18.88
C CYS B 348 43.89 -4.29 18.21
N ALA B 349 44.24 -4.07 16.95
CA ALA B 349 44.97 -5.06 16.16
C ALA B 349 45.89 -4.31 15.22
N MET B 350 46.45 -5.02 14.25
CA MET B 350 47.38 -4.42 13.29
C MET B 350 46.80 -4.00 11.93
N GLY B 351 45.50 -3.69 11.89
CA GLY B 351 44.88 -3.26 10.64
C GLY B 351 44.71 -4.38 9.63
N HIS B 352 44.55 -4.02 8.36
CA HIS B 352 44.39 -5.02 7.31
C HIS B 352 45.72 -5.69 6.98
N PRO B 353 45.68 -6.92 6.43
CA PRO B 353 46.91 -7.62 6.08
C PRO B 353 47.64 -6.88 4.98
N SER B 354 48.92 -7.20 4.80
CA SER B 354 49.75 -6.53 3.81
C SER B 354 49.30 -6.74 2.38
N PHE B 355 49.01 -7.99 2.03
CA PHE B 355 48.61 -8.29 0.67
C PHE B 355 47.50 -7.38 0.17
N VAL B 356 46.46 -7.21 0.98
CA VAL B 356 45.36 -6.37 0.54
C VAL B 356 45.70 -4.89 0.51
N MET B 357 46.56 -4.46 1.43
CA MET B 357 46.96 -3.07 1.50
C MET B 357 47.81 -2.74 0.28
N SER B 358 48.42 -3.77 -0.31
CA SER B 358 49.26 -3.59 -1.48
C SER B 358 48.41 -3.09 -2.63
N ASN B 359 47.17 -3.55 -2.67
CA ASN B 359 46.22 -3.15 -3.71
C ASN B 359 45.93 -1.65 -3.61
N SER B 360 45.50 -1.21 -2.44
CA SER B 360 45.20 0.19 -2.23
C SER B 360 46.40 1.07 -2.45
N PHE B 361 47.50 0.70 -1.81
CA PHE B 361 48.73 1.47 -1.91
C PHE B 361 49.32 1.55 -3.30
N THR B 362 49.12 0.51 -4.10
CA THR B 362 49.58 0.52 -5.48
C THR B 362 48.74 1.57 -6.19
N ASN B 363 47.44 1.58 -5.89
CA ASN B 363 46.54 2.58 -6.46
C ASN B 363 47.02 3.96 -6.00
N GLN B 364 47.44 4.05 -4.74
CA GLN B 364 47.94 5.31 -4.19
C GLN B 364 49.18 5.79 -4.93
N VAL B 365 50.14 4.90 -5.15
CA VAL B 365 51.36 5.28 -5.87
C VAL B 365 51.00 5.74 -7.30
N MET B 366 50.08 5.03 -7.93
CA MET B 366 49.67 5.37 -9.29
C MET B 366 49.07 6.76 -9.37
N ALA B 367 48.25 7.11 -8.38
CA ALA B 367 47.62 8.43 -8.31
C ALA B 367 48.65 9.54 -8.10
N GLN B 368 49.67 9.24 -7.30
CA GLN B 368 50.74 10.20 -7.01
C GLN B 368 51.51 10.52 -8.28
N ILE B 369 51.77 9.48 -9.09
CA ILE B 369 52.49 9.66 -10.34
C ILE B 369 51.63 10.37 -11.40
N GLU B 370 50.33 10.07 -11.42
CA GLU B 370 49.43 10.70 -12.38
C GLU B 370 49.34 12.19 -12.11
N LEU B 371 48.94 12.54 -10.89
CA LEU B 371 48.81 13.93 -10.46
C LEU B 371 50.10 14.72 -10.58
N TRP B 372 51.21 14.09 -10.21
CA TRP B 372 52.50 14.75 -10.27
C TRP B 372 53.02 14.82 -11.70
N THR B 373 53.05 13.65 -12.35
CA THR B 373 53.57 13.52 -13.70
C THR B 373 52.67 14.06 -14.82
N HIS B 374 51.37 13.82 -14.74
CA HIS B 374 50.46 14.33 -15.78
C HIS B 374 49.46 15.23 -15.10
N PRO B 375 49.88 16.46 -14.76
CA PRO B 375 49.03 17.43 -14.08
C PRO B 375 47.87 17.95 -14.91
N ASP B 376 48.19 18.37 -16.12
CA ASP B 376 47.20 18.94 -17.01
C ASP B 376 46.11 17.96 -17.39
N LYS B 377 46.26 16.72 -16.92
CA LYS B 377 45.28 15.68 -17.18
C LYS B 377 44.19 15.74 -16.11
N TYR B 378 44.47 16.43 -15.01
CA TYR B 378 43.52 16.51 -13.91
C TYR B 378 43.19 17.92 -13.43
N PRO B 379 42.15 18.54 -14.03
CA PRO B 379 41.77 19.88 -13.59
C PRO B 379 41.19 19.78 -12.16
N VAL B 380 41.07 20.91 -11.48
CA VAL B 380 40.54 20.91 -10.11
C VAL B 380 39.20 20.18 -10.08
N GLY B 381 39.13 19.16 -9.23
CA GLY B 381 37.94 18.35 -9.11
C GLY B 381 38.43 17.01 -8.62
N VAL B 382 37.55 16.03 -8.46
CA VAL B 382 37.96 14.72 -7.99
C VAL B 382 37.76 13.66 -9.08
N HIS B 383 38.87 13.02 -9.46
CA HIS B 383 38.88 12.01 -10.51
C HIS B 383 39.11 10.58 -10.07
N PHE B 384 39.00 9.68 -11.04
CA PHE B 384 39.20 8.24 -10.83
C PHE B 384 40.42 7.80 -11.65
N LEU B 385 41.01 6.66 -11.28
CA LEU B 385 42.15 6.12 -12.02
C LEU B 385 41.55 5.38 -13.20
N PRO B 386 42.20 5.41 -14.36
CA PRO B 386 41.66 4.70 -15.52
C PRO B 386 41.59 3.18 -15.30
N LYS B 387 40.57 2.54 -15.87
CA LYS B 387 40.38 1.10 -15.73
C LYS B 387 41.64 0.29 -16.06
N LYS B 388 42.39 0.74 -17.06
CA LYS B 388 43.61 0.04 -17.45
C LYS B 388 44.54 -0.08 -16.25
N LEU B 389 44.65 1.02 -15.49
CA LEU B 389 45.50 1.03 -14.30
C LEU B 389 44.87 0.15 -13.21
N ASP B 390 43.54 0.20 -13.13
CA ASP B 390 42.81 -0.60 -12.15
C ASP B 390 43.10 -2.09 -12.39
N GLU B 391 42.99 -2.52 -13.64
CA GLU B 391 43.26 -3.93 -13.95
C GLU B 391 44.75 -4.27 -13.78
N ALA B 392 45.61 -3.28 -14.02
CA ALA B 392 47.04 -3.48 -13.87
C ALA B 392 47.34 -3.81 -12.42
N VAL B 393 46.64 -3.12 -11.53
CA VAL B 393 46.82 -3.30 -10.10
C VAL B 393 46.45 -4.72 -9.69
N ALA B 394 45.36 -5.23 -10.23
CA ALA B 394 44.94 -6.58 -9.85
C ALA B 394 45.94 -7.54 -10.43
N GLU B 395 46.28 -7.33 -11.69
CA GLU B 395 47.23 -8.18 -12.40
C GLU B 395 48.52 -8.39 -11.60
N ALA B 396 49.04 -7.32 -11.03
CA ALA B 396 50.28 -7.35 -10.26
C ALA B 396 50.26 -8.30 -9.06
N HIS B 397 49.08 -8.66 -8.57
CA HIS B 397 48.99 -9.55 -7.42
C HIS B 397 48.62 -10.96 -7.81
N LEU B 398 48.30 -11.17 -9.08
CA LEU B 398 47.92 -12.50 -9.58
C LEU B 398 49.06 -13.49 -9.43
N GLY B 399 50.27 -13.06 -9.77
CA GLY B 399 51.45 -13.92 -9.68
C GLY B 399 51.66 -14.55 -8.31
N LYS B 400 51.69 -13.73 -7.27
CA LYS B 400 51.89 -14.25 -5.91
C LYS B 400 50.90 -15.35 -5.56
N LEU B 401 49.66 -15.20 -6.01
CA LEU B 401 48.61 -16.17 -5.72
C LEU B 401 48.66 -17.34 -6.69
N ASN B 402 49.54 -17.26 -7.68
CA ASN B 402 49.69 -18.30 -8.68
C ASN B 402 48.46 -18.46 -9.55
N VAL B 403 47.76 -17.34 -9.77
CA VAL B 403 46.58 -17.37 -10.62
C VAL B 403 47.07 -17.40 -12.06
N LYS B 404 46.41 -18.19 -12.90
CA LYS B 404 46.79 -18.27 -14.30
C LYS B 404 45.64 -17.65 -15.10
N LEU B 405 45.86 -16.42 -15.53
CA LEU B 405 44.85 -15.72 -16.29
C LEU B 405 44.75 -16.27 -17.71
N THR B 406 43.56 -16.19 -18.28
CA THR B 406 43.34 -16.65 -19.64
C THR B 406 43.51 -15.47 -20.57
N LYS B 407 43.93 -15.75 -21.80
CA LYS B 407 44.16 -14.71 -22.80
C LYS B 407 43.21 -14.92 -23.95
N LEU B 408 42.43 -13.90 -24.24
CA LEU B 408 41.46 -13.96 -25.32
C LEU B 408 42.22 -14.26 -26.61
N THR B 409 41.61 -15.00 -27.53
CA THR B 409 42.23 -15.28 -28.82
C THR B 409 41.80 -14.12 -29.69
N GLU B 410 42.42 -13.96 -30.85
CA GLU B 410 42.05 -12.86 -31.73
C GLU B 410 40.60 -13.00 -32.10
N LYS B 411 40.17 -14.25 -32.22
CA LYS B 411 38.79 -14.58 -32.58
C LYS B 411 37.83 -14.16 -31.47
N GLN B 412 38.14 -14.53 -30.23
CA GLN B 412 37.32 -14.17 -29.08
C GLN B 412 37.32 -12.67 -28.87
N ALA B 413 38.51 -12.08 -28.81
CA ALA B 413 38.63 -10.63 -28.63
C ALA B 413 37.74 -9.93 -29.64
N GLN B 414 37.70 -10.46 -30.85
CA GLN B 414 36.90 -9.90 -31.94
C GLN B 414 35.40 -10.10 -31.66
N TYR B 415 35.05 -11.31 -31.22
CA TYR B 415 33.67 -11.66 -30.94
C TYR B 415 33.11 -10.76 -29.84
N LEU B 416 33.89 -10.62 -28.77
CA LEU B 416 33.49 -9.78 -27.63
C LEU B 416 33.62 -8.32 -27.97
N GLY B 417 34.39 -8.04 -29.02
CA GLY B 417 34.58 -6.68 -29.44
C GLY B 417 35.43 -5.89 -28.47
N MET B 418 36.47 -6.54 -27.92
CA MET B 418 37.37 -5.88 -26.98
C MET B 418 38.80 -6.32 -27.25
N PRO B 419 39.79 -5.59 -26.72
CA PRO B 419 41.21 -5.92 -26.92
C PRO B 419 41.69 -7.06 -26.05
N ILE B 420 42.68 -7.80 -26.55
CA ILE B 420 43.25 -8.93 -25.82
C ILE B 420 43.67 -8.48 -24.42
N ASN B 421 44.17 -7.24 -24.33
CA ASN B 421 44.59 -6.67 -23.05
C ASN B 421 43.67 -5.52 -22.63
N GLY B 422 43.29 -4.70 -23.61
CA GLY B 422 42.42 -3.56 -23.35
C GLY B 422 41.41 -3.79 -22.25
N PRO B 423 40.94 -2.74 -21.57
CA PRO B 423 39.96 -2.89 -20.50
C PRO B 423 38.90 -3.91 -20.89
N PHE B 424 38.61 -4.84 -19.99
CA PHE B 424 37.64 -5.89 -20.25
C PHE B 424 36.22 -5.58 -19.79
N LYS B 425 35.99 -4.40 -19.24
CA LYS B 425 34.65 -4.08 -18.75
C LYS B 425 34.26 -2.62 -18.96
N PRO B 426 32.97 -2.36 -19.14
CA PRO B 426 32.48 -1.00 -19.33
C PRO B 426 32.69 -0.21 -18.03
N ASP B 427 32.73 1.11 -18.12
CA ASP B 427 32.91 1.94 -16.94
C ASP B 427 31.84 1.75 -15.87
N HIS B 428 30.64 1.33 -16.25
CA HIS B 428 29.56 1.13 -15.27
C HIS B 428 29.59 -0.23 -14.63
N TYR B 429 30.55 -1.08 -15.01
CA TYR B 429 30.64 -2.41 -14.45
C TYR B 429 30.93 -2.34 -12.95
N ARG B 430 30.17 -3.09 -12.17
CA ARG B 430 30.33 -3.10 -10.72
C ARG B 430 31.08 -4.29 -10.13
N TYR B 431 31.47 -5.24 -10.95
CA TYR B 431 32.18 -6.41 -10.44
C TYR B 431 31.40 -7.03 -9.30
N ASP C 2 2.43 -68.94 -8.87
CA ASP C 2 1.30 -68.33 -8.11
C ASP C 2 0.85 -67.02 -8.77
N LYS C 3 1.13 -65.91 -8.11
CA LYS C 3 0.75 -64.58 -8.61
C LYS C 3 1.59 -64.19 -9.83
N LEU C 4 1.37 -62.97 -10.31
CA LEU C 4 2.08 -62.45 -11.48
C LEU C 4 3.60 -62.49 -11.26
N PRO C 5 4.37 -62.28 -12.33
CA PRO C 5 5.84 -62.31 -12.22
C PRO C 5 6.36 -60.98 -11.69
N TYR C 6 5.57 -59.94 -11.86
CA TYR C 6 5.92 -58.63 -11.40
C TYR C 6 4.75 -57.73 -11.75
N LYS C 7 4.82 -56.49 -11.31
CA LYS C 7 3.81 -55.51 -11.68
C LYS C 7 4.40 -54.16 -11.42
N VAL C 8 4.37 -53.32 -12.44
CA VAL C 8 4.93 -51.99 -12.40
C VAL C 8 3.92 -51.05 -13.05
N ALA C 9 4.28 -49.77 -13.19
CA ALA C 9 3.36 -48.82 -13.78
C ALA C 9 3.31 -48.92 -15.30
N ASP C 10 4.47 -49.12 -15.92
CA ASP C 10 4.54 -49.22 -17.38
C ASP C 10 5.89 -49.83 -17.75
N ILE C 11 5.87 -51.00 -18.36
CA ILE C 11 7.12 -51.65 -18.72
C ILE C 11 7.76 -51.02 -19.95
N GLY C 12 7.06 -50.04 -20.52
CA GLY C 12 7.60 -49.37 -21.69
C GLY C 12 8.70 -48.41 -21.28
N LEU C 13 8.85 -48.21 -19.98
CA LEU C 13 9.85 -47.30 -19.44
C LEU C 13 11.22 -47.97 -19.28
N ALA C 14 11.24 -49.29 -19.41
CA ALA C 14 12.47 -50.07 -19.26
C ALA C 14 13.69 -49.55 -19.98
N ALA C 15 13.55 -49.22 -21.26
CA ALA C 15 14.66 -48.73 -22.06
C ALA C 15 15.31 -47.53 -21.40
N TRP C 16 14.50 -46.52 -21.10
CA TRP C 16 14.97 -45.30 -20.46
C TRP C 16 15.52 -45.61 -19.08
N GLY C 17 14.82 -46.45 -18.34
CA GLY C 17 15.29 -46.79 -17.02
C GLY C 17 16.68 -47.40 -17.09
N ARG C 18 16.94 -48.15 -18.15
CA ARG C 18 18.23 -48.81 -18.29
C ARG C 18 19.37 -47.82 -18.54
N LYS C 19 19.10 -46.75 -19.28
CA LYS C 19 20.13 -45.75 -19.55
C LYS C 19 20.47 -45.06 -18.24
N ALA C 20 19.43 -44.86 -17.42
CA ALA C 20 19.63 -44.22 -16.14
C ALA C 20 20.48 -45.11 -15.27
N LEU C 21 20.20 -46.41 -15.31
CA LEU C 21 20.96 -47.38 -14.52
C LEU C 21 22.41 -47.38 -15.00
N ASP C 22 22.59 -47.17 -16.30
CA ASP C 22 23.91 -47.18 -16.89
C ASP C 22 24.74 -46.04 -16.34
N ILE C 23 24.17 -44.85 -16.35
CA ILE C 23 24.86 -43.67 -15.82
C ILE C 23 25.04 -43.85 -14.32
N ALA C 24 24.00 -44.34 -13.65
CA ALA C 24 24.03 -44.57 -12.21
C ALA C 24 25.21 -45.45 -11.81
N GLU C 25 25.37 -46.57 -12.50
CA GLU C 25 26.45 -47.49 -12.17
C GLU C 25 27.78 -46.81 -12.12
N ASN C 26 28.01 -45.90 -13.07
CA ASN C 26 29.28 -45.16 -13.16
C ASN C 26 29.46 -44.19 -12.00
N GLU C 27 28.41 -44.04 -11.20
CA GLU C 27 28.47 -43.14 -10.06
C GLU C 27 28.51 -43.88 -8.74
N MET C 28 28.36 -45.20 -8.77
CA MET C 28 28.39 -45.97 -7.53
C MET C 28 29.51 -46.99 -7.57
N PRO C 29 30.76 -46.53 -7.31
CA PRO C 29 31.96 -47.38 -7.32
C PRO C 29 31.94 -48.49 -6.28
N GLY C 30 31.31 -48.22 -5.14
CA GLY C 30 31.24 -49.22 -4.10
C GLY C 30 30.51 -50.45 -4.55
N LEU C 31 29.33 -50.26 -5.15
CA LEU C 31 28.53 -51.38 -5.63
C LEU C 31 29.25 -52.10 -6.76
N MET C 32 29.79 -51.35 -7.71
CA MET C 32 30.50 -51.94 -8.82
C MET C 32 31.70 -52.73 -8.34
N ARG C 33 32.37 -52.23 -7.29
CA ARG C 33 33.55 -52.93 -6.78
C ARG C 33 33.12 -54.23 -6.10
N MET C 34 31.92 -54.22 -5.53
CA MET C 34 31.40 -55.40 -4.87
C MET C 34 31.14 -56.44 -5.95
N ARG C 35 30.67 -55.95 -7.10
CA ARG C 35 30.39 -56.80 -8.26
C ARG C 35 31.71 -57.36 -8.76
N GLU C 36 32.69 -56.48 -8.94
CA GLU C 36 34.01 -56.87 -9.41
C GLU C 36 34.59 -58.04 -8.61
N MET C 37 34.52 -57.95 -7.29
CA MET C 37 35.11 -58.95 -6.42
C MET C 37 34.31 -60.22 -6.17
N TYR C 38 32.98 -60.10 -6.08
CA TYR C 38 32.18 -61.27 -5.76
C TYR C 38 31.31 -61.88 -6.85
N SER C 39 31.36 -61.34 -8.06
CA SER C 39 30.52 -61.86 -9.13
C SER C 39 30.83 -63.33 -9.34
N ALA C 40 32.11 -63.66 -9.33
CA ALA C 40 32.53 -65.03 -9.56
C ALA C 40 32.18 -65.92 -8.38
N SER C 41 32.62 -65.54 -7.19
CA SER C 41 32.36 -66.33 -5.98
C SER C 41 30.86 -66.49 -5.69
N LYS C 42 30.05 -65.50 -6.05
CA LYS C 42 28.62 -65.61 -5.81
C LYS C 42 28.37 -65.92 -4.34
N PRO C 43 28.94 -65.09 -3.43
CA PRO C 43 28.76 -65.34 -2.00
C PRO C 43 27.30 -65.39 -1.53
N LEU C 44 26.41 -64.81 -2.32
CA LEU C 44 24.99 -64.78 -1.95
C LEU C 44 24.18 -65.90 -2.60
N LYS C 45 24.87 -66.88 -3.17
CA LYS C 45 24.19 -67.99 -3.82
C LYS C 45 23.37 -68.76 -2.80
N GLY C 46 22.13 -69.07 -3.16
CA GLY C 46 21.27 -69.80 -2.25
C GLY C 46 20.46 -68.88 -1.38
N ALA C 47 20.66 -67.58 -1.53
CA ALA C 47 19.92 -66.60 -0.76
C ALA C 47 18.69 -66.18 -1.52
N ARG C 48 17.60 -65.99 -0.80
CA ARG C 48 16.37 -65.54 -1.40
C ARG C 48 16.06 -64.27 -0.62
N ILE C 49 16.55 -63.15 -1.12
CA ILE C 49 16.38 -61.86 -0.46
C ILE C 49 15.09 -61.12 -0.81
N ALA C 50 14.26 -60.91 0.19
CA ALA C 50 13.02 -60.17 -0.02
C ALA C 50 13.40 -58.75 0.38
N GLY C 51 13.30 -57.82 -0.55
CA GLY C 51 13.66 -56.45 -0.24
C GLY C 51 12.51 -55.48 -0.22
N CYS C 52 12.56 -54.55 0.72
CA CYS C 52 11.53 -53.53 0.83
C CYS C 52 12.31 -52.25 1.03
N LEU C 53 12.51 -51.52 -0.07
CA LEU C 53 13.29 -50.29 -0.06
C LEU C 53 12.85 -49.52 -1.28
N HIS C 54 12.70 -48.21 -1.15
CA HIS C 54 12.24 -47.38 -2.27
C HIS C 54 12.85 -47.89 -3.55
N MET C 55 12.02 -48.07 -4.57
CA MET C 55 12.47 -48.60 -5.85
C MET C 55 12.89 -47.45 -6.78
N THR C 56 14.15 -47.05 -6.65
CA THR C 56 14.72 -45.97 -7.43
C THR C 56 15.86 -46.53 -8.28
N VAL C 57 16.46 -45.67 -9.09
CA VAL C 57 17.56 -46.10 -9.94
C VAL C 57 18.70 -46.70 -9.13
N GLU C 58 19.00 -46.09 -7.98
CA GLU C 58 20.08 -46.57 -7.12
C GLU C 58 19.73 -47.90 -6.49
N THR C 59 18.45 -48.08 -6.15
CA THR C 59 18.02 -49.35 -5.56
C THR C 59 18.05 -50.42 -6.66
N ALA C 60 17.97 -49.98 -7.92
CA ALA C 60 18.01 -50.88 -9.05
C ALA C 60 19.41 -51.43 -9.19
N VAL C 61 20.41 -50.55 -9.06
CA VAL C 61 21.79 -50.98 -9.14
C VAL C 61 22.10 -51.89 -7.96
N LEU C 62 21.43 -51.65 -6.83
CA LEU C 62 21.65 -52.49 -5.65
C LEU C 62 21.12 -53.88 -5.94
N ILE C 63 19.86 -53.95 -6.39
CA ILE C 63 19.21 -55.21 -6.72
C ILE C 63 20.06 -56.04 -7.67
N GLU C 64 20.50 -55.42 -8.77
CA GLU C 64 21.32 -56.11 -9.75
C GLU C 64 22.66 -56.52 -9.20
N THR C 65 23.14 -55.83 -8.17
CA THR C 65 24.43 -56.19 -7.57
C THR C 65 24.26 -57.44 -6.73
N LEU C 66 23.15 -57.50 -5.99
CA LEU C 66 22.87 -58.64 -5.15
C LEU C 66 22.74 -59.86 -6.04
N VAL C 67 22.11 -59.67 -7.20
CA VAL C 67 21.90 -60.74 -8.16
C VAL C 67 23.23 -61.22 -8.78
N ALA C 68 24.07 -60.25 -9.11
CA ALA C 68 25.38 -60.59 -9.68
C ALA C 68 26.18 -61.40 -8.67
N LEU C 69 25.79 -61.33 -7.38
CA LEU C 69 26.48 -62.06 -6.33
C LEU C 69 25.82 -63.41 -6.03
N GLY C 70 24.93 -63.82 -6.93
CA GLY C 70 24.28 -65.10 -6.78
C GLY C 70 23.00 -65.13 -5.98
N ALA C 71 22.49 -63.97 -5.60
CA ALA C 71 21.28 -63.92 -4.80
C ALA C 71 20.04 -64.02 -5.66
N GLU C 72 18.90 -64.27 -5.01
CA GLU C 72 17.61 -64.35 -5.68
C GLU C 72 16.75 -63.34 -4.95
N VAL C 73 16.24 -62.35 -5.65
CA VAL C 73 15.45 -61.32 -5.00
C VAL C 73 14.05 -61.03 -5.57
N ARG C 74 13.22 -60.44 -4.71
CA ARG C 74 11.85 -60.02 -5.04
C ARG C 74 11.76 -58.66 -4.34
N TRP C 75 11.54 -57.60 -5.10
CA TRP C 75 11.49 -56.30 -4.47
C TRP C 75 10.13 -55.65 -4.32
N SER C 76 10.13 -54.52 -3.62
CA SER C 76 8.94 -53.74 -3.37
C SER C 76 9.47 -52.46 -2.78
N SER C 77 8.76 -51.36 -2.94
CA SER C 77 9.17 -50.08 -2.38
C SER C 77 8.65 -50.05 -0.95
N CYS C 78 9.18 -49.16 -0.13
CA CYS C 78 8.74 -49.04 1.25
C CYS C 78 7.97 -47.74 1.38
N ASN C 79 7.67 -47.13 0.25
CA ASN C 79 6.94 -45.87 0.18
C ASN C 79 6.05 -45.92 -1.05
N ILE C 80 4.82 -45.44 -0.91
CA ILE C 80 3.87 -45.45 -2.02
C ILE C 80 4.14 -44.36 -3.06
N PHE C 81 5.02 -43.41 -2.75
CA PHE C 81 5.34 -42.32 -3.66
C PHE C 81 6.79 -42.35 -4.13
N SER C 82 7.65 -43.01 -3.35
CA SER C 82 9.08 -43.04 -3.66
C SER C 82 9.55 -43.77 -4.91
N THR C 83 8.73 -44.64 -5.46
CA THR C 83 9.13 -45.41 -6.65
C THR C 83 9.47 -44.60 -7.92
N GLN C 84 10.52 -45.04 -8.60
CA GLN C 84 10.94 -44.42 -9.84
C GLN C 84 10.56 -45.46 -10.88
N ASP C 85 9.42 -45.24 -11.53
CA ASP C 85 8.89 -46.20 -12.51
C ASP C 85 9.81 -46.66 -13.65
N HIS C 86 10.65 -45.78 -14.21
CA HIS C 86 11.52 -46.25 -15.28
C HIS C 86 12.55 -47.22 -14.74
N ALA C 87 12.94 -47.02 -13.47
CA ALA C 87 13.90 -47.88 -12.80
C ALA C 87 13.25 -49.22 -12.51
N ALA C 88 12.00 -49.19 -12.08
CA ALA C 88 11.27 -50.43 -11.79
C ALA C 88 11.08 -51.23 -13.07
N ALA C 89 10.77 -50.52 -14.16
CA ALA C 89 10.56 -51.16 -15.46
C ALA C 89 11.83 -51.92 -15.89
N ALA C 90 12.98 -51.27 -15.78
CA ALA C 90 14.23 -51.91 -16.16
C ALA C 90 14.44 -53.19 -15.37
N ILE C 91 14.18 -53.14 -14.06
CA ILE C 91 14.36 -54.29 -13.18
C ILE C 91 13.37 -55.39 -13.54
N ALA C 92 12.12 -55.00 -13.79
CA ALA C 92 11.07 -55.94 -14.15
C ALA C 92 11.44 -56.60 -15.46
N LYS C 93 11.73 -55.77 -16.47
CA LYS C 93 12.11 -56.28 -17.78
C LYS C 93 13.39 -57.10 -17.71
N ALA C 94 14.18 -56.93 -16.65
CA ALA C 94 15.42 -57.69 -16.50
C ALA C 94 15.16 -59.08 -15.93
N GLY C 95 13.90 -59.38 -15.65
CA GLY C 95 13.57 -60.69 -15.12
C GLY C 95 13.51 -60.74 -13.61
N ILE C 96 13.71 -59.59 -12.96
CA ILE C 96 13.65 -59.54 -11.50
C ILE C 96 12.22 -59.22 -11.11
N PRO C 97 11.59 -60.07 -10.29
CA PRO C 97 10.21 -59.77 -9.91
C PRO C 97 10.13 -58.59 -8.98
N VAL C 98 9.81 -57.43 -9.54
CA VAL C 98 9.68 -56.22 -8.74
C VAL C 98 8.22 -55.83 -8.70
N PHE C 99 7.73 -55.50 -7.51
CA PHE C 99 6.34 -55.13 -7.36
C PHE C 99 6.22 -53.77 -6.74
N ALA C 100 6.32 -52.74 -7.57
CA ALA C 100 6.21 -51.39 -7.08
C ALA C 100 5.97 -50.39 -8.20
N TRP C 101 5.37 -49.26 -7.85
CA TRP C 101 5.10 -48.21 -8.81
C TRP C 101 4.76 -46.96 -8.02
N LYS C 102 4.97 -45.79 -8.61
CA LYS C 102 4.66 -44.56 -7.89
C LYS C 102 3.17 -44.35 -7.75
N GLY C 103 2.74 -43.88 -6.58
CA GLY C 103 1.33 -43.59 -6.35
C GLY C 103 0.45 -44.78 -5.98
N GLU C 104 0.99 -45.74 -5.24
CA GLU C 104 0.17 -46.88 -4.82
C GLU C 104 -0.77 -46.46 -3.70
N THR C 105 -1.67 -47.37 -3.32
CA THR C 105 -2.60 -47.10 -2.24
C THR C 105 -2.17 -47.98 -1.07
N ASP C 106 -2.45 -47.52 0.15
CA ASP C 106 -2.07 -48.28 1.33
C ASP C 106 -2.42 -49.75 1.14
N GLU C 107 -3.42 -50.01 0.30
CA GLU C 107 -3.84 -51.38 0.04
C GLU C 107 -2.86 -52.08 -0.89
N GLU C 108 -2.57 -51.46 -2.03
CA GLU C 108 -1.63 -52.07 -2.98
C GLU C 108 -0.23 -52.17 -2.36
N TYR C 109 0.10 -51.19 -1.52
CA TYR C 109 1.40 -51.17 -0.85
C TYR C 109 1.62 -52.51 -0.18
N LEU C 110 0.69 -52.90 0.69
CA LEU C 110 0.78 -54.15 1.41
C LEU C 110 0.82 -55.38 0.49
N TRP C 111 0.07 -55.30 -0.60
CA TRP C 111 0.01 -56.41 -1.55
C TRP C 111 1.39 -56.67 -2.12
N CYS C 112 2.10 -55.60 -2.47
CA CYS C 112 3.45 -55.73 -3.01
C CYS C 112 4.42 -56.41 -2.03
N ILE C 113 4.40 -56.02 -0.76
CA ILE C 113 5.30 -56.61 0.21
C ILE C 113 5.06 -58.10 0.32
N GLU C 114 3.78 -58.47 0.36
CA GLU C 114 3.40 -59.88 0.48
C GLU C 114 3.85 -60.66 -0.75
N GLN C 115 4.01 -59.96 -1.86
CA GLN C 115 4.42 -60.59 -3.11
C GLN C 115 5.89 -61.04 -3.08
N THR C 116 6.70 -60.40 -2.25
CA THR C 116 8.11 -60.75 -2.18
C THR C 116 8.46 -61.88 -1.21
N LEU C 117 7.50 -62.27 -0.37
CA LEU C 117 7.71 -63.31 0.64
C LEU C 117 7.95 -64.71 0.13
N HIS C 118 7.43 -65.05 -1.05
CA HIS C 118 7.61 -66.40 -1.56
C HIS C 118 8.34 -66.53 -2.87
N PHE C 119 9.38 -67.34 -2.86
CA PHE C 119 10.21 -67.58 -4.03
C PHE C 119 9.91 -68.90 -4.69
N LYS C 120 10.45 -69.07 -5.89
CA LYS C 120 10.29 -70.28 -6.68
C LYS C 120 10.54 -71.56 -5.87
N ASP C 121 11.69 -71.63 -5.22
CA ASP C 121 12.02 -72.81 -4.43
C ASP C 121 11.84 -72.66 -2.92
N GLY C 122 10.94 -71.77 -2.51
CA GLY C 122 10.71 -71.61 -1.09
C GLY C 122 10.49 -70.17 -0.68
N PRO C 123 10.18 -69.95 0.61
CA PRO C 123 9.94 -68.59 1.10
C PRO C 123 11.26 -67.86 1.27
N LEU C 124 11.19 -66.55 1.49
CA LEU C 124 12.36 -65.71 1.67
C LEU C 124 13.21 -66.19 2.86
N ASN C 125 14.52 -66.18 2.69
CA ASN C 125 15.42 -66.60 3.76
C ASN C 125 16.35 -65.44 4.12
N MET C 126 16.01 -64.23 3.65
CA MET C 126 16.81 -63.05 3.92
C MET C 126 15.95 -61.80 3.78
N ILE C 127 16.24 -60.79 4.59
CA ILE C 127 15.49 -59.55 4.53
C ILE C 127 16.42 -58.37 4.33
N LEU C 128 16.03 -57.47 3.44
CA LEU C 128 16.78 -56.23 3.20
C LEU C 128 15.70 -55.17 3.33
N ASP C 129 15.59 -54.61 4.53
CA ASP C 129 14.56 -53.62 4.82
C ASP C 129 15.06 -52.20 4.97
N ASP C 130 14.12 -51.28 4.79
CA ASP C 130 14.35 -49.86 4.94
C ASP C 130 13.04 -49.35 5.55
N GLY C 131 13.03 -49.20 6.87
CA GLY C 131 11.84 -48.75 7.57
C GLY C 131 11.25 -49.78 8.51
N GLY C 132 11.67 -51.04 8.34
CA GLY C 132 11.16 -52.11 9.19
C GLY C 132 9.80 -52.70 8.81
N ASP C 133 9.22 -52.26 7.69
CA ASP C 133 7.91 -52.77 7.29
C ASP C 133 7.95 -54.26 6.97
N LEU C 134 8.97 -54.70 6.24
CA LEU C 134 9.06 -56.11 5.90
C LEU C 134 9.29 -56.94 7.15
N THR C 135 10.27 -56.53 7.97
CA THR C 135 10.60 -57.26 9.18
C THR C 135 9.45 -57.24 10.20
N ASN C 136 8.69 -56.15 10.23
CA ASN C 136 7.56 -56.08 11.16
C ASN C 136 6.40 -56.91 10.63
N LEU C 137 6.29 -57.02 9.31
CA LEU C 137 5.22 -57.80 8.69
C LEU C 137 5.43 -59.28 9.00
N ILE C 138 6.60 -59.78 8.64
CA ILE C 138 6.94 -61.18 8.88
C ILE C 138 6.76 -61.52 10.35
N HIS C 139 7.35 -60.70 11.21
CA HIS C 139 7.29 -60.89 12.65
C HIS C 139 5.88 -60.94 13.24
N THR C 140 5.00 -60.05 12.79
CA THR C 140 3.65 -60.03 13.35
C THR C 140 2.57 -60.71 12.52
N LYS C 141 2.80 -60.92 11.24
CA LYS C 141 1.79 -61.56 10.39
C LYS C 141 2.20 -62.94 9.86
N HIS C 142 3.48 -63.11 9.60
CA HIS C 142 3.98 -64.39 9.10
C HIS C 142 5.00 -65.09 9.99
N PRO C 143 4.80 -65.06 11.32
CA PRO C 143 5.73 -65.69 12.24
C PRO C 143 6.28 -67.06 11.81
N GLN C 144 5.52 -67.78 10.98
CA GLN C 144 5.94 -69.11 10.51
C GLN C 144 7.23 -69.06 9.71
N LEU C 145 7.38 -67.98 8.95
CA LEU C 145 8.54 -67.79 8.11
C LEU C 145 9.75 -67.27 8.88
N LEU C 146 9.49 -66.77 10.09
CA LEU C 146 10.52 -66.21 10.96
C LEU C 146 11.76 -67.07 11.14
N SER C 147 11.58 -68.37 11.32
CA SER C 147 12.70 -69.27 11.54
C SER C 147 13.49 -69.67 10.28
N GLY C 148 12.99 -69.28 9.13
CA GLY C 148 13.68 -69.61 7.88
C GLY C 148 14.52 -68.47 7.37
N ILE C 149 14.36 -67.29 7.99
CA ILE C 149 15.10 -66.09 7.61
C ILE C 149 16.46 -66.09 8.32
N ARG C 150 17.54 -66.05 7.55
CA ARG C 150 18.87 -66.06 8.14
C ARG C 150 19.27 -64.74 8.81
N GLY C 151 18.75 -63.63 8.32
CA GLY C 151 19.10 -62.35 8.91
C GLY C 151 18.40 -61.15 8.32
N ILE C 152 18.42 -60.04 9.05
CA ILE C 152 17.77 -58.82 8.58
C ILE C 152 18.82 -57.78 8.27
N SER C 153 18.46 -56.83 7.43
CA SER C 153 19.37 -55.76 7.05
C SER C 153 18.55 -54.47 7.05
N GLU C 154 18.69 -53.67 8.11
CA GLU C 154 17.96 -52.41 8.21
C GLU C 154 18.88 -51.24 7.94
N GLU C 155 18.37 -50.21 7.27
CA GLU C 155 19.22 -49.09 6.94
C GLU C 155 18.69 -47.73 7.36
N THR C 156 17.48 -47.70 7.88
CA THR C 156 16.89 -46.42 8.26
C THR C 156 16.97 -46.17 9.76
N THR C 157 17.26 -44.91 10.12
CA THR C 157 17.39 -44.54 11.53
C THR C 157 16.19 -44.99 12.35
N THR C 158 15.00 -44.74 11.84
CA THR C 158 13.78 -45.13 12.54
C THR C 158 13.66 -46.65 12.59
N GLY C 159 13.92 -47.30 11.46
CA GLY C 159 13.80 -48.74 11.42
C GLY C 159 14.74 -49.43 12.39
N VAL C 160 15.99 -48.98 12.39
CA VAL C 160 17.02 -49.53 13.27
C VAL C 160 16.63 -49.22 14.70
N HIS C 161 15.95 -48.08 14.88
CA HIS C 161 15.48 -47.65 16.19
C HIS C 161 14.45 -48.67 16.65
N ASN C 162 13.57 -49.04 15.72
CA ASN C 162 12.51 -50.00 15.99
C ASN C 162 13.09 -51.37 16.31
N LEU C 163 14.19 -51.71 15.65
CA LEU C 163 14.83 -53.01 15.84
C LEU C 163 15.38 -53.13 17.25
N TYR C 164 16.14 -52.11 17.65
CA TYR C 164 16.73 -52.07 18.99
C TYR C 164 15.60 -52.20 20.01
N LYS C 165 14.45 -51.61 19.69
CA LYS C 165 13.30 -51.69 20.57
C LYS C 165 12.78 -53.12 20.62
N MET C 166 12.70 -53.74 19.44
CA MET C 166 12.20 -55.11 19.34
C MET C 166 13.02 -56.02 20.22
N MET C 167 14.35 -55.89 20.15
CA MET C 167 15.24 -56.71 20.97
C MET C 167 15.01 -56.41 22.45
N ALA C 168 14.98 -55.12 22.79
CA ALA C 168 14.78 -54.69 24.17
C ALA C 168 13.54 -55.37 24.78
N ASN C 169 12.58 -55.74 23.95
CA ASN C 169 11.37 -56.38 24.43
C ASN C 169 11.34 -57.87 24.10
N GLY C 170 12.45 -58.38 23.55
CA GLY C 170 12.52 -59.78 23.21
C GLY C 170 11.56 -60.19 22.10
N ILE C 171 11.27 -59.26 21.20
CA ILE C 171 10.37 -59.54 20.07
C ILE C 171 11.16 -59.92 18.81
N LEU C 172 12.36 -59.36 18.65
CA LEU C 172 13.20 -59.67 17.50
C LEU C 172 13.52 -61.16 17.52
N LYS C 173 13.25 -61.85 16.42
CA LYS C 173 13.52 -63.28 16.37
C LYS C 173 14.54 -63.70 15.33
N VAL C 174 15.13 -62.73 14.63
CA VAL C 174 16.15 -63.04 13.64
C VAL C 174 17.27 -62.00 13.77
N PRO C 175 18.52 -62.44 13.60
CA PRO C 175 19.65 -61.51 13.70
C PRO C 175 19.49 -60.35 12.72
N ALA C 176 19.70 -59.14 13.22
CA ALA C 176 19.59 -57.96 12.38
C ALA C 176 20.92 -57.21 12.39
N ILE C 177 21.18 -56.46 11.33
CA ILE C 177 22.41 -55.69 11.26
C ILE C 177 22.03 -54.24 11.05
N ASN C 178 22.55 -53.38 11.91
CA ASN C 178 22.27 -51.97 11.82
C ASN C 178 23.23 -51.38 10.79
N VAL C 179 22.71 -51.10 9.59
CA VAL C 179 23.52 -50.57 8.52
C VAL C 179 23.53 -49.04 8.52
N ASN C 180 22.50 -48.45 9.12
CA ASN C 180 22.40 -47.00 9.15
C ASN C 180 23.52 -46.41 9.97
N ASP C 181 23.89 -47.11 11.03
CA ASP C 181 24.92 -46.60 11.90
C ASP C 181 26.37 -46.90 11.54
N SER C 182 26.63 -47.18 10.27
CA SER C 182 28.02 -47.37 9.83
C SER C 182 28.37 -45.91 9.61
N VAL C 183 29.63 -45.54 9.76
CA VAL C 183 29.99 -44.14 9.58
C VAL C 183 29.74 -43.72 8.15
N THR C 184 30.09 -44.60 7.21
CA THR C 184 29.93 -44.29 5.79
C THR C 184 28.47 -44.16 5.37
N LYS C 185 27.55 -44.75 6.15
CA LYS C 185 26.15 -44.61 5.82
C LYS C 185 25.58 -43.35 6.46
N SER C 186 25.59 -43.33 7.79
CA SER C 186 25.06 -42.22 8.54
C SER C 186 25.62 -40.84 8.25
N LYS C 187 26.93 -40.67 8.41
CA LYS C 187 27.54 -39.37 8.21
C LYS C 187 27.53 -38.91 6.76
N PHE C 188 27.26 -39.81 5.82
CA PHE C 188 27.25 -39.42 4.43
C PHE C 188 25.88 -39.43 3.78
N ASP C 189 25.13 -40.51 3.98
CA ASP C 189 23.81 -40.61 3.38
C ASP C 189 22.90 -39.57 4.01
N ASN C 190 22.54 -39.81 5.29
CA ASN C 190 21.67 -38.92 6.05
C ASN C 190 22.04 -37.44 5.92
N LEU C 191 23.32 -37.15 6.09
CA LEU C 191 23.78 -35.76 6.05
C LEU C 191 24.00 -35.19 4.65
N TYR C 192 24.96 -35.75 3.91
CA TYR C 192 25.27 -35.25 2.57
C TYR C 192 24.13 -35.51 1.59
N GLY C 193 23.40 -36.60 1.81
CA GLY C 193 22.30 -36.94 0.92
C GLY C 193 21.23 -35.87 0.95
N CYS C 194 20.66 -35.65 2.12
CA CYS C 194 19.61 -34.66 2.28
C CYS C 194 20.08 -33.24 1.95
N ARG C 195 21.38 -32.99 2.13
CA ARG C 195 21.91 -31.68 1.83
C ARG C 195 21.69 -31.40 0.35
N GLU C 196 21.73 -32.47 -0.44
CA GLU C 196 21.55 -32.38 -1.89
C GLU C 196 20.14 -32.59 -2.42
N SER C 197 19.41 -33.54 -1.84
CA SER C 197 18.08 -33.85 -2.32
C SER C 197 16.89 -33.12 -1.70
N LEU C 198 17.09 -32.38 -0.61
CA LEU C 198 15.98 -31.66 0.00
C LEU C 198 15.49 -30.51 -0.85
N ILE C 199 16.38 -29.60 -1.23
CA ILE C 199 16.04 -28.45 -2.06
C ILE C 199 15.56 -28.90 -3.44
N ASP C 200 16.06 -30.05 -3.90
CA ASP C 200 15.67 -30.63 -5.17
C ASP C 200 14.17 -30.89 -5.12
N GLY C 201 13.72 -31.55 -4.06
CA GLY C 201 12.32 -31.83 -3.90
C GLY C 201 11.51 -30.53 -3.79
N ILE C 202 11.96 -29.63 -2.92
CA ILE C 202 11.25 -28.37 -2.73
C ILE C 202 11.15 -27.58 -4.03
N LYS C 203 12.24 -27.54 -4.78
CA LYS C 203 12.28 -26.80 -6.04
C LYS C 203 11.44 -27.43 -7.14
N ARG C 204 11.63 -28.72 -7.37
CA ARG C 204 10.85 -29.38 -8.40
C ARG C 204 9.36 -29.24 -8.10
N ALA C 205 9.01 -29.22 -6.83
CA ALA C 205 7.61 -29.12 -6.43
C ALA C 205 7.06 -27.70 -6.48
N THR C 206 7.80 -26.74 -5.93
CA THR C 206 7.32 -25.36 -5.90
C THR C 206 8.12 -24.38 -6.75
N ASP C 207 9.39 -24.69 -6.98
CA ASP C 207 10.28 -23.83 -7.77
C ASP C 207 10.45 -22.52 -7.03
N VAL C 208 10.26 -22.56 -5.72
CA VAL C 208 10.38 -21.38 -4.88
C VAL C 208 11.83 -20.96 -4.73
N MET C 209 12.05 -19.68 -4.46
CA MET C 209 13.39 -19.19 -4.25
C MET C 209 13.73 -19.37 -2.78
N ILE C 210 14.83 -20.05 -2.50
CA ILE C 210 15.29 -20.29 -1.14
C ILE C 210 15.87 -19.01 -0.50
N ALA C 211 16.68 -18.30 -1.27
CA ALA C 211 17.32 -17.08 -0.81
C ALA C 211 16.39 -16.05 -0.20
N GLY C 212 16.78 -15.50 0.95
CA GLY C 212 15.98 -14.48 1.61
C GLY C 212 14.75 -14.98 2.34
N LYS C 213 14.59 -16.29 2.45
CA LYS C 213 13.42 -16.84 3.14
C LYS C 213 13.85 -17.36 4.49
N VAL C 214 12.88 -17.53 5.39
CA VAL C 214 13.17 -18.04 6.71
C VAL C 214 12.81 -19.51 6.66
N ALA C 215 13.79 -20.39 6.73
CA ALA C 215 13.51 -21.81 6.68
C ALA C 215 13.61 -22.37 8.08
N VAL C 216 12.55 -23.06 8.50
CA VAL C 216 12.52 -23.64 9.83
C VAL C 216 12.76 -25.14 9.70
N VAL C 217 13.82 -25.63 10.34
CA VAL C 217 14.15 -27.05 10.30
C VAL C 217 13.96 -27.65 11.68
N ALA C 218 13.13 -28.69 11.77
CA ALA C 218 12.85 -29.36 13.04
C ALA C 218 13.81 -30.52 13.21
N GLY C 219 14.61 -30.48 14.27
CA GLY C 219 15.57 -31.53 14.52
C GLY C 219 16.89 -31.17 13.87
N TYR C 220 17.98 -31.31 14.63
CA TYR C 220 19.32 -31.02 14.12
C TYR C 220 20.18 -32.27 14.07
N GLY C 221 19.57 -33.41 13.80
CA GLY C 221 20.34 -34.64 13.69
C GLY C 221 21.11 -34.61 12.38
N ASP C 222 21.54 -35.77 11.87
CA ASP C 222 22.27 -35.77 10.61
C ASP C 222 21.43 -35.20 9.45
N VAL C 223 20.15 -35.53 9.41
CA VAL C 223 19.28 -35.03 8.35
C VAL C 223 19.10 -33.52 8.51
N GLY C 224 18.78 -33.08 9.72
CA GLY C 224 18.58 -31.67 9.96
C GLY C 224 19.85 -30.89 9.67
N LYS C 225 20.97 -31.49 10.01
CA LYS C 225 22.27 -30.88 9.76
C LYS C 225 22.45 -30.66 8.26
N GLY C 226 22.09 -31.67 7.48
CA GLY C 226 22.22 -31.58 6.04
C GLY C 226 21.26 -30.57 5.42
N CYS C 227 20.02 -30.58 5.90
CA CYS C 227 19.02 -29.66 5.38
C CYS C 227 19.33 -28.25 5.74
N ALA C 228 19.73 -28.04 7.00
CA ALA C 228 20.05 -26.70 7.51
C ALA C 228 21.15 -26.09 6.67
N GLN C 229 22.14 -26.90 6.35
CA GLN C 229 23.28 -26.48 5.56
C GLN C 229 22.87 -26.18 4.13
N ALA C 230 22.03 -27.03 3.55
CA ALA C 230 21.58 -26.82 2.19
C ALA C 230 20.87 -25.50 2.05
N LEU C 231 19.90 -25.26 2.93
CA LEU C 231 19.13 -24.02 2.92
C LEU C 231 19.99 -22.80 3.20
N ARG C 232 20.91 -22.93 4.15
CA ARG C 232 21.78 -21.83 4.51
C ARG C 232 22.60 -21.39 3.30
N GLY C 233 23.14 -22.38 2.59
CA GLY C 233 23.96 -22.10 1.43
C GLY C 233 23.32 -21.33 0.30
N PHE C 234 21.99 -21.30 0.28
CA PHE C 234 21.28 -20.61 -0.79
C PHE C 234 20.88 -19.21 -0.41
N GLY C 235 21.06 -18.87 0.86
CA GLY C 235 20.71 -17.53 1.29
C GLY C 235 19.49 -17.49 2.18
N ALA C 236 19.10 -18.64 2.72
CA ALA C 236 17.94 -18.69 3.61
C ALA C 236 18.40 -18.50 5.06
N ARG C 237 17.51 -17.99 5.90
CA ARG C 237 17.83 -17.80 7.30
C ARG C 237 17.20 -19.00 7.97
N VAL C 238 18.04 -19.94 8.40
CA VAL C 238 17.58 -21.17 9.03
C VAL C 238 17.40 -21.04 10.53
N ILE C 239 16.24 -21.45 11.03
CA ILE C 239 15.99 -21.45 12.46
C ILE C 239 15.85 -22.93 12.79
N ILE C 240 16.43 -23.35 13.90
CA ILE C 240 16.39 -24.75 14.30
C ILE C 240 15.58 -24.98 15.57
N THR C 241 14.98 -26.16 15.66
CA THR C 241 14.22 -26.55 16.85
C THR C 241 14.79 -27.92 17.21
N GLU C 242 15.03 -28.13 18.50
CA GLU C 242 15.60 -29.39 18.96
C GLU C 242 15.18 -29.72 20.39
N ILE C 243 15.28 -30.99 20.76
CA ILE C 243 14.93 -31.43 22.10
C ILE C 243 16.21 -31.82 22.81
N ASP C 244 17.23 -32.12 22.02
CA ASP C 244 18.52 -32.51 22.55
C ASP C 244 19.40 -31.29 22.78
N PRO C 245 19.91 -31.12 24.01
CA PRO C 245 20.76 -29.97 24.35
C PRO C 245 22.10 -29.97 23.59
N ILE C 246 22.64 -31.16 23.32
CA ILE C 246 23.90 -31.25 22.59
C ILE C 246 23.68 -30.83 21.12
N ASN C 247 22.70 -31.43 20.46
CA ASN C 247 22.42 -31.09 19.08
C ASN C 247 22.02 -29.63 19.00
N ALA C 248 21.46 -29.10 20.08
CA ALA C 248 21.02 -27.70 20.10
C ALA C 248 22.24 -26.80 20.14
N LEU C 249 23.22 -27.18 20.97
CA LEU C 249 24.44 -26.38 21.11
C LEU C 249 25.22 -26.37 19.80
N GLN C 250 25.19 -27.49 19.07
CA GLN C 250 25.90 -27.57 17.79
C GLN C 250 25.27 -26.57 16.84
N ALA C 251 23.94 -26.56 16.78
CA ALA C 251 23.25 -25.62 15.91
C ALA C 251 23.69 -24.20 16.26
N ALA C 252 23.70 -23.90 17.55
CA ALA C 252 24.09 -22.57 18.02
C ALA C 252 25.51 -22.23 17.63
N MET C 253 26.41 -23.18 17.82
CA MET C 253 27.81 -22.96 17.48
C MET C 253 27.99 -22.76 15.97
N GLU C 254 26.96 -23.10 15.20
CA GLU C 254 27.00 -22.96 13.74
C GLU C 254 26.28 -21.71 13.29
N GLY C 255 25.80 -20.92 14.24
CA GLY C 255 25.13 -19.67 13.90
C GLY C 255 23.66 -19.77 13.59
N TYR C 256 23.00 -20.85 14.03
CA TYR C 256 21.58 -21.01 13.79
C TYR C 256 20.80 -20.65 15.05
N GLU C 257 19.75 -19.85 14.91
CA GLU C 257 18.95 -19.51 16.06
C GLU C 257 18.17 -20.78 16.39
N VAL C 258 18.05 -21.09 17.68
CA VAL C 258 17.33 -22.29 18.11
C VAL C 258 16.16 -21.92 19.02
N THR C 259 14.94 -22.15 18.54
CA THR C 259 13.74 -21.87 19.32
C THR C 259 12.77 -23.02 19.23
N THR C 260 11.58 -22.78 19.75
CA THR C 260 10.52 -23.76 19.74
C THR C 260 9.65 -23.51 18.49
N MET C 261 9.00 -24.56 18.01
CA MET C 261 8.14 -24.44 16.85
C MET C 261 7.00 -23.49 17.16
N ASP C 262 6.60 -23.45 18.43
CA ASP C 262 5.52 -22.57 18.87
C ASP C 262 5.86 -21.14 18.53
N GLU C 263 7.16 -20.82 18.61
CA GLU C 263 7.60 -19.47 18.31
C GLU C 263 8.02 -19.32 16.85
N ALA C 264 8.75 -20.30 16.33
CA ALA C 264 9.22 -20.26 14.95
C ALA C 264 8.13 -20.29 13.88
N CYS C 265 7.02 -20.97 14.15
CA CYS C 265 5.93 -21.06 13.20
C CYS C 265 5.45 -19.69 12.72
N LYS C 266 5.53 -18.70 13.60
CA LYS C 266 5.09 -17.35 13.24
C LYS C 266 6.10 -16.65 12.34
N GLU C 267 7.30 -17.23 12.23
CA GLU C 267 8.34 -16.64 11.43
C GLU C 267 8.70 -17.35 10.13
N GLY C 268 8.67 -18.68 10.17
CA GLY C 268 9.02 -19.48 9.01
C GLY C 268 8.32 -19.24 7.68
N ASN C 269 9.07 -19.42 6.59
CA ASN C 269 8.60 -19.27 5.21
C ASN C 269 8.63 -20.66 4.58
N ILE C 270 9.49 -21.52 5.13
CA ILE C 270 9.64 -22.89 4.67
C ILE C 270 9.87 -23.73 5.92
N PHE C 271 9.11 -24.82 6.04
CA PHE C 271 9.23 -25.70 7.20
C PHE C 271 9.64 -27.08 6.75
N VAL C 272 10.65 -27.63 7.42
CA VAL C 272 11.19 -28.94 7.11
C VAL C 272 11.31 -29.75 8.39
N THR C 273 10.61 -30.87 8.46
CA THR C 273 10.67 -31.71 9.65
C THR C 273 11.62 -32.87 9.38
N THR C 274 12.70 -32.93 10.17
CA THR C 274 13.71 -33.96 10.03
C THR C 274 13.73 -34.76 11.31
N THR C 275 12.75 -34.48 12.16
CA THR C 275 12.57 -35.16 13.43
C THR C 275 12.23 -36.63 13.14
N GLY C 276 12.36 -37.48 14.14
CA GLY C 276 11.96 -38.85 13.89
C GLY C 276 10.66 -39.12 14.63
N CYS C 277 9.95 -38.06 15.02
CA CYS C 277 8.72 -38.25 15.77
C CYS C 277 7.48 -37.42 15.43
N VAL C 278 6.36 -37.85 16.02
CA VAL C 278 5.06 -37.23 15.79
C VAL C 278 4.84 -35.82 16.33
N ASP C 279 3.80 -35.19 15.81
CA ASP C 279 3.38 -33.86 16.23
C ASP C 279 4.43 -32.76 16.20
N ILE C 280 5.11 -32.61 15.07
CA ILE C 280 6.10 -31.55 14.97
C ILE C 280 5.37 -30.28 14.51
N ILE C 281 4.57 -30.39 13.46
CA ILE C 281 3.82 -29.23 12.98
C ILE C 281 2.32 -29.51 13.13
N LEU C 282 1.70 -28.82 14.08
CA LEU C 282 0.29 -28.98 14.37
C LEU C 282 -0.57 -27.82 13.85
N GLY C 283 -1.88 -27.95 14.03
CA GLY C 283 -2.78 -26.92 13.56
C GLY C 283 -2.51 -25.60 14.22
N ARG C 284 -2.14 -25.65 15.49
CA ARG C 284 -1.86 -24.42 16.23
C ARG C 284 -0.74 -23.64 15.56
N HIS C 285 0.11 -24.35 14.83
CA HIS C 285 1.24 -23.76 14.11
C HIS C 285 0.75 -23.27 12.76
N PHE C 286 0.05 -24.16 12.04
CA PHE C 286 -0.49 -23.82 10.74
C PHE C 286 -1.24 -22.49 10.78
N GLU C 287 -2.01 -22.29 11.85
CA GLU C 287 -2.80 -21.07 11.99
C GLU C 287 -1.95 -19.82 12.13
N GLN C 288 -0.68 -20.01 12.45
CA GLN C 288 0.25 -18.89 12.64
C GLN C 288 1.07 -18.56 11.42
N MET C 289 1.35 -19.57 10.61
CA MET C 289 2.16 -19.45 9.40
C MET C 289 1.83 -18.32 8.45
N LYS C 290 2.89 -17.72 7.90
CA LYS C 290 2.78 -16.65 6.91
C LYS C 290 2.11 -17.23 5.66
N ASP C 291 1.49 -16.37 4.87
CA ASP C 291 0.83 -16.80 3.65
C ASP C 291 1.75 -17.58 2.71
N ASP C 292 1.20 -18.64 2.13
CA ASP C 292 1.93 -19.46 1.18
C ASP C 292 3.16 -20.13 1.74
N ALA C 293 3.12 -20.43 3.04
CA ALA C 293 4.25 -21.08 3.69
C ALA C 293 4.34 -22.49 3.14
N ILE C 294 5.54 -22.90 2.72
CA ILE C 294 5.73 -24.23 2.17
C ILE C 294 6.09 -25.19 3.28
N VAL C 295 5.27 -26.22 3.48
CA VAL C 295 5.53 -27.19 4.53
C VAL C 295 5.85 -28.55 3.90
N CYS C 296 6.87 -29.22 4.43
CA CYS C 296 7.25 -30.53 3.92
C CYS C 296 8.00 -31.29 5.00
N ASN C 297 8.02 -32.61 4.86
CA ASN C 297 8.66 -33.50 5.81
C ASN C 297 9.72 -34.35 5.11
N ILE C 298 10.86 -34.57 5.77
CA ILE C 298 11.90 -35.38 5.18
C ILE C 298 12.31 -36.53 6.11
N GLY C 299 11.70 -36.57 7.30
CA GLY C 299 11.98 -37.65 8.23
C GLY C 299 11.29 -38.87 7.65
N HIS C 300 11.92 -40.04 7.71
CA HIS C 300 11.37 -41.28 7.13
C HIS C 300 9.84 -41.45 7.06
N PHE C 301 9.12 -41.14 8.13
CA PHE C 301 7.66 -41.33 8.12
C PHE C 301 6.89 -40.04 7.93
N ASP C 302 5.58 -40.17 7.71
CA ASP C 302 4.69 -39.02 7.47
C ASP C 302 3.83 -38.63 8.68
N VAL C 303 4.35 -38.93 9.87
CA VAL C 303 3.66 -38.64 11.13
C VAL C 303 4.08 -37.31 11.78
N GLU C 304 5.01 -36.60 11.15
CA GLU C 304 5.51 -35.37 11.73
C GLU C 304 4.67 -34.14 11.49
N ILE C 305 4.00 -34.08 10.35
CA ILE C 305 3.13 -32.93 10.02
C ILE C 305 1.70 -33.41 10.16
N ASP C 306 0.85 -32.60 10.76
CA ASP C 306 -0.54 -33.00 10.94
C ASP C 306 -1.30 -32.59 9.68
N VAL C 307 -1.32 -33.49 8.70
CA VAL C 307 -1.99 -33.22 7.45
C VAL C 307 -3.50 -33.34 7.61
N LYS C 308 -3.92 -34.27 8.46
CA LYS C 308 -5.34 -34.49 8.70
C LYS C 308 -5.95 -33.16 9.08
N TRP C 309 -5.29 -32.46 9.99
CA TRP C 309 -5.77 -31.17 10.45
C TRP C 309 -5.98 -30.22 9.28
N LEU C 310 -4.99 -30.16 8.39
CA LEU C 310 -5.09 -29.29 7.24
C LEU C 310 -6.36 -29.67 6.47
N ASN C 311 -6.50 -30.97 6.23
CA ASN C 311 -7.63 -31.48 5.50
C ASN C 311 -8.96 -31.22 6.16
N GLU C 312 -8.99 -31.26 7.49
CA GLU C 312 -10.23 -31.04 8.20
C GLU C 312 -10.45 -29.62 8.74
N ASN C 313 -9.54 -28.70 8.47
CA ASN C 313 -9.72 -27.33 8.96
C ASN C 313 -9.64 -26.26 7.89
N ALA C 314 -8.92 -26.57 6.81
CA ALA C 314 -8.77 -25.61 5.72
C ALA C 314 -10.10 -25.28 5.07
N VAL C 315 -10.28 -24.03 4.73
CA VAL C 315 -11.50 -23.58 4.07
C VAL C 315 -11.65 -24.34 2.76
N GLU C 316 -10.53 -24.59 2.08
CA GLU C 316 -10.56 -25.32 0.83
C GLU C 316 -9.16 -25.79 0.45
N LYS C 317 -9.08 -26.89 -0.29
CA LYS C 317 -7.81 -27.44 -0.72
C LYS C 317 -7.79 -27.58 -2.24
N VAL C 318 -6.70 -27.10 -2.85
CA VAL C 318 -6.56 -27.17 -4.30
C VAL C 318 -5.24 -27.83 -4.66
N ASN C 319 -5.31 -28.91 -5.44
CA ASN C 319 -4.10 -29.59 -5.86
C ASN C 319 -3.47 -28.82 -7.03
N ILE C 320 -2.20 -28.46 -6.90
CA ILE C 320 -1.53 -27.73 -7.98
C ILE C 320 -1.05 -28.72 -9.03
N LYS C 321 -0.56 -29.87 -8.55
CA LYS C 321 -0.07 -30.95 -9.39
C LYS C 321 0.28 -32.10 -8.45
N PRO C 322 0.67 -33.25 -9.01
CA PRO C 322 0.99 -34.36 -8.12
C PRO C 322 1.93 -33.99 -6.95
N GLN C 323 1.54 -34.41 -5.76
CA GLN C 323 2.30 -34.20 -4.54
C GLN C 323 2.48 -32.73 -4.16
N VAL C 324 1.61 -31.86 -4.66
CA VAL C 324 1.70 -30.44 -4.33
C VAL C 324 0.28 -29.90 -4.17
N ASP C 325 -0.06 -29.57 -2.92
CA ASP C 325 -1.39 -29.05 -2.60
C ASP C 325 -1.31 -27.71 -1.91
N ARG C 326 -2.26 -26.84 -2.22
CA ARG C 326 -2.33 -25.51 -1.62
C ARG C 326 -3.64 -25.34 -0.86
N TYR C 327 -3.57 -25.38 0.45
CA TYR C 327 -4.76 -25.21 1.29
C TYR C 327 -5.01 -23.76 1.63
N LEU C 328 -6.27 -23.37 1.71
CA LEU C 328 -6.62 -22.01 2.07
C LEU C 328 -7.18 -22.10 3.48
N LEU C 329 -6.60 -21.34 4.41
CA LEU C 329 -7.05 -21.39 5.80
C LEU C 329 -8.08 -20.30 6.08
N LYS C 330 -8.90 -20.54 7.09
CA LYS C 330 -9.93 -19.58 7.45
C LYS C 330 -9.38 -18.18 7.62
N ASN C 331 -8.12 -18.09 8.05
CA ASN C 331 -7.48 -16.79 8.27
C ASN C 331 -7.12 -16.10 6.97
N GLY C 332 -7.41 -16.76 5.85
CA GLY C 332 -7.11 -16.19 4.56
C GLY C 332 -5.68 -16.46 4.11
N HIS C 333 -4.97 -17.31 4.84
CA HIS C 333 -3.59 -17.64 4.53
C HIS C 333 -3.53 -18.97 3.81
N ARG C 334 -2.69 -19.04 2.78
CA ARG C 334 -2.51 -20.27 2.02
C ARG C 334 -1.34 -21.04 2.59
N ILE C 335 -1.38 -22.35 2.43
CA ILE C 335 -0.33 -23.23 2.93
C ILE C 335 -0.04 -24.27 1.86
N ILE C 336 1.20 -24.32 1.40
CA ILE C 336 1.60 -25.28 0.39
C ILE C 336 2.19 -26.53 1.03
N LEU C 337 1.44 -27.63 0.98
CA LEU C 337 1.89 -28.90 1.54
C LEU C 337 2.59 -29.70 0.44
N LEU C 338 3.69 -30.35 0.77
CA LEU C 338 4.41 -31.13 -0.24
C LEU C 338 4.38 -32.63 0.04
N ALA C 339 4.19 -33.42 -1.03
CA ALA C 339 4.15 -34.88 -0.94
C ALA C 339 3.21 -35.41 0.14
N GLU C 340 2.16 -34.65 0.40
CA GLU C 340 1.18 -35.06 1.41
C GLU C 340 1.81 -35.40 2.75
N GLY C 341 2.89 -34.70 3.10
CA GLY C 341 3.56 -34.92 4.37
C GLY C 341 4.52 -36.09 4.38
N ARG C 342 4.83 -36.62 3.21
CA ARG C 342 5.75 -37.75 3.10
C ARG C 342 7.12 -37.23 2.68
N LEU C 343 8.10 -38.14 2.63
CA LEU C 343 9.48 -37.77 2.28
C LEU C 343 9.46 -36.89 1.04
N VAL C 344 9.89 -35.65 1.21
CA VAL C 344 9.90 -34.68 0.13
C VAL C 344 10.96 -34.96 -0.97
N ASN C 345 12.16 -35.34 -0.58
CA ASN C 345 13.20 -35.60 -1.57
C ASN C 345 12.85 -36.78 -2.50
N LEU C 346 12.29 -37.85 -1.92
CA LEU C 346 11.93 -39.04 -2.69
C LEU C 346 10.54 -38.93 -3.34
N GLY C 347 9.71 -38.08 -2.78
CA GLY C 347 8.37 -37.94 -3.31
C GLY C 347 8.17 -36.82 -4.32
N CYS C 348 8.99 -35.78 -4.25
CA CYS C 348 8.86 -34.66 -5.16
C CYS C 348 10.09 -34.55 -6.05
N ALA C 349 11.05 -35.43 -5.80
CA ALA C 349 12.30 -35.45 -6.55
C ALA C 349 12.77 -36.89 -6.68
N MET C 350 14.02 -37.08 -7.09
CA MET C 350 14.56 -38.42 -7.28
C MET C 350 15.42 -38.99 -6.12
N GLY C 351 15.18 -38.53 -4.90
CA GLY C 351 15.93 -39.02 -3.76
C GLY C 351 17.36 -38.55 -3.73
N HIS C 352 18.21 -39.26 -2.99
CA HIS C 352 19.61 -38.89 -2.89
C HIS C 352 20.37 -39.25 -4.16
N PRO C 353 21.48 -38.55 -4.43
CA PRO C 353 22.26 -38.86 -5.63
C PRO C 353 22.84 -40.26 -5.53
N SER C 354 23.25 -40.81 -6.66
CA SER C 354 23.79 -42.16 -6.72
C SER C 354 25.08 -42.35 -5.92
N PHE C 355 26.02 -41.42 -6.08
CA PHE C 355 27.29 -41.56 -5.39
C PHE C 355 27.14 -41.82 -3.92
N VAL C 356 26.27 -41.06 -3.26
CA VAL C 356 26.09 -41.24 -1.83
C VAL C 356 25.32 -42.52 -1.51
N MET C 357 24.37 -42.89 -2.37
CA MET C 357 23.60 -44.11 -2.16
C MET C 357 24.52 -45.32 -2.28
N SER C 358 25.59 -45.18 -3.06
CA SER C 358 26.55 -46.26 -3.23
C SER C 358 27.17 -46.64 -1.88
N ASN C 359 27.36 -45.63 -1.02
CA ASN C 359 27.96 -45.84 0.30
C ASN C 359 27.04 -46.73 1.14
N SER C 360 25.79 -46.31 1.27
CA SER C 360 24.82 -47.08 2.04
C SER C 360 24.61 -48.46 1.48
N PHE C 361 24.36 -48.54 0.17
CA PHE C 361 24.12 -49.82 -0.48
C PHE C 361 25.30 -50.77 -0.45
N THR C 362 26.51 -50.24 -0.44
CA THR C 362 27.69 -51.09 -0.35
C THR C 362 27.62 -51.71 1.05
N ASN C 363 27.24 -50.89 2.03
CA ASN C 363 27.12 -51.34 3.42
C ASN C 363 26.03 -52.42 3.44
N GLN C 364 24.98 -52.18 2.66
CA GLN C 364 23.87 -53.12 2.58
C GLN C 364 24.34 -54.46 2.02
N VAL C 365 25.08 -54.43 0.92
CA VAL C 365 25.57 -55.67 0.32
C VAL C 365 26.48 -56.41 1.29
N MET C 366 27.32 -55.67 2.00
CA MET C 366 28.23 -56.27 2.98
C MET C 366 27.46 -56.99 4.11
N ALA C 367 26.39 -56.36 4.58
CA ALA C 367 25.58 -56.95 5.64
C ALA C 367 24.87 -58.22 5.16
N GLN C 368 24.47 -58.23 3.89
CA GLN C 368 23.79 -59.39 3.30
C GLN C 368 24.74 -60.56 3.25
N ILE C 369 25.99 -60.29 2.88
CA ILE C 369 27.00 -61.33 2.81
C ILE C 369 27.42 -61.83 4.20
N GLU C 370 27.49 -60.90 5.16
CA GLU C 370 27.88 -61.26 6.52
C GLU C 370 26.83 -62.19 7.13
N LEU C 371 25.59 -61.73 7.16
CA LEU C 371 24.48 -62.48 7.71
C LEU C 371 24.26 -63.82 7.00
N TRP C 372 24.36 -63.80 5.68
CA TRP C 372 24.16 -65.01 4.90
C TRP C 372 25.36 -65.95 5.01
N THR C 373 26.53 -65.41 4.71
CA THR C 373 27.78 -66.16 4.72
C THR C 373 28.35 -66.53 6.09
N HIS C 374 28.30 -65.60 7.05
CA HIS C 374 28.81 -65.91 8.39
C HIS C 374 27.64 -65.72 9.35
N PRO C 375 26.74 -66.70 9.41
CA PRO C 375 25.56 -66.64 10.28
C PRO C 375 25.86 -66.75 11.77
N ASP C 376 26.67 -67.73 12.12
CA ASP C 376 27.04 -67.99 13.50
C ASP C 376 27.81 -66.85 14.13
N LYS C 377 28.11 -65.83 13.33
CA LYS C 377 28.84 -64.67 13.81
C LYS C 377 27.82 -63.66 14.36
N TYR C 378 26.55 -63.85 14.00
CA TYR C 378 25.51 -62.94 14.44
C TYR C 378 24.31 -63.57 15.16
N PRO C 379 24.40 -63.69 16.50
CA PRO C 379 23.27 -64.28 17.21
C PRO C 379 22.07 -63.32 17.13
N VAL C 380 20.88 -63.77 17.49
CA VAL C 380 19.70 -62.91 17.43
C VAL C 380 19.94 -61.65 18.24
N GLY C 381 19.81 -60.51 17.56
CA GLY C 381 20.04 -59.21 18.17
C GLY C 381 20.40 -58.30 17.03
N VAL C 382 20.70 -57.04 17.30
CA VAL C 382 21.06 -56.12 16.22
C VAL C 382 22.55 -55.72 16.32
N HIS C 383 23.30 -55.99 15.26
CA HIS C 383 24.73 -55.70 15.23
C HIS C 383 25.18 -54.59 14.26
N PHE C 384 26.46 -54.26 14.34
CA PHE C 384 27.07 -53.25 13.50
C PHE C 384 28.10 -53.95 12.58
N LEU C 385 28.48 -53.27 11.50
CA LEU C 385 29.45 -53.82 10.58
C LEU C 385 30.81 -53.45 11.17
N PRO C 386 31.80 -54.34 11.06
CA PRO C 386 33.11 -53.99 11.64
C PRO C 386 33.73 -52.75 10.99
N LYS C 387 34.51 -52.00 11.77
CA LYS C 387 35.14 -50.80 11.25
C LYS C 387 35.94 -51.06 9.99
N LYS C 388 36.61 -52.20 9.93
CA LYS C 388 37.41 -52.52 8.75
C LYS C 388 36.57 -52.44 7.49
N LEU C 389 35.34 -52.93 7.58
CA LEU C 389 34.44 -52.92 6.44
C LEU C 389 33.96 -51.50 6.21
N ASP C 390 33.79 -50.77 7.31
CA ASP C 390 33.32 -49.40 7.23
C ASP C 390 34.36 -48.58 6.43
N GLU C 391 35.63 -48.72 6.78
CA GLU C 391 36.67 -47.98 6.10
C GLU C 391 36.82 -48.46 4.66
N ALA C 392 36.59 -49.75 4.45
CA ALA C 392 36.68 -50.31 3.10
C ALA C 392 35.63 -49.64 2.22
N VAL C 393 34.45 -49.39 2.78
CA VAL C 393 33.39 -48.75 2.03
C VAL C 393 33.78 -47.34 1.62
N ALA C 394 34.47 -46.60 2.48
CA ALA C 394 34.86 -45.24 2.15
C ALA C 394 35.95 -45.30 1.13
N GLU C 395 36.86 -46.23 1.35
CA GLU C 395 38.00 -46.42 0.47
C GLU C 395 37.58 -46.64 -0.97
N ALA C 396 36.53 -47.43 -1.15
CA ALA C 396 36.02 -47.75 -2.48
C ALA C 396 35.58 -46.53 -3.29
N HIS C 397 35.22 -45.44 -2.62
CA HIS C 397 34.76 -44.25 -3.33
C HIS C 397 35.82 -43.18 -3.49
N LEU C 398 36.97 -43.38 -2.86
CA LEU C 398 38.06 -42.43 -2.94
C LEU C 398 38.57 -42.27 -4.39
N GLY C 399 38.75 -43.38 -5.08
CA GLY C 399 39.24 -43.34 -6.44
C GLY C 399 38.46 -42.43 -7.38
N LYS C 400 37.15 -42.62 -7.45
CA LYS C 400 36.31 -41.81 -8.32
C LYS C 400 36.53 -40.32 -8.09
N LEU C 401 36.71 -39.93 -6.82
CA LEU C 401 36.91 -38.52 -6.46
C LEU C 401 38.36 -38.11 -6.64
N ASN C 402 39.21 -39.07 -6.97
CA ASN C 402 40.62 -38.79 -7.17
C ASN C 402 41.32 -38.37 -5.88
N VAL C 403 40.85 -38.89 -4.75
CA VAL C 403 41.48 -38.59 -3.47
C VAL C 403 42.73 -39.45 -3.36
N LYS C 404 43.82 -38.87 -2.86
CA LYS C 404 45.06 -39.61 -2.70
C LYS C 404 45.30 -39.78 -1.22
N LEU C 405 45.04 -40.98 -0.73
CA LEU C 405 45.20 -41.28 0.68
C LEU C 405 46.67 -41.41 1.00
N THR C 406 47.02 -41.06 2.23
CA THR C 406 48.38 -41.16 2.70
C THR C 406 48.51 -42.50 3.39
N LYS C 407 49.71 -43.05 3.36
CA LYS C 407 49.98 -44.33 4.00
C LYS C 407 50.98 -44.15 5.14
N LEU C 408 50.60 -44.60 6.32
CA LEU C 408 51.45 -44.48 7.47
C LEU C 408 52.75 -45.22 7.17
N THR C 409 53.85 -44.73 7.73
CA THR C 409 55.14 -45.40 7.55
C THR C 409 55.21 -46.38 8.71
N GLU C 410 56.11 -47.35 8.63
CA GLU C 410 56.25 -48.30 9.73
C GLU C 410 56.51 -47.54 11.01
N LYS C 411 57.26 -46.45 10.88
CA LYS C 411 57.62 -45.61 12.02
C LYS C 411 56.40 -44.92 12.60
N GLN C 412 55.58 -44.33 11.73
CA GLN C 412 54.37 -43.65 12.17
C GLN C 412 53.38 -44.66 12.73
N ALA C 413 53.13 -45.73 11.97
CA ALA C 413 52.19 -46.76 12.40
C ALA C 413 52.56 -47.24 13.80
N GLN C 414 53.86 -47.28 14.06
CA GLN C 414 54.39 -47.70 15.35
C GLN C 414 54.13 -46.65 16.41
N TYR C 415 54.42 -45.40 16.06
CA TYR C 415 54.24 -44.28 16.98
C TYR C 415 52.78 -44.16 17.40
N LEU C 416 51.88 -44.22 16.43
CA LEU C 416 50.45 -44.13 16.71
C LEU C 416 49.94 -45.43 17.33
N GLY C 417 50.74 -46.48 17.21
CA GLY C 417 50.35 -47.76 17.75
C GLY C 417 49.18 -48.38 17.02
N MET C 418 49.15 -48.23 15.69
CA MET C 418 48.09 -48.81 14.88
C MET C 418 48.66 -49.37 13.59
N PRO C 419 47.91 -50.24 12.89
CA PRO C 419 48.38 -50.83 11.65
C PRO C 419 48.32 -49.89 10.45
N ILE C 420 49.23 -50.09 9.50
CA ILE C 420 49.28 -49.28 8.29
C ILE C 420 47.88 -49.29 7.62
N ASN C 421 47.20 -50.42 7.70
CA ASN C 421 45.86 -50.54 7.13
C ASN C 421 44.81 -50.71 8.22
N GLY C 422 45.16 -51.47 9.26
CA GLY C 422 44.25 -51.74 10.36
C GLY C 422 43.39 -50.55 10.71
N PRO C 423 42.19 -50.77 11.28
CA PRO C 423 41.31 -49.65 11.63
C PRO C 423 42.11 -48.51 12.25
N PHE C 424 41.82 -47.30 11.79
CA PHE C 424 42.53 -46.11 12.25
C PHE C 424 41.85 -45.35 13.38
N LYS C 425 40.72 -45.85 13.88
CA LYS C 425 40.01 -45.16 14.96
C LYS C 425 39.35 -46.09 15.94
N PRO C 426 39.27 -45.68 17.22
CA PRO C 426 38.65 -46.48 18.27
C PRO C 426 37.16 -46.60 17.98
N ASP C 427 36.52 -47.63 18.50
CA ASP C 427 35.10 -47.83 18.28
C ASP C 427 34.21 -46.66 18.70
N HIS C 428 34.67 -45.88 19.67
CA HIS C 428 33.88 -44.73 20.14
C HIS C 428 34.09 -43.48 19.30
N TYR C 429 34.97 -43.56 18.30
CA TYR C 429 35.22 -42.40 17.46
C TYR C 429 33.95 -41.99 16.70
N ARG C 430 33.64 -40.69 16.73
CA ARG C 430 32.45 -40.18 16.08
C ARG C 430 32.66 -39.50 14.73
N TYR C 431 33.91 -39.32 14.33
CA TYR C 431 34.18 -38.67 13.07
C TYR C 431 33.49 -37.32 13.07
N ASP D 2 58.48 -27.09 52.49
CA ASP D 2 59.62 -27.52 51.62
C ASP D 2 60.04 -26.41 50.65
N LYS D 3 59.72 -26.58 49.38
CA LYS D 3 60.05 -25.61 48.34
C LYS D 3 59.19 -24.35 48.44
N LEU D 4 59.38 -23.43 47.49
CA LEU D 4 58.65 -22.17 47.48
C LEU D 4 57.15 -22.41 47.47
N PRO D 5 56.35 -21.35 47.70
CA PRO D 5 54.91 -21.51 47.71
C PRO D 5 54.36 -21.52 46.29
N TYR D 6 55.12 -20.94 45.38
CA TYR D 6 54.75 -20.87 43.99
C TYR D 6 55.87 -20.17 43.28
N LYS D 7 55.76 -20.08 41.97
CA LYS D 7 56.74 -19.35 41.21
C LYS D 7 56.15 -19.06 39.85
N VAL D 8 56.10 -17.79 39.51
CA VAL D 8 55.54 -17.34 38.25
C VAL D 8 56.51 -16.36 37.61
N ALA D 9 56.12 -15.77 36.48
CA ALA D 9 57.01 -14.84 35.80
C ALA D 9 57.05 -13.46 36.48
N ASP D 10 55.89 -12.98 36.92
CA ASP D 10 55.81 -11.69 37.58
C ASP D 10 54.47 -11.64 38.29
N ILE D 11 54.50 -11.48 39.61
CA ILE D 11 53.25 -11.45 40.36
C ILE D 11 52.59 -10.08 40.26
N GLY D 12 53.27 -9.16 39.59
CA GLY D 12 52.71 -7.83 39.43
C GLY D 12 51.58 -7.86 38.42
N LEU D 13 51.47 -8.99 37.72
CA LEU D 13 50.45 -9.18 36.70
C LEU D 13 49.09 -9.62 37.26
N ALA D 14 49.07 -10.00 38.54
CA ALA D 14 47.87 -10.45 39.22
C ALA D 14 46.62 -9.58 39.05
N ALA D 15 46.76 -8.28 39.24
CA ALA D 15 45.60 -7.38 39.11
C ALA D 15 44.95 -7.54 37.74
N TRP D 16 45.77 -7.41 36.69
CA TRP D 16 45.28 -7.53 35.32
C TRP D 16 44.74 -8.94 35.09
N GLY D 17 45.48 -9.95 35.56
CA GLY D 17 45.03 -11.31 35.39
C GLY D 17 43.63 -11.50 36.00
N ARG D 18 43.37 -10.81 37.11
CA ARG D 18 42.09 -10.94 37.78
C ARG D 18 40.92 -10.38 36.99
N LYS D 19 41.16 -9.30 36.27
CA LYS D 19 40.10 -8.68 35.47
C LYS D 19 39.76 -9.64 34.33
N ALA D 20 40.80 -10.26 33.79
CA ALA D 20 40.61 -11.20 32.72
C ALA D 20 39.77 -12.36 33.27
N LEU D 21 40.10 -12.84 34.47
CA LEU D 21 39.38 -13.94 35.09
C LEU D 21 37.93 -13.53 35.31
N ASP D 22 37.73 -12.26 35.62
CA ASP D 22 36.38 -11.76 35.85
C ASP D 22 35.53 -11.83 34.59
N ILE D 23 36.09 -11.36 33.48
CA ILE D 23 35.37 -11.40 32.20
C ILE D 23 35.23 -12.86 31.80
N ALA D 24 36.30 -13.63 31.97
CA ALA D 24 36.31 -15.06 31.64
C ALA D 24 35.15 -15.81 32.29
N GLU D 25 34.98 -15.60 33.60
CA GLU D 25 33.94 -16.28 34.35
C GLU D 25 32.57 -16.10 33.72
N ASN D 26 32.29 -14.87 33.27
CA ASN D 26 31.00 -14.54 32.65
C ASN D 26 30.82 -15.24 31.30
N GLU D 27 31.89 -15.88 30.83
CA GLU D 27 31.84 -16.59 29.55
C GLU D 27 31.83 -18.09 29.73
N MET D 28 32.01 -18.59 30.95
CA MET D 28 32.02 -20.03 31.17
C MET D 28 30.92 -20.41 32.16
N PRO D 29 29.68 -20.48 31.68
CA PRO D 29 28.50 -20.83 32.48
C PRO D 29 28.58 -22.21 33.12
N GLY D 30 29.20 -23.15 32.41
CA GLY D 30 29.31 -24.49 32.93
C GLY D 30 30.04 -24.52 34.24
N LEU D 31 31.21 -23.89 34.27
CA LEU D 31 32.03 -23.85 35.47
C LEU D 31 31.32 -23.11 36.59
N MET D 32 30.73 -21.97 36.25
CA MET D 32 30.03 -21.18 37.24
C MET D 32 28.85 -21.94 37.78
N ARG D 33 28.18 -22.72 36.94
CA ARG D 33 27.03 -23.48 37.41
C ARG D 33 27.50 -24.58 38.33
N MET D 34 28.69 -25.11 38.07
CA MET D 34 29.25 -26.15 38.90
C MET D 34 29.50 -25.53 40.27
N ARG D 35 29.94 -24.28 40.25
CA ARG D 35 30.24 -23.53 41.47
C ARG D 35 28.94 -23.31 42.22
N GLU D 36 27.93 -22.85 41.49
CA GLU D 36 26.61 -22.58 42.08
C GLU D 36 26.09 -23.77 42.85
N MET D 37 26.14 -24.94 42.23
CA MET D 37 25.62 -26.14 42.85
C MET D 37 26.46 -26.84 43.91
N TYR D 38 27.77 -26.85 43.73
CA TYR D 38 28.60 -27.58 44.68
C TYR D 38 29.47 -26.79 45.64
N SER D 39 29.41 -25.47 45.59
CA SER D 39 30.22 -24.67 46.49
C SER D 39 29.94 -25.04 47.95
N ALA D 40 28.66 -25.21 48.27
CA ALA D 40 28.24 -25.55 49.63
C ALA D 40 28.64 -26.98 50.00
N SER D 41 28.21 -27.94 49.18
CA SER D 41 28.52 -29.33 49.43
C SER D 41 30.01 -29.65 49.43
N LYS D 42 30.81 -28.89 48.69
CA LYS D 42 32.25 -29.14 48.66
C LYS D 42 32.51 -30.62 48.38
N PRO D 43 31.95 -31.14 47.28
CA PRO D 43 32.16 -32.55 46.93
C PRO D 43 33.61 -32.97 46.79
N LEU D 44 34.49 -32.01 46.54
CA LEU D 44 35.90 -32.31 46.37
C LEU D 44 36.74 -32.12 47.63
N LYS D 45 36.06 -31.96 48.76
CA LYS D 45 36.77 -31.79 50.02
C LYS D 45 37.62 -33.02 50.31
N GLY D 46 38.87 -32.81 50.73
CA GLY D 46 39.75 -33.91 51.04
C GLY D 46 40.57 -34.33 49.84
N ALA D 47 40.31 -33.70 48.71
CA ALA D 47 41.05 -34.03 47.51
C ALA D 47 42.25 -33.12 47.38
N ARG D 48 43.36 -33.69 46.92
CA ARG D 48 44.57 -32.94 46.70
C ARG D 48 44.88 -33.20 45.24
N ILE D 49 44.34 -32.32 44.39
CA ILE D 49 44.49 -32.41 42.95
C ILE D 49 45.74 -31.77 42.40
N ALA D 50 46.58 -32.58 41.81
CA ALA D 50 47.79 -32.09 41.18
C ALA D 50 47.38 -31.92 39.73
N GLY D 51 47.42 -30.70 39.23
CA GLY D 51 47.04 -30.46 37.84
C GLY D 51 48.20 -30.10 36.93
N CYS D 52 48.15 -30.61 35.70
CA CYS D 52 49.17 -30.30 34.70
C CYS D 52 48.34 -30.01 33.45
N LEU D 53 48.11 -28.73 33.21
CA LEU D 53 47.31 -28.26 32.08
C LEU D 53 47.70 -26.81 31.83
N HIS D 54 47.83 -26.44 30.56
CA HIS D 54 48.24 -25.07 30.18
C HIS D 54 47.63 -24.09 31.17
N MET D 55 48.45 -23.20 31.70
CA MET D 55 48.00 -22.25 32.71
C MET D 55 47.55 -20.96 32.03
N THR D 56 46.28 -20.96 31.64
CA THR D 56 45.67 -19.84 30.95
C THR D 56 44.54 -19.29 31.80
N VAL D 57 43.90 -18.22 31.32
CA VAL D 57 42.80 -17.62 32.05
C VAL D 57 41.67 -18.62 32.30
N GLU D 58 41.42 -19.49 31.33
CA GLU D 58 40.34 -20.46 31.46
C GLU D 58 40.75 -21.52 32.46
N THR D 59 42.03 -21.89 32.45
CA THR D 59 42.50 -22.89 33.40
C THR D 59 42.50 -22.30 34.80
N ALA D 60 42.53 -20.97 34.87
CA ALA D 60 42.51 -20.27 36.13
C ALA D 60 41.11 -20.37 36.74
N VAL D 61 40.09 -20.24 35.89
CA VAL D 61 38.70 -20.33 36.33
C VAL D 61 38.43 -21.79 36.72
N LEU D 62 39.10 -22.71 36.05
CA LEU D 62 38.92 -24.11 36.38
C LEU D 62 39.48 -24.36 37.77
N ILE D 63 40.73 -23.92 37.97
CA ILE D 63 41.40 -24.10 39.26
C ILE D 63 40.56 -23.57 40.40
N GLU D 64 40.10 -22.34 40.25
CA GLU D 64 39.28 -21.71 41.28
C GLU D 64 37.95 -22.41 41.47
N THR D 65 37.48 -23.13 40.46
CA THR D 65 36.20 -23.82 40.59
C THR D 65 36.41 -25.09 41.40
N LEU D 66 37.54 -25.75 41.15
CA LEU D 66 37.88 -26.97 41.87
C LEU D 66 38.00 -26.61 43.34
N VAL D 67 38.61 -25.46 43.60
CA VAL D 67 38.82 -24.96 44.96
C VAL D 67 37.49 -24.62 45.63
N ALA D 68 36.62 -23.94 44.90
CA ALA D 68 35.33 -23.57 45.46
C ALA D 68 34.55 -24.83 45.83
N LEU D 69 34.98 -25.97 45.29
CA LEU D 69 34.31 -27.23 45.56
C LEU D 69 35.00 -28.01 46.68
N GLY D 70 35.88 -27.33 47.40
CA GLY D 70 36.58 -27.95 48.51
C GLY D 70 37.86 -28.69 48.20
N ALA D 71 38.34 -28.59 46.97
CA ALA D 71 39.54 -29.28 46.60
C ALA D 71 40.80 -28.51 47.00
N GLU D 72 41.94 -29.18 46.94
CA GLU D 72 43.23 -28.58 47.24
C GLU D 72 44.08 -28.86 46.01
N VAL D 73 44.57 -27.80 45.37
CA VAL D 73 45.35 -28.00 44.16
C VAL D 73 46.73 -27.34 44.10
N ARG D 74 47.57 -27.88 43.22
CA ARG D 74 48.92 -27.38 42.95
C ARG D 74 49.01 -27.49 41.44
N TRP D 75 49.17 -26.38 40.74
CA TRP D 75 49.20 -26.45 39.29
C TRP D 75 50.54 -26.32 38.61
N SER D 76 50.52 -26.54 37.30
CA SER D 76 51.70 -26.45 36.46
C SER D 76 51.15 -26.51 35.04
N SER D 77 51.86 -25.91 34.09
CA SER D 77 51.40 -25.97 32.71
C SER D 77 51.92 -27.27 32.13
N CYS D 78 51.37 -27.69 30.99
CA CYS D 78 51.82 -28.91 30.35
C CYS D 78 52.57 -28.52 29.09
N ASN D 79 52.83 -27.20 28.96
CA ASN D 79 53.54 -26.65 27.80
C ASN D 79 54.42 -25.52 28.30
N ILE D 80 55.65 -25.45 27.78
CA ILE D 80 56.59 -24.41 28.19
C ILE D 80 56.29 -23.04 27.60
N PHE D 81 55.39 -22.99 26.62
CA PHE D 81 55.01 -21.73 25.96
C PHE D 81 53.56 -21.33 26.20
N SER D 82 52.71 -22.31 26.51
CA SER D 82 51.28 -22.08 26.69
C SER D 82 50.82 -21.23 27.86
N THR D 83 51.67 -21.02 28.86
CA THR D 83 51.25 -20.23 30.03
C THR D 83 50.87 -18.78 29.76
N GLN D 84 49.86 -18.32 30.48
CA GLN D 84 49.40 -16.94 30.37
C GLN D 84 49.80 -16.35 31.72
N ASP D 85 50.94 -15.68 31.75
CA ASP D 85 51.47 -15.10 32.99
C ASP D 85 50.55 -14.24 33.87
N HIS D 86 49.66 -13.45 33.30
CA HIS D 86 48.79 -12.64 34.16
C HIS D 86 47.79 -13.55 34.84
N ALA D 87 47.45 -14.66 34.17
CA ALA D 87 46.48 -15.61 34.73
C ALA D 87 47.16 -16.37 35.88
N ALA D 88 48.41 -16.76 35.66
CA ALA D 88 49.17 -17.47 36.67
C ALA D 88 49.36 -16.58 37.89
N ALA D 89 49.65 -15.30 37.67
CA ALA D 89 49.85 -14.35 38.75
C ALA D 89 48.61 -14.28 39.64
N ALA D 90 47.45 -14.13 39.02
CA ALA D 90 46.20 -14.04 39.78
C ALA D 90 46.02 -15.27 40.66
N ILE D 91 46.32 -16.43 40.09
CA ILE D 91 46.17 -17.69 40.81
C ILE D 91 47.17 -17.76 41.94
N ALA D 92 48.41 -17.39 41.65
CA ALA D 92 49.48 -17.41 42.66
C ALA D 92 49.11 -16.43 43.77
N LYS D 93 48.77 -15.20 43.39
CA LYS D 93 48.40 -14.20 44.38
C LYS D 93 47.14 -14.62 45.15
N ALA D 94 46.38 -15.55 44.58
CA ALA D 94 45.15 -16.00 45.24
C ALA D 94 45.44 -17.04 46.31
N GLY D 95 46.70 -17.40 46.46
CA GLY D 95 47.05 -18.39 47.47
C GLY D 95 47.16 -19.79 46.93
N ILE D 96 46.91 -19.95 45.63
CA ILE D 96 47.01 -21.26 45.02
C ILE D 96 48.44 -21.47 44.56
N PRO D 97 49.09 -22.54 45.01
CA PRO D 97 50.48 -22.74 44.57
C PRO D 97 50.55 -23.14 43.11
N VAL D 98 50.83 -22.18 42.25
CA VAL D 98 50.92 -22.45 40.82
C VAL D 98 52.39 -22.32 40.42
N PHE D 99 52.89 -23.29 39.67
CA PHE D 99 54.27 -23.23 39.25
C PHE D 99 54.36 -23.28 37.74
N ALA D 100 54.23 -22.12 37.10
CA ALA D 100 54.31 -22.05 35.65
C ALA D 100 54.47 -20.62 35.17
N TRP D 101 55.09 -20.50 33.99
CA TRP D 101 55.31 -19.20 33.38
C TRP D 101 55.65 -19.45 31.91
N LYS D 102 55.43 -18.45 31.06
CA LYS D 102 55.71 -18.64 29.64
C LYS D 102 57.21 -18.68 29.37
N GLY D 103 57.62 -19.56 28.45
CA GLY D 103 59.03 -19.67 28.08
C GLY D 103 59.95 -20.44 29.01
N GLU D 104 59.45 -21.51 29.64
CA GLU D 104 60.29 -22.29 30.52
C GLU D 104 61.24 -23.12 29.69
N THR D 105 62.15 -23.82 30.37
CA THR D 105 63.10 -24.70 29.68
C THR D 105 62.69 -26.12 30.06
N ASP D 106 62.97 -27.06 29.17
CA ASP D 106 62.64 -28.46 29.41
C ASP D 106 63.03 -28.84 30.83
N GLU D 107 64.02 -28.14 31.38
CA GLU D 107 64.46 -28.43 32.74
C GLU D 107 63.47 -27.85 33.76
N GLU D 108 63.15 -26.58 33.64
CA GLU D 108 62.23 -25.94 34.57
C GLU D 108 60.84 -26.56 34.47
N TYR D 109 60.50 -27.01 33.26
CA TYR D 109 59.22 -27.63 32.99
C TYR D 109 59.01 -28.80 33.97
N LEU D 110 59.98 -29.71 33.99
CA LEU D 110 59.94 -30.87 34.87
C LEU D 110 59.94 -30.50 36.35
N TRP D 111 60.66 -29.42 36.69
CA TRP D 111 60.72 -28.98 38.08
C TRP D 111 59.32 -28.62 38.55
N CYS D 112 58.59 -27.89 37.71
CA CYS D 112 57.24 -27.45 38.03
C CYS D 112 56.27 -28.59 38.31
N ILE D 113 56.31 -29.62 37.47
CA ILE D 113 55.43 -30.76 37.66
C ILE D 113 55.72 -31.42 39.00
N GLU D 114 57.00 -31.62 39.29
CA GLU D 114 57.41 -32.24 40.54
C GLU D 114 56.97 -31.43 41.74
N GLN D 115 56.80 -30.13 41.54
CA GLN D 115 56.38 -29.23 42.61
C GLN D 115 54.94 -29.47 43.03
N THR D 116 54.12 -30.00 42.12
CA THR D 116 52.70 -30.23 42.43
C THR D 116 52.40 -31.57 43.11
N LEU D 117 53.39 -32.47 43.14
CA LEU D 117 53.21 -33.80 43.73
C LEU D 117 53.00 -33.86 45.24
N HIS D 118 53.51 -32.88 45.98
CA HIS D 118 53.34 -32.95 47.43
C HIS D 118 52.59 -31.80 48.06
N PHE D 119 51.58 -32.14 48.83
CA PHE D 119 50.75 -31.15 49.49
C PHE D 119 51.07 -31.03 50.97
N LYS D 120 50.48 -30.02 51.60
CA LYS D 120 50.67 -29.75 53.01
C LYS D 120 50.47 -30.99 53.88
N ASP D 121 49.33 -31.66 53.72
CA ASP D 121 49.03 -32.84 54.52
C ASP D 121 49.22 -34.17 53.80
N GLY D 122 50.10 -34.19 52.81
CA GLY D 122 50.34 -35.44 52.11
C GLY D 122 50.53 -35.30 50.62
N PRO D 123 50.86 -36.39 49.92
CA PRO D 123 51.06 -36.31 48.47
C PRO D 123 49.72 -36.20 47.74
N LEU D 124 49.78 -35.91 46.44
CA LEU D 124 48.60 -35.77 45.62
C LEU D 124 47.79 -37.07 45.62
N ASN D 125 46.47 -36.94 45.72
CA ASN D 125 45.58 -38.10 45.69
C ASN D 125 44.63 -38.01 44.50
N MET D 126 44.93 -37.09 43.57
CA MET D 126 44.11 -36.88 42.38
C MET D 126 44.94 -36.27 41.26
N ILE D 127 44.64 -36.63 40.02
CA ILE D 127 45.37 -36.11 38.88
C ILE D 127 44.41 -35.49 37.87
N LEU D 128 44.77 -34.30 37.38
CA LEU D 128 43.98 -33.62 36.37
C LEU D 128 45.03 -33.32 35.31
N ASP D 129 45.15 -34.21 34.34
CA ASP D 129 46.15 -34.07 33.31
C ASP D 129 45.65 -33.68 31.93
N ASP D 130 46.57 -33.11 31.14
CA ASP D 130 46.31 -32.73 29.76
C ASP D 130 47.61 -33.07 29.04
N GLY D 131 47.65 -34.23 28.39
CA GLY D 131 48.86 -34.64 27.69
C GLY D 131 49.47 -35.90 28.28
N GLY D 132 49.08 -36.23 29.51
CA GLY D 132 49.59 -37.42 30.16
C GLY D 132 50.95 -37.30 30.82
N ASP D 133 51.51 -36.09 30.85
CA ASP D 133 52.83 -35.90 31.46
C ASP D 133 52.84 -36.18 32.96
N LEU D 134 51.83 -35.68 33.66
CA LEU D 134 51.75 -35.91 35.10
C LEU D 134 51.54 -37.39 35.39
N THR D 135 50.59 -38.01 34.71
CA THR D 135 50.29 -39.42 34.93
C THR D 135 51.46 -40.31 34.52
N ASN D 136 52.18 -39.93 33.47
CA ASN D 136 53.31 -40.74 33.02
C ASN D 136 54.49 -40.54 33.98
N LEU D 137 54.56 -39.35 34.57
CA LEU D 137 55.65 -39.05 35.50
C LEU D 137 55.48 -39.92 36.74
N ILE D 138 54.34 -39.78 37.41
CA ILE D 138 54.05 -40.56 38.61
C ILE D 138 54.24 -42.05 38.34
N HIS D 139 53.63 -42.53 37.26
CA HIS D 139 53.70 -43.93 36.90
C HIS D 139 55.12 -44.46 36.71
N THR D 140 55.97 -43.70 36.02
CA THR D 140 57.33 -44.17 35.78
C THR D 140 58.42 -43.65 36.70
N LYS D 141 58.16 -42.56 37.42
CA LYS D 141 59.18 -42.01 38.30
C LYS D 141 58.82 -42.08 39.76
N HIS D 142 57.54 -41.91 40.06
CA HIS D 142 57.06 -41.94 41.45
C HIS D 142 56.08 -43.06 41.77
N PRO D 143 56.30 -44.27 41.22
CA PRO D 143 55.39 -45.40 41.47
C PRO D 143 54.87 -45.52 42.89
N GLN D 144 55.63 -45.01 43.86
CA GLN D 144 55.22 -45.10 45.26
C GLN D 144 53.92 -44.36 45.53
N LEU D 145 53.73 -43.25 44.84
CA LEU D 145 52.54 -42.42 45.01
C LEU D 145 51.33 -42.95 44.26
N LEU D 146 51.60 -43.87 43.33
CA LEU D 146 50.59 -44.48 42.49
C LEU D 146 49.36 -44.99 43.24
N SER D 147 49.58 -45.66 44.36
CA SER D 147 48.48 -46.24 45.13
C SER D 147 47.70 -45.26 45.97
N GLY D 148 48.14 -44.02 46.03
CA GLY D 148 47.44 -43.04 46.84
C GLY D 148 46.57 -42.11 46.01
N ILE D 149 46.72 -42.24 44.70
CA ILE D 149 45.94 -41.43 43.75
C ILE D 149 44.59 -42.13 43.49
N ARG D 150 43.50 -41.42 43.77
CA ARG D 150 42.18 -42.00 43.58
C ARG D 150 41.75 -42.11 42.12
N GLY D 151 42.23 -41.21 41.27
CA GLY D 151 41.87 -41.28 39.86
C GLY D 151 42.55 -40.27 38.98
N ILE D 152 42.54 -40.52 37.68
CA ILE D 152 43.14 -39.62 36.71
C ILE D 152 42.02 -38.95 35.89
N SER D 153 42.35 -37.79 35.31
CA SER D 153 41.41 -37.04 34.48
C SER D 153 42.18 -36.52 33.27
N GLU D 154 42.07 -37.22 32.16
CA GLU D 154 42.78 -36.80 30.94
C GLU D 154 41.82 -36.12 29.99
N GLU D 155 42.30 -35.09 29.30
CA GLU D 155 41.44 -34.36 28.38
C GLU D 155 41.93 -34.20 26.96
N THR D 156 43.16 -34.65 26.70
CA THR D 156 43.73 -34.51 25.37
C THR D 156 43.66 -35.81 24.55
N THR D 157 43.39 -35.66 23.25
CA THR D 157 43.25 -36.81 22.37
C THR D 157 44.45 -37.72 22.46
N THR D 158 45.63 -37.12 22.42
CA THR D 158 46.86 -37.90 22.50
C THR D 158 47.02 -38.53 23.87
N GLY D 159 46.80 -37.74 24.92
CA GLY D 159 46.92 -38.27 26.26
C GLY D 159 46.00 -39.46 26.50
N VAL D 160 44.74 -39.30 26.15
CA VAL D 160 43.73 -40.34 26.31
C VAL D 160 44.15 -41.54 25.47
N HIS D 161 44.78 -41.26 24.33
CA HIS D 161 45.26 -42.31 23.44
C HIS D 161 46.31 -43.10 24.18
N ASN D 162 47.19 -42.37 24.86
CA ASN D 162 48.28 -42.96 25.62
C ASN D 162 47.75 -43.78 26.78
N LEU D 163 46.65 -43.31 27.37
CA LEU D 163 46.03 -44.00 28.50
C LEU D 163 45.51 -45.37 28.05
N TYR D 164 44.73 -45.38 26.97
CA TYR D 164 44.16 -46.60 26.45
C TYR D 164 45.31 -47.58 26.20
N LYS D 165 46.43 -47.06 25.74
CA LYS D 165 47.61 -47.87 25.44
C LYS D 165 48.15 -48.45 26.73
N MET D 166 48.26 -47.60 27.75
CA MET D 166 48.77 -48.02 29.04
C MET D 166 47.97 -49.20 29.56
N MET D 167 46.65 -49.11 29.46
CA MET D 167 45.78 -50.19 29.93
C MET D 167 46.00 -51.42 29.08
N ALA D 168 46.04 -51.24 27.78
CA ALA D 168 46.24 -52.33 26.85
C ALA D 168 47.49 -53.13 27.22
N ASN D 169 48.44 -52.47 27.88
CA ASN D 169 49.67 -53.15 28.26
C ASN D 169 49.74 -53.44 29.75
N GLY D 170 48.63 -53.15 30.46
CA GLY D 170 48.59 -53.39 31.89
C GLY D 170 49.54 -52.50 32.67
N ILE D 171 49.78 -51.30 32.15
CA ILE D 171 50.68 -50.33 32.81
C ILE D 171 49.90 -49.33 33.66
N LEU D 172 48.69 -49.01 33.23
CA LEU D 172 47.85 -48.08 33.98
C LEU D 172 47.57 -48.69 35.35
N LYS D 173 47.79 -47.92 36.41
CA LYS D 173 47.58 -48.43 37.76
C LYS D 173 46.56 -47.65 38.58
N VAL D 174 45.95 -46.64 37.96
CA VAL D 174 44.92 -45.84 38.63
C VAL D 174 43.77 -45.59 37.64
N PRO D 175 42.51 -45.62 38.12
CA PRO D 175 41.36 -45.40 37.27
C PRO D 175 41.45 -44.05 36.58
N ALA D 176 41.25 -44.05 35.27
CA ALA D 176 41.32 -42.82 34.50
C ALA D 176 40.00 -42.57 33.84
N ILE D 177 39.70 -41.32 33.53
CA ILE D 177 38.47 -40.98 32.85
C ILE D 177 38.83 -40.23 31.59
N ASN D 178 38.29 -40.69 30.48
CA ASN D 178 38.54 -40.05 29.19
C ASN D 178 37.53 -38.91 29.09
N VAL D 179 38.03 -37.69 29.27
CA VAL D 179 37.20 -36.50 29.20
C VAL D 179 37.16 -35.91 27.79
N ASN D 180 38.19 -36.20 27.00
CA ASN D 180 38.25 -35.69 25.64
C ASN D 180 37.12 -36.23 24.79
N ASP D 181 36.79 -37.49 25.03
CA ASP D 181 35.75 -38.12 24.26
C ASP D 181 34.31 -37.93 24.69
N SER D 182 34.06 -36.88 25.44
CA SER D 182 32.68 -36.57 25.81
C SER D 182 32.28 -35.81 24.55
N VAL D 183 31.02 -35.86 24.16
CA VAL D 183 30.60 -35.15 22.96
C VAL D 183 30.82 -33.67 23.11
N THR D 184 30.46 -33.13 24.28
CA THR D 184 30.61 -31.70 24.54
C THR D 184 32.06 -31.23 24.57
N LYS D 185 33.00 -32.15 24.75
CA LYS D 185 34.41 -31.77 24.75
C LYS D 185 34.97 -31.86 23.35
N SER D 186 35.01 -33.08 22.83
CA SER D 186 35.54 -33.32 21.50
C SER D 186 34.90 -32.56 20.35
N LYS D 187 33.59 -32.69 20.14
CA LYS D 187 32.94 -32.01 19.02
C LYS D 187 32.92 -30.50 19.16
N PHE D 188 33.19 -29.98 20.35
CA PHE D 188 33.18 -28.53 20.53
C PHE D 188 34.53 -27.90 20.78
N ASP D 189 35.31 -28.50 21.67
CA ASP D 189 36.63 -27.95 21.98
C ASP D 189 37.53 -28.12 20.77
N ASN D 190 37.92 -29.36 20.50
CA ASN D 190 38.79 -29.67 19.37
C ASN D 190 38.38 -28.96 18.09
N LEU D 191 37.12 -29.14 17.69
CA LEU D 191 36.60 -28.54 16.47
C LEU D 191 36.35 -27.02 16.51
N TYR D 192 35.36 -26.59 17.28
CA TYR D 192 35.03 -25.17 17.37
C TYR D 192 36.16 -24.34 17.98
N GLY D 193 36.91 -24.94 18.91
CA GLY D 193 38.01 -24.22 19.53
C GLY D 193 39.06 -23.82 18.53
N CYS D 194 39.64 -24.81 17.83
CA CYS D 194 40.67 -24.57 16.83
C CYS D 194 40.17 -23.73 15.66
N ARG D 195 38.89 -23.83 15.35
CA ARG D 195 38.33 -23.05 14.27
C ARG D 195 38.53 -21.58 14.60
N GLU D 196 38.47 -21.24 15.89
CA GLU D 196 38.63 -19.87 16.33
C GLU D 196 40.03 -19.45 16.73
N SER D 197 40.78 -20.34 17.38
CA SER D 197 42.12 -20.00 17.84
C SER D 197 43.30 -20.28 16.91
N LEU D 198 43.09 -20.97 15.79
CA LEU D 198 44.20 -21.25 14.89
C LEU D 198 44.67 -20.00 14.14
N ILE D 199 43.74 -19.31 13.49
CA ILE D 199 44.04 -18.10 12.74
C ILE D 199 44.51 -16.99 13.68
N ASP D 200 44.05 -17.05 14.92
CA ASP D 200 44.43 -16.07 15.93
C ASP D 200 45.93 -16.20 16.13
N GLY D 201 46.40 -17.43 16.28
CA GLY D 201 47.82 -17.66 16.48
C GLY D 201 48.59 -17.22 15.25
N ILE D 202 48.17 -17.72 14.08
CA ILE D 202 48.82 -17.37 12.82
C ILE D 202 48.88 -15.87 12.61
N LYS D 203 47.76 -15.18 12.85
CA LYS D 203 47.70 -13.74 12.66
C LYS D 203 48.55 -12.94 13.66
N ARG D 204 48.38 -13.22 14.93
CA ARG D 204 49.17 -12.51 15.92
C ARG D 204 50.65 -12.70 15.65
N ALA D 205 51.01 -13.86 15.13
CA ALA D 205 52.41 -14.16 14.87
C ALA D 205 52.93 -13.56 13.58
N THR D 206 52.18 -13.71 12.49
CA THR D 206 52.65 -13.19 11.20
C THR D 206 51.81 -12.05 10.63
N ASP D 207 50.54 -11.98 11.04
CA ASP D 207 49.63 -10.94 10.56
C ASP D 207 49.42 -11.13 9.06
N VAL D 208 49.64 -12.35 8.59
CA VAL D 208 49.49 -12.69 7.18
C VAL D 208 48.03 -12.68 6.76
N MET D 209 47.79 -12.47 5.47
CA MET D 209 46.43 -12.49 4.93
C MET D 209 46.14 -13.92 4.54
N ILE D 210 45.06 -14.47 5.09
CA ILE D 210 44.63 -15.84 4.82
C ILE D 210 44.02 -15.95 3.42
N ALA D 211 43.16 -15.00 3.08
CA ALA D 211 42.49 -14.97 1.77
C ALA D 211 43.43 -15.13 0.57
N GLY D 212 43.03 -15.98 -0.38
CA GLY D 212 43.79 -16.19 -1.59
C GLY D 212 45.05 -17.00 -1.44
N LYS D 213 45.25 -17.59 -0.27
CA LYS D 213 46.44 -18.40 -0.02
C LYS D 213 46.05 -19.85 -0.05
N VAL D 214 47.04 -20.72 -0.28
CA VAL D 214 46.79 -22.15 -0.30
C VAL D 214 47.21 -22.64 1.07
N ALA D 215 46.25 -23.08 1.87
CA ALA D 215 46.55 -23.57 3.20
C ALA D 215 46.47 -25.07 3.17
N VAL D 216 47.54 -25.72 3.60
CA VAL D 216 47.61 -27.17 3.64
C VAL D 216 47.40 -27.62 5.07
N VAL D 217 46.38 -28.43 5.30
CA VAL D 217 46.05 -28.93 6.63
C VAL D 217 46.26 -30.43 6.68
N ALA D 218 47.14 -30.89 7.57
CA ALA D 218 47.43 -32.31 7.70
C ALA D 218 46.50 -32.95 8.74
N GLY D 219 45.70 -33.91 8.30
CA GLY D 219 44.78 -34.57 9.21
C GLY D 219 43.44 -33.88 9.16
N TYR D 220 42.38 -34.66 8.97
CA TYR D 220 41.03 -34.13 8.94
C TYR D 220 40.19 -34.61 10.13
N GLY D 221 40.83 -34.72 11.29
CA GLY D 221 40.11 -35.12 12.48
C GLY D 221 39.34 -33.89 12.95
N ASP D 222 38.88 -33.88 14.20
CA ASP D 222 38.13 -32.73 14.70
C ASP D 222 38.94 -31.43 14.62
N VAL D 223 40.23 -31.49 14.90
CA VAL D 223 41.06 -30.31 14.85
C VAL D 223 41.22 -29.86 13.39
N GLY D 224 41.55 -30.80 12.52
CA GLY D 224 41.72 -30.48 11.12
C GLY D 224 40.43 -29.94 10.53
N LYS D 225 39.32 -30.51 10.98
CA LYS D 225 38.00 -30.06 10.52
C LYS D 225 37.82 -28.60 10.91
N GLY D 226 38.17 -28.28 12.15
CA GLY D 226 38.04 -26.92 12.63
C GLY D 226 38.97 -25.96 11.91
N CYS D 227 40.21 -26.38 11.71
CA CYS D 227 41.17 -25.52 11.03
C CYS D 227 40.83 -25.32 9.56
N ALA D 228 40.45 -26.41 8.89
CA ALA D 228 40.10 -26.37 7.48
C ALA D 228 38.95 -25.40 7.25
N GLN D 229 37.99 -25.44 8.18
CA GLN D 229 36.86 -24.58 8.12
C GLN D 229 37.24 -23.11 8.34
N ALA D 230 38.07 -22.86 9.35
CA ALA D 230 38.51 -21.50 9.66
C ALA D 230 39.20 -20.85 8.48
N LEU D 231 40.16 -21.56 7.89
CA LEU D 231 40.91 -21.06 6.76
C LEU D 231 40.03 -20.88 5.54
N ARG D 232 39.13 -21.82 5.32
CA ARG D 232 38.22 -21.75 4.18
C ARG D 232 37.36 -20.49 4.25
N GLY D 233 36.88 -20.20 5.44
CA GLY D 233 36.02 -19.04 5.62
C GLY D 233 36.64 -17.68 5.37
N PHE D 234 37.96 -17.64 5.29
CA PHE D 234 38.65 -16.37 5.08
C PHE D 234 39.04 -16.19 3.63
N GLY D 235 38.85 -17.24 2.84
CA GLY D 235 39.18 -17.16 1.42
C GLY D 235 40.41 -17.93 1.02
N ALA D 236 40.81 -18.87 1.86
CA ALA D 236 41.99 -19.68 1.57
C ALA D 236 41.56 -20.94 0.86
N ARG D 237 42.43 -21.48 0.02
CA ARG D 237 42.13 -22.72 -0.67
C ARG D 237 42.80 -23.79 0.15
N VAL D 238 41.99 -24.53 0.91
CA VAL D 238 42.48 -25.57 1.78
C VAL D 238 42.67 -26.91 1.10
N ILE D 239 43.84 -27.51 1.26
CA ILE D 239 44.12 -28.83 0.70
C ILE D 239 44.28 -29.70 1.93
N ILE D 240 43.75 -30.90 1.89
CA ILE D 240 43.81 -31.81 3.04
C ILE D 240 44.63 -33.06 2.78
N THR D 241 45.30 -33.55 3.82
CA THR D 241 46.06 -34.78 3.70
C THR D 241 45.53 -35.66 4.83
N GLU D 242 45.34 -36.95 4.55
CA GLU D 242 44.80 -37.85 5.55
C GLU D 242 45.24 -39.28 5.30
N ILE D 243 45.16 -40.11 6.32
CA ILE D 243 45.53 -41.53 6.17
C ILE D 243 44.27 -42.36 6.31
N ASP D 244 43.23 -41.74 6.84
CA ASP D 244 41.95 -42.41 7.05
C ASP D 244 41.04 -42.19 5.85
N PRO D 245 40.56 -43.28 5.23
CA PRO D 245 39.68 -43.18 4.06
C PRO D 245 38.34 -42.53 4.38
N ILE D 246 37.87 -42.70 5.60
CA ILE D 246 36.61 -42.10 6.01
C ILE D 246 36.77 -40.59 6.17
N ASN D 247 37.75 -40.19 6.95
CA ASN D 247 38.01 -38.78 7.16
C ASN D 247 38.36 -38.14 5.83
N ALA D 248 38.95 -38.92 4.93
CA ALA D 248 39.33 -38.41 3.62
C ALA D 248 38.09 -38.14 2.78
N LEU D 249 37.13 -39.06 2.83
CA LEU D 249 35.90 -38.91 2.07
C LEU D 249 35.10 -37.71 2.56
N GLN D 250 35.16 -37.45 3.86
CA GLN D 250 34.46 -36.31 4.45
C GLN D 250 35.02 -35.01 3.89
N ALA D 251 36.34 -34.91 3.86
CA ALA D 251 36.99 -33.72 3.33
C ALA D 251 36.55 -33.52 1.88
N ALA D 252 36.54 -34.61 1.11
CA ALA D 252 36.15 -34.56 -0.29
C ALA D 252 34.71 -34.10 -0.43
N MET D 253 33.82 -34.66 0.38
CA MET D 253 32.42 -34.28 0.34
C MET D 253 32.24 -32.83 0.76
N GLU D 254 33.28 -32.23 1.36
CA GLU D 254 33.21 -30.83 1.78
C GLU D 254 33.89 -29.89 0.77
N GLY D 255 34.33 -30.46 -0.34
CA GLY D 255 34.96 -29.67 -1.39
C GLY D 255 36.43 -29.41 -1.21
N TYR D 256 37.11 -30.20 -0.38
CA TYR D 256 38.54 -30.03 -0.16
C TYR D 256 39.34 -31.02 -0.99
N GLU D 257 40.35 -30.55 -1.69
CA GLU D 257 41.15 -31.49 -2.45
C GLU D 257 41.96 -32.27 -1.42
N VAL D 258 42.09 -33.58 -1.61
CA VAL D 258 42.85 -34.43 -0.68
C VAL D 258 44.02 -35.10 -1.39
N THR D 259 45.24 -34.74 -1.00
CA THR D 259 46.46 -35.29 -1.58
C THR D 259 47.46 -35.62 -0.52
N THR D 260 48.65 -36.00 -0.95
CA THR D 260 49.72 -36.34 -0.03
C THR D 260 50.54 -35.08 0.20
N MET D 261 51.24 -35.03 1.33
CA MET D 261 52.06 -33.88 1.65
C MET D 261 53.18 -33.76 0.61
N ASP D 262 53.61 -34.91 0.10
CA ASP D 262 54.67 -34.96 -0.90
C ASP D 262 54.31 -34.12 -2.09
N GLU D 263 53.02 -34.08 -2.41
CA GLU D 263 52.54 -33.30 -3.53
C GLU D 263 52.16 -31.89 -3.10
N ALA D 264 51.38 -31.80 -2.02
CA ALA D 264 50.89 -30.53 -1.49
C ALA D 264 51.95 -29.54 -1.06
N CYS D 265 53.09 -30.02 -0.57
CA CYS D 265 54.17 -29.14 -0.13
C CYS D 265 54.60 -28.17 -1.21
N LYS D 266 54.56 -28.61 -2.46
CA LYS D 266 54.95 -27.75 -3.56
C LYS D 266 53.92 -26.66 -3.81
N GLU D 267 52.74 -26.82 -3.25
CA GLU D 267 51.66 -25.87 -3.48
C GLU D 267 51.28 -24.93 -2.33
N GLY D 268 51.32 -25.46 -1.12
CA GLY D 268 50.93 -24.70 0.04
C GLY D 268 51.63 -23.38 0.32
N ASN D 269 50.88 -22.48 0.95
CA ASN D 269 51.35 -21.15 1.32
C ASN D 269 51.36 -21.10 2.85
N ILE D 270 50.51 -21.93 3.46
CA ILE D 270 50.39 -22.03 4.90
C ILE D 270 50.21 -23.50 5.21
N PHE D 271 51.00 -24.03 6.14
CA PHE D 271 50.90 -25.44 6.49
C PHE D 271 50.50 -25.55 7.95
N VAL D 272 49.51 -26.41 8.22
CA VAL D 272 49.01 -26.63 9.58
C VAL D 272 48.92 -28.12 9.85
N THR D 273 49.68 -28.60 10.82
CA THR D 273 49.64 -30.02 11.16
C THR D 273 48.69 -30.25 12.34
N THR D 274 47.63 -31.03 12.11
CA THR D 274 46.64 -31.34 13.13
C THR D 274 46.67 -32.83 13.39
N THR D 275 47.64 -33.47 12.78
CA THR D 275 47.87 -34.91 12.91
C THR D 275 48.22 -35.18 14.35
N GLY D 276 48.16 -36.44 14.77
CA GLY D 276 48.56 -36.73 16.13
C GLY D 276 49.89 -37.46 16.09
N CYS D 277 50.57 -37.42 14.95
CA CYS D 277 51.83 -38.15 14.84
C CYS D 277 53.04 -37.47 14.19
N VAL D 278 54.17 -38.17 14.28
CA VAL D 278 55.46 -37.70 13.77
C VAL D 278 55.65 -37.67 12.27
N ASP D 279 56.67 -36.90 11.88
CA ASP D 279 57.05 -36.80 10.49
C ASP D 279 55.97 -36.37 9.50
N ILE D 280 55.28 -35.29 9.79
CA ILE D 280 54.26 -34.81 8.86
C ILE D 280 54.94 -33.89 7.85
N ILE D 281 55.75 -32.94 8.34
CA ILE D 281 56.47 -32.03 7.47
C ILE D 281 57.98 -32.21 7.65
N LEU D 282 58.61 -32.85 6.66
CA LEU D 282 60.03 -33.15 6.68
C LEU D 282 60.83 -32.21 5.79
N GLY D 283 62.14 -32.37 5.81
CA GLY D 283 63.00 -31.52 5.02
C GLY D 283 62.71 -31.65 3.54
N ARG D 284 62.37 -32.85 3.12
CA ARG D 284 62.07 -33.10 1.71
C ARG D 284 60.91 -32.19 1.26
N HIS D 285 60.06 -31.82 2.21
CA HIS D 285 58.94 -30.94 1.93
C HIS D 285 59.41 -29.49 2.00
N PHE D 286 60.11 -29.15 3.07
CA PHE D 286 60.63 -27.80 3.27
C PHE D 286 61.33 -27.32 2.01
N GLU D 287 62.11 -28.21 1.40
CA GLU D 287 62.88 -27.87 0.19
C GLU D 287 62.00 -27.53 -1.00
N GLN D 288 60.74 -27.93 -0.94
CA GLN D 288 59.79 -27.69 -2.02
C GLN D 288 58.94 -26.44 -1.83
N MET D 289 58.65 -26.11 -0.58
CA MET D 289 57.84 -24.97 -0.23
C MET D 289 58.12 -23.62 -0.92
N LYS D 290 57.04 -22.91 -1.21
CA LYS D 290 57.13 -21.59 -1.82
C LYS D 290 57.78 -20.64 -0.82
N ASP D 291 58.38 -19.56 -1.33
CA ASP D 291 59.05 -18.57 -0.50
C ASP D 291 58.16 -18.03 0.59
N ASP D 292 58.70 -17.88 1.79
CA ASP D 292 57.96 -17.34 2.92
C ASP D 292 56.73 -18.17 3.34
N ALA D 293 56.82 -19.48 3.15
CA ALA D 293 55.73 -20.34 3.52
C ALA D 293 55.67 -20.36 5.03
N ILE D 294 54.49 -20.16 5.59
CA ILE D 294 54.30 -20.17 7.04
C ILE D 294 53.97 -21.58 7.50
N VAL D 295 54.83 -22.15 8.34
CA VAL D 295 54.61 -23.50 8.86
C VAL D 295 54.31 -23.45 10.35
N CYS D 296 53.30 -24.20 10.78
CA CYS D 296 52.92 -24.24 12.18
C CYS D 296 52.22 -25.54 12.50
N ASN D 297 52.22 -25.92 13.77
CA ASN D 297 51.61 -27.16 14.22
C ASN D 297 50.58 -26.84 15.29
N ILE D 298 49.47 -27.57 15.28
CA ILE D 298 48.43 -27.36 16.27
C ILE D 298 48.07 -28.66 16.98
N GLY D 299 48.67 -29.76 16.56
CA GLY D 299 48.42 -31.03 17.22
C GLY D 299 49.15 -30.95 18.56
N HIS D 300 48.55 -31.47 19.62
CA HIS D 300 49.13 -31.41 20.96
C HIS D 300 50.66 -31.40 21.13
N PHE D 301 51.38 -32.24 20.40
CA PHE D 301 52.84 -32.26 20.58
C PHE D 301 53.58 -31.58 19.44
N ASP D 302 54.89 -31.39 19.64
CA ASP D 302 55.75 -30.73 18.64
C ASP D 302 56.62 -31.70 17.83
N VAL D 303 56.12 -32.91 17.62
CA VAL D 303 56.84 -33.92 16.87
C VAL D 303 56.42 -34.03 15.41
N GLU D 304 55.46 -33.19 15.00
CA GLU D 304 54.90 -33.25 13.65
C GLU D 304 55.71 -32.54 12.57
N ILE D 305 56.36 -31.46 12.94
CA ILE D 305 57.19 -30.70 12.00
C ILE D 305 58.64 -30.98 12.38
N ASP D 306 59.48 -31.23 11.39
CA ASP D 306 60.88 -31.51 11.66
C ASP D 306 61.62 -30.18 11.78
N VAL D 307 61.62 -29.61 12.97
CA VAL D 307 62.29 -28.33 13.21
C VAL D 307 63.80 -28.49 13.27
N LYS D 308 64.26 -29.64 13.75
CA LYS D 308 65.69 -29.92 13.84
C LYS D 308 66.28 -29.75 12.45
N TRP D 309 65.62 -30.34 11.45
CA TRP D 309 66.07 -30.25 10.07
C TRP D 309 66.25 -28.79 9.65
N LEU D 310 65.24 -27.97 9.93
CA LEU D 310 65.29 -26.56 9.60
C LEU D 310 66.54 -25.98 10.21
N ASN D 311 66.72 -26.26 11.49
CA ASN D 311 67.86 -25.75 12.25
C ASN D 311 69.21 -26.25 11.74
N GLU D 312 69.23 -27.46 11.22
CA GLU D 312 70.48 -28.03 10.73
C GLU D 312 70.68 -27.97 9.23
N ASN D 313 69.75 -27.40 8.49
CA ASN D 313 69.91 -27.33 7.03
C ASN D 313 69.76 -25.93 6.44
N ALA D 314 69.04 -25.07 7.14
CA ALA D 314 68.84 -23.71 6.68
C ALA D 314 70.15 -22.95 6.60
N VAL D 315 70.29 -22.11 5.59
CA VAL D 315 71.50 -21.32 5.42
C VAL D 315 71.67 -20.43 6.65
N GLU D 316 70.54 -19.90 7.14
CA GLU D 316 70.57 -19.03 8.29
C GLU D 316 69.17 -18.88 8.88
N LYS D 317 69.11 -18.64 10.18
CA LYS D 317 67.84 -18.46 10.89
C LYS D 317 67.82 -17.12 11.61
N VAL D 318 66.74 -16.37 11.42
CA VAL D 318 66.60 -15.06 12.04
C VAL D 318 65.29 -15.02 12.79
N ASN D 319 65.36 -14.68 14.08
CA ASN D 319 64.16 -14.59 14.90
C ASN D 319 63.51 -13.25 14.62
N ILE D 320 62.20 -13.25 14.32
CA ILE D 320 61.51 -12.00 14.05
C ILE D 320 61.04 -11.42 15.38
N LYS D 321 60.55 -12.30 16.25
CA LYS D 321 60.09 -11.95 17.57
C LYS D 321 59.80 -13.25 18.28
N PRO D 322 59.44 -13.20 19.57
CA PRO D 322 59.15 -14.46 20.27
C PRO D 322 58.21 -15.40 19.51
N GLN D 323 58.62 -16.67 19.42
CA GLN D 323 57.86 -17.72 18.75
C GLN D 323 57.65 -17.51 17.24
N VAL D 324 58.49 -16.70 16.62
CA VAL D 324 58.39 -16.45 15.19
C VAL D 324 59.78 -16.37 14.58
N ASP D 325 60.14 -17.40 13.82
CA ASP D 325 61.44 -17.47 13.20
C ASP D 325 61.36 -17.60 11.68
N ARG D 326 62.28 -16.94 11.00
CA ARG D 326 62.34 -16.97 9.54
C ARG D 326 63.66 -17.61 9.09
N TYR D 327 63.57 -18.84 8.58
CA TYR D 327 64.77 -19.55 8.11
C TYR D 327 65.00 -19.27 6.62
N LEU D 328 66.26 -19.18 6.21
CA LEU D 328 66.57 -18.96 4.81
C LEU D 328 67.16 -20.29 4.37
N LEU D 329 66.59 -20.88 3.32
CA LEU D 329 67.07 -22.16 2.84
C LEU D 329 68.08 -21.97 1.73
N LYS D 330 68.92 -22.99 1.52
CA LYS D 330 69.93 -22.93 0.48
C LYS D 330 69.33 -22.58 -0.88
N ASN D 331 68.08 -22.97 -1.11
CA ASN D 331 67.42 -22.68 -2.39
C ASN D 331 67.05 -21.20 -2.51
N GLY D 332 67.30 -20.43 -1.47
CA GLY D 332 66.97 -19.02 -1.49
C GLY D 332 65.54 -18.75 -1.04
N HIS D 333 64.85 -19.79 -0.56
CA HIS D 333 63.49 -19.64 -0.10
C HIS D 333 63.45 -19.50 1.40
N ARG D 334 62.57 -18.61 1.87
CA ARG D 334 62.42 -18.36 3.29
C ARG D 334 61.28 -19.21 3.82
N ILE D 335 61.36 -19.57 5.09
CA ILE D 335 60.33 -20.37 5.71
C ILE D 335 60.07 -19.75 7.06
N ILE D 336 58.82 -19.40 7.33
CA ILE D 336 58.47 -18.82 8.62
C ILE D 336 57.89 -19.90 9.54
N LEU D 337 58.67 -20.29 10.56
CA LEU D 337 58.26 -21.30 11.51
C LEU D 337 57.57 -20.61 12.68
N LEU D 338 56.47 -21.18 13.17
CA LEU D 338 55.77 -20.57 14.30
C LEU D 338 55.83 -21.40 15.58
N ALA D 339 56.04 -20.71 16.71
CA ALA D 339 56.11 -21.32 18.04
C ALA D 339 57.05 -22.51 18.13
N GLU D 340 58.10 -22.47 17.30
CA GLU D 340 59.09 -23.53 17.27
C GLU D 340 58.50 -24.92 17.07
N GLY D 341 57.41 -25.01 16.31
CA GLY D 341 56.78 -26.28 16.05
C GLY D 341 55.82 -26.77 17.11
N ARG D 342 55.51 -25.90 18.07
CA ARG D 342 54.61 -26.23 19.15
C ARG D 342 53.22 -25.67 18.88
N LEU D 343 52.26 -26.00 19.74
CA LEU D 343 50.87 -25.55 19.55
C LEU D 343 50.85 -24.06 19.22
N VAL D 344 50.37 -23.75 18.02
CA VAL D 344 50.34 -22.39 17.55
C VAL D 344 49.29 -21.52 18.23
N ASN D 345 48.10 -22.06 18.47
CA ASN D 345 47.05 -21.26 19.11
C ASN D 345 47.41 -20.85 20.54
N LEU D 346 48.00 -21.78 21.29
CA LEU D 346 48.38 -21.50 22.68
C LEU D 346 49.75 -20.84 22.79
N GLY D 347 50.59 -21.07 21.78
CA GLY D 347 51.92 -20.49 21.79
C GLY D 347 52.08 -19.11 21.16
N CYS D 348 51.25 -18.78 20.18
CA CYS D 348 51.34 -17.49 19.50
C CYS D 348 50.10 -16.65 19.77
N ALA D 349 49.14 -17.24 20.49
CA ALA D 349 47.88 -16.58 20.82
C ALA D 349 47.46 -17.02 22.21
N MET D 350 46.21 -16.76 22.57
CA MET D 350 45.68 -17.08 23.89
C MET D 350 44.85 -18.37 23.98
N GLY D 351 45.11 -19.32 23.08
CA GLY D 351 44.38 -20.58 23.10
C GLY D 351 42.94 -20.44 22.69
N HIS D 352 42.12 -21.42 23.04
CA HIS D 352 40.69 -21.41 22.70
C HIS D 352 39.93 -20.39 23.55
N PRO D 353 38.79 -19.89 23.03
CA PRO D 353 38.01 -18.92 23.79
C PRO D 353 37.45 -19.55 25.08
N SER D 354 37.04 -18.72 26.02
CA SER D 354 36.53 -19.19 27.29
C SER D 354 35.29 -20.03 27.19
N PHE D 355 34.30 -19.55 26.44
CA PHE D 355 33.05 -20.29 26.29
C PHE D 355 33.23 -21.77 25.95
N VAL D 356 34.08 -22.06 24.99
CA VAL D 356 34.28 -23.44 24.60
C VAL D 356 35.11 -24.20 25.64
N MET D 357 36.00 -23.50 26.32
CA MET D 357 36.82 -24.16 27.33
C MET D 357 35.94 -24.55 28.53
N SER D 358 34.85 -23.80 28.71
CA SER D 358 33.91 -24.06 29.78
C SER D 358 33.31 -25.47 29.63
N ASN D 359 33.10 -25.88 28.38
CA ASN D 359 32.56 -27.19 28.07
C ASN D 359 33.52 -28.27 28.54
N SER D 360 34.77 -28.17 28.10
CA SER D 360 35.76 -29.16 28.48
C SER D 360 36.01 -29.21 29.98
N PHE D 361 36.21 -28.04 30.57
CA PHE D 361 36.48 -27.92 31.99
C PHE D 361 35.31 -28.35 32.87
N THR D 362 34.09 -28.16 32.38
CA THR D 362 32.92 -28.60 33.13
C THR D 362 33.07 -30.12 33.16
N ASN D 363 33.38 -30.70 32.01
CA ASN D 363 33.55 -32.13 31.91
C ASN D 363 34.65 -32.56 32.88
N GLN D 364 35.68 -31.72 32.98
CA GLN D 364 36.81 -31.99 33.86
C GLN D 364 36.36 -32.00 35.31
N VAL D 365 35.62 -30.98 35.71
CA VAL D 365 35.15 -30.92 37.09
C VAL D 365 34.27 -32.13 37.39
N MET D 366 33.43 -32.52 36.44
CA MET D 366 32.55 -33.66 36.63
C MET D 366 33.34 -34.96 36.85
N ALA D 367 34.42 -35.12 36.09
CA ALA D 367 35.26 -36.32 36.23
C ALA D 367 35.97 -36.36 37.59
N GLN D 368 36.38 -35.18 38.06
CA GLN D 368 37.07 -35.06 39.34
C GLN D 368 36.15 -35.48 40.47
N ILE D 369 34.88 -35.07 40.38
CA ILE D 369 33.88 -35.41 41.37
C ILE D 369 33.49 -36.89 41.31
N GLU D 370 33.41 -37.45 40.09
CA GLU D 370 33.06 -38.85 39.91
C GLU D 370 34.13 -39.75 40.54
N LEU D 371 35.36 -39.59 40.05
CA LEU D 371 36.51 -40.36 40.52
C LEU D 371 36.74 -40.21 42.03
N TRP D 372 36.60 -38.99 42.52
CA TRP D 372 36.81 -38.72 43.93
C TRP D 372 35.63 -39.21 44.75
N THR D 373 34.45 -38.73 44.40
CA THR D 373 33.21 -39.05 45.11
C THR D 373 32.69 -40.47 44.93
N HIS D 374 32.73 -41.00 43.71
CA HIS D 374 32.26 -42.37 43.49
C HIS D 374 33.43 -43.15 42.92
N PRO D 375 34.35 -43.57 43.80
CA PRO D 375 35.52 -44.33 43.39
C PRO D 375 35.23 -45.75 42.92
N ASP D 376 34.44 -46.47 43.71
CA ASP D 376 34.10 -47.86 43.42
C ASP D 376 33.31 -48.01 42.13
N LYS D 377 33.01 -46.89 41.52
CA LYS D 377 32.27 -46.90 40.27
C LYS D 377 33.27 -46.98 39.11
N TYR D 378 34.54 -46.71 39.39
CA TYR D 378 35.56 -46.75 38.35
C TYR D 378 36.78 -47.62 38.63
N PRO D 379 36.71 -48.90 38.26
CA PRO D 379 37.88 -49.76 38.50
C PRO D 379 39.04 -49.30 37.62
N VAL D 380 40.26 -49.76 37.92
CA VAL D 380 41.40 -49.35 37.11
C VAL D 380 41.11 -49.63 35.64
N GLY D 381 41.21 -48.58 34.84
CA GLY D 381 40.96 -48.67 33.43
C GLY D 381 40.57 -47.25 33.04
N VAL D 382 40.24 -47.03 31.77
CA VAL D 382 39.86 -45.68 31.32
C VAL D 382 38.38 -45.66 30.95
N HIS D 383 37.62 -44.80 31.62
CA HIS D 383 36.18 -44.71 31.38
C HIS D 383 35.69 -43.40 30.74
N PHE D 384 34.40 -43.38 30.44
CA PHE D 384 33.77 -42.21 29.84
C PHE D 384 32.76 -41.66 30.85
N LEU D 385 32.36 -40.41 30.66
CA LEU D 385 31.36 -39.77 31.51
C LEU D 385 30.00 -40.22 30.97
N PRO D 386 29.02 -40.46 31.86
CA PRO D 386 27.71 -40.87 31.34
C PRO D 386 27.05 -39.80 30.47
N LYS D 387 26.31 -40.25 29.45
CA LYS D 387 25.62 -39.34 28.53
C LYS D 387 24.78 -38.29 29.25
N LYS D 388 24.15 -38.66 30.37
CA LYS D 388 23.33 -37.71 31.11
C LYS D 388 24.19 -36.51 31.50
N LEU D 389 25.42 -36.76 31.92
CA LEU D 389 26.32 -35.69 32.34
C LEU D 389 26.78 -34.93 31.09
N ASP D 390 26.97 -35.67 30.01
CA ASP D 390 27.38 -35.07 28.76
C ASP D 390 26.32 -34.04 28.31
N GLU D 391 25.05 -34.44 28.33
CA GLU D 391 23.98 -33.56 27.93
C GLU D 391 23.81 -32.42 28.92
N ALA D 392 24.04 -32.70 30.20
CA ALA D 392 23.97 -31.68 31.25
C ALA D 392 24.98 -30.57 30.96
N VAL D 393 26.15 -30.96 30.48
CA VAL D 393 27.21 -30.01 30.14
C VAL D 393 26.78 -29.09 29.00
N ALA D 394 26.12 -29.63 27.99
CA ALA D 394 25.69 -28.82 26.89
C ALA D 394 24.58 -27.91 27.37
N GLU D 395 23.65 -28.50 28.12
CA GLU D 395 22.53 -27.76 28.66
C GLU D 395 22.95 -26.50 29.40
N ALA D 396 23.99 -26.63 30.22
CA ALA D 396 24.49 -25.52 31.02
C ALA D 396 24.91 -24.30 30.21
N HIS D 397 25.22 -24.48 28.93
CA HIS D 397 25.65 -23.37 28.09
C HIS D 397 24.57 -22.83 27.17
N LEU D 398 23.43 -23.50 27.13
CA LEU D 398 22.33 -23.06 26.29
C LEU D 398 21.81 -21.70 26.72
N GLY D 399 21.64 -21.52 28.02
CA GLY D 399 21.13 -20.27 28.52
C GLY D 399 21.86 -19.04 28.02
N LYS D 400 23.19 -19.03 28.18
CA LYS D 400 24.00 -17.88 27.76
C LYS D 400 23.76 -17.51 26.29
N LEU D 401 23.57 -18.53 25.45
CA LEU D 401 23.36 -18.33 24.03
C LEU D 401 21.90 -18.03 23.73
N ASN D 402 21.06 -18.14 24.75
CA ASN D 402 19.63 -17.88 24.63
C ASN D 402 18.93 -18.90 23.77
N VAL D 403 19.44 -20.13 23.79
CA VAL D 403 18.82 -21.19 23.02
C VAL D 403 17.58 -21.64 23.78
N LYS D 404 16.49 -21.91 23.07
CA LYS D 404 15.27 -22.37 23.73
C LYS D 404 15.06 -23.80 23.29
N LEU D 405 15.38 -24.73 24.19
CA LEU D 405 15.24 -26.14 23.93
C LEU D 405 13.78 -26.52 23.95
N THR D 406 13.43 -27.56 23.18
CA THR D 406 12.07 -28.05 23.12
C THR D 406 11.97 -29.23 24.09
N LYS D 407 10.78 -29.42 24.65
CA LYS D 407 10.54 -30.49 25.60
C LYS D 407 9.55 -31.48 25.02
N LEU D 408 9.96 -32.74 24.96
CA LEU D 408 9.11 -33.79 24.42
C LEU D 408 7.83 -33.83 25.24
N THR D 409 6.72 -34.15 24.60
CA THR D 409 5.45 -34.28 25.29
C THR D 409 5.44 -35.72 25.76
N GLU D 410 4.54 -36.07 26.69
CA GLU D 410 4.48 -37.44 27.16
C GLU D 410 4.23 -38.34 25.96
N LYS D 411 3.41 -37.84 25.04
CA LYS D 411 3.04 -38.56 23.83
C LYS D 411 4.25 -38.81 22.95
N GLN D 412 5.04 -37.75 22.71
CA GLN D 412 6.23 -37.86 21.90
C GLN D 412 7.26 -38.77 22.59
N ALA D 413 7.58 -38.44 23.84
CA ALA D 413 8.52 -39.22 24.62
C ALA D 413 8.16 -40.70 24.54
N GLN D 414 6.87 -40.97 24.52
CA GLN D 414 6.37 -42.34 24.44
C GLN D 414 6.62 -42.90 23.05
N TYR D 415 6.29 -42.11 22.04
CA TYR D 415 6.47 -42.50 20.64
C TYR D 415 7.94 -42.83 20.35
N LEU D 416 8.83 -41.94 20.78
CA LEU D 416 10.26 -42.14 20.57
C LEU D 416 10.79 -43.21 21.50
N GLY D 417 10.02 -43.49 22.55
CA GLY D 417 10.43 -44.49 23.50
C GLY D 417 11.61 -44.03 24.34
N MET D 418 11.61 -42.76 24.70
CA MET D 418 12.68 -42.20 25.53
C MET D 418 12.09 -41.24 26.57
N PRO D 419 12.85 -40.92 27.62
CA PRO D 419 12.38 -40.02 28.67
C PRO D 419 12.40 -38.55 28.27
N ILE D 420 11.49 -37.76 28.84
CA ILE D 420 11.40 -36.34 28.55
C ILE D 420 12.77 -35.69 28.74
N ASN D 421 13.51 -36.16 29.74
CA ASN D 421 14.85 -35.66 30.03
C ASN D 421 15.90 -36.71 29.74
N GLY D 422 15.60 -37.96 30.07
CA GLY D 422 16.50 -39.08 29.87
C GLY D 422 17.36 -38.93 28.64
N PRO D 423 18.57 -39.53 28.61
CA PRO D 423 19.45 -39.40 27.45
C PRO D 423 18.66 -39.56 26.17
N PHE D 424 18.90 -38.63 25.24
CA PHE D 424 18.18 -38.61 23.97
C PHE D 424 18.85 -39.35 22.83
N LYS D 425 20.00 -39.97 23.07
CA LYS D 425 20.69 -40.70 22.00
C LYS D 425 21.38 -41.97 22.46
N PRO D 426 21.47 -42.97 21.57
CA PRO D 426 22.12 -44.24 21.92
C PRO D 426 23.61 -44.00 22.14
N ASP D 427 24.29 -44.93 22.83
CA ASP D 427 25.71 -44.76 23.10
C ASP D 427 26.57 -44.67 21.87
N HIS D 428 26.11 -45.24 20.76
CA HIS D 428 26.87 -45.21 19.51
C HIS D 428 26.64 -43.95 18.68
N TYR D 429 25.74 -43.09 19.13
CA TYR D 429 25.45 -41.86 18.40
C TYR D 429 26.70 -40.99 18.30
N ARG D 430 27.00 -40.52 17.10
CA ARG D 430 28.17 -39.70 16.85
C ARG D 430 27.92 -38.20 16.73
N TYR D 431 26.66 -37.78 16.77
CA TYR D 431 26.37 -36.35 16.64
C TYR D 431 27.01 -35.81 15.37
N ASP E 2 -66.37 31.02 -46.21
CA ASP E 2 -65.32 30.44 -47.09
C ASP E 2 -65.04 28.99 -46.69
N LYS E 3 -63.87 28.76 -46.09
CA LYS E 3 -63.46 27.44 -45.66
C LYS E 3 -64.25 26.95 -44.45
N LEU E 4 -63.91 25.76 -43.96
CA LEU E 4 -64.58 25.17 -42.81
C LEU E 4 -64.57 26.10 -41.62
N PRO E 5 -65.37 25.79 -40.58
CA PRO E 5 -65.40 26.66 -39.40
C PRO E 5 -64.23 26.35 -38.48
N TYR E 6 -63.69 25.15 -38.62
CA TYR E 6 -62.57 24.72 -37.82
C TYR E 6 -62.21 23.33 -38.29
N LYS E 7 -61.16 22.78 -37.74
CA LYS E 7 -60.78 21.43 -38.04
C LYS E 7 -59.82 20.97 -36.97
N VAL E 8 -60.16 19.87 -36.33
CA VAL E 8 -59.37 19.31 -35.25
C VAL E 8 -59.29 17.81 -35.49
N ALA E 9 -58.63 17.09 -34.58
CA ALA E 9 -58.49 15.65 -34.76
C ALA E 9 -59.76 14.87 -34.44
N ASP E 10 -60.46 15.27 -33.38
CA ASP E 10 -61.69 14.60 -32.99
C ASP E 10 -62.45 15.53 -32.05
N ILE E 11 -63.64 15.96 -32.45
CA ILE E 11 -64.42 16.86 -31.60
C ILE E 11 -65.09 16.11 -30.47
N GLY E 12 -64.92 14.80 -30.45
CA GLY E 12 -65.52 14.01 -29.40
C GLY E 12 -64.71 14.18 -28.12
N LEU E 13 -63.57 14.84 -28.25
CA LEU E 13 -62.67 15.05 -27.12
C LEU E 13 -63.04 16.29 -26.30
N ALA E 14 -63.95 17.12 -26.84
CA ALA E 14 -64.38 18.35 -26.21
C ALA E 14 -64.75 18.27 -24.74
N ALA E 15 -65.58 17.30 -24.39
CA ALA E 15 -66.00 17.11 -23.00
C ALA E 15 -64.80 17.01 -22.08
N TRP E 16 -63.90 16.07 -22.39
CA TRP E 16 -62.72 15.86 -21.56
C TRP E 16 -61.83 17.10 -21.59
N GLY E 17 -61.69 17.69 -22.77
CA GLY E 17 -60.86 18.87 -22.87
C GLY E 17 -61.38 19.98 -21.97
N ARG E 18 -62.70 20.05 -21.83
CA ARG E 18 -63.33 21.08 -20.99
C ARG E 18 -63.02 20.90 -19.51
N LYS E 19 -63.01 19.66 -19.04
CA LYS E 19 -62.70 19.40 -17.64
C LYS E 19 -61.27 19.86 -17.37
N ALA E 20 -60.38 19.57 -18.32
CA ALA E 20 -58.98 19.95 -18.20
C ALA E 20 -58.89 21.47 -18.15
N LEU E 21 -59.69 22.14 -18.97
CA LEU E 21 -59.69 23.58 -19.00
C LEU E 21 -60.19 24.11 -17.68
N ASP E 22 -61.13 23.38 -17.09
CA ASP E 22 -61.70 23.76 -15.81
C ASP E 22 -60.63 23.74 -14.73
N ILE E 23 -59.90 22.64 -14.65
CA ILE E 23 -58.85 22.52 -13.66
C ILE E 23 -57.75 23.54 -13.96
N ALA E 24 -57.43 23.69 -15.25
CA ALA E 24 -56.39 24.62 -15.68
C ALA E 24 -56.69 26.05 -15.22
N GLU E 25 -57.92 26.49 -15.41
CA GLU E 25 -58.32 27.85 -15.03
C GLU E 25 -58.01 28.15 -13.56
N ASN E 26 -58.26 27.17 -12.69
CA ASN E 26 -58.00 27.31 -11.26
C ASN E 26 -56.49 27.37 -10.97
N GLU E 27 -55.67 27.15 -11.98
CA GLU E 27 -54.22 27.18 -11.83
C GLU E 27 -53.61 28.41 -12.48
N MET E 28 -54.40 29.18 -13.22
CA MET E 28 -53.86 30.35 -13.87
C MET E 28 -54.60 31.60 -13.39
N PRO E 29 -54.22 32.10 -12.21
CA PRO E 29 -54.81 33.28 -11.57
C PRO E 29 -54.62 34.55 -12.38
N GLY E 30 -53.50 34.64 -13.08
CA GLY E 30 -53.25 35.83 -13.87
C GLY E 30 -54.28 36.02 -14.95
N LEU E 31 -54.56 34.95 -15.70
CA LEU E 31 -55.53 35.01 -16.77
C LEU E 31 -56.91 35.29 -16.20
N MET E 32 -57.28 34.54 -15.18
CA MET E 32 -58.56 34.70 -14.54
C MET E 32 -58.74 36.12 -14.00
N ARG E 33 -57.67 36.71 -13.50
CA ARG E 33 -57.78 38.05 -12.96
C ARG E 33 -57.99 39.02 -14.12
N MET E 34 -57.40 38.72 -15.26
CA MET E 34 -57.54 39.57 -16.44
C MET E 34 -59.00 39.52 -16.84
N ARG E 35 -59.57 38.34 -16.74
CA ARG E 35 -60.98 38.14 -17.06
C ARG E 35 -61.84 38.92 -16.08
N GLU E 36 -61.53 38.81 -14.80
CA GLU E 36 -62.26 39.48 -13.74
C GLU E 36 -62.36 40.98 -13.99
N MET E 37 -61.22 41.59 -14.30
CA MET E 37 -61.18 43.01 -14.51
C MET E 37 -61.67 43.54 -15.86
N TYR E 38 -61.38 42.83 -16.95
CA TYR E 38 -61.77 43.31 -18.27
C TYR E 38 -62.91 42.67 -19.02
N SER E 39 -63.57 41.71 -18.41
CA SER E 39 -64.68 41.04 -19.07
C SER E 39 -65.76 42.06 -19.44
N ALA E 40 -66.06 42.96 -18.52
CA ALA E 40 -67.09 43.97 -18.76
C ALA E 40 -66.63 45.02 -19.75
N SER E 41 -65.46 45.62 -19.52
CA SER E 41 -64.97 46.65 -20.42
C SER E 41 -64.74 46.14 -21.84
N LYS E 42 -64.38 44.86 -21.98
CA LYS E 42 -64.11 44.30 -23.30
C LYS E 42 -63.06 45.17 -24.03
N PRO E 43 -61.90 45.40 -23.40
CA PRO E 43 -60.87 46.23 -24.02
C PRO E 43 -60.42 45.77 -25.40
N LEU E 44 -60.64 44.50 -25.71
CA LEU E 44 -60.22 43.93 -26.99
C LEU E 44 -61.33 43.88 -28.04
N LYS E 45 -62.43 44.55 -27.76
CA LYS E 45 -63.55 44.58 -28.69
C LYS E 45 -63.11 45.22 -29.99
N GLY E 46 -63.48 44.59 -31.11
CA GLY E 46 -63.11 45.11 -32.39
C GLY E 46 -61.81 44.53 -32.88
N ALA E 47 -61.18 43.71 -32.05
CA ALA E 47 -59.92 43.09 -32.43
C ALA E 47 -60.17 41.73 -33.09
N ARG E 48 -59.38 41.44 -34.11
CA ARG E 48 -59.51 40.16 -34.78
C ARG E 48 -58.11 39.58 -34.67
N ILE E 49 -57.89 38.84 -33.58
CA ILE E 49 -56.59 38.24 -33.28
C ILE E 49 -56.35 36.90 -33.93
N ALA E 50 -55.36 36.84 -34.79
CA ALA E 50 -54.98 35.59 -35.43
C ALA E 50 -53.85 35.09 -34.54
N GLY E 51 -54.04 33.92 -33.95
CA GLY E 51 -53.02 33.38 -33.07
C GLY E 51 -52.32 32.14 -33.61
N CYS E 52 -51.01 32.08 -33.41
CA CYS E 52 -50.21 30.94 -33.82
C CYS E 52 -49.37 30.60 -32.61
N LEU E 53 -49.85 29.66 -31.80
CA LEU E 53 -49.17 29.27 -30.59
C LEU E 53 -49.64 27.85 -30.28
N HIS E 54 -48.74 26.99 -29.80
CA HIS E 54 -49.11 25.61 -29.52
C HIS E 54 -50.51 25.55 -28.93
N MET E 55 -51.35 24.67 -29.47
CA MET E 55 -52.73 24.57 -28.99
C MET E 55 -52.84 23.55 -27.84
N THR E 56 -52.59 24.03 -26.64
CA THR E 56 -52.62 23.21 -25.45
C THR E 56 -53.74 23.71 -24.52
N VAL E 57 -53.95 23.02 -23.41
CA VAL E 57 -54.99 23.42 -22.44
C VAL E 57 -54.77 24.85 -21.95
N GLU E 58 -53.51 25.24 -21.73
CA GLU E 58 -53.20 26.58 -21.27
C GLU E 58 -53.49 27.59 -22.38
N THR E 59 -53.15 27.25 -23.61
CA THR E 59 -53.41 28.16 -24.72
C THR E 59 -54.92 28.28 -24.89
N ALA E 60 -55.64 27.27 -24.43
CA ALA E 60 -57.09 27.27 -24.55
C ALA E 60 -57.65 28.31 -23.59
N VAL E 61 -57.08 28.36 -22.39
CA VAL E 61 -57.54 29.31 -21.40
C VAL E 61 -57.19 30.71 -21.88
N LEU E 62 -56.07 30.82 -22.59
CA LEU E 62 -55.65 32.12 -23.10
C LEU E 62 -56.65 32.58 -24.15
N ILE E 63 -56.95 31.71 -25.10
CA ILE E 63 -57.89 32.03 -26.16
C ILE E 63 -59.23 32.50 -25.58
N GLU E 64 -59.78 31.73 -24.65
CA GLU E 64 -61.05 32.08 -24.04
C GLU E 64 -60.97 33.37 -23.22
N THR E 65 -59.76 33.73 -22.77
CA THR E 65 -59.61 34.95 -22.00
C THR E 65 -59.68 36.12 -22.96
N LEU E 66 -58.98 36.00 -24.08
CA LEU E 66 -58.97 37.04 -25.10
C LEU E 66 -60.40 37.28 -25.59
N VAL E 67 -61.17 36.21 -25.68
CA VAL E 67 -62.56 36.30 -26.13
C VAL E 67 -63.43 36.98 -25.07
N ALA E 68 -63.23 36.63 -23.81
CA ALA E 68 -64.00 37.22 -22.74
C ALA E 68 -63.72 38.73 -22.70
N LEU E 69 -62.61 39.15 -23.31
CA LEU E 69 -62.25 40.56 -23.32
C LEU E 69 -62.76 41.25 -24.59
N GLY E 70 -63.64 40.57 -25.30
CA GLY E 70 -64.23 41.14 -26.50
C GLY E 70 -63.50 40.92 -27.80
N ALA E 71 -62.44 40.12 -27.77
CA ALA E 71 -61.68 39.87 -28.99
C ALA E 71 -62.31 38.82 -29.87
N GLU E 72 -61.85 38.75 -31.11
CA GLU E 72 -62.32 37.76 -32.07
C GLU E 72 -61.05 37.04 -32.51
N VAL E 73 -61.00 35.72 -32.32
CA VAL E 73 -59.80 34.97 -32.65
C VAL E 73 -59.98 33.74 -33.53
N ARG E 74 -58.90 33.40 -34.22
CA ARG E 74 -58.79 32.22 -35.08
C ARG E 74 -57.42 31.64 -34.73
N TRP E 75 -57.39 30.42 -34.18
CA TRP E 75 -56.12 29.86 -33.77
C TRP E 75 -55.52 28.80 -34.67
N SER E 76 -54.27 28.47 -34.35
CA SER E 76 -53.50 27.46 -35.04
C SER E 76 -52.29 27.20 -34.16
N SER E 77 -51.73 26.00 -34.20
CA SER E 77 -50.57 25.69 -33.40
C SER E 77 -49.35 26.16 -34.17
N CYS E 78 -48.23 26.31 -33.49
CA CYS E 78 -47.01 26.74 -34.16
C CYS E 78 -46.07 25.55 -34.25
N ASN E 79 -46.60 24.38 -33.89
CA ASN E 79 -45.85 23.13 -33.92
C ASN E 79 -46.79 22.02 -34.39
N ILE E 80 -46.28 21.12 -35.24
CA ILE E 80 -47.08 20.03 -35.77
C ILE E 80 -47.29 18.89 -34.78
N PHE E 81 -46.55 18.92 -33.67
CA PHE E 81 -46.68 17.88 -32.64
C PHE E 81 -47.18 18.40 -31.29
N SER E 82 -47.06 19.70 -31.06
CA SER E 82 -47.43 20.31 -29.79
C SER E 82 -48.89 20.38 -29.42
N THR E 83 -49.79 20.23 -30.39
CA THR E 83 -51.21 20.32 -30.09
C THR E 83 -51.74 19.28 -29.10
N GLN E 84 -52.68 19.72 -28.28
CA GLN E 84 -53.34 18.85 -27.29
C GLN E 84 -54.76 18.78 -27.84
N ASP E 85 -55.07 17.67 -28.51
CA ASP E 85 -56.36 17.50 -29.15
C ASP E 85 -57.62 17.70 -28.32
N HIS E 86 -57.62 17.28 -27.05
CA HIS E 86 -58.83 17.47 -26.25
C HIS E 86 -59.05 18.97 -25.97
N ALA E 87 -57.95 19.71 -25.90
CA ALA E 87 -58.00 21.15 -25.66
C ALA E 87 -58.51 21.84 -26.91
N ALA E 88 -58.05 21.38 -28.07
CA ALA E 88 -58.48 21.94 -29.34
C ALA E 88 -59.98 21.69 -29.54
N ALA E 89 -60.43 20.48 -29.20
CA ALA E 89 -61.83 20.11 -29.33
C ALA E 89 -62.72 21.02 -28.51
N ALA E 90 -62.32 21.27 -27.26
CA ALA E 90 -63.10 22.15 -26.39
C ALA E 90 -63.23 23.53 -27.02
N ILE E 91 -62.13 24.03 -27.56
CA ILE E 91 -62.14 25.35 -28.17
C ILE E 91 -63.02 25.36 -29.41
N ALA E 92 -62.85 24.34 -30.26
CA ALA E 92 -63.62 24.21 -31.49
C ALA E 92 -65.10 24.11 -31.15
N LYS E 93 -65.44 23.22 -30.22
CA LYS E 93 -66.81 23.04 -29.80
C LYS E 93 -67.35 24.29 -29.13
N ALA E 94 -66.45 25.17 -28.67
CA ALA E 94 -66.88 26.39 -28.01
C ALA E 94 -67.23 27.48 -29.03
N GLY E 95 -67.09 27.16 -30.31
CA GLY E 95 -67.42 28.13 -31.34
C GLY E 95 -66.21 28.92 -31.82
N ILE E 96 -65.05 28.64 -31.27
CA ILE E 96 -63.84 29.35 -31.67
C ILE E 96 -63.22 28.59 -32.83
N PRO E 97 -63.01 29.27 -33.96
CA PRO E 97 -62.40 28.56 -35.09
C PRO E 97 -60.94 28.25 -34.84
N VAL E 98 -60.68 27.03 -34.42
CA VAL E 98 -59.30 26.60 -34.16
C VAL E 98 -58.94 25.59 -35.23
N PHE E 99 -57.76 25.75 -35.82
CA PHE E 99 -57.32 24.82 -36.85
C PHE E 99 -55.99 24.19 -36.45
N ALA E 100 -56.06 23.12 -35.67
CA ALA E 100 -54.85 22.45 -35.22
C ALA E 100 -55.14 21.07 -34.66
N TRP E 101 -54.16 20.20 -34.76
CA TRP E 101 -54.29 18.84 -34.26
C TRP E 101 -52.87 18.27 -34.18
N LYS E 102 -52.66 17.29 -33.31
CA LYS E 102 -51.32 16.69 -33.18
C LYS E 102 -50.96 15.84 -34.38
N GLY E 103 -49.71 15.93 -34.79
CA GLY E 103 -49.24 15.14 -35.93
C GLY E 103 -49.58 15.65 -37.33
N GLU E 104 -49.60 16.96 -37.53
CA GLU E 104 -49.89 17.50 -38.85
C GLU E 104 -48.67 17.31 -39.73
N THR E 105 -48.82 17.65 -41.01
CA THR E 105 -47.72 17.57 -41.96
C THR E 105 -47.34 19.01 -42.29
N ASP E 106 -46.08 19.23 -42.66
CA ASP E 106 -45.61 20.56 -42.99
C ASP E 106 -46.59 21.25 -43.93
N GLU E 107 -47.33 20.44 -44.69
CA GLU E 107 -48.32 20.97 -45.61
C GLU E 107 -49.57 21.46 -44.87
N GLU E 108 -50.14 20.60 -44.03
CA GLU E 108 -51.33 20.96 -43.26
C GLU E 108 -51.02 22.09 -42.28
N TYR E 109 -49.80 22.09 -41.77
CA TYR E 109 -49.36 23.12 -40.84
C TYR E 109 -49.62 24.50 -41.45
N LEU E 110 -49.07 24.72 -42.62
CA LEU E 110 -49.23 26.00 -43.32
C LEU E 110 -50.68 26.31 -43.65
N TRP E 111 -51.46 25.27 -43.95
CA TRP E 111 -52.86 25.45 -44.29
C TRP E 111 -53.58 26.06 -43.10
N CYS E 112 -53.30 25.54 -41.91
CA CYS E 112 -53.90 26.03 -40.68
C CYS E 112 -53.63 27.51 -40.41
N ILE E 113 -52.38 27.92 -40.60
CA ILE E 113 -52.02 29.31 -40.37
C ILE E 113 -52.80 30.20 -41.31
N GLU E 114 -52.85 29.82 -42.58
CA GLU E 114 -53.57 30.61 -43.56
C GLU E 114 -55.05 30.71 -43.21
N GLN E 115 -55.54 29.72 -42.49
CA GLN E 115 -56.95 29.68 -42.10
C GLN E 115 -57.32 30.77 -41.11
N THR E 116 -56.33 31.24 -40.34
CA THR E 116 -56.59 32.26 -39.32
C THR E 116 -56.49 33.71 -39.79
N LEU E 117 -56.04 33.90 -41.03
CA LEU E 117 -55.85 35.25 -41.57
C LEU E 117 -57.10 36.03 -41.90
N HIS E 118 -58.21 35.34 -42.18
CA HIS E 118 -59.43 36.06 -42.54
C HIS E 118 -60.60 35.79 -41.66
N PHE E 119 -61.18 36.89 -41.16
CA PHE E 119 -62.32 36.82 -40.26
C PHE E 119 -63.62 37.17 -40.97
N LYS E 120 -64.71 36.95 -40.27
CA LYS E 120 -66.05 37.22 -40.77
C LYS E 120 -66.16 38.62 -41.36
N ASP E 121 -65.77 39.65 -40.59
CA ASP E 121 -65.88 41.02 -41.08
C ASP E 121 -64.58 41.64 -41.56
N GLY E 122 -63.66 40.80 -42.02
CA GLY E 122 -62.40 41.33 -42.51
C GLY E 122 -61.19 40.51 -42.11
N PRO E 123 -60.00 40.88 -42.60
CA PRO E 123 -58.78 40.16 -42.26
C PRO E 123 -58.32 40.45 -40.84
N LEU E 124 -57.36 39.68 -40.36
CA LEU E 124 -56.81 39.83 -39.02
C LEU E 124 -56.21 41.22 -38.86
N ASN E 125 -56.45 41.83 -37.70
CA ASN E 125 -55.91 43.15 -37.39
C ASN E 125 -55.01 43.08 -36.15
N MET E 126 -54.65 41.85 -35.76
CA MET E 126 -53.80 41.63 -34.61
C MET E 126 -53.11 40.28 -34.71
N ILE E 127 -51.89 40.21 -34.21
CA ILE E 127 -51.13 38.97 -34.25
C ILE E 127 -50.67 38.57 -32.84
N LEU E 128 -50.83 37.29 -32.52
CA LEU E 128 -50.38 36.75 -31.25
C LEU E 128 -49.53 35.56 -31.68
N ASP E 129 -48.23 35.80 -31.84
CA ASP E 129 -47.32 34.77 -32.31
C ASP E 129 -46.38 34.17 -31.28
N ASP E 130 -45.95 32.94 -31.59
CA ASP E 130 -44.98 32.21 -30.77
C ASP E 130 -44.07 31.50 -31.79
N GLY E 131 -42.91 32.09 -32.06
CA GLY E 131 -41.99 31.52 -33.03
C GLY E 131 -41.81 32.41 -34.25
N GLY E 132 -42.72 33.35 -34.47
CA GLY E 132 -42.61 34.25 -35.61
C GLY E 132 -43.17 33.74 -36.94
N ASP E 133 -43.75 32.56 -36.96
CA ASP E 133 -44.29 32.00 -38.20
C ASP E 133 -45.42 32.83 -38.80
N LEU E 134 -46.36 33.24 -37.95
CA LEU E 134 -47.48 34.04 -38.44
C LEU E 134 -46.98 35.39 -38.93
N THR E 135 -46.13 36.03 -38.15
CA THR E 135 -45.63 37.35 -38.51
C THR E 135 -44.71 37.30 -39.73
N ASN E 136 -44.00 36.20 -39.90
CA ASN E 136 -43.11 36.07 -41.05
C ASN E 136 -43.92 35.72 -42.30
N LEU E 137 -45.03 35.00 -42.09
CA LEU E 137 -45.91 34.61 -43.19
C LEU E 137 -46.54 35.86 -43.77
N ILE E 138 -47.26 36.61 -42.94
CA ILE E 138 -47.92 37.84 -43.38
C ILE E 138 -46.92 38.77 -44.05
N HIS E 139 -45.78 38.99 -43.38
CA HIS E 139 -44.74 39.87 -43.89
C HIS E 139 -44.18 39.49 -45.27
N THR E 140 -43.93 38.21 -45.48
CA THR E 140 -43.38 37.76 -46.75
C THR E 140 -44.37 37.20 -47.76
N LYS E 141 -45.55 36.79 -47.31
CA LYS E 141 -46.51 36.22 -48.25
C LYS E 141 -47.76 37.05 -48.43
N HIS E 142 -48.21 37.71 -47.37
CA HIS E 142 -49.41 38.53 -47.41
C HIS E 142 -49.19 40.02 -47.13
N PRO E 143 -48.09 40.61 -47.62
CA PRO E 143 -47.79 42.02 -47.37
C PRO E 143 -48.99 42.97 -47.44
N GLN E 144 -50.02 42.60 -48.19
CA GLN E 144 -51.20 43.43 -48.34
C GLN E 144 -51.93 43.62 -47.00
N LEU E 145 -51.89 42.59 -46.16
CA LEU E 145 -52.55 42.63 -44.88
C LEU E 145 -51.73 43.35 -43.81
N LEU E 146 -50.45 43.53 -44.12
CA LEU E 146 -49.51 44.19 -43.22
C LEU E 146 -49.98 45.51 -42.61
N SER E 147 -50.59 46.36 -43.42
CA SER E 147 -51.04 47.66 -42.95
C SER E 147 -52.33 47.66 -42.16
N GLY E 148 -52.99 46.51 -42.07
CA GLY E 148 -54.23 46.44 -41.33
C GLY E 148 -54.06 45.84 -39.96
N ILE E 149 -52.85 45.32 -39.70
CA ILE E 149 -52.50 44.71 -38.42
C ILE E 149 -52.04 45.81 -37.47
N ARG E 150 -52.72 45.91 -36.32
CA ARG E 150 -52.37 46.95 -35.34
C ARG E 150 -51.09 46.67 -34.56
N GLY E 151 -50.78 45.40 -34.32
CA GLY E 151 -49.57 45.09 -33.59
C GLY E 151 -49.30 43.61 -33.47
N ILE E 152 -48.06 43.27 -33.16
CA ILE E 152 -47.65 41.88 -33.02
C ILE E 152 -47.35 41.58 -31.55
N SER E 153 -47.44 40.31 -31.19
CA SER E 153 -47.20 39.89 -29.82
C SER E 153 -46.37 38.61 -29.87
N GLU E 154 -45.04 38.74 -29.70
CA GLU E 154 -44.17 37.56 -29.75
C GLU E 154 -43.77 37.13 -28.35
N GLU E 155 -43.66 35.83 -28.12
CA GLU E 155 -43.32 35.35 -26.80
C GLU E 155 -42.15 34.39 -26.71
N THR E 156 -41.62 33.99 -27.85
CA THR E 156 -40.50 33.08 -27.87
C THR E 156 -39.15 33.78 -28.06
N THR E 157 -38.14 33.29 -27.35
CA THR E 157 -36.80 33.88 -27.42
C THR E 157 -36.32 33.96 -28.86
N THR E 158 -36.50 32.87 -29.61
CA THR E 158 -36.08 32.87 -31.00
C THR E 158 -36.91 33.84 -31.82
N GLY E 159 -38.23 33.78 -31.65
CA GLY E 159 -39.11 34.66 -32.39
C GLY E 159 -38.78 36.11 -32.14
N VAL E 160 -38.62 36.48 -30.87
CA VAL E 160 -38.32 37.85 -30.49
C VAL E 160 -36.96 38.23 -31.06
N HIS E 161 -36.08 37.24 -31.14
CA HIS E 161 -34.73 37.43 -31.69
C HIS E 161 -34.89 37.79 -33.15
N ASN E 162 -35.77 37.07 -33.82
CA ASN E 162 -36.03 37.29 -35.23
C ASN E 162 -36.65 38.66 -35.47
N LEU E 163 -37.48 39.11 -34.53
CA LEU E 163 -38.14 40.40 -34.65
C LEU E 163 -37.11 41.51 -34.59
N TYR E 164 -36.22 41.44 -33.60
CA TYR E 164 -35.19 42.45 -33.41
C TYR E 164 -34.39 42.52 -34.69
N LYS E 165 -34.18 41.37 -35.31
CA LYS E 165 -33.43 41.27 -36.56
C LYS E 165 -34.21 41.96 -37.69
N MET E 166 -35.50 41.67 -37.77
CA MET E 166 -36.35 42.27 -38.78
C MET E 166 -36.25 43.79 -38.74
N MET E 167 -36.32 44.36 -37.53
CA MET E 167 -36.23 45.80 -37.36
C MET E 167 -34.86 46.28 -37.78
N ALA E 168 -33.83 45.58 -37.33
CA ALA E 168 -32.45 45.96 -37.65
C ALA E 168 -32.25 46.08 -39.16
N ASN E 169 -33.07 45.38 -39.92
CA ASN E 169 -32.96 45.41 -41.37
C ASN E 169 -34.09 46.19 -42.02
N GLY E 170 -34.92 46.83 -41.21
CA GLY E 170 -36.03 47.61 -41.72
C GLY E 170 -37.09 46.77 -42.41
N ILE E 171 -37.24 45.52 -41.98
CA ILE E 171 -38.23 44.62 -42.56
C ILE E 171 -39.53 44.61 -41.75
N LEU E 172 -39.43 44.82 -40.44
CA LEU E 172 -40.61 44.84 -39.58
C LEU E 172 -41.49 46.00 -40.02
N LYS E 173 -42.76 45.73 -40.27
CA LYS E 173 -43.68 46.77 -40.70
C LYS E 173 -44.85 47.00 -39.77
N VAL E 174 -44.87 46.31 -38.63
CA VAL E 174 -45.93 46.50 -37.65
C VAL E 174 -45.31 46.48 -36.26
N PRO E 175 -45.80 47.34 -35.35
CA PRO E 175 -45.25 47.40 -33.98
C PRO E 175 -45.37 46.06 -33.31
N ALA E 176 -44.27 45.62 -32.71
CA ALA E 176 -44.26 44.32 -32.04
C ALA E 176 -43.92 44.53 -30.58
N ILE E 177 -44.35 43.60 -29.74
CA ILE E 177 -44.03 43.70 -28.32
C ILE E 177 -43.29 42.42 -27.91
N ASN E 178 -42.13 42.60 -27.29
CA ASN E 178 -41.35 41.47 -26.85
C ASN E 178 -41.91 41.04 -25.50
N VAL E 179 -42.65 39.93 -25.50
CA VAL E 179 -43.28 39.43 -24.29
C VAL E 179 -42.38 38.44 -23.59
N ASN E 180 -41.47 37.83 -24.34
CA ASN E 180 -40.57 36.86 -23.76
C ASN E 180 -39.67 37.50 -22.72
N ASP E 181 -39.25 38.71 -23.01
CA ASP E 181 -38.34 39.40 -22.13
C ASP E 181 -38.93 40.17 -20.94
N SER E 182 -40.13 39.80 -20.53
CA SER E 182 -40.71 40.40 -19.35
C SER E 182 -40.07 39.53 -18.29
N VAL E 183 -39.82 40.04 -17.09
CA VAL E 183 -39.18 39.22 -16.08
C VAL E 183 -40.04 38.04 -15.74
N THR E 184 -41.33 38.30 -15.59
CA THR E 184 -42.28 37.25 -15.23
C THR E 184 -42.43 36.17 -16.28
N LYS E 185 -42.04 36.46 -17.52
CA LYS E 185 -42.12 35.45 -18.56
C LYS E 185 -40.81 34.69 -18.60
N SER E 186 -39.75 35.40 -18.95
CA SER E 186 -38.45 34.79 -19.07
C SER E 186 -37.92 34.02 -17.88
N LYS E 187 -37.80 34.68 -16.73
CA LYS E 187 -37.25 34.04 -15.54
C LYS E 187 -38.12 32.96 -14.95
N PHE E 188 -39.38 32.89 -15.38
CA PHE E 188 -40.28 31.88 -14.83
C PHE E 188 -40.69 30.81 -15.84
N ASP E 189 -41.09 31.24 -17.04
CA ASP E 189 -41.52 30.29 -18.06
C ASP E 189 -40.34 29.47 -18.53
N ASN E 190 -39.42 30.12 -19.22
CA ASN E 190 -38.24 29.46 -19.76
C ASN E 190 -37.53 28.62 -18.72
N LEU E 191 -37.24 29.22 -17.58
CA LEU E 191 -36.53 28.54 -16.49
C LEU E 191 -37.33 27.52 -15.68
N TYR E 192 -38.30 27.98 -14.90
CA TYR E 192 -39.12 27.08 -14.09
C TYR E 192 -39.98 26.12 -14.94
N GLY E 193 -40.43 26.59 -16.10
CA GLY E 193 -41.24 25.75 -16.97
C GLY E 193 -40.48 24.51 -17.39
N CYS E 194 -39.35 24.71 -18.06
CA CYS E 194 -38.53 23.61 -18.55
C CYS E 194 -38.01 22.73 -17.42
N ARG E 195 -37.83 23.33 -16.25
CA ARG E 195 -37.35 22.58 -15.10
C ARG E 195 -38.36 21.48 -14.79
N GLU E 196 -39.63 21.77 -15.05
CA GLU E 196 -40.69 20.82 -14.77
C GLU E 196 -41.14 19.95 -15.93
N SER E 197 -41.18 20.52 -17.13
CA SER E 197 -41.65 19.78 -18.30
C SER E 197 -40.61 19.01 -19.13
N LEU E 198 -39.33 19.20 -18.87
CA LEU E 198 -38.31 18.48 -19.64
C LEU E 198 -38.28 17.00 -19.27
N ILE E 199 -38.15 16.70 -17.98
CA ILE E 199 -38.10 15.31 -17.52
C ILE E 199 -39.43 14.60 -17.79
N ASP E 200 -40.50 15.38 -17.84
CA ASP E 200 -41.83 14.85 -18.08
C ASP E 200 -41.84 14.25 -19.49
N GLY E 201 -41.31 15.01 -20.43
CA GLY E 201 -41.23 14.54 -21.80
C GLY E 201 -40.32 13.34 -21.90
N ILE E 202 -39.11 13.45 -21.37
CA ILE E 202 -38.16 12.35 -21.41
C ILE E 202 -38.76 11.08 -20.80
N LYS E 203 -39.40 11.22 -19.64
CA LYS E 203 -39.96 10.08 -18.94
C LYS E 203 -41.16 9.46 -19.66
N ARG E 204 -42.13 10.27 -20.04
CA ARG E 204 -43.29 9.73 -20.74
C ARG E 204 -42.83 9.02 -22.01
N ALA E 205 -41.78 9.53 -22.65
CA ALA E 205 -41.27 8.92 -23.87
C ALA E 205 -40.43 7.68 -23.65
N THR E 206 -39.49 7.74 -22.72
CA THR E 206 -38.62 6.59 -22.49
C THR E 206 -38.78 5.91 -21.13
N ASP E 207 -39.26 6.65 -20.15
CA ASP E 207 -39.45 6.13 -18.79
C ASP E 207 -38.08 5.75 -18.23
N VAL E 208 -37.04 6.38 -18.75
CA VAL E 208 -35.69 6.11 -18.30
C VAL E 208 -35.43 6.69 -16.92
N MET E 209 -34.48 6.11 -16.19
CA MET E 209 -34.11 6.62 -14.88
C MET E 209 -33.05 7.69 -15.07
N ILE E 210 -33.33 8.88 -14.55
CA ILE E 210 -32.43 10.00 -14.64
C ILE E 210 -31.23 9.82 -13.70
N ALA E 211 -31.48 9.37 -12.47
CA ALA E 211 -30.44 9.18 -11.48
C ALA E 211 -29.27 8.33 -11.96
N GLY E 212 -28.05 8.77 -11.63
CA GLY E 212 -26.86 8.04 -12.00
C GLY E 212 -26.47 8.10 -13.47
N LYS E 213 -27.15 8.94 -14.25
CA LYS E 213 -26.84 9.07 -15.67
C LYS E 213 -26.08 10.36 -15.90
N VAL E 214 -25.38 10.43 -17.03
CA VAL E 214 -24.65 11.65 -17.37
C VAL E 214 -25.55 12.37 -18.36
N ALA E 215 -26.07 13.52 -17.96
CA ALA E 215 -26.95 14.29 -18.82
C ALA E 215 -26.16 15.45 -19.38
N VAL E 216 -26.16 15.58 -20.70
CA VAL E 216 -25.41 16.66 -21.34
C VAL E 216 -26.41 17.71 -21.79
N VAL E 217 -26.24 18.94 -21.30
CA VAL E 217 -27.16 20.01 -21.67
C VAL E 217 -26.41 21.06 -22.48
N ALA E 218 -26.88 21.31 -23.71
CA ALA E 218 -26.24 22.31 -24.58
C ALA E 218 -26.86 23.67 -24.33
N GLY E 219 -26.04 24.63 -23.92
CA GLY E 219 -26.53 25.96 -23.65
C GLY E 219 -26.95 26.08 -22.20
N TYR E 220 -26.50 27.16 -21.55
CA TYR E 220 -26.86 27.43 -20.16
C TYR E 220 -27.72 28.68 -20.01
N GLY E 221 -28.57 28.96 -20.98
CA GLY E 221 -29.45 30.12 -20.86
C GLY E 221 -30.53 29.76 -19.88
N ASP E 222 -31.65 30.45 -19.92
CA ASP E 222 -32.74 30.18 -18.98
C ASP E 222 -33.26 28.75 -19.11
N VAL E 223 -33.38 28.27 -20.34
CA VAL E 223 -33.87 26.91 -20.58
C VAL E 223 -32.85 25.89 -20.07
N GLY E 224 -31.58 26.09 -20.43
CA GLY E 224 -30.54 25.19 -20.00
C GLY E 224 -30.44 25.19 -18.50
N LYS E 225 -30.62 26.36 -17.90
CA LYS E 225 -30.56 26.51 -16.45
C LYS E 225 -31.64 25.66 -15.83
N GLY E 226 -32.83 25.72 -16.39
CA GLY E 226 -33.95 24.96 -15.87
C GLY E 226 -33.75 23.48 -16.05
N CYS E 227 -33.24 23.08 -17.20
CA CYS E 227 -33.04 21.67 -17.50
C CYS E 227 -31.93 21.08 -16.67
N ALA E 228 -30.83 21.82 -16.56
CA ALA E 228 -29.67 21.38 -15.79
C ALA E 228 -30.09 21.12 -14.35
N GLN E 229 -30.89 22.04 -13.84
CA GLN E 229 -31.39 21.92 -12.48
C GLN E 229 -32.30 20.69 -12.32
N ALA E 230 -33.24 20.53 -13.24
CA ALA E 230 -34.16 19.41 -13.20
C ALA E 230 -33.42 18.07 -13.16
N LEU E 231 -32.45 17.90 -14.05
CA LEU E 231 -31.68 16.67 -14.14
C LEU E 231 -30.80 16.47 -12.91
N ARG E 232 -30.20 17.56 -12.44
CA ARG E 232 -29.34 17.50 -11.28
C ARG E 232 -30.11 17.01 -10.06
N GLY E 233 -31.33 17.53 -9.91
CA GLY E 233 -32.16 17.17 -8.77
C GLY E 233 -32.60 15.73 -8.67
N PHE E 234 -32.45 14.97 -9.75
CA PHE E 234 -32.87 13.57 -9.73
C PHE E 234 -31.69 12.65 -9.54
N GLY E 235 -30.49 13.20 -9.56
CA GLY E 235 -29.31 12.39 -9.37
C GLY E 235 -28.47 12.19 -10.61
N ALA E 236 -28.64 13.05 -11.60
CA ALA E 236 -27.88 12.93 -12.83
C ALA E 236 -26.66 13.81 -12.73
N ARG E 237 -25.61 13.47 -13.47
CA ARG E 237 -24.41 14.28 -13.47
C ARG E 237 -24.52 15.10 -14.75
N VAL E 238 -24.83 16.37 -14.58
CA VAL E 238 -24.99 17.27 -15.70
C VAL E 238 -23.69 17.91 -16.18
N ILE E 239 -23.43 17.81 -17.48
CA ILE E 239 -22.28 18.45 -18.08
C ILE E 239 -22.87 19.52 -18.98
N ILE E 240 -22.28 20.70 -18.99
CA ILE E 240 -22.79 21.82 -19.76
C ILE E 240 -21.85 22.24 -20.87
N THR E 241 -22.42 22.73 -21.96
CA THR E 241 -21.63 23.24 -23.08
C THR E 241 -22.18 24.63 -23.33
N GLU E 242 -21.29 25.58 -23.59
CA GLU E 242 -21.73 26.96 -23.81
C GLU E 242 -20.75 27.72 -24.67
N ILE E 243 -21.22 28.81 -25.28
CA ILE E 243 -20.36 29.63 -26.11
C ILE E 243 -20.14 30.95 -25.39
N ASP E 244 -21.05 31.26 -24.46
CA ASP E 244 -20.97 32.49 -23.67
C ASP E 244 -20.12 32.29 -22.41
N PRO E 245 -19.06 33.10 -22.25
CA PRO E 245 -18.19 32.99 -21.08
C PRO E 245 -18.90 33.31 -19.76
N ILE E 246 -19.90 34.18 -19.81
CA ILE E 246 -20.62 34.52 -18.59
C ILE E 246 -21.49 33.35 -18.20
N ASN E 247 -22.32 32.88 -19.14
CA ASN E 247 -23.19 31.75 -18.86
C ASN E 247 -22.37 30.53 -18.51
N ALA E 248 -21.14 30.48 -19.01
CA ALA E 248 -20.26 29.37 -18.72
C ALA E 248 -19.78 29.44 -17.28
N LEU E 249 -19.41 30.65 -16.84
CA LEU E 249 -18.94 30.84 -15.47
C LEU E 249 -20.04 30.54 -14.47
N GLN E 250 -21.29 30.85 -14.84
CA GLN E 250 -22.41 30.58 -13.95
C GLN E 250 -22.52 29.07 -13.74
N ALA E 251 -22.46 28.32 -14.84
CA ALA E 251 -22.58 26.88 -14.76
C ALA E 251 -21.48 26.36 -13.84
N ALA E 252 -20.27 26.88 -14.02
CA ALA E 252 -19.13 26.47 -13.20
C ALA E 252 -19.37 26.77 -11.72
N MET E 253 -19.84 27.98 -11.44
CA MET E 253 -20.12 28.38 -10.07
C MET E 253 -21.22 27.53 -9.45
N GLU E 254 -21.96 26.79 -10.29
CA GLU E 254 -23.05 25.94 -9.79
C GLU E 254 -22.61 24.48 -9.71
N GLY E 255 -21.33 24.25 -9.95
CA GLY E 255 -20.80 22.89 -9.87
C GLY E 255 -20.96 22.02 -11.10
N TYR E 256 -21.20 22.62 -12.25
CA TYR E 256 -21.39 21.86 -13.48
C TYR E 256 -20.11 21.88 -14.29
N GLU E 257 -19.67 20.72 -14.76
CA GLU E 257 -18.47 20.71 -15.59
C GLU E 257 -18.88 21.33 -16.91
N VAL E 258 -18.02 22.13 -17.51
CA VAL E 258 -18.34 22.77 -18.78
C VAL E 258 -17.29 22.41 -19.84
N THR E 259 -17.73 21.68 -20.86
CA THR E 259 -16.85 21.27 -21.95
C THR E 259 -17.51 21.47 -23.28
N THR E 260 -16.86 20.98 -24.32
CA THR E 260 -17.37 21.05 -25.67
C THR E 260 -18.15 19.77 -25.93
N MET E 261 -19.08 19.83 -26.87
CA MET E 261 -19.89 18.66 -27.22
C MET E 261 -18.98 17.59 -27.81
N ASP E 262 -17.91 18.03 -28.47
CA ASP E 262 -16.95 17.13 -29.08
C ASP E 262 -16.42 16.18 -28.03
N GLU E 263 -16.25 16.70 -26.82
CA GLU E 263 -15.73 15.89 -25.73
C GLU E 263 -16.86 15.21 -24.97
N ALA E 264 -17.87 15.97 -24.63
CA ALA E 264 -19.01 15.44 -23.87
C ALA E 264 -19.80 14.31 -24.53
N CYS E 265 -19.86 14.31 -25.86
CA CYS E 265 -20.61 13.28 -26.58
C CYS E 265 -20.16 11.88 -26.23
N LYS E 266 -18.87 11.75 -25.91
CA LYS E 266 -18.34 10.43 -25.56
C LYS E 266 -18.73 10.02 -24.15
N GLU E 267 -19.24 10.97 -23.38
CA GLU E 267 -19.63 10.69 -22.02
C GLU E 267 -21.13 10.63 -21.72
N GLY E 268 -21.87 11.53 -22.35
CA GLY E 268 -23.31 11.63 -22.12
C GLY E 268 -24.16 10.38 -22.25
N ASN E 269 -25.21 10.32 -21.43
CA ASN E 269 -26.19 9.24 -21.42
C ASN E 269 -27.51 9.83 -21.89
N ILE E 270 -27.66 11.14 -21.71
CA ILE E 270 -28.85 11.86 -22.11
C ILE E 270 -28.37 13.20 -22.65
N PHE E 271 -28.87 13.58 -23.82
CA PHE E 271 -28.47 14.85 -24.41
C PHE E 271 -29.68 15.75 -24.58
N VAL E 272 -29.53 17.00 -24.16
CA VAL E 272 -30.61 17.97 -24.25
C VAL E 272 -30.08 19.25 -24.87
N THR E 273 -30.64 19.65 -26.00
CA THR E 273 -30.19 20.87 -26.62
C THR E 273 -31.17 21.98 -26.27
N THR E 274 -30.66 23.02 -25.62
CA THR E 274 -31.45 24.18 -25.20
C THR E 274 -30.93 25.41 -25.90
N THR E 275 -30.01 25.15 -26.81
CA THR E 275 -29.36 26.17 -27.62
C THR E 275 -30.41 26.80 -28.49
N GLY E 276 -30.12 27.97 -29.06
CA GLY E 276 -31.09 28.55 -29.95
C GLY E 276 -30.55 28.42 -31.37
N CYS E 277 -29.54 27.57 -31.59
CA CYS E 277 -28.97 27.45 -32.92
C CYS E 277 -28.68 26.07 -33.49
N VAL E 278 -28.33 26.06 -34.78
CA VAL E 278 -28.05 24.85 -35.54
C VAL E 278 -26.78 24.09 -35.22
N ASP E 279 -26.75 22.83 -35.64
CA ASP E 279 -25.59 21.99 -35.49
C ASP E 279 -25.04 21.81 -34.08
N ILE E 280 -25.90 21.46 -33.14
CA ILE E 280 -25.43 21.23 -31.78
C ILE E 280 -24.98 19.77 -31.67
N ILE E 281 -25.82 18.85 -32.13
CA ILE E 281 -25.49 17.43 -32.12
C ILE E 281 -25.42 16.90 -33.54
N LEU E 282 -24.21 16.64 -34.02
CA LEU E 282 -23.96 16.16 -35.36
C LEU E 282 -23.64 14.66 -35.41
N GLY E 283 -23.43 14.15 -36.62
CA GLY E 283 -23.11 12.74 -36.77
C GLY E 283 -21.80 12.38 -36.11
N ARG E 284 -20.86 13.30 -36.13
CA ARG E 284 -19.56 13.03 -35.52
C ARG E 284 -19.75 12.72 -34.05
N HIS E 285 -20.82 13.27 -33.46
CA HIS E 285 -21.13 13.08 -32.05
C HIS E 285 -21.87 11.77 -31.88
N PHE E 286 -22.91 11.59 -32.68
CA PHE E 286 -23.73 10.39 -32.65
C PHE E 286 -22.84 9.15 -32.69
N GLU E 287 -21.82 9.18 -33.52
CA GLU E 287 -20.92 8.04 -33.66
C GLU E 287 -20.14 7.74 -32.38
N GLN E 288 -20.08 8.71 -31.48
CA GLN E 288 -19.34 8.56 -30.22
C GLN E 288 -20.20 8.13 -29.04
N MET E 289 -21.46 8.54 -29.06
CA MET E 289 -22.43 8.22 -28.01
C MET E 289 -22.52 6.79 -27.52
N LYS E 290 -22.67 6.65 -26.20
CA LYS E 290 -22.81 5.34 -25.57
C LYS E 290 -24.12 4.70 -26.06
N ASP E 291 -24.19 3.38 -25.96
CA ASP E 291 -25.36 2.63 -26.42
C ASP E 291 -26.64 3.11 -25.77
N ASP E 292 -27.69 3.22 -26.57
CA ASP E 292 -28.99 3.64 -26.09
C ASP E 292 -29.03 5.04 -25.51
N ALA E 293 -28.16 5.92 -26.01
CA ALA E 293 -28.14 7.29 -25.53
C ALA E 293 -29.43 7.98 -25.98
N ILE E 294 -30.12 8.62 -25.05
CA ILE E 294 -31.36 9.33 -25.35
C ILE E 294 -31.06 10.76 -25.78
N VAL E 295 -31.45 11.10 -27.01
CA VAL E 295 -31.20 12.43 -27.53
C VAL E 295 -32.52 13.16 -27.74
N CYS E 296 -32.57 14.43 -27.34
CA CYS E 296 -33.77 15.23 -27.49
C CYS E 296 -33.40 16.70 -27.52
N ASN E 297 -34.32 17.52 -28.05
CA ASN E 297 -34.12 18.95 -28.16
C ASN E 297 -35.30 19.68 -27.51
N ILE E 298 -35.01 20.78 -26.83
CA ILE E 298 -36.05 21.54 -26.17
C ILE E 298 -36.02 23.03 -26.58
N GLY E 299 -35.04 23.39 -27.40
CA GLY E 299 -34.96 24.75 -27.90
C GLY E 299 -36.06 24.84 -28.94
N HIS E 300 -36.75 25.98 -28.98
CA HIS E 300 -37.90 26.19 -29.86
C HIS E 300 -37.95 25.48 -31.23
N PHE E 301 -36.85 25.46 -31.97
CA PHE E 301 -36.86 24.80 -33.28
C PHE E 301 -36.19 23.44 -33.28
N ASP E 302 -36.35 22.70 -34.39
CA ASP E 302 -35.76 21.36 -34.54
C ASP E 302 -34.49 21.31 -35.41
N VAL E 303 -33.74 22.41 -35.40
CA VAL E 303 -32.51 22.53 -36.18
C VAL E 303 -31.26 22.24 -35.37
N GLU E 304 -31.42 21.93 -34.10
CA GLU E 304 -30.27 21.70 -33.22
C GLU E 304 -29.64 20.32 -33.31
N ILE E 305 -30.47 19.30 -33.54
CA ILE E 305 -30.00 17.92 -33.67
C ILE E 305 -30.07 17.54 -35.14
N ASP E 306 -29.03 16.89 -35.65
CA ASP E 306 -29.01 16.52 -37.06
C ASP E 306 -29.71 15.19 -37.18
N VAL E 307 -31.02 15.25 -37.38
CA VAL E 307 -31.82 14.04 -37.49
C VAL E 307 -31.67 13.40 -38.87
N LYS E 308 -31.47 14.23 -39.88
CA LYS E 308 -31.28 13.75 -41.24
C LYS E 308 -30.12 12.78 -41.23
N TRP E 309 -29.04 13.16 -40.54
CA TRP E 309 -27.88 12.30 -40.47
C TRP E 309 -28.27 10.95 -39.93
N LEU E 310 -28.97 10.95 -38.81
CA LEU E 310 -29.41 9.69 -38.18
C LEU E 310 -30.15 8.85 -39.21
N ASN E 311 -31.08 9.50 -39.90
CA ASN E 311 -31.90 8.85 -40.91
C ASN E 311 -31.10 8.35 -42.09
N GLU E 312 -30.02 9.05 -42.45
CA GLU E 312 -29.22 8.65 -43.58
C GLU E 312 -27.96 7.89 -43.26
N ASN E 313 -27.70 7.61 -42.00
CA ASN E 313 -26.49 6.87 -41.67
C ASN E 313 -26.72 5.64 -40.80
N ALA E 314 -27.81 5.65 -40.05
CA ALA E 314 -28.14 4.52 -39.18
C ALA E 314 -28.35 3.25 -40.00
N VAL E 315 -27.89 2.13 -39.46
CA VAL E 315 -28.03 0.84 -40.12
C VAL E 315 -29.52 0.56 -40.26
N GLU E 316 -30.29 0.95 -39.25
CA GLU E 316 -31.74 0.74 -39.29
C GLU E 316 -32.44 1.58 -38.21
N LYS E 317 -33.69 1.94 -38.48
CA LYS E 317 -34.47 2.74 -37.55
C LYS E 317 -35.77 2.02 -37.20
N VAL E 318 -36.08 1.96 -35.91
CA VAL E 318 -37.30 1.30 -35.47
C VAL E 318 -38.08 2.23 -34.57
N ASN E 319 -39.33 2.47 -34.91
CA ASN E 319 -40.17 3.34 -34.12
C ASN E 319 -40.70 2.53 -32.96
N ILE E 320 -40.50 3.03 -31.73
CA ILE E 320 -40.97 2.35 -30.53
C ILE E 320 -42.44 2.71 -30.31
N LYS E 321 -42.76 3.96 -30.57
CA LYS E 321 -44.12 4.47 -30.43
C LYS E 321 -44.08 5.90 -30.92
N PRO E 322 -45.25 6.56 -31.00
CA PRO E 322 -45.21 7.95 -31.47
C PRO E 322 -44.15 8.83 -30.80
N GLN E 323 -43.40 9.55 -31.63
CA GLN E 323 -42.34 10.45 -31.20
C GLN E 323 -41.21 9.79 -30.45
N VAL E 324 -41.02 8.49 -30.66
CA VAL E 324 -39.91 7.79 -30.02
C VAL E 324 -39.34 6.79 -31.01
N ASP E 325 -38.11 7.05 -31.45
CA ASP E 325 -37.44 6.19 -32.42
C ASP E 325 -36.08 5.72 -31.92
N ARG E 326 -35.76 4.47 -32.22
CA ARG E 326 -34.50 3.88 -31.81
C ARG E 326 -33.67 3.50 -33.05
N TYR E 327 -32.63 4.26 -33.32
CA TYR E 327 -31.78 3.99 -34.47
C TYR E 327 -30.64 3.07 -34.09
N LEU E 328 -30.23 2.22 -35.02
CA LEU E 328 -29.10 1.31 -34.77
C LEU E 328 -27.98 1.85 -35.64
N LEU E 329 -26.84 2.14 -35.04
CA LEU E 329 -25.72 2.68 -35.81
C LEU E 329 -24.78 1.57 -36.22
N LYS E 330 -24.04 1.82 -37.30
CA LYS E 330 -23.09 0.83 -37.81
C LYS E 330 -22.18 0.32 -36.73
N ASN E 331 -21.86 1.17 -35.75
CA ASN E 331 -20.97 0.77 -34.65
C ASN E 331 -21.65 -0.20 -33.68
N GLY E 332 -22.91 -0.52 -33.96
CA GLY E 332 -23.66 -1.42 -33.10
C GLY E 332 -24.31 -0.73 -31.92
N HIS E 333 -24.21 0.60 -31.88
CA HIS E 333 -24.80 1.37 -30.79
C HIS E 333 -26.16 1.88 -31.18
N ARG E 334 -27.09 1.85 -30.23
CA ARG E 334 -28.45 2.31 -30.47
C ARG E 334 -28.53 3.75 -30.01
N ILE E 335 -29.46 4.50 -30.60
CA ILE E 335 -29.67 5.89 -30.25
C ILE E 335 -31.16 6.15 -30.22
N ILE E 336 -31.67 6.57 -29.07
CA ILE E 336 -33.09 6.86 -28.92
C ILE E 336 -33.38 8.34 -29.16
N LEU E 337 -33.97 8.66 -30.30
CA LEU E 337 -34.30 10.04 -30.65
C LEU E 337 -35.71 10.34 -30.16
N LEU E 338 -35.93 11.52 -29.61
CA LEU E 338 -37.25 11.88 -29.11
C LEU E 338 -37.94 13.01 -29.89
N ALA E 339 -39.23 12.83 -30.17
CA ALA E 339 -40.04 13.80 -30.89
C ALA E 339 -39.43 14.25 -32.21
N GLU E 340 -38.66 13.35 -32.83
CA GLU E 340 -38.03 13.66 -34.10
C GLU E 340 -37.19 14.95 -34.09
N GLY E 341 -36.56 15.23 -32.95
CA GLY E 341 -35.72 16.42 -32.83
C GLY E 341 -36.47 17.70 -32.53
N ARG E 342 -37.77 17.58 -32.24
CA ARG E 342 -38.61 18.73 -31.93
C ARG E 342 -38.77 18.89 -30.42
N LEU E 343 -39.39 19.98 -29.99
CA LEU E 343 -39.58 20.25 -28.57
C LEU E 343 -40.04 19.00 -27.83
N VAL E 344 -39.20 18.51 -26.94
CA VAL E 344 -39.51 17.30 -26.21
C VAL E 344 -40.62 17.44 -25.15
N ASN E 345 -40.65 18.56 -24.44
CA ASN E 345 -41.67 18.75 -23.43
C ASN E 345 -43.07 18.85 -24.01
N LEU E 346 -43.20 19.57 -25.12
CA LEU E 346 -44.50 19.72 -25.78
C LEU E 346 -44.84 18.57 -26.72
N GLY E 347 -43.81 17.89 -27.22
CA GLY E 347 -44.03 16.80 -28.15
C GLY E 347 -44.15 15.42 -27.55
N CYS E 348 -43.55 15.21 -26.38
CA CYS E 348 -43.61 13.91 -25.70
C CYS E 348 -44.36 14.00 -24.38
N ALA E 349 -44.79 15.20 -24.04
CA ALA E 349 -45.51 15.47 -22.80
C ALA E 349 -46.51 16.60 -23.06
N MET E 350 -47.04 17.18 -21.99
CA MET E 350 -48.02 18.24 -22.09
C MET E 350 -47.51 19.69 -21.95
N GLY E 351 -46.23 19.90 -22.23
CA GLY E 351 -45.69 21.25 -22.13
C GLY E 351 -45.51 21.70 -20.70
N HIS E 352 -45.38 23.00 -20.50
CA HIS E 352 -45.19 23.56 -19.17
C HIS E 352 -46.50 23.51 -18.38
N PRO E 353 -46.42 23.49 -17.03
CA PRO E 353 -47.63 23.46 -16.22
C PRO E 353 -48.42 24.76 -16.39
N SER E 354 -49.69 24.72 -16.01
CA SER E 354 -50.57 25.85 -16.18
C SER E 354 -50.16 27.07 -15.40
N PHE E 355 -49.79 26.90 -14.13
CA PHE E 355 -49.42 28.04 -13.29
C PHE E 355 -48.38 28.94 -13.92
N VAL E 356 -47.33 28.34 -14.45
CA VAL E 356 -46.29 29.15 -15.06
C VAL E 356 -46.71 29.74 -16.39
N MET E 357 -47.55 29.02 -17.14
CA MET E 357 -48.04 29.52 -18.42
C MET E 357 -48.92 30.74 -18.21
N SER E 358 -49.56 30.80 -17.05
CA SER E 358 -50.42 31.92 -16.67
C SER E 358 -49.62 33.21 -16.63
N ASN E 359 -48.34 33.11 -16.27
CA ASN E 359 -47.46 34.27 -16.20
C ASN E 359 -47.25 34.81 -17.61
N SER E 360 -46.83 33.92 -18.50
CA SER E 360 -46.56 34.30 -19.89
C SER E 360 -47.81 34.83 -20.56
N PHE E 361 -48.87 34.05 -20.47
CA PHE E 361 -50.12 34.42 -21.10
C PHE E 361 -50.74 35.69 -20.56
N THR E 362 -50.50 35.98 -19.29
CA THR E 362 -51.02 37.20 -18.70
C THR E 362 -50.26 38.33 -19.41
N ASN E 363 -48.96 38.13 -19.58
CA ASN E 363 -48.13 39.10 -20.28
C ASN E 363 -48.65 39.23 -21.70
N GLN E 364 -49.06 38.10 -22.29
CA GLN E 364 -49.59 38.11 -23.64
C GLN E 364 -50.87 38.92 -23.72
N VAL E 365 -51.80 38.70 -22.80
CA VAL E 365 -53.05 39.45 -22.81
C VAL E 365 -52.80 40.94 -22.64
N MET E 366 -51.85 41.29 -21.78
CA MET E 366 -51.51 42.68 -21.54
C MET E 366 -50.95 43.34 -22.81
N ALA E 367 -50.13 42.62 -23.56
CA ALA E 367 -49.56 43.16 -24.80
C ALA E 367 -50.63 43.37 -25.87
N GLN E 368 -51.61 42.48 -25.90
CA GLN E 368 -52.72 42.57 -26.85
C GLN E 368 -53.54 43.82 -26.57
N ILE E 369 -53.75 44.11 -25.29
CA ILE E 369 -54.52 45.29 -24.89
C ILE E 369 -53.73 46.58 -25.12
N GLU E 370 -52.42 46.54 -24.88
CA GLU E 370 -51.56 47.71 -25.07
C GLU E 370 -51.54 48.11 -26.54
N LEU E 371 -51.15 47.16 -27.38
CA LEU E 371 -51.05 47.36 -28.83
C LEU E 371 -52.40 47.75 -29.45
N TRP E 372 -53.45 47.07 -29.01
CA TRP E 372 -54.78 47.34 -29.53
C TRP E 372 -55.36 48.63 -29.00
N THR E 373 -55.37 48.75 -27.67
CA THR E 373 -55.91 49.90 -26.97
C THR E 373 -55.06 51.17 -27.03
N HIS E 374 -53.74 51.07 -26.86
CA HIS E 374 -52.90 52.26 -26.95
C HIS E 374 -51.90 52.04 -28.09
N PRO E 375 -52.37 52.23 -29.33
CA PRO E 375 -51.54 52.06 -30.52
C PRO E 375 -50.43 53.08 -30.68
N ASP E 376 -50.80 54.36 -30.57
CA ASP E 376 -49.87 55.47 -30.74
C ASP E 376 -48.76 55.45 -29.70
N LYS E 377 -48.85 54.49 -28.79
CA LYS E 377 -47.84 54.34 -27.76
C LYS E 377 -46.71 53.46 -28.29
N TYR E 378 -46.99 52.71 -29.35
CA TYR E 378 -46.00 51.79 -29.92
C TYR E 378 -45.70 51.97 -31.40
N PRO E 379 -44.71 52.81 -31.75
CA PRO E 379 -44.40 52.99 -33.16
C PRO E 379 -43.78 51.69 -33.69
N VAL E 380 -43.70 51.53 -35.00
CA VAL E 380 -43.13 50.31 -35.57
C VAL E 380 -41.77 50.07 -34.94
N GLY E 381 -41.61 48.87 -34.41
CA GLY E 381 -40.37 48.49 -33.75
C GLY E 381 -40.78 47.45 -32.72
N VAL E 382 -39.82 46.95 -31.95
CA VAL E 382 -40.17 45.95 -30.94
C VAL E 382 -39.98 46.50 -29.53
N HIS E 383 -41.05 46.49 -28.74
CA HIS E 383 -41.01 47.03 -27.39
C HIS E 383 -41.18 46.05 -26.24
N PHE E 384 -41.03 46.57 -25.03
CA PHE E 384 -41.17 45.78 -23.81
C PHE E 384 -42.39 46.30 -23.04
N LEU E 385 -42.92 45.46 -22.16
CA LEU E 385 -44.06 45.84 -21.34
C LEU E 385 -43.48 46.63 -20.17
N PRO E 386 -44.16 47.68 -19.72
CA PRO E 386 -43.62 48.45 -18.59
C PRO E 386 -43.46 47.62 -17.31
N LYS E 387 -42.44 47.92 -16.51
CA LYS E 387 -42.19 47.21 -15.25
C LYS E 387 -43.40 47.12 -14.35
N LYS E 388 -44.20 48.18 -14.31
CA LYS E 388 -45.40 48.18 -13.47
C LYS E 388 -46.29 46.99 -13.82
N LEU E 389 -46.45 46.73 -15.12
CA LEU E 389 -47.26 45.63 -15.60
C LEU E 389 -46.54 44.33 -15.30
N ASP E 390 -45.21 44.36 -15.39
CA ASP E 390 -44.42 43.18 -15.12
C ASP E 390 -44.64 42.75 -13.67
N GLU E 391 -44.55 43.69 -12.74
CA GLU E 391 -44.75 43.37 -11.34
C GLU E 391 -46.19 42.99 -11.06
N ALA E 392 -47.12 43.60 -11.79
CA ALA E 392 -48.54 43.30 -11.64
C ALA E 392 -48.77 41.84 -11.97
N VAL E 393 -48.09 41.34 -12.98
CA VAL E 393 -48.20 39.97 -13.41
C VAL E 393 -47.75 39.01 -12.32
N ALA E 394 -46.65 39.34 -11.64
CA ALA E 394 -46.16 38.47 -10.57
C ALA E 394 -47.12 38.56 -9.41
N GLU E 395 -47.55 39.77 -9.11
CA GLU E 395 -48.47 40.01 -8.01
C GLU E 395 -49.71 39.14 -8.09
N ALA E 396 -50.27 39.05 -9.28
CA ALA E 396 -51.48 38.28 -9.52
C ALA E 396 -51.38 36.80 -9.14
N HIS E 397 -50.16 36.26 -9.03
CA HIS E 397 -49.99 34.85 -8.72
C HIS E 397 -49.55 34.62 -7.30
N LEU E 398 -49.28 35.70 -6.58
CA LEU E 398 -48.85 35.61 -5.18
C LEU E 398 -49.96 35.00 -4.32
N GLY E 399 -51.19 35.46 -4.52
CA GLY E 399 -52.32 34.96 -3.75
C GLY E 399 -52.47 33.45 -3.75
N LYS E 400 -52.52 32.83 -4.92
CA LYS E 400 -52.66 31.40 -5.01
C LYS E 400 -51.61 30.65 -4.19
N LEU E 401 -50.39 31.17 -4.19
CA LEU E 401 -49.27 30.56 -3.48
C LEU E 401 -49.28 30.93 -2.01
N ASN E 402 -50.17 31.85 -1.66
CA ASN E 402 -50.29 32.30 -0.27
C ASN E 402 -49.08 33.12 0.20
N VAL E 403 -48.42 33.78 -0.73
CA VAL E 403 -47.29 34.60 -0.39
C VAL E 403 -47.82 35.88 0.27
N LYS E 404 -47.16 36.34 1.31
CA LYS E 404 -47.57 37.58 1.97
C LYS E 404 -46.49 38.61 1.70
N LEU E 405 -46.78 39.52 0.79
CA LEU E 405 -45.83 40.54 0.42
C LEU E 405 -45.76 41.56 1.52
N THR E 406 -44.61 42.22 1.62
CA THR E 406 -44.41 43.25 2.62
C THR E 406 -44.66 44.58 1.92
N LYS E 407 -45.10 45.56 2.69
CA LYS E 407 -45.38 46.88 2.15
C LYS E 407 -44.45 47.89 2.80
N LEU E 408 -43.72 48.63 1.97
CA LEU E 408 -42.79 49.64 2.47
C LEU E 408 -43.57 50.66 3.29
N THR E 409 -42.93 51.21 4.32
CA THR E 409 -43.58 52.24 5.14
C THR E 409 -43.22 53.53 4.45
N GLU E 410 -43.93 54.61 4.75
CA GLU E 410 -43.62 55.88 4.12
C GLU E 410 -42.17 56.21 4.36
N LYS E 411 -41.68 55.84 5.54
CA LYS E 411 -40.30 56.10 5.93
C LYS E 411 -39.33 55.29 5.07
N GLN E 412 -39.63 54.01 4.89
CA GLN E 412 -38.78 53.14 4.08
C GLN E 412 -38.84 53.57 2.62
N ALA E 413 -40.04 53.72 2.09
CA ALA E 413 -40.24 54.14 0.72
C ALA E 413 -39.43 55.42 0.45
N GLN E 414 -39.38 56.28 1.45
CA GLN E 414 -38.63 57.53 1.37
C GLN E 414 -37.13 57.27 1.39
N TYR E 415 -36.71 56.44 2.32
CA TYR E 415 -35.31 56.08 2.46
C TYR E 415 -34.77 55.47 1.17
N LEU E 416 -35.51 54.51 0.62
CA LEU E 416 -35.13 53.85 -0.62
C LEU E 416 -35.34 54.77 -1.79
N GLY E 417 -36.16 55.79 -1.60
CA GLY E 417 -36.42 56.72 -2.67
C GLY E 417 -37.27 56.13 -3.76
N MET E 418 -38.23 55.29 -3.39
CA MET E 418 -39.13 54.67 -4.36
C MET E 418 -40.55 54.66 -3.78
N PRO E 419 -41.57 54.47 -4.63
CA PRO E 419 -42.96 54.45 -4.18
C PRO E 419 -43.37 53.16 -3.49
N ILE E 420 -44.34 53.25 -2.59
CA ILE E 420 -44.83 52.10 -1.86
C ILE E 420 -45.23 51.00 -2.84
N ASN E 421 -45.80 51.42 -3.97
CA ASN E 421 -46.21 50.50 -5.03
C ASN E 421 -45.34 50.63 -6.27
N GLY E 422 -44.97 51.87 -6.60
CA GLY E 422 -44.17 52.15 -7.77
C GLY E 422 -43.13 51.10 -8.05
N PRO E 423 -42.70 50.92 -9.31
CA PRO E 423 -41.70 49.90 -9.64
C PRO E 423 -40.59 49.89 -8.60
N PHE E 424 -40.25 48.70 -8.13
CA PHE E 424 -39.23 48.55 -7.11
C PHE E 424 -37.81 48.32 -7.61
N LYS E 425 -37.61 48.31 -8.92
CA LYS E 425 -36.27 48.08 -9.47
C LYS E 425 -35.98 48.88 -10.73
N PRO E 426 -34.70 49.23 -10.93
CA PRO E 426 -34.28 49.98 -12.11
C PRO E 426 -34.47 49.13 -13.36
N ASP E 427 -34.60 49.78 -14.51
CA ASP E 427 -34.78 49.04 -15.76
C ASP E 427 -33.69 48.04 -16.06
N HIS E 428 -32.49 48.27 -15.53
CA HIS E 428 -31.37 47.34 -15.79
C HIS E 428 -31.32 46.18 -14.81
N TYR E 429 -32.24 46.14 -13.85
CA TYR E 429 -32.25 45.06 -12.89
C TYR E 429 -32.49 43.72 -13.58
N ARG E 430 -31.69 42.72 -13.23
CA ARG E 430 -31.80 41.41 -13.85
C ARG E 430 -32.49 40.34 -13.01
N TYR E 431 -32.83 40.67 -11.77
CA TYR E 431 -33.46 39.69 -10.90
C TYR E 431 -32.60 38.44 -10.82
N ASP F 2 3.03 66.24 4.78
CA ASP F 2 1.98 66.66 5.78
C ASP F 2 1.85 65.63 6.90
N LYS F 3 0.75 64.90 6.89
CA LYS F 3 0.47 63.87 7.90
C LYS F 3 1.36 62.64 7.73
N LEU F 4 1.13 61.63 8.57
CA LEU F 4 1.92 60.41 8.55
C LEU F 4 1.89 59.77 7.17
N PRO F 5 2.76 58.76 6.95
CA PRO F 5 2.81 58.09 5.65
C PRO F 5 1.73 57.03 5.55
N TYR F 6 1.28 56.58 6.71
CA TYR F 6 0.22 55.59 6.78
C TYR F 6 -0.04 55.37 8.25
N LYS F 7 -1.05 54.56 8.53
CA LYS F 7 -1.32 54.18 9.90
C LYS F 7 -2.18 52.94 9.87
N VAL F 8 -1.72 51.92 10.57
CA VAL F 8 -2.42 50.65 10.62
C VAL F 8 -2.41 50.19 12.05
N ALA F 9 -2.95 49.00 12.32
CA ALA F 9 -2.97 48.49 13.69
C ALA F 9 -1.62 47.97 14.18
N ASP F 10 -0.89 47.25 13.33
CA ASP F 10 0.40 46.71 13.68
C ASP F 10 1.13 46.34 12.40
N ILE F 11 2.27 46.99 12.13
CA ILE F 11 3.00 46.70 10.91
C ILE F 11 3.78 45.41 11.03
N GLY F 12 3.73 44.80 12.21
CA GLY F 12 4.42 43.56 12.44
C GLY F 12 3.69 42.43 11.76
N LEU F 13 2.49 42.74 11.27
CA LEU F 13 1.65 41.76 10.57
C LEU F 13 1.95 41.62 9.08
N ALA F 14 2.72 42.56 8.54
CA ALA F 14 3.11 42.58 7.12
C ALA F 14 3.58 41.26 6.53
N ALA F 15 4.49 40.57 7.20
CA ALA F 15 5.00 39.30 6.71
C ALA F 15 3.88 38.31 6.43
N TRP F 16 3.04 38.10 7.43
CA TRP F 16 1.91 37.18 7.31
C TRP F 16 0.93 37.71 6.29
N GLY F 17 0.67 39.00 6.31
CA GLY F 17 -0.23 39.56 5.34
C GLY F 17 0.26 39.27 3.93
N ARG F 18 1.57 39.32 3.71
CA ARG F 18 2.14 39.07 2.39
C ARG F 18 1.95 37.63 1.91
N LYS F 19 2.00 36.67 2.81
CA LYS F 19 1.82 35.29 2.40
C LYS F 19 0.38 35.12 1.96
N ALA F 20 -0.52 35.80 2.66
CA ALA F 20 -1.94 35.74 2.34
C ALA F 20 -2.15 36.36 0.97
N LEU F 21 -1.45 37.46 0.70
CA LEU F 21 -1.55 38.14 -0.58
C LEU F 21 -1.02 37.22 -1.68
N ASP F 22 0.00 36.44 -1.34
CA ASP F 22 0.59 35.51 -2.29
C ASP F 22 -0.41 34.46 -2.70
N ILE F 23 -1.07 33.86 -1.72
CA ILE F 23 -2.06 32.82 -2.00
C ILE F 23 -3.24 33.45 -2.70
N ALA F 24 -3.60 34.65 -2.27
CA ALA F 24 -4.74 35.37 -2.85
C ALA F 24 -4.55 35.59 -4.32
N GLU F 25 -3.36 36.07 -4.70
CA GLU F 25 -3.07 36.36 -6.10
C GLU F 25 -3.33 35.18 -7.01
N ASN F 26 -2.95 34.00 -6.54
CA ASN F 26 -3.15 32.76 -7.30
C ASN F 26 -4.63 32.41 -7.43
N GLU F 27 -5.49 33.14 -6.73
CA GLU F 27 -6.92 32.88 -6.77
C GLU F 27 -7.66 33.95 -7.53
N MET F 28 -6.97 35.02 -7.90
CA MET F 28 -7.63 36.09 -8.64
C MET F 28 -6.97 36.27 -10.01
N PRO F 29 -7.33 35.41 -10.96
CA PRO F 29 -6.79 35.43 -12.33
C PRO F 29 -7.10 36.72 -13.09
N GLY F 30 -8.28 37.29 -12.84
CA GLY F 30 -8.67 38.51 -13.51
C GLY F 30 -7.70 39.64 -13.23
N LEU F 31 -7.42 39.87 -11.95
CA LEU F 31 -6.50 40.93 -11.55
C LEU F 31 -5.12 40.65 -12.10
N MET F 32 -4.66 39.42 -11.93
CA MET F 32 -3.35 39.05 -12.42
C MET F 32 -3.24 39.21 -13.93
N ARG F 33 -4.33 38.91 -14.65
CA ARG F 33 -4.31 39.05 -16.10
C ARG F 33 -4.22 40.52 -16.47
N MET F 34 -4.87 41.37 -15.66
CA MET F 34 -4.86 42.82 -15.90
C MET F 34 -3.41 43.27 -15.73
N ARG F 35 -2.74 42.65 -14.76
CA ARG F 35 -1.36 42.99 -14.47
C ARG F 35 -0.51 42.56 -15.65
N GLU F 36 -0.73 41.33 -16.11
CA GLU F 36 0.02 40.77 -17.23
C GLU F 36 -0.02 41.68 -18.46
N MET F 37 -1.22 42.14 -18.81
CA MET F 37 -1.39 42.97 -19.98
C MET F 37 -1.04 44.44 -19.87
N TYR F 38 -1.31 45.06 -18.72
CA TYR F 38 -1.05 46.49 -18.59
C TYR F 38 0.11 46.97 -17.73
N SER F 39 0.87 46.05 -17.17
CA SER F 39 2.01 46.44 -16.33
C SER F 39 2.99 47.31 -17.12
N ALA F 40 3.27 46.92 -18.35
CA ALA F 40 4.21 47.66 -19.19
C ALA F 40 3.62 49.00 -19.65
N SER F 41 2.43 48.96 -20.25
CA SER F 41 1.77 50.17 -20.72
C SER F 41 1.49 51.18 -19.61
N LYS F 42 1.23 50.70 -18.38
CA LYS F 42 0.95 51.60 -17.28
C LYS F 42 -0.18 52.54 -17.67
N PRO F 43 -1.33 51.98 -18.09
CA PRO F 43 -2.45 52.84 -18.49
C PRO F 43 -2.93 53.83 -17.44
N LEU F 44 -2.64 53.53 -16.17
CA LEU F 44 -3.07 54.38 -15.07
C LEU F 44 -2.01 55.37 -14.61
N LYS F 45 -0.97 55.53 -15.41
CA LYS F 45 0.09 56.47 -15.07
C LYS F 45 -0.48 57.90 -15.01
N GLY F 46 -0.10 58.63 -13.96
CA GLY F 46 -0.57 59.98 -13.78
C GLY F 46 -1.86 60.06 -12.98
N ALA F 47 -2.40 58.90 -12.62
CA ALA F 47 -3.62 58.85 -11.85
C ALA F 47 -3.29 58.82 -10.38
N ARG F 48 -4.09 59.52 -9.60
CA ARG F 48 -3.90 59.55 -8.16
C ARG F 48 -5.24 59.08 -7.63
N ILE F 49 -5.36 57.77 -7.46
CA ILE F 49 -6.59 57.14 -7.01
C ILE F 49 -6.76 57.10 -5.49
N ALA F 50 -7.82 57.73 -5.02
CA ALA F 50 -8.12 57.72 -3.61
C ALA F 50 -9.15 56.61 -3.50
N GLY F 51 -8.82 55.58 -2.74
CA GLY F 51 -9.75 54.46 -2.61
C GLY F 51 -10.35 54.35 -1.24
N CYS F 52 -11.64 53.99 -1.20
CA CYS F 52 -12.35 53.80 0.06
C CYS F 52 -13.12 52.51 -0.15
N LEU F 53 -12.53 51.42 0.31
CA LEU F 53 -13.11 50.11 0.15
C LEU F 53 -12.50 49.25 1.23
N HIS F 54 -13.28 48.35 1.82
CA HIS F 54 -12.81 47.49 2.90
C HIS F 54 -11.39 47.04 2.62
N MET F 55 -10.50 47.20 3.60
CA MET F 55 -9.11 46.85 3.41
C MET F 55 -8.86 45.39 3.79
N THR F 56 -9.08 44.51 2.83
CA THR F 56 -8.91 43.08 3.03
C THR F 56 -7.81 42.59 2.12
N VAL F 57 -7.50 41.30 2.21
CA VAL F 57 -6.46 40.71 1.36
C VAL F 57 -6.74 40.92 -0.13
N GLU F 58 -8.01 40.77 -0.53
CA GLU F 58 -8.41 40.95 -1.92
C GLU F 58 -8.26 42.39 -2.35
N THR F 59 -8.63 43.32 -1.47
CA THR F 59 -8.48 44.74 -1.78
C THR F 59 -7.00 45.09 -1.85
N ALA F 60 -6.18 44.26 -1.22
CA ALA F 60 -4.74 44.48 -1.21
C ALA F 60 -4.20 44.14 -2.59
N VAL F 61 -4.71 43.04 -3.16
CA VAL F 61 -4.29 42.61 -4.49
C VAL F 61 -4.80 43.64 -5.52
N LEU F 62 -5.98 44.22 -5.25
CA LEU F 62 -6.52 45.22 -6.14
C LEU F 62 -5.59 46.45 -6.10
N ILE F 63 -5.28 46.93 -4.89
CA ILE F 63 -4.40 48.09 -4.74
C ILE F 63 -3.10 47.91 -5.48
N GLU F 64 -2.44 46.78 -5.26
CA GLU F 64 -1.17 46.51 -5.92
C GLU F 64 -1.32 46.36 -7.44
N THR F 65 -2.51 46.00 -7.92
CA THR F 65 -2.71 45.86 -9.36
C THR F 65 -2.81 47.26 -9.96
N LEU F 66 -3.54 48.14 -9.28
CA LEU F 66 -3.68 49.50 -9.77
C LEU F 66 -2.30 50.14 -9.85
N VAL F 67 -1.46 49.82 -8.87
CA VAL F 67 -0.11 50.36 -8.81
C VAL F 67 0.75 49.81 -9.93
N ALA F 68 0.60 48.51 -10.18
CA ALA F 68 1.37 47.88 -11.23
C ALA F 68 1.03 48.52 -12.56
N LEU F 69 -0.15 49.14 -12.63
CA LEU F 69 -0.61 49.76 -13.86
C LEU F 69 -0.24 51.24 -13.91
N GLY F 70 0.68 51.64 -13.03
CA GLY F 70 1.14 53.02 -13.03
C GLY F 70 0.35 54.02 -12.22
N ALA F 71 -0.61 53.55 -11.44
CA ALA F 71 -1.42 54.45 -10.65
C ALA F 71 -0.75 54.83 -9.34
N GLU F 72 -1.28 55.87 -8.70
CA GLU F 72 -0.77 56.32 -7.40
C GLU F 72 -1.99 56.26 -6.49
N VAL F 73 -1.91 55.49 -5.41
CA VAL F 73 -3.06 55.38 -4.54
C VAL F 73 -2.85 55.64 -3.04
N ARG F 74 -3.95 55.95 -2.36
CA ARG F 74 -3.97 56.18 -0.93
C ARG F 74 -5.27 55.49 -0.54
N TRP F 75 -5.21 54.50 0.34
CA TRP F 75 -6.42 53.79 0.68
C TRP F 75 -6.97 54.02 2.07
N SER F 76 -8.16 53.49 2.28
CA SER F 76 -8.87 53.59 3.55
C SER F 76 -10.00 52.59 3.43
N SER F 77 -10.48 52.05 4.55
CA SER F 77 -11.58 51.10 4.52
C SER F 77 -12.86 51.91 4.50
N CYS F 78 -13.97 51.27 4.14
CA CYS F 78 -15.26 51.95 4.09
C CYS F 78 -16.10 51.42 5.23
N ASN F 79 -15.46 50.65 6.11
CA ASN F 79 -16.12 50.05 7.26
C ASN F 79 -15.10 50.07 8.40
N ILE F 80 -15.58 50.34 9.61
CA ILE F 80 -14.72 50.40 10.78
C ILE F 80 -14.38 49.02 11.32
N PHE F 81 -15.05 47.98 10.84
CA PHE F 81 -14.79 46.62 11.29
C PHE F 81 -14.28 45.69 10.19
N SER F 82 -14.47 46.08 8.93
CA SER F 82 -14.09 45.25 7.80
C SER F 82 -12.61 45.08 7.50
N THR F 83 -11.75 45.92 8.04
CA THR F 83 -10.32 45.82 7.77
C THR F 83 -9.67 44.53 8.21
N GLN F 84 -8.72 44.06 7.41
CA GLN F 84 -7.95 42.86 7.70
C GLN F 84 -6.56 43.44 7.94
N ASP F 85 -6.19 43.58 9.20
CA ASP F 85 -4.93 44.17 9.58
C ASP F 85 -3.64 43.59 9.01
N HIS F 86 -3.55 42.28 8.76
CA HIS F 86 -2.32 41.75 8.19
C HIS F 86 -2.20 42.19 6.74
N ALA F 87 -3.35 42.35 6.08
CA ALA F 87 -3.40 42.80 4.69
C ALA F 87 -3.01 44.27 4.62
N ALA F 88 -3.47 45.06 5.58
CA ALA F 88 -3.16 46.48 5.63
C ALA F 88 -1.68 46.68 5.90
N ALA F 89 -1.13 45.83 6.75
CA ALA F 89 0.28 45.92 7.11
C ALA F 89 1.14 45.66 5.89
N ALA F 90 0.80 44.65 5.10
CA ALA F 90 1.55 44.32 3.90
C ALA F 90 1.54 45.51 2.93
N ILE F 91 0.38 46.13 2.76
CA ILE F 91 0.26 47.27 1.88
C ILE F 91 1.05 48.46 2.40
N ALA F 92 0.92 48.73 3.70
CA ALA F 92 1.64 49.84 4.33
C ALA F 92 3.15 49.61 4.19
N LYS F 93 3.60 48.43 4.59
CA LYS F 93 5.00 48.08 4.50
C LYS F 93 5.48 48.08 3.03
N ALA F 94 4.54 47.99 2.08
CA ALA F 94 4.88 47.97 0.66
C ALA F 94 5.09 49.39 0.13
N GLY F 95 4.92 50.37 0.99
CA GLY F 95 5.11 51.75 0.56
C GLY F 95 3.83 52.44 0.17
N ILE F 96 2.71 51.71 0.19
CA ILE F 96 1.43 52.29 -0.18
C ILE F 96 0.79 52.94 1.05
N PRO F 97 0.49 54.25 0.97
CA PRO F 97 -0.11 54.87 2.14
C PRO F 97 -1.53 54.39 2.38
N VAL F 98 -1.67 53.45 3.30
CA VAL F 98 -2.97 52.91 3.64
C VAL F 98 -3.32 53.39 5.04
N PHE F 99 -4.54 53.87 5.22
CA PHE F 99 -4.95 54.34 6.52
C PHE F 99 -6.20 53.60 6.96
N ALA F 100 -6.01 52.43 7.54
CA ALA F 100 -7.13 51.65 7.99
C ALA F 100 -6.72 50.54 8.94
N TRP F 101 -7.64 50.16 9.82
CA TRP F 101 -7.37 49.11 10.80
C TRP F 101 -8.73 48.68 11.34
N LYS F 102 -8.82 47.45 11.84
CA LYS F 102 -10.09 46.96 12.36
C LYS F 102 -10.44 47.61 13.70
N GLY F 103 -11.71 47.95 13.85
CA GLY F 103 -12.18 48.55 15.09
C GLY F 103 -11.96 50.04 15.25
N GLU F 104 -12.08 50.80 14.17
CA GLU F 104 -11.91 52.24 14.29
C GLU F 104 -13.16 52.84 14.91
N THR F 105 -13.09 54.14 15.18
CA THR F 105 -14.22 54.85 15.75
C THR F 105 -14.72 55.76 14.64
N ASP F 106 -16.02 56.06 14.67
CA ASP F 106 -16.61 56.93 13.66
C ASP F 106 -15.74 58.15 13.43
N GLU F 107 -14.97 58.52 14.45
CA GLU F 107 -14.10 59.68 14.34
C GLU F 107 -12.86 59.34 13.51
N GLU F 108 -12.18 58.25 13.88
CA GLU F 108 -10.98 57.83 13.16
C GLU F 108 -11.31 57.46 11.73
N TYR F 109 -12.50 56.89 11.55
CA TYR F 109 -12.97 56.50 10.23
C TYR F 109 -12.87 57.68 9.26
N LEU F 110 -13.48 58.79 9.63
CA LEU F 110 -13.47 59.99 8.82
C LEU F 110 -12.05 60.54 8.61
N TRP F 111 -11.20 60.41 9.63
CA TRP F 111 -9.83 60.91 9.54
C TRP F 111 -9.09 60.18 8.42
N CYS F 112 -9.28 58.87 8.36
CA CYS F 112 -8.65 58.04 7.34
C CYS F 112 -9.05 58.44 5.91
N ILE F 113 -10.34 58.69 5.68
CA ILE F 113 -10.78 59.06 4.35
C ILE F 113 -10.13 60.37 3.95
N GLU F 114 -10.09 61.32 4.87
CA GLU F 114 -9.50 62.62 4.59
C GLU F 114 -8.02 62.50 4.29
N GLN F 115 -7.41 61.43 4.79
CA GLN F 115 -5.99 61.17 4.59
C GLN F 115 -5.67 60.80 3.16
N THR F 116 -6.64 60.23 2.46
CA THR F 116 -6.42 59.82 1.08
C THR F 116 -6.66 60.90 0.02
N LEU F 117 -7.21 62.03 0.43
CA LEU F 117 -7.51 63.12 -0.50
C LEU F 117 -6.35 63.86 -1.11
N HIS F 118 -5.20 63.89 -0.43
CA HIS F 118 -4.06 64.61 -0.96
C HIS F 118 -2.81 63.81 -1.20
N PHE F 119 -2.32 63.88 -2.43
CA PHE F 119 -1.12 63.17 -2.84
C PHE F 119 0.11 64.06 -2.90
N LYS F 120 1.26 63.44 -3.05
CA LYS F 120 2.55 64.12 -3.13
C LYS F 120 2.50 65.27 -4.13
N ASP F 121 2.07 65.00 -5.36
CA ASP F 121 2.02 66.05 -6.39
C ASP F 121 0.65 66.63 -6.66
N GLY F 122 -0.22 66.61 -5.67
CA GLY F 122 -1.54 67.19 -5.86
C GLY F 122 -2.65 66.39 -5.24
N PRO F 123 -3.89 66.89 -5.31
CA PRO F 123 -5.03 66.17 -4.73
C PRO F 123 -5.43 64.99 -5.62
N LEU F 124 -6.31 64.15 -5.09
CA LEU F 124 -6.80 62.98 -5.81
C LEU F 124 -7.49 63.41 -7.11
N ASN F 125 -7.24 62.66 -8.18
CA ASN F 125 -7.85 62.94 -9.47
C ASN F 125 -8.68 61.74 -9.92
N MET F 126 -8.92 60.80 -9.00
CA MET F 126 -9.69 59.60 -9.29
C MET F 126 -10.28 59.04 -8.01
N ILE F 127 -11.46 58.44 -8.11
CA ILE F 127 -12.12 57.85 -6.97
C ILE F 127 -12.49 56.38 -7.21
N LEU F 128 -12.22 55.54 -6.23
CA LEU F 128 -12.56 54.12 -6.30
C LEU F 128 -13.34 53.90 -5.00
N ASP F 129 -14.65 54.05 -5.07
CA ASP F 129 -15.49 53.94 -3.90
C ASP F 129 -16.32 52.69 -3.77
N ASP F 130 -16.67 52.38 -2.53
CA ASP F 130 -17.52 51.25 -2.21
C ASP F 130 -18.42 51.77 -1.09
N GLY F 131 -19.62 52.20 -1.45
CA GLY F 131 -20.54 52.73 -0.45
C GLY F 131 -20.86 54.21 -0.69
N GLY F 132 -20.03 54.88 -1.47
CA GLY F 132 -20.28 56.29 -1.75
C GLY F 132 -19.78 57.28 -0.71
N ASP F 133 -19.07 56.79 0.30
CA ASP F 133 -18.58 57.69 1.35
C ASP F 133 -17.54 58.67 0.83
N LEU F 134 -16.60 58.19 0.05
CA LEU F 134 -15.58 59.08 -0.49
C LEU F 134 -16.23 60.09 -1.43
N THR F 135 -17.06 59.61 -2.35
CA THR F 135 -17.70 60.48 -3.32
C THR F 135 -18.65 61.47 -2.68
N ASN F 136 -19.30 61.05 -1.60
CA ASN F 136 -20.22 61.94 -0.93
C ASN F 136 -19.45 62.95 -0.07
N LEU F 137 -18.27 62.55 0.40
CA LEU F 137 -17.45 63.43 1.22
C LEU F 137 -16.94 64.57 0.35
N ILE F 138 -16.28 64.21 -0.75
CA ILE F 138 -15.74 65.20 -1.68
C ILE F 138 -16.83 66.14 -2.14
N HIS F 139 -17.94 65.57 -2.58
CA HIS F 139 -19.07 66.34 -3.09
C HIS F 139 -19.65 67.34 -2.09
N THR F 140 -19.82 66.93 -0.85
CA THR F 140 -20.40 67.81 0.15
C THR F 140 -19.43 68.55 1.06
N LYS F 141 -18.21 68.05 1.20
CA LYS F 141 -17.25 68.71 2.07
C LYS F 141 -16.09 69.37 1.35
N HIS F 142 -15.63 68.74 0.27
CA HIS F 142 -14.50 69.26 -0.52
C HIS F 142 -14.82 69.63 -1.96
N PRO F 143 -16.00 70.24 -2.22
CA PRO F 143 -16.39 70.63 -3.58
C PRO F 143 -15.27 71.21 -4.44
N GLN F 144 -14.27 71.80 -3.82
CA GLN F 144 -13.16 72.41 -4.55
C GLN F 144 -12.39 71.37 -5.35
N LEU F 145 -12.29 70.17 -4.80
CA LEU F 145 -11.56 69.08 -5.44
C LEU F 145 -12.39 68.38 -6.53
N LEU F 146 -13.69 68.65 -6.52
CA LEU F 146 -14.63 68.04 -7.46
C LEU F 146 -14.23 68.15 -8.92
N SER F 147 -13.73 69.31 -9.34
CA SER F 147 -13.36 69.51 -10.74
C SER F 147 -12.03 68.91 -11.16
N GLY F 148 -11.28 68.37 -10.21
CA GLY F 148 -10.00 67.78 -10.55
C GLY F 148 -10.08 66.27 -10.61
N ILE F 149 -11.24 65.72 -10.22
CA ILE F 149 -11.44 64.28 -10.25
C ILE F 149 -11.94 63.87 -11.63
N ARG F 150 -11.20 62.97 -12.29
CA ARG F 150 -11.59 62.55 -13.63
C ARG F 150 -12.81 61.62 -13.65
N GLY F 151 -12.96 60.79 -12.63
CA GLY F 151 -14.10 59.89 -12.60
C GLY F 151 -14.28 59.11 -11.32
N ILE F 152 -15.48 58.59 -11.11
CA ILE F 152 -15.80 57.80 -9.93
C ILE F 152 -15.99 56.33 -10.31
N SER F 153 -15.75 55.44 -9.36
CA SER F 153 -15.90 54.02 -9.60
C SER F 153 -16.62 53.44 -8.39
N GLU F 154 -17.92 53.21 -8.52
CA GLU F 154 -18.69 52.66 -7.42
C GLU F 154 -18.97 51.20 -7.66
N GLU F 155 -18.95 50.40 -6.60
CA GLU F 155 -19.18 48.96 -6.74
C GLU F 155 -20.27 48.35 -5.86
N THR F 156 -20.86 49.16 -4.99
CA THR F 156 -21.89 48.65 -4.11
C THR F 156 -23.30 49.03 -4.55
N THR F 157 -24.24 48.09 -4.40
CA THR F 157 -25.62 48.31 -4.81
C THR F 157 -26.19 49.59 -4.24
N THR F 158 -25.95 49.81 -2.96
CA THR F 158 -26.47 51.01 -2.30
C THR F 158 -25.74 52.24 -2.82
N GLY F 159 -24.43 52.16 -2.93
CA GLY F 159 -23.66 53.29 -3.40
C GLY F 159 -24.09 53.71 -4.79
N VAL F 160 -24.21 52.73 -5.67
CA VAL F 160 -24.59 52.98 -7.05
C VAL F 160 -26.02 53.53 -7.08
N HIS F 161 -26.82 53.09 -6.11
CA HIS F 161 -28.19 53.55 -5.96
C HIS F 161 -28.14 55.03 -5.62
N ASN F 162 -27.22 55.37 -4.72
CA ASN F 162 -27.04 56.75 -4.29
C ASN F 162 -26.57 57.61 -5.44
N LEU F 163 -25.73 57.05 -6.30
CA LEU F 163 -25.19 57.78 -7.45
C LEU F 163 -26.29 58.14 -8.43
N TYR F 164 -27.11 57.16 -8.77
CA TYR F 164 -28.21 57.38 -9.69
C TYR F 164 -29.10 58.47 -9.13
N LYS F 165 -29.26 58.48 -7.81
CA LYS F 165 -30.07 59.48 -7.13
C LYS F 165 -29.41 60.86 -7.25
N MET F 166 -28.09 60.90 -7.05
CA MET F 166 -27.34 62.15 -7.14
C MET F 166 -27.56 62.79 -8.50
N MET F 167 -27.49 61.98 -9.55
CA MET F 167 -27.68 62.48 -10.92
C MET F 167 -29.10 62.96 -11.08
N ALA F 168 -30.04 62.16 -10.63
CA ALA F 168 -31.45 62.49 -10.75
C ALA F 168 -31.73 63.86 -10.18
N ASN F 169 -30.90 64.30 -9.24
CA ASN F 169 -31.09 65.60 -8.61
C ASN F 169 -30.07 66.62 -9.08
N GLY F 170 -29.23 66.23 -10.03
CA GLY F 170 -28.22 67.13 -10.54
C GLY F 170 -27.13 67.47 -9.55
N ILE F 171 -26.87 66.55 -8.61
CA ILE F 171 -25.84 66.74 -7.59
C ILE F 171 -24.50 66.12 -8.01
N LEU F 172 -24.55 65.03 -8.78
CA LEU F 172 -23.34 64.37 -9.24
C LEU F 172 -22.58 65.35 -10.12
N LYS F 173 -21.30 65.56 -9.81
CA LYS F 173 -20.50 66.49 -10.60
C LYS F 173 -19.30 65.86 -11.31
N VAL F 174 -19.18 64.54 -11.23
CA VAL F 174 -18.08 63.86 -11.89
C VAL F 174 -18.63 62.56 -12.47
N PRO F 175 -18.14 62.15 -13.64
CA PRO F 175 -18.60 60.92 -14.29
C PRO F 175 -18.37 59.71 -13.40
N ALA F 176 -19.41 58.90 -13.23
CA ALA F 176 -19.30 57.72 -12.39
C ALA F 176 -19.57 56.51 -13.21
N ILE F 177 -19.01 55.38 -12.79
CA ILE F 177 -19.26 54.13 -13.49
C ILE F 177 -19.86 53.13 -12.50
N ASN F 178 -21.00 52.57 -12.88
CA ASN F 178 -21.67 51.60 -12.05
C ASN F 178 -21.00 50.27 -12.32
N VAL F 179 -20.18 49.82 -11.37
CA VAL F 179 -19.44 48.55 -11.51
C VAL F 179 -20.22 47.40 -10.90
N ASN F 180 -21.12 47.71 -9.98
CA ASN F 180 -21.91 46.69 -9.32
C ASN F 180 -22.78 45.97 -10.32
N ASP F 181 -23.32 46.73 -11.26
CA ASP F 181 -24.24 46.18 -12.23
C ASP F 181 -23.67 45.52 -13.47
N SER F 182 -22.42 45.10 -13.39
CA SER F 182 -21.82 44.36 -14.49
C SER F 182 -22.34 42.98 -14.15
N VAL F 183 -22.60 42.14 -15.15
CA VAL F 183 -23.10 40.83 -14.85
C VAL F 183 -22.13 40.04 -14.01
N THR F 184 -20.84 40.15 -14.35
CA THR F 184 -19.80 39.43 -13.63
C THR F 184 -19.61 39.89 -12.19
N LYS F 185 -20.07 41.11 -11.87
CA LYS F 185 -19.98 41.61 -10.51
C LYS F 185 -21.22 41.22 -9.72
N SER F 186 -22.36 41.73 -10.15
CA SER F 186 -23.62 41.45 -9.49
C SER F 186 -24.04 39.99 -9.33
N LYS F 187 -24.17 39.27 -10.42
CA LYS F 187 -24.59 37.87 -10.35
C LYS F 187 -23.57 36.95 -9.70
N PHE F 188 -22.34 37.41 -9.53
CA PHE F 188 -21.34 36.55 -8.92
C PHE F 188 -20.87 36.97 -7.53
N ASP F 189 -20.58 38.25 -7.37
CA ASP F 189 -20.12 38.76 -6.08
C ASP F 189 -21.27 38.72 -5.10
N ASN F 190 -22.26 39.59 -5.29
CA ASN F 190 -23.41 39.66 -4.42
C ASN F 190 -24.01 38.29 -4.12
N LEU F 191 -24.31 37.53 -5.16
CA LEU F 191 -24.89 36.19 -4.99
C LEU F 191 -23.95 35.08 -4.49
N TYR F 192 -22.97 34.69 -5.30
CA TYR F 192 -22.06 33.63 -4.92
C TYR F 192 -21.18 34.00 -3.75
N GLY F 193 -20.83 35.29 -3.65
CA GLY F 193 -20.01 35.75 -2.55
C GLY F 193 -20.69 35.51 -1.22
N CYS F 194 -21.85 36.12 -1.02
CA CYS F 194 -22.60 35.96 0.22
C CYS F 194 -22.98 34.50 0.50
N ARG F 195 -23.16 33.72 -0.55
CA ARG F 195 -23.52 32.33 -0.37
C ARG F 195 -22.42 31.66 0.41
N GLU F 196 -21.20 32.15 0.23
CA GLU F 196 -20.06 31.55 0.89
C GLU F 196 -19.59 32.22 2.15
N SER F 197 -19.67 33.55 2.20
CA SER F 197 -19.19 34.27 3.35
C SER F 197 -20.21 34.59 4.45
N LEU F 198 -21.50 34.35 4.23
CA LEU F 198 -22.48 34.63 5.28
C LEU F 198 -22.35 33.64 6.45
N ILE F 199 -22.43 32.34 6.17
CA ILE F 199 -22.32 31.31 7.19
C ILE F 199 -20.95 31.34 7.88
N ASP F 200 -19.93 31.80 7.13
CA ASP F 200 -18.58 31.90 7.66
C ASP F 200 -18.59 32.89 8.81
N GLY F 201 -19.26 34.03 8.59
CA GLY F 201 -19.36 35.03 9.64
C GLY F 201 -20.19 34.50 10.81
N ILE F 202 -21.35 33.92 10.50
CA ILE F 202 -22.21 33.39 11.54
C ILE F 202 -21.48 32.34 12.37
N LYS F 203 -20.80 31.44 11.68
CA LYS F 203 -20.09 30.35 12.35
C LYS F 203 -18.90 30.81 13.18
N ARG F 204 -18.05 31.62 12.58
CA ARG F 204 -16.90 32.09 13.32
C ARG F 204 -17.35 32.87 14.54
N ALA F 205 -18.49 33.54 14.43
CA ALA F 205 -19.00 34.33 15.55
C ALA F 205 -19.73 33.53 16.61
N THR F 206 -20.61 32.63 16.19
CA THR F 206 -21.37 31.84 17.14
C THR F 206 -21.08 30.33 17.13
N ASP F 207 -20.60 29.83 16.01
CA ASP F 207 -20.31 28.41 15.86
C ASP F 207 -21.60 27.60 15.96
N VAL F 208 -22.71 28.27 15.72
CA VAL F 208 -24.02 27.65 15.80
C VAL F 208 -24.24 26.65 14.67
N MET F 209 -25.14 25.69 14.91
CA MET F 209 -25.45 24.71 13.88
C MET F 209 -26.58 25.26 13.04
N ILE F 210 -26.37 25.35 11.74
CA ILE F 210 -27.37 25.85 10.82
C ILE F 210 -28.51 24.84 10.65
N ALA F 211 -28.16 23.59 10.42
CA ALA F 211 -29.14 22.53 10.23
C ALA F 211 -30.28 22.49 11.24
N GLY F 212 -31.50 22.30 10.77
CA GLY F 212 -32.64 22.21 11.67
C GLY F 212 -33.11 23.51 12.29
N LYS F 213 -32.53 24.62 11.88
CA LYS F 213 -32.93 25.92 12.41
C LYS F 213 -33.79 26.63 11.40
N VAL F 214 -34.55 27.62 11.88
CA VAL F 214 -35.39 28.41 11.01
C VAL F 214 -34.61 29.68 10.74
N ALA F 215 -34.17 29.86 9.50
CA ALA F 215 -33.42 31.06 9.17
C ALA F 215 -34.34 32.02 8.42
N VAL F 216 -34.45 33.24 8.91
CA VAL F 216 -35.29 34.23 8.26
C VAL F 216 -34.38 35.19 7.50
N VAL F 217 -34.59 35.29 6.19
CA VAL F 217 -33.79 36.18 5.36
C VAL F 217 -34.68 37.29 4.84
N ALA F 218 -34.30 38.53 5.13
CA ALA F 218 -35.04 39.71 4.70
C ALA F 218 -34.54 40.19 3.33
N GLY F 219 -35.40 40.12 2.33
CA GLY F 219 -35.00 40.55 1.01
C GLY F 219 -34.51 39.36 0.21
N TYR F 220 -35.00 39.22 -1.02
CA TYR F 220 -34.61 38.14 -1.91
C TYR F 220 -33.85 38.62 -3.13
N GLY F 221 -33.08 39.69 -2.97
CA GLY F 221 -32.28 40.18 -4.08
C GLY F 221 -31.11 39.24 -4.25
N ASP F 222 -30.07 39.69 -4.94
CA ASP F 222 -28.91 38.84 -5.16
C ASP F 222 -28.28 38.37 -3.87
N VAL F 223 -28.20 39.24 -2.88
CA VAL F 223 -27.62 38.87 -1.57
C VAL F 223 -28.53 37.87 -0.84
N GLY F 224 -29.82 38.19 -0.77
CA GLY F 224 -30.77 37.30 -0.14
C GLY F 224 -30.79 35.95 -0.83
N LYS F 225 -30.67 35.97 -2.15
CA LYS F 225 -30.67 34.75 -2.94
C LYS F 225 -29.48 33.88 -2.51
N GLY F 226 -28.32 34.52 -2.38
CA GLY F 226 -27.12 33.81 -1.98
C GLY F 226 -27.18 33.27 -0.57
N CYS F 227 -27.70 34.07 0.35
CA CYS F 227 -27.84 33.70 1.75
C CYS F 227 -28.89 32.60 1.93
N ALA F 228 -30.03 32.77 1.28
CA ALA F 228 -31.10 31.79 1.37
C ALA F 228 -30.60 30.43 0.92
N GLN F 229 -29.83 30.43 -0.16
CA GLN F 229 -29.27 29.21 -0.70
C GLN F 229 -28.25 28.59 0.24
N ALA F 230 -27.36 29.42 0.79
CA ALA F 230 -26.34 28.95 1.72
C ALA F 230 -26.96 28.26 2.93
N LEU F 231 -27.95 28.92 3.54
CA LEU F 231 -28.61 28.36 4.72
C LEU F 231 -29.39 27.10 4.39
N ARG F 232 -30.09 27.12 3.26
CA ARG F 232 -30.89 25.98 2.83
C ARG F 232 -30.01 24.74 2.69
N GLY F 233 -28.85 24.93 2.06
CA GLY F 233 -27.92 23.84 1.83
C GLY F 233 -27.35 23.15 3.04
N PHE F 234 -27.49 23.78 4.21
CA PHE F 234 -26.98 23.19 5.43
C PHE F 234 -28.05 22.49 6.23
N GLY F 235 -29.29 22.65 5.82
CA GLY F 235 -30.38 22.00 6.51
C GLY F 235 -31.28 22.95 7.26
N ALA F 236 -31.20 24.23 6.95
CA ALA F 236 -32.04 25.20 7.63
C ALA F 236 -33.34 25.42 6.84
N ARG F 237 -34.39 25.80 7.55
CA ARG F 237 -35.64 26.08 6.90
C ARG F 237 -35.63 27.59 6.74
N VAL F 238 -35.44 28.05 5.51
CA VAL F 238 -35.40 29.47 5.21
C VAL F 238 -36.78 30.07 4.90
N ILE F 239 -37.10 31.17 5.58
CA ILE F 239 -38.35 31.88 5.35
C ILE F 239 -37.88 33.20 4.77
N ILE F 240 -38.59 33.69 3.76
CA ILE F 240 -38.19 34.93 3.10
C ILE F 240 -39.21 36.04 3.27
N THR F 241 -38.72 37.28 3.31
CA THR F 241 -39.61 38.43 3.41
C THR F 241 -39.17 39.32 2.27
N GLU F 242 -40.14 39.88 1.55
CA GLU F 242 -39.86 40.73 0.41
C GLU F 242 -40.95 41.79 0.20
N ILE F 243 -40.60 42.84 -0.54
CA ILE F 243 -41.57 43.88 -0.84
C ILE F 243 -41.88 43.82 -2.33
N ASP F 244 -40.96 43.21 -3.08
CA ASP F 244 -41.10 43.06 -4.52
C ASP F 244 -41.85 41.78 -4.85
N PRO F 245 -42.94 41.90 -5.63
CA PRO F 245 -43.75 40.74 -6.02
C PRO F 245 -43.01 39.76 -6.91
N ILE F 246 -42.11 40.27 -7.75
CA ILE F 246 -41.34 39.40 -8.63
C ILE F 246 -40.34 38.62 -7.79
N ASN F 247 -39.53 39.30 -7.00
CA ASN F 247 -38.54 38.63 -6.17
C ASN F 247 -39.25 37.68 -5.23
N ALA F 248 -40.49 38.01 -4.88
CA ALA F 248 -41.26 37.18 -3.97
C ALA F 248 -41.64 35.89 -4.67
N LEU F 249 -42.09 36.00 -5.92
CA LEU F 249 -42.51 34.85 -6.71
C LEU F 249 -41.32 33.91 -6.95
N GLN F 250 -40.14 34.48 -7.13
CA GLN F 250 -38.95 33.67 -7.33
C GLN F 250 -38.69 32.82 -6.08
N ALA F 251 -38.78 33.45 -4.90
CA ALA F 251 -38.55 32.72 -3.65
C ALA F 251 -39.54 31.58 -3.56
N ALA F 252 -40.81 31.88 -3.87
CA ALA F 252 -41.86 30.86 -3.83
C ALA F 252 -41.58 29.72 -4.78
N MET F 253 -41.19 30.05 -5.99
CA MET F 253 -40.88 29.04 -6.99
C MET F 253 -39.70 28.20 -6.58
N GLU F 254 -38.92 28.69 -5.61
CA GLU F 254 -37.76 27.97 -5.11
C GLU F 254 -38.06 27.20 -3.82
N GLY F 255 -39.34 27.19 -3.42
CA GLY F 255 -39.72 26.45 -2.23
C GLY F 255 -39.55 27.16 -0.91
N TYR F 256 -39.41 28.47 -0.93
CA TYR F 256 -39.26 29.23 0.31
C TYR F 256 -40.61 29.85 0.70
N GLU F 257 -40.97 29.74 1.97
CA GLU F 257 -42.20 30.36 2.42
C GLU F 257 -41.89 31.85 2.46
N VAL F 258 -42.84 32.68 2.03
CA VAL F 258 -42.65 34.13 2.02
C VAL F 258 -43.71 34.83 2.86
N THR F 259 -43.30 35.41 3.98
CA THR F 259 -44.19 36.13 4.88
C THR F 259 -43.60 37.46 5.29
N THR F 260 -44.28 38.09 6.24
CA THR F 260 -43.84 39.37 6.76
C THR F 260 -42.98 39.13 8.00
N MET F 261 -42.08 40.06 8.28
CA MET F 261 -41.20 39.93 9.43
C MET F 261 -42.05 39.89 10.69
N ASP F 262 -43.17 40.60 10.67
CA ASP F 262 -44.09 40.65 11.81
C ASP F 262 -44.51 39.24 12.17
N GLU F 263 -44.65 38.38 11.17
CA GLU F 263 -45.05 37.01 11.41
C GLU F 263 -43.85 36.12 11.63
N ALA F 264 -42.86 36.26 10.75
CA ALA F 264 -41.65 35.44 10.82
C ALA F 264 -40.82 35.59 12.08
N CYS F 265 -40.80 36.79 12.67
CA CYS F 265 -40.01 37.00 13.87
C CYS F 265 -40.34 36.02 14.99
N LYS F 266 -41.59 35.58 15.04
CA LYS F 266 -41.99 34.65 16.07
C LYS F 266 -41.48 33.24 15.79
N GLU F 267 -41.02 33.02 14.56
CA GLU F 267 -40.55 31.70 14.17
C GLU F 267 -39.06 31.53 13.98
N GLY F 268 -38.40 32.56 13.48
CA GLY F 268 -36.97 32.51 13.21
C GLY F 268 -36.00 32.15 14.34
N ASN F 269 -34.92 31.47 13.97
CA ASN F 269 -33.86 31.05 14.88
C ASN F 269 -32.60 31.83 14.50
N ILE F 270 -32.57 32.27 13.25
CA ILE F 270 -31.45 33.05 12.73
C ILE F 270 -32.06 34.09 11.80
N PHE F 271 -31.67 35.35 11.97
CA PHE F 271 -32.21 36.41 11.14
C PHE F 271 -31.10 37.07 10.37
N VAL F 272 -31.32 37.22 9.06
CA VAL F 272 -30.33 37.84 8.19
C VAL F 272 -30.99 38.89 7.33
N THR F 273 -30.54 40.14 7.48
CA THR F 273 -31.11 41.23 6.70
C THR F 273 -30.21 41.51 5.49
N THR F 274 -30.77 41.34 4.30
CA THR F 274 -30.05 41.57 3.05
C THR F 274 -30.74 42.69 2.30
N THR F 275 -31.68 43.33 2.98
CA THR F 275 -32.45 44.44 2.45
C THR F 275 -31.49 45.58 2.24
N GLY F 276 -31.88 46.59 1.49
CA GLY F 276 -30.99 47.71 1.34
C GLY F 276 -31.59 48.88 2.12
N CYS F 277 -32.55 48.62 3.01
CA CYS F 277 -33.17 49.72 3.74
C CYS F 277 -33.37 49.56 5.24
N VAL F 278 -33.79 50.66 5.86
CA VAL F 278 -34.02 50.76 7.30
C VAL F 278 -35.22 50.04 7.87
N ASP F 279 -35.18 49.86 9.18
CA ASP F 279 -36.27 49.26 9.92
C ASP F 279 -36.72 47.88 9.49
N ILE F 280 -35.78 46.95 9.35
CA ILE F 280 -36.16 45.59 8.95
C ILE F 280 -36.47 44.81 10.21
N ILE F 281 -35.59 44.88 11.21
CA ILE F 281 -35.81 44.19 12.49
C ILE F 281 -35.94 45.22 13.62
N LEU F 282 -37.16 45.40 14.10
CA LEU F 282 -37.43 46.37 15.15
C LEU F 282 -37.63 45.71 16.51
N GLY F 283 -37.82 46.54 17.54
CA GLY F 283 -38.00 46.02 18.87
C GLY F 283 -39.25 45.15 18.98
N ARG F 284 -40.28 45.51 18.21
CA ARG F 284 -41.52 44.75 18.23
C ARG F 284 -41.24 43.31 17.81
N HIS F 285 -40.21 43.13 16.99
CA HIS F 285 -39.80 41.82 16.51
C HIS F 285 -38.94 41.16 17.58
N PHE F 286 -37.91 41.86 18.02
CA PHE F 286 -37.02 41.36 19.06
C PHE F 286 -37.80 40.75 20.23
N GLU F 287 -38.86 41.43 20.65
CA GLU F 287 -39.69 40.96 21.76
C GLU F 287 -40.38 39.64 21.47
N GLN F 288 -40.45 39.26 20.19
CA GLN F 288 -41.11 38.02 19.79
C GLN F 288 -40.16 36.84 19.61
N MET F 289 -38.94 37.16 19.23
CA MET F 289 -37.91 36.16 18.99
C MET F 289 -37.68 35.08 20.03
N LYS F 290 -37.43 33.86 19.54
CA LYS F 290 -37.14 32.71 20.38
C LYS F 290 -35.83 32.97 21.11
N ASP F 291 -35.64 32.31 22.24
CA ASP F 291 -34.45 32.48 23.07
C ASP F 291 -33.17 32.25 22.28
N ASP F 292 -32.18 33.09 22.52
CA ASP F 292 -30.88 32.96 21.87
C ASP F 292 -30.91 33.07 20.35
N ALA F 293 -31.87 33.82 19.84
CA ALA F 293 -32.00 34.01 18.40
C ALA F 293 -30.80 34.82 17.95
N ILE F 294 -30.12 34.35 16.92
CA ILE F 294 -28.95 35.05 16.37
C ILE F 294 -29.39 36.05 15.31
N VAL F 295 -29.12 37.32 15.53
CA VAL F 295 -29.50 38.35 14.57
C VAL F 295 -28.24 38.98 13.96
N CYS F 296 -28.26 39.16 12.64
CA CYS F 296 -27.13 39.76 11.95
C CYS F 296 -27.61 40.41 10.66
N ASN F 297 -26.81 41.34 10.15
CA ASN F 297 -27.13 42.06 8.93
C ASN F 297 -26.00 41.90 7.92
N ILE F 298 -26.36 41.76 6.64
CA ILE F 298 -25.34 41.61 5.61
C ILE F 298 -25.51 42.65 4.50
N GLY F 299 -26.56 43.46 4.59
CA GLY F 299 -26.76 44.52 3.61
C GLY F 299 -25.70 45.56 3.92
N HIS F 300 -25.09 46.14 2.90
CA HIS F 300 -24.01 47.13 3.07
C HIS F 300 -24.00 48.04 4.32
N PHE F 301 -25.14 48.58 4.73
CA PHE F 301 -25.15 49.46 5.90
C PHE F 301 -25.72 48.79 7.14
N ASP F 302 -25.55 49.45 8.29
CA ASP F 302 -26.02 48.94 9.58
C ASP F 302 -27.33 49.60 10.09
N VAL F 303 -28.18 50.02 9.15
CA VAL F 303 -29.45 50.67 9.47
C VAL F 303 -30.64 49.72 9.41
N GLU F 304 -30.37 48.45 9.11
CA GLU F 304 -31.44 47.47 8.97
C GLU F 304 -31.95 46.86 10.26
N ILE F 305 -31.06 46.71 11.24
CA ILE F 305 -31.45 46.16 12.53
C ILE F 305 -31.44 47.30 13.53
N ASP F 306 -32.49 47.40 14.35
CA ASP F 306 -32.53 48.46 15.35
C ASP F 306 -31.68 48.03 16.55
N VAL F 307 -30.40 48.38 16.55
CA VAL F 307 -29.50 48.00 17.63
C VAL F 307 -29.69 48.91 18.83
N LYS F 308 -29.98 50.18 18.56
CA LYS F 308 -30.19 51.15 19.62
C LYS F 308 -31.27 50.59 20.54
N TRP F 309 -32.34 50.07 19.95
CA TRP F 309 -33.44 49.51 20.74
C TRP F 309 -32.91 48.45 21.67
N LEU F 310 -32.13 47.53 21.13
CA LEU F 310 -31.58 46.45 21.93
C LEU F 310 -30.83 47.05 23.10
N ASN F 311 -30.01 48.03 22.80
CA ASN F 311 -29.20 48.73 23.79
C ASN F 311 -30.01 49.49 24.83
N GLU F 312 -31.15 50.03 24.41
CA GLU F 312 -31.97 50.79 25.33
C GLU F 312 -33.18 50.03 25.90
N ASN F 313 -33.34 48.76 25.57
CA ASN F 313 -34.47 48.04 26.12
C ASN F 313 -34.11 46.75 26.83
N ALA F 314 -32.98 46.17 26.46
CA ALA F 314 -32.53 44.93 27.04
C ALA F 314 -32.25 45.10 28.53
N VAL F 315 -32.58 44.08 29.31
CA VAL F 315 -32.36 44.11 30.74
C VAL F 315 -30.86 44.23 30.99
N GLU F 316 -30.07 43.57 30.16
CA GLU F 316 -28.63 43.63 30.28
C GLU F 316 -27.95 43.10 29.03
N LYS F 317 -26.76 43.62 28.75
CA LYS F 317 -25.99 43.20 27.59
C LYS F 317 -24.63 42.69 28.01
N VAL F 318 -24.23 41.54 27.47
CA VAL F 318 -22.95 40.93 27.81
C VAL F 318 -22.21 40.62 26.53
N ASN F 319 -20.98 41.12 26.42
CA ASN F 319 -20.19 40.86 25.24
C ASN F 319 -19.55 39.50 25.39
N ILE F 320 -19.69 38.65 24.38
CA ILE F 320 -19.10 37.31 24.45
C ILE F 320 -17.65 37.38 23.97
N LYS F 321 -17.45 38.21 22.95
CA LYS F 321 -16.12 38.43 22.37
C LYS F 321 -16.29 39.52 21.31
N PRO F 322 -15.20 39.97 20.69
CA PRO F 322 -15.37 41.01 19.68
C PRO F 322 -16.46 40.72 18.66
N GLN F 323 -17.31 41.72 18.42
CA GLN F 323 -18.40 41.64 17.47
C GLN F 323 -19.46 40.58 17.78
N VAL F 324 -19.54 40.16 19.03
CA VAL F 324 -20.55 39.19 19.43
C VAL F 324 -21.09 39.57 20.79
N ASP F 325 -22.36 39.99 20.83
CA ASP F 325 -23.03 40.40 22.04
C ASP F 325 -24.32 39.63 22.32
N ARG F 326 -24.54 39.31 23.58
CA ARG F 326 -25.74 38.58 23.98
C ARG F 326 -26.57 39.44 24.93
N TYR F 327 -27.68 39.97 24.42
CA TYR F 327 -28.56 40.79 25.23
C TYR F 327 -29.60 39.91 25.92
N LEU F 328 -30.03 40.32 27.11
CA LEU F 328 -31.07 39.61 27.85
C LEU F 328 -32.26 40.55 27.83
N LEU F 329 -33.39 40.06 27.35
CA LEU F 329 -34.59 40.89 27.28
C LEU F 329 -35.47 40.68 28.50
N LYS F 330 -36.28 41.68 28.79
CA LYS F 330 -37.17 41.61 29.94
C LYS F 330 -38.00 40.33 29.94
N ASN F 331 -38.29 39.80 28.76
CA ASN F 331 -39.08 38.59 28.68
C ASN F 331 -38.29 37.36 29.06
N GLY F 332 -37.02 37.57 29.41
CA GLY F 332 -36.17 36.47 29.80
C GLY F 332 -35.54 35.77 28.61
N HIS F 333 -35.71 36.33 27.42
CA HIS F 333 -35.14 35.74 26.21
C HIS F 333 -33.84 36.44 25.86
N ARG F 334 -32.86 35.66 25.45
CA ARG F 334 -31.56 36.20 25.05
C ARG F 334 -31.54 36.41 23.54
N ILE F 335 -30.74 37.38 23.11
CA ILE F 335 -30.63 37.70 21.71
C ILE F 335 -29.16 37.91 21.38
N ILE F 336 -28.63 37.13 20.45
CA ILE F 336 -27.23 37.24 20.07
C ILE F 336 -27.07 38.13 18.85
N LEU F 337 -26.55 39.33 19.07
CA LEU F 337 -26.34 40.29 17.99
C LEU F 337 -24.93 40.12 17.42
N LEU F 338 -24.78 40.16 16.11
CA LEU F 338 -23.47 40.00 15.51
C LEU F 338 -22.94 41.26 14.84
N ALA F 339 -21.65 41.52 15.03
CA ALA F 339 -20.96 42.67 14.46
C ALA F 339 -21.69 44.01 14.68
N GLU F 340 -22.41 44.09 15.79
CA GLU F 340 -23.13 45.31 16.12
C GLU F 340 -24.07 45.79 15.02
N GLY F 341 -24.65 44.87 14.28
CA GLY F 341 -25.57 45.24 13.21
C GLY F 341 -24.92 45.65 11.91
N ARG F 342 -23.61 45.38 11.79
CA ARG F 342 -22.85 45.71 10.60
C ARG F 342 -22.65 44.45 9.77
N LEU F 343 -22.07 44.59 8.57
CA LEU F 343 -21.83 43.46 7.67
C LEU F 343 -21.22 42.29 8.43
N VAL F 344 -21.95 41.20 8.48
CA VAL F 344 -21.53 40.04 9.23
C VAL F 344 -20.39 39.26 8.59
N ASN F 345 -20.40 39.11 7.27
CA ASN F 345 -19.34 38.37 6.58
C ASN F 345 -17.99 39.06 6.68
N LEU F 346 -17.99 40.38 6.57
CA LEU F 346 -16.74 41.14 6.66
C LEU F 346 -16.36 41.49 8.09
N GLY F 347 -17.35 41.54 8.97
CA GLY F 347 -17.08 41.90 10.36
C GLY F 347 -16.79 40.75 11.30
N CYS F 348 -17.32 39.56 11.01
CA CYS F 348 -17.12 38.39 11.85
C CYS F 348 -16.33 37.30 11.12
N ALA F 349 -15.99 37.58 9.87
CA ALA F 349 -15.24 36.67 9.03
C ALA F 349 -14.36 37.48 8.09
N MET F 350 -13.79 36.82 7.08
CA MET F 350 -12.90 37.49 6.15
C MET F 350 -13.52 37.96 4.83
N GLY F 351 -14.82 38.22 4.82
CA GLY F 351 -15.47 38.68 3.61
C GLY F 351 -15.63 37.60 2.56
N HIS F 352 -15.86 37.98 1.31
CA HIS F 352 -16.02 37.01 0.22
C HIS F 352 -14.69 36.43 -0.17
N PRO F 353 -14.68 35.22 -0.75
CA PRO F 353 -13.43 34.57 -1.16
C PRO F 353 -12.75 35.36 -2.28
N SER F 354 -11.45 35.16 -2.43
CA SER F 354 -10.67 35.86 -3.44
C SER F 354 -11.15 35.67 -4.88
N PHE F 355 -11.42 34.43 -5.27
CA PHE F 355 -11.84 34.17 -6.63
C PHE F 355 -12.99 35.05 -7.09
N VAL F 356 -14.02 35.16 -6.26
CA VAL F 356 -15.16 35.97 -6.66
C VAL F 356 -14.84 37.45 -6.61
N MET F 357 -13.98 37.87 -5.68
CA MET F 357 -13.62 39.27 -5.56
C MET F 357 -12.83 39.70 -6.78
N SER F 358 -12.16 38.74 -7.40
CA SER F 358 -11.37 38.99 -8.60
C SER F 358 -12.25 39.48 -9.74
N ASN F 359 -13.49 38.97 -9.78
CA ASN F 359 -14.47 39.38 -10.79
C ASN F 359 -14.81 40.85 -10.63
N SER F 360 -15.22 41.25 -9.43
CA SER F 360 -15.58 42.63 -9.14
C SER F 360 -14.40 43.57 -9.35
N PHE F 361 -13.27 43.21 -8.75
CA PHE F 361 -12.08 44.03 -8.82
C PHE F 361 -11.53 44.18 -10.22
N THR F 362 -11.71 43.16 -11.05
CA THR F 362 -11.26 43.24 -12.43
C THR F 362 -12.14 44.31 -13.08
N ASN F 363 -13.43 44.28 -12.76
CA ASN F 363 -14.38 45.25 -13.28
C ASN F 363 -13.94 46.63 -12.79
N GLN F 364 -13.48 46.67 -11.54
CA GLN F 364 -13.02 47.93 -10.93
C GLN F 364 -11.83 48.47 -11.68
N VAL F 365 -10.84 47.62 -11.93
CA VAL F 365 -9.65 48.07 -12.66
C VAL F 365 -10.03 48.55 -14.08
N MET F 366 -10.96 47.85 -14.72
CA MET F 366 -11.41 48.24 -16.07
C MET F 366 -12.08 49.61 -16.07
N ALA F 367 -12.86 49.90 -15.02
CA ALA F 367 -13.54 51.19 -14.92
C ALA F 367 -12.55 52.32 -14.66
N GLN F 368 -11.49 52.01 -13.91
CA GLN F 368 -10.47 53.00 -13.59
C GLN F 368 -9.74 53.40 -14.87
N ILE F 369 -9.47 52.40 -15.71
CA ILE F 369 -8.77 52.65 -16.97
C ILE F 369 -9.67 53.38 -17.96
N GLU F 370 -10.94 53.02 -18.00
CA GLU F 370 -11.88 53.68 -18.91
C GLU F 370 -11.99 55.16 -18.58
N LEU F 371 -12.39 55.44 -17.33
CA LEU F 371 -12.57 56.82 -16.84
C LEU F 371 -11.31 57.66 -16.94
N TRP F 372 -10.17 57.04 -16.62
CA TRP F 372 -8.91 57.75 -16.69
C TRP F 372 -8.42 57.88 -18.13
N THR F 373 -8.35 56.74 -18.81
CA THR F 373 -7.87 56.69 -20.18
C THR F 373 -8.82 57.25 -21.25
N HIS F 374 -10.12 56.96 -21.17
CA HIS F 374 -11.05 57.50 -22.16
C HIS F 374 -12.06 58.32 -21.40
N PRO F 375 -11.69 59.54 -21.05
CA PRO F 375 -12.55 60.45 -20.31
C PRO F 375 -13.74 60.99 -21.09
N ASP F 376 -13.47 61.43 -22.32
CA ASP F 376 -14.49 62.01 -23.18
C ASP F 376 -15.55 60.99 -23.58
N LYS F 377 -15.35 59.76 -23.16
CA LYS F 377 -16.28 58.70 -23.44
C LYS F 377 -17.37 58.67 -22.37
N TYR F 378 -17.09 59.33 -21.23
CA TYR F 378 -18.02 59.35 -20.10
C TYR F 378 -18.41 60.72 -19.57
N PRO F 379 -19.47 61.33 -20.12
CA PRO F 379 -19.87 62.64 -19.61
C PRO F 379 -20.40 62.47 -18.18
N VAL F 380 -20.55 63.56 -17.45
CA VAL F 380 -21.07 63.48 -16.08
C VAL F 380 -22.37 62.70 -16.08
N GLY F 381 -22.41 61.65 -15.26
CA GLY F 381 -23.57 60.81 -15.16
C GLY F 381 -23.02 59.46 -14.72
N VAL F 382 -23.87 58.44 -14.60
CA VAL F 382 -23.40 57.14 -14.16
C VAL F 382 -23.56 56.12 -15.27
N HIS F 383 -22.46 55.51 -15.68
CA HIS F 383 -22.48 54.55 -16.78
C HIS F 383 -22.16 53.10 -16.44
N PHE F 384 -22.32 52.23 -17.42
CA PHE F 384 -22.04 50.79 -17.27
C PHE F 384 -20.84 50.43 -18.12
N LEU F 385 -20.19 49.31 -17.80
CA LEU F 385 -19.05 48.86 -18.58
C LEU F 385 -19.64 48.12 -19.81
N PRO F 386 -19.00 48.26 -20.99
CA PRO F 386 -19.54 47.56 -22.15
C PRO F 386 -19.56 46.05 -21.98
N LYS F 387 -20.56 45.39 -22.55
CA LYS F 387 -20.70 43.93 -22.47
C LYS F 387 -19.45 43.17 -22.86
N LYS F 388 -18.70 43.68 -23.84
CA LYS F 388 -17.47 43.03 -24.28
C LYS F 388 -16.52 42.90 -23.11
N LEU F 389 -16.43 43.95 -22.31
CA LEU F 389 -15.56 43.95 -21.13
C LEU F 389 -16.14 43.03 -20.08
N ASP F 390 -17.45 43.04 -19.97
CA ASP F 390 -18.14 42.17 -19.01
C ASP F 390 -17.80 40.71 -19.31
N GLU F 391 -17.89 40.30 -20.56
CA GLU F 391 -17.61 38.93 -20.95
C GLU F 391 -16.13 38.62 -20.81
N ALA F 392 -15.31 39.65 -21.04
CA ALA F 392 -13.87 39.48 -20.93
C ALA F 392 -13.52 39.12 -19.49
N VAL F 393 -14.23 39.76 -18.56
CA VAL F 393 -14.01 39.52 -17.16
C VAL F 393 -14.31 38.07 -16.78
N ALA F 394 -15.40 37.54 -17.31
CA ALA F 394 -15.79 36.16 -17.02
C ALA F 394 -14.78 35.25 -17.64
N GLU F 395 -14.44 35.55 -18.88
CA GLU F 395 -13.48 34.77 -19.64
C GLU F 395 -12.18 34.57 -18.91
N ALA F 396 -11.68 35.63 -18.29
CA ALA F 396 -10.41 35.59 -17.56
C ALA F 396 -10.36 34.60 -16.40
N HIS F 397 -11.52 34.18 -15.90
CA HIS F 397 -11.57 33.24 -14.77
C HIS F 397 -11.92 31.82 -15.20
N LEU F 398 -12.23 31.64 -16.48
CA LEU F 398 -12.59 30.33 -17.01
C LEU F 398 -11.40 29.38 -16.93
N GLY F 399 -10.22 29.87 -17.29
CA GLY F 399 -9.03 29.05 -17.25
C GLY F 399 -8.75 28.37 -15.93
N LYS F 400 -8.73 29.14 -14.84
CA LYS F 400 -8.46 28.58 -13.51
C LYS F 400 -9.40 27.43 -13.18
N LEU F 401 -10.67 27.57 -13.58
CA LEU F 401 -11.68 26.56 -13.33
C LEU F 401 -11.62 25.41 -14.33
N ASN F 402 -10.79 25.58 -15.36
CA ASN F 402 -10.62 24.59 -16.39
C ASN F 402 -11.87 24.42 -17.26
N VAL F 403 -12.61 25.51 -17.40
CA VAL F 403 -13.82 25.48 -18.22
C VAL F 403 -13.39 25.53 -19.68
N LYS F 404 -14.00 24.71 -20.53
CA LYS F 404 -13.66 24.71 -21.96
C LYS F 404 -14.81 25.33 -22.71
N LEU F 405 -14.64 26.59 -23.10
CA LEU F 405 -15.69 27.29 -23.81
C LEU F 405 -15.80 26.79 -25.23
N THR F 406 -17.01 26.85 -25.79
CA THR F 406 -17.25 26.42 -27.14
C THR F 406 -17.15 27.65 -28.03
N LYS F 407 -16.73 27.44 -29.28
CA LYS F 407 -16.57 28.54 -30.23
C LYS F 407 -17.55 28.36 -31.37
N LEU F 408 -18.36 29.36 -31.61
CA LEU F 408 -19.35 29.30 -32.67
C LEU F 408 -18.62 29.06 -33.99
N THR F 409 -19.26 28.37 -34.92
CA THR F 409 -18.65 28.14 -36.22
C THR F 409 -19.13 29.33 -37.05
N GLU F 410 -18.50 29.58 -38.18
CA GLU F 410 -18.92 30.69 -39.03
C GLU F 410 -20.37 30.49 -39.38
N LYS F 411 -20.76 29.23 -39.54
CA LYS F 411 -22.14 28.89 -39.88
C LYS F 411 -23.07 29.24 -38.73
N GLN F 412 -22.74 28.82 -37.52
CA GLN F 412 -23.56 29.10 -36.35
C GLN F 412 -23.62 30.61 -36.10
N ALA F 413 -22.45 31.23 -36.01
CA ALA F 413 -22.35 32.67 -35.77
C ALA F 413 -23.26 33.40 -36.75
N GLN F 414 -23.34 32.88 -37.97
CA GLN F 414 -24.17 33.47 -39.01
C GLN F 414 -25.66 33.22 -38.71
N TYR F 415 -25.98 31.98 -38.36
CA TYR F 415 -27.34 31.59 -38.06
C TYR F 415 -27.88 32.42 -36.90
N LEU F 416 -27.09 32.53 -35.83
CA LEU F 416 -27.47 33.29 -34.65
C LEU F 416 -27.41 34.79 -34.93
N GLY F 417 -26.70 35.15 -35.99
CA GLY F 417 -26.57 36.54 -36.35
C GLY F 417 -25.69 37.31 -35.38
N MET F 418 -24.66 36.65 -34.84
CA MET F 418 -23.74 37.30 -33.90
C MET F 418 -22.30 36.91 -34.21
N PRO F 419 -21.32 37.67 -33.69
CA PRO F 419 -19.90 37.38 -33.93
C PRO F 419 -19.36 36.22 -33.12
N ILE F 420 -18.36 35.55 -33.67
CA ILE F 420 -17.74 34.41 -33.00
C ILE F 420 -17.30 34.82 -31.60
N ASN F 421 -16.84 36.06 -31.47
CA ASN F 421 -16.41 36.62 -30.18
C ASN F 421 -17.35 37.69 -29.69
N GLY F 422 -17.81 38.53 -30.63
CA GLY F 422 -18.70 39.64 -30.32
C GLY F 422 -19.67 39.32 -29.22
N PRO F 423 -20.15 40.32 -28.49
CA PRO F 423 -21.10 40.08 -27.39
C PRO F 423 -22.15 39.06 -27.79
N PHE F 424 -22.36 38.07 -26.94
CA PHE F 424 -23.32 37.02 -27.20
C PHE F 424 -24.74 37.25 -26.70
N LYS F 425 -25.01 38.40 -26.09
CA LYS F 425 -26.34 38.67 -25.56
C LYS F 425 -26.76 40.12 -25.69
N PRO F 426 -28.07 40.36 -25.86
CA PRO F 426 -28.61 41.71 -25.97
C PRO F 426 -28.44 42.46 -24.65
N ASP F 427 -28.41 43.78 -24.70
CA ASP F 427 -28.23 44.56 -23.49
C ASP F 427 -29.27 44.28 -22.41
N HIS F 428 -30.46 43.84 -22.78
CA HIS F 428 -31.50 43.58 -21.80
C HIS F 428 -31.40 42.18 -21.21
N TYR F 429 -30.45 41.39 -21.67
CA TYR F 429 -30.31 40.04 -21.14
C TYR F 429 -29.98 40.09 -19.65
N ARG F 430 -30.68 39.26 -18.87
CA ARG F 430 -30.49 39.21 -17.43
C ARG F 430 -29.69 38.04 -16.90
N TYR F 431 -29.29 37.12 -17.76
CA TYR F 431 -28.53 35.96 -17.32
C TYR F 431 -29.26 35.25 -16.18
N ASP G 2 -56.66 -27.25 -17.55
CA ASP G 2 -57.78 -26.70 -16.73
C ASP G 2 -58.29 -25.39 -17.31
N LYS G 3 -57.99 -24.28 -16.62
CA LYS G 3 -58.43 -22.96 -17.05
C LYS G 3 -57.64 -22.48 -18.27
N LEU G 4 -57.91 -21.25 -18.70
CA LEU G 4 -57.26 -20.67 -19.86
C LEU G 4 -55.74 -20.68 -19.70
N PRO G 5 -55.00 -20.39 -20.78
CA PRO G 5 -53.55 -20.39 -20.72
C PRO G 5 -53.04 -19.07 -20.16
N TYR G 6 -53.88 -18.06 -20.26
CA TYR G 6 -53.54 -16.75 -19.74
C TYR G 6 -54.72 -15.88 -20.02
N LYS G 7 -54.66 -14.64 -19.53
CA LYS G 7 -55.72 -13.70 -19.82
C LYS G 7 -55.17 -12.32 -19.55
N VAL G 8 -55.26 -11.45 -20.55
CA VAL G 8 -54.76 -10.11 -20.46
C VAL G 8 -55.79 -9.17 -21.03
N ALA G 9 -55.48 -7.88 -21.12
CA ALA G 9 -56.44 -6.93 -21.65
C ALA G 9 -56.54 -7.00 -23.17
N ASP G 10 -55.39 -7.09 -23.84
CA ASP G 10 -55.36 -7.15 -25.30
C ASP G 10 -54.01 -7.71 -25.70
N ILE G 11 -54.00 -8.86 -26.38
CA ILE G 11 -52.74 -9.46 -26.79
C ILE G 11 -52.16 -8.76 -28.01
N GLY G 12 -52.92 -7.80 -28.54
CA GLY G 12 -52.45 -7.06 -29.70
C GLY G 12 -51.36 -6.09 -29.30
N LEU G 13 -51.16 -5.95 -28.00
CA LEU G 13 -50.17 -5.03 -27.45
C LEU G 13 -48.79 -5.67 -27.35
N ALA G 14 -48.71 -6.97 -27.55
CA ALA G 14 -47.45 -7.71 -27.44
C ALA G 14 -46.27 -7.11 -28.19
N ALA G 15 -46.49 -6.72 -29.44
CA ALA G 15 -45.42 -6.18 -30.26
C ALA G 15 -44.78 -4.99 -29.56
N TRP G 16 -45.62 -4.03 -29.22
CA TRP G 16 -45.14 -2.83 -28.55
C TRP G 16 -44.54 -3.16 -27.20
N GLY G 17 -45.19 -4.05 -26.46
CA GLY G 17 -44.67 -4.42 -25.16
C GLY G 17 -43.27 -4.99 -25.29
N ARG G 18 -43.01 -5.70 -26.39
CA ARG G 18 -41.71 -6.32 -26.61
C ARG G 18 -40.59 -5.29 -26.87
N LYS G 19 -40.93 -4.19 -27.55
CA LYS G 19 -39.95 -3.17 -27.81
C LYS G 19 -39.58 -2.53 -26.48
N ALA G 20 -40.58 -2.35 -25.63
CA ALA G 20 -40.36 -1.75 -24.34
C ALA G 20 -39.46 -2.69 -23.52
N LEU G 21 -39.70 -3.99 -23.62
CA LEU G 21 -38.91 -4.97 -22.89
C LEU G 21 -37.48 -4.94 -23.40
N ASP G 22 -37.34 -4.68 -24.69
CA ASP G 22 -36.03 -4.61 -25.31
C ASP G 22 -35.23 -3.45 -24.75
N ILE G 23 -35.85 -2.28 -24.68
CA ILE G 23 -35.18 -1.11 -24.13
C ILE G 23 -34.93 -1.33 -22.64
N ALA G 24 -35.94 -1.88 -21.96
CA ALA G 24 -35.86 -2.16 -20.53
C ALA G 24 -34.64 -3.02 -20.21
N GLU G 25 -34.48 -4.12 -20.94
CA GLU G 25 -33.36 -5.02 -20.69
C GLU G 25 -32.02 -4.31 -20.67
N ASN G 26 -31.83 -3.37 -21.60
CA ASN G 26 -30.59 -2.61 -21.70
C ASN G 26 -30.41 -1.69 -20.50
N GLU G 27 -31.43 -1.59 -19.66
CA GLU G 27 -31.37 -0.71 -18.49
C GLU G 27 -31.26 -1.49 -17.20
N MET G 28 -31.40 -2.81 -17.27
CA MET G 28 -31.30 -3.62 -16.07
C MET G 28 -30.16 -4.60 -16.19
N PRO G 29 -28.92 -4.12 -15.96
CA PRO G 29 -27.70 -4.94 -16.03
C PRO G 29 -27.68 -6.08 -15.03
N GLY G 30 -28.28 -5.87 -13.86
CA GLY G 30 -28.28 -6.91 -12.85
C GLY G 30 -28.99 -8.17 -13.33
N LEU G 31 -30.19 -7.98 -13.86
CA LEU G 31 -30.97 -9.10 -14.37
C LEU G 31 -30.25 -9.75 -15.55
N MET G 32 -29.76 -8.94 -16.47
CA MET G 32 -29.07 -9.46 -17.64
C MET G 32 -27.83 -10.24 -17.23
N ARG G 33 -27.14 -9.76 -16.19
CA ARG G 33 -25.94 -10.45 -15.74
C ARG G 33 -26.33 -11.80 -15.12
N MET G 34 -27.48 -11.84 -14.47
CA MET G 34 -27.96 -13.07 -13.84
C MET G 34 -28.23 -14.05 -14.97
N ARG G 35 -28.73 -13.52 -16.08
CA ARG G 35 -29.04 -14.33 -17.26
C ARG G 35 -27.73 -14.85 -17.83
N GLU G 36 -26.77 -13.94 -17.98
CA GLU G 36 -25.45 -14.27 -18.51
C GLU G 36 -24.83 -15.45 -17.78
N MET G 37 -24.81 -15.38 -16.47
CA MET G 37 -24.19 -16.41 -15.66
C MET G 37 -24.96 -17.71 -15.44
N TYR G 38 -26.28 -17.63 -15.31
CA TYR G 38 -27.05 -18.82 -15.01
C TYR G 38 -27.95 -19.43 -16.08
N SER G 39 -27.95 -18.84 -17.28
CA SER G 39 -28.79 -19.36 -18.35
C SER G 39 -28.43 -20.82 -18.64
N ALA G 40 -27.13 -21.09 -18.71
CA ALA G 40 -26.67 -22.45 -18.98
C ALA G 40 -26.94 -23.42 -17.82
N SER G 41 -26.52 -23.05 -16.61
CA SER G 41 -26.72 -23.89 -15.43
C SER G 41 -28.19 -24.11 -15.11
N LYS G 42 -29.04 -23.14 -15.41
CA LYS G 42 -30.47 -23.29 -15.13
C LYS G 42 -30.66 -23.66 -13.65
N PRO G 43 -30.11 -22.85 -12.73
CA PRO G 43 -30.24 -23.14 -11.30
C PRO G 43 -31.67 -23.24 -10.79
N LEU G 44 -32.61 -22.66 -11.53
CA LEU G 44 -34.02 -22.70 -11.13
C LEU G 44 -34.81 -23.83 -11.80
N LYS G 45 -34.11 -24.75 -12.46
CA LYS G 45 -34.79 -25.87 -13.11
C LYS G 45 -35.56 -26.70 -12.08
N GLY G 46 -36.81 -27.02 -12.42
CA GLY G 46 -37.62 -27.83 -11.52
C GLY G 46 -38.45 -26.97 -10.60
N ALA G 47 -38.28 -25.66 -10.71
CA ALA G 47 -39.02 -24.75 -9.87
C ALA G 47 -40.29 -24.31 -10.57
N ARG G 48 -41.36 -24.19 -9.81
CA ARG G 48 -42.62 -23.73 -10.37
C ARG G 48 -42.97 -22.51 -9.51
N ILE G 49 -42.47 -21.36 -9.96
CA ILE G 49 -42.65 -20.10 -9.27
C ILE G 49 -43.97 -19.39 -9.56
N ALA G 50 -44.76 -19.21 -8.52
CA ALA G 50 -46.03 -18.53 -8.65
C ALA G 50 -45.68 -17.13 -8.21
N GLY G 51 -45.84 -16.16 -9.09
CA GLY G 51 -45.51 -14.79 -8.75
C GLY G 51 -46.70 -13.87 -8.64
N CYS G 52 -46.64 -12.96 -7.68
CA CYS G 52 -47.70 -11.98 -7.49
C CYS G 52 -46.95 -10.68 -7.28
N LEU G 53 -46.80 -9.93 -8.36
CA LEU G 53 -46.05 -8.67 -8.33
C LEU G 53 -46.54 -7.85 -9.50
N HIS G 54 -46.73 -6.55 -9.30
CA HIS G 54 -47.22 -5.69 -10.36
C HIS G 54 -46.64 -6.15 -11.70
N MET G 55 -47.52 -6.29 -12.69
CA MET G 55 -47.09 -6.76 -14.01
C MET G 55 -46.73 -5.56 -14.90
N THR G 56 -45.48 -5.14 -14.79
CA THR G 56 -44.95 -4.02 -15.56
C THR G 56 -43.84 -4.50 -16.46
N VAL G 57 -43.28 -3.60 -17.25
CA VAL G 57 -42.19 -3.95 -18.16
C VAL G 57 -41.00 -4.53 -17.41
N GLU G 58 -40.70 -3.99 -16.22
CA GLU G 58 -39.57 -4.47 -15.42
C GLU G 58 -39.90 -5.85 -14.86
N THR G 59 -41.15 -6.05 -14.45
CA THR G 59 -41.54 -7.36 -13.93
C THR G 59 -41.52 -8.37 -15.07
N ALA G 60 -41.62 -7.86 -16.29
CA ALA G 60 -41.60 -8.72 -17.46
C ALA G 60 -40.18 -9.25 -17.65
N VAL G 61 -39.20 -8.36 -17.52
CA VAL G 61 -37.80 -8.74 -17.65
C VAL G 61 -37.42 -9.69 -16.54
N LEU G 62 -38.04 -9.52 -15.36
CA LEU G 62 -37.78 -10.40 -14.25
C LEU G 62 -38.30 -11.80 -14.59
N ILE G 63 -39.57 -11.87 -14.97
CA ILE G 63 -40.19 -13.15 -15.32
C ILE G 63 -39.35 -13.89 -16.32
N GLU G 64 -38.98 -13.22 -17.42
CA GLU G 64 -38.18 -13.87 -18.45
C GLU G 64 -36.78 -14.26 -17.95
N THR G 65 -36.29 -13.60 -16.91
CA THR G 65 -34.98 -13.93 -16.37
C THR G 65 -35.09 -15.22 -15.56
N LEU G 66 -36.17 -15.33 -14.79
CA LEU G 66 -36.39 -16.51 -13.99
C LEU G 66 -36.51 -17.71 -14.94
N VAL G 67 -37.18 -17.49 -16.08
CA VAL G 67 -37.39 -18.54 -17.08
C VAL G 67 -36.08 -18.94 -17.74
N ALA G 68 -35.25 -17.94 -18.03
CA ALA G 68 -33.97 -18.21 -18.66
C ALA G 68 -33.11 -19.04 -17.73
N LEU G 69 -33.46 -19.03 -16.43
CA LEU G 69 -32.70 -19.78 -15.45
C LEU G 69 -33.32 -21.15 -15.20
N GLY G 70 -34.23 -21.54 -16.08
CA GLY G 70 -34.87 -22.84 -15.99
C GLY G 70 -36.11 -22.95 -15.13
N ALA G 71 -36.62 -21.83 -14.65
CA ALA G 71 -37.81 -21.86 -13.80
C ALA G 71 -39.09 -21.95 -14.63
N GLU G 72 -40.19 -22.29 -13.96
CA GLU G 72 -41.51 -22.37 -14.59
C GLU G 72 -42.38 -21.41 -13.79
N VAL G 73 -42.92 -20.39 -14.45
CA VAL G 73 -43.74 -19.41 -13.74
C VAL G 73 -45.17 -19.14 -14.26
N ARG G 74 -45.99 -18.61 -13.35
CA ARG G 74 -47.37 -18.23 -13.63
C ARG G 74 -47.50 -16.93 -12.87
N TRP G 75 -47.75 -15.83 -13.56
CA TRP G 75 -47.82 -14.54 -12.89
C TRP G 75 -49.19 -13.94 -12.69
N SER G 76 -49.21 -12.86 -11.93
CA SER G 76 -50.41 -12.11 -11.63
C SER G 76 -49.90 -10.82 -10.99
N SER G 77 -50.64 -9.74 -11.11
CA SER G 77 -50.22 -8.49 -10.50
C SER G 77 -50.70 -8.52 -9.05
N CYS G 78 -50.16 -7.64 -8.21
CA CYS G 78 -50.57 -7.58 -6.81
C CYS G 78 -51.38 -6.29 -6.62
N ASN G 79 -51.74 -5.65 -7.72
CA ASN G 79 -52.51 -4.43 -7.70
C ASN G 79 -53.43 -4.46 -8.91
N ILE G 80 -54.67 -4.01 -8.72
CA ILE G 80 -55.66 -4.01 -9.79
C ILE G 80 -55.47 -2.89 -10.82
N PHE G 81 -54.58 -1.95 -10.50
CA PHE G 81 -54.31 -0.81 -11.37
C PHE G 81 -52.89 -0.77 -11.89
N SER G 82 -51.97 -1.39 -11.15
CA SER G 82 -50.55 -1.38 -11.50
C SER G 82 -50.09 -2.05 -12.79
N THR G 83 -50.91 -2.93 -13.37
CA THR G 83 -50.53 -3.64 -14.58
C THR G 83 -50.26 -2.76 -15.79
N GLN G 84 -49.26 -3.15 -16.57
CA GLN G 84 -48.88 -2.46 -17.79
C GLN G 84 -49.26 -3.47 -18.85
N ASP G 85 -50.42 -3.27 -19.48
CA ASP G 85 -50.95 -4.20 -20.47
C ASP G 85 -50.06 -4.58 -21.65
N HIS G 86 -49.24 -3.68 -22.17
CA HIS G 86 -48.38 -4.09 -23.29
C HIS G 86 -47.31 -5.03 -22.78
N ALA G 87 -46.93 -4.86 -21.53
CA ALA G 87 -45.92 -5.72 -20.92
C ALA G 87 -46.51 -7.11 -20.69
N ALA G 88 -47.75 -7.14 -20.22
CA ALA G 88 -48.43 -8.40 -19.96
C ALA G 88 -48.65 -9.15 -21.27
N ALA G 89 -48.99 -8.41 -22.33
CA ALA G 89 -49.21 -9.00 -23.66
C ALA G 89 -47.96 -9.71 -24.14
N ALA G 90 -46.81 -9.03 -24.05
CA ALA G 90 -45.55 -9.60 -24.49
C ALA G 90 -45.29 -10.91 -23.77
N ILE G 91 -45.51 -10.91 -22.46
CA ILE G 91 -45.28 -12.09 -21.63
C ILE G 91 -46.24 -13.21 -22.03
N ALA G 92 -47.51 -12.85 -22.18
CA ALA G 92 -48.54 -13.81 -22.55
C ALA G 92 -48.20 -14.41 -23.90
N LYS G 93 -47.95 -13.53 -24.86
CA LYS G 93 -47.62 -13.99 -26.20
C LYS G 93 -46.32 -14.79 -26.22
N ALA G 94 -45.51 -14.64 -25.16
CA ALA G 94 -44.22 -15.34 -25.09
C ALA G 94 -44.41 -16.75 -24.55
N GLY G 95 -45.66 -17.13 -24.29
CA GLY G 95 -45.95 -18.46 -23.78
C GLY G 95 -45.97 -18.57 -22.27
N ILE G 96 -45.78 -17.45 -21.58
CA ILE G 96 -45.78 -17.44 -20.12
C ILE G 96 -47.22 -17.17 -19.68
N PRO G 97 -47.79 -18.07 -18.87
CA PRO G 97 -49.17 -17.82 -18.43
C PRO G 97 -49.22 -16.69 -17.44
N VAL G 98 -49.59 -15.50 -17.94
CA VAL G 98 -49.72 -14.33 -17.09
C VAL G 98 -51.19 -14.01 -17.00
N PHE G 99 -51.66 -13.73 -15.78
CA PHE G 99 -53.06 -13.42 -15.59
C PHE G 99 -53.22 -12.07 -14.92
N ALA G 100 -53.16 -11.01 -15.71
CA ALA G 100 -53.28 -9.65 -15.16
C ALA G 100 -53.57 -8.62 -16.23
N TRP G 101 -54.22 -7.54 -15.82
CA TRP G 101 -54.54 -6.46 -16.74
C TRP G 101 -54.91 -5.25 -15.88
N LYS G 102 -54.74 -4.06 -16.42
CA LYS G 102 -55.07 -2.87 -15.67
C LYS G 102 -56.58 -2.71 -15.48
N GLY G 103 -56.98 -2.31 -14.27
CA GLY G 103 -58.38 -2.08 -13.97
C GLY G 103 -59.21 -3.28 -13.63
N GLU G 104 -58.63 -4.26 -12.93
CA GLU G 104 -59.41 -5.44 -12.55
C GLU G 104 -60.34 -5.09 -11.39
N THR G 105 -61.19 -6.04 -11.02
CA THR G 105 -62.09 -5.83 -9.90
C THR G 105 -61.60 -6.73 -8.80
N ASP G 106 -61.86 -6.35 -7.55
CA ASP G 106 -61.42 -7.14 -6.41
C ASP G 106 -61.73 -8.60 -6.63
N GLU G 107 -62.76 -8.87 -7.44
CA GLU G 107 -63.15 -10.23 -7.75
C GLU G 107 -62.18 -10.87 -8.74
N GLU G 108 -61.94 -10.20 -9.86
CA GLU G 108 -61.01 -10.73 -10.87
C GLU G 108 -59.60 -10.84 -10.29
N TYR G 109 -59.24 -9.88 -9.42
CA TYR G 109 -57.92 -9.86 -8.79
C TYR G 109 -57.62 -11.21 -8.15
N LEU G 110 -58.53 -11.65 -7.29
CA LEU G 110 -58.39 -12.93 -6.61
C LEU G 110 -58.36 -14.12 -7.58
N TRP G 111 -59.13 -14.02 -8.66
CA TRP G 111 -59.20 -15.09 -9.65
C TRP G 111 -57.82 -15.29 -10.25
N CYS G 112 -57.16 -14.19 -10.58
CA CYS G 112 -55.83 -14.23 -11.18
C CYS G 112 -54.80 -14.93 -10.28
N ILE G 113 -54.80 -14.60 -8.99
CA ILE G 113 -53.84 -15.21 -8.06
C ILE G 113 -54.06 -16.71 -8.01
N GLU G 114 -55.32 -17.12 -7.92
CA GLU G 114 -55.66 -18.53 -7.86
C GLU G 114 -55.22 -19.25 -9.14
N GLN G 115 -55.14 -18.51 -10.23
CA GLN G 115 -54.72 -19.07 -11.52
C GLN G 115 -53.25 -19.45 -11.56
N THR G 116 -52.43 -18.86 -10.69
CA THR G 116 -51.00 -19.16 -10.67
C THR G 116 -50.60 -20.31 -9.75
N LEU G 117 -51.52 -20.75 -8.92
CA LEU G 117 -51.25 -21.83 -7.97
C LEU G 117 -50.97 -23.21 -8.56
N HIS G 118 -51.54 -23.53 -9.71
CA HIS G 118 -51.33 -24.86 -10.30
C HIS G 118 -50.63 -24.91 -11.65
N PHE G 119 -49.56 -25.69 -11.70
CA PHE G 119 -48.79 -25.83 -12.91
C PHE G 119 -49.08 -27.13 -13.62
N LYS G 120 -48.55 -27.25 -14.83
CA LYS G 120 -48.72 -28.44 -15.65
C LYS G 120 -48.41 -29.74 -14.90
N ASP G 121 -47.23 -29.81 -14.29
CA ASP G 121 -46.84 -31.02 -13.55
C ASP G 121 -46.97 -30.94 -12.03
N GLY G 122 -47.88 -30.09 -11.55
CA GLY G 122 -48.07 -30.00 -10.11
C GLY G 122 -48.31 -28.60 -9.63
N PRO G 123 -48.61 -28.41 -8.34
CA PRO G 123 -48.84 -27.07 -7.78
C PRO G 123 -47.52 -26.31 -7.61
N LEU G 124 -47.64 -25.02 -7.34
CA LEU G 124 -46.49 -24.15 -7.16
C LEU G 124 -45.61 -24.64 -6.03
N ASN G 125 -44.30 -24.60 -6.22
CA ASN G 125 -43.36 -25.03 -5.21
C ASN G 125 -42.45 -23.86 -4.83
N MET G 126 -42.84 -22.64 -5.25
CA MET G 126 -42.05 -21.45 -4.95
C MET G 126 -42.95 -20.24 -5.01
N ILE G 127 -42.66 -19.24 -4.17
CA ILE G 127 -43.45 -18.03 -4.17
C ILE G 127 -42.55 -16.80 -4.35
N LEU G 128 -42.99 -15.86 -5.17
CA LEU G 128 -42.28 -14.62 -5.39
C LEU G 128 -43.38 -13.59 -5.17
N ASP G 129 -43.48 -13.10 -3.95
CA ASP G 129 -44.53 -12.15 -3.58
C ASP G 129 -44.09 -10.72 -3.37
N ASP G 130 -45.05 -9.81 -3.55
CA ASP G 130 -44.84 -8.39 -3.33
C ASP G 130 -46.14 -7.93 -2.66
N GLY G 131 -46.12 -7.82 -1.33
CA GLY G 131 -47.31 -7.42 -0.60
C GLY G 131 -47.85 -8.51 0.28
N GLY G 132 -47.39 -9.74 0.08
CA GLY G 132 -47.84 -10.87 0.89
C GLY G 132 -49.20 -11.48 0.56
N ASP G 133 -49.82 -11.05 -0.54
CA ASP G 133 -51.12 -11.58 -0.91
C ASP G 133 -51.05 -13.05 -1.28
N LEU G 134 -50.06 -13.43 -2.07
CA LEU G 134 -49.94 -14.83 -2.47
C LEU G 134 -49.62 -15.71 -1.26
N THR G 135 -48.66 -15.28 -0.45
CA THR G 135 -48.27 -16.06 0.72
C THR G 135 -49.38 -16.11 1.77
N ASN G 136 -50.19 -15.05 1.86
CA ASN G 136 -51.27 -15.06 2.83
C ASN G 136 -52.43 -15.89 2.31
N LEU G 137 -52.57 -15.93 0.99
CA LEU G 137 -53.65 -16.71 0.36
C LEU G 137 -53.40 -18.19 0.61
N ILE G 138 -52.23 -18.66 0.18
CA ILE G 138 -51.85 -20.06 0.36
C ILE G 138 -51.94 -20.48 1.83
N HIS G 139 -51.36 -19.66 2.70
CA HIS G 139 -51.35 -19.92 4.13
C HIS G 139 -52.74 -20.05 4.74
N THR G 140 -53.66 -19.17 4.38
CA THR G 140 -55.00 -19.19 4.96
C THR G 140 -56.10 -19.87 4.15
N LYS G 141 -55.88 -20.03 2.84
CA LYS G 141 -56.91 -20.65 2.02
C LYS G 141 -56.49 -21.99 1.42
N HIS G 142 -55.20 -22.12 1.11
CA HIS G 142 -54.68 -23.37 0.53
C HIS G 142 -53.62 -24.07 1.37
N PRO G 143 -53.78 -24.10 2.71
CA PRO G 143 -52.80 -24.76 3.58
C PRO G 143 -52.23 -26.08 3.09
N GLN G 144 -52.99 -26.79 2.25
CA GLN G 144 -52.55 -28.08 1.72
C GLN G 144 -51.30 -27.95 0.87
N LEU G 145 -51.19 -26.83 0.16
CA LEU G 145 -50.05 -26.59 -0.71
C LEU G 145 -48.84 -26.07 0.05
N LEU G 146 -49.08 -25.60 1.27
CA LEU G 146 -48.04 -25.05 2.13
C LEU G 146 -46.76 -25.88 2.25
N SER G 147 -46.91 -27.20 2.37
CA SER G 147 -45.76 -28.09 2.52
C SER G 147 -45.02 -28.42 1.24
N GLY G 148 -45.55 -27.99 0.11
CA GLY G 148 -44.89 -28.24 -1.16
C GLY G 148 -44.09 -27.05 -1.66
N ILE G 149 -44.27 -25.90 -1.01
CA ILE G 149 -43.57 -24.66 -1.36
C ILE G 149 -42.21 -24.65 -0.66
N ARG G 150 -41.14 -24.56 -1.46
CA ARG G 150 -39.80 -24.56 -0.91
C ARG G 150 -39.42 -23.27 -0.19
N GLY G 151 -39.98 -22.15 -0.63
CA GLY G 151 -39.65 -20.89 0.00
C GLY G 151 -40.39 -19.69 -0.55
N ILE G 152 -40.40 -18.61 0.22
CA ILE G 152 -41.08 -17.38 -0.16
C ILE G 152 -40.05 -16.31 -0.44
N SER G 153 -40.46 -15.33 -1.24
CA SER G 153 -39.60 -14.22 -1.61
C SER G 153 -40.44 -12.95 -1.53
N GLU G 154 -40.31 -12.19 -0.44
CA GLU G 154 -41.08 -10.96 -0.29
C GLU G 154 -40.18 -9.74 -0.52
N GLU G 155 -40.73 -8.71 -1.16
CA GLU G 155 -39.94 -7.55 -1.47
C GLU G 155 -40.50 -6.22 -1.00
N THR G 156 -41.69 -6.26 -0.42
CA THR G 156 -42.30 -5.02 0.03
C THR G 156 -42.18 -4.81 1.54
N THR G 157 -41.91 -3.56 1.95
CA THR G 157 -41.76 -3.23 3.36
C THR G 157 -42.92 -3.76 4.20
N THR G 158 -44.14 -3.53 3.73
CA THR G 158 -45.31 -3.97 4.45
C THR G 158 -45.39 -5.48 4.45
N GLY G 159 -45.12 -6.08 3.30
CA GLY G 159 -45.21 -7.52 3.19
C GLY G 159 -44.22 -8.21 4.10
N VAL G 160 -42.99 -7.72 4.09
CA VAL G 160 -41.92 -8.28 4.91
C VAL G 160 -42.28 -8.05 6.38
N HIS G 161 -42.97 -6.94 6.64
CA HIS G 161 -43.41 -6.60 7.99
C HIS G 161 -44.41 -7.66 8.42
N ASN G 162 -45.29 -8.02 7.50
CA ASN G 162 -46.33 -9.01 7.76
C ASN G 162 -45.71 -10.38 8.00
N LEU G 163 -44.62 -10.65 7.28
CA LEU G 163 -43.94 -11.93 7.41
C LEU G 163 -43.36 -12.07 8.79
N TYR G 164 -42.62 -11.04 9.21
CA TYR G 164 -42.00 -11.03 10.54
C TYR G 164 -43.08 -11.26 11.58
N LYS G 165 -44.25 -10.70 11.32
CA LYS G 165 -45.38 -10.84 12.22
C LYS G 165 -45.86 -12.29 12.24
N MET G 166 -45.98 -12.86 11.05
CA MET G 166 -46.43 -14.24 10.90
C MET G 166 -45.56 -15.17 11.73
N MET G 167 -44.25 -14.99 11.63
CA MET G 167 -43.30 -15.82 12.38
C MET G 167 -43.48 -15.58 13.87
N ALA G 168 -43.55 -14.32 14.25
CA ALA G 168 -43.72 -13.94 15.65
C ALA G 168 -44.92 -14.66 16.27
N ASN G 169 -45.88 -15.04 15.44
CA ASN G 169 -47.05 -15.74 15.93
C ASN G 169 -47.05 -17.22 15.59
N GLY G 170 -45.96 -17.68 14.96
CA GLY G 170 -45.86 -19.08 14.59
C GLY G 170 -46.84 -19.47 13.48
N ILE G 171 -47.18 -18.52 12.62
CA ILE G 171 -48.09 -18.76 11.50
C ILE G 171 -47.32 -19.09 10.21
N LEU G 172 -46.16 -18.48 10.04
CA LEU G 172 -45.34 -18.72 8.85
C LEU G 172 -44.99 -20.20 8.80
N LYS G 173 -45.26 -20.85 7.67
CA LYS G 173 -44.97 -22.27 7.55
C LYS G 173 -43.98 -22.61 6.45
N VAL G 174 -43.44 -21.58 5.81
CA VAL G 174 -42.44 -21.80 4.77
C VAL G 174 -41.31 -20.76 4.92
N PRO G 175 -40.07 -21.18 4.68
CA PRO G 175 -38.96 -20.23 4.79
C PRO G 175 -39.17 -19.03 3.88
N ALA G 176 -39.01 -17.84 4.42
CA ALA G 176 -39.18 -16.62 3.62
C ALA G 176 -37.87 -15.82 3.62
N ILE G 177 -37.65 -15.05 2.57
CA ILE G 177 -36.46 -14.23 2.50
C ILE G 177 -36.90 -12.78 2.37
N ASN G 178 -36.36 -11.94 3.24
CA ASN G 178 -36.68 -10.51 3.22
C ASN G 178 -35.77 -9.86 2.19
N VAL G 179 -36.33 -9.55 1.02
CA VAL G 179 -35.58 -8.96 -0.07
C VAL G 179 -35.62 -7.43 0.00
N ASN G 180 -36.65 -6.90 0.65
CA ASN G 180 -36.78 -5.46 0.75
C ASN G 180 -35.64 -4.87 1.54
N ASP G 181 -35.23 -5.58 2.57
CA ASP G 181 -34.18 -5.08 3.43
C ASP G 181 -32.74 -5.31 3.02
N SER G 182 -32.49 -5.55 1.73
CA SER G 182 -31.13 -5.69 1.25
C SER G 182 -30.81 -4.22 1.05
N VAL G 183 -29.57 -3.82 1.25
CA VAL G 183 -29.24 -2.42 1.08
C VAL G 183 -29.54 -1.94 -0.32
N THR G 184 -29.17 -2.76 -1.31
CA THR G 184 -29.40 -2.41 -2.70
C THR G 184 -30.87 -2.31 -3.08
N LYS G 185 -31.74 -2.94 -2.29
CA LYS G 185 -33.17 -2.84 -2.58
C LYS G 185 -33.77 -1.62 -1.89
N SER G 186 -33.70 -1.64 -0.57
CA SER G 186 -34.26 -0.57 0.24
C SER G 186 -33.72 0.83 0.00
N LYS G 187 -32.42 1.02 0.12
CA LYS G 187 -31.86 2.35 -0.04
C LYS G 187 -31.92 2.87 -1.48
N PHE G 188 -32.19 2.00 -2.43
CA PHE G 188 -32.26 2.46 -3.81
C PHE G 188 -33.66 2.43 -4.44
N ASP G 189 -34.38 1.32 -4.26
CA ASP G 189 -35.71 1.19 -4.81
C ASP G 189 -36.65 2.15 -4.11
N ASN G 190 -36.95 1.86 -2.85
CA ASN G 190 -37.85 2.71 -2.05
C ASN G 190 -37.50 4.18 -2.15
N LEU G 191 -36.24 4.52 -1.92
CA LEU G 191 -35.78 5.90 -1.96
C LEU G 191 -35.66 6.53 -3.35
N TYR G 192 -34.68 6.07 -4.12
CA TYR G 192 -34.44 6.63 -5.44
C TYR G 192 -35.59 6.36 -6.38
N GLY G 193 -36.24 5.22 -6.22
CA GLY G 193 -37.38 4.89 -7.06
C GLY G 193 -38.48 5.93 -6.96
N CYS G 194 -39.04 6.08 -5.77
CA CYS G 194 -40.09 7.05 -5.53
C CYS G 194 -39.67 8.46 -5.86
N ARG G 195 -38.39 8.75 -5.69
CA ARG G 195 -37.91 10.10 -5.95
C ARG G 195 -38.21 10.42 -7.42
N GLU G 196 -38.16 9.39 -8.25
CA GLU G 196 -38.38 9.57 -9.67
C GLU G 196 -39.80 9.31 -10.18
N SER G 197 -40.46 8.31 -9.61
CA SER G 197 -41.80 7.96 -10.05
C SER G 197 -42.98 8.64 -9.36
N LEU G 198 -42.76 9.35 -8.26
CA LEU G 198 -43.87 10.01 -7.58
C LEU G 198 -44.42 11.17 -8.39
N ILE G 199 -43.55 12.11 -8.78
CA ILE G 199 -43.96 13.29 -9.54
C ILE G 199 -44.48 12.88 -10.90
N ASP G 200 -43.99 11.76 -11.40
CA ASP G 200 -44.40 11.22 -12.70
C ASP G 200 -45.89 10.94 -12.62
N GLY G 201 -46.28 10.25 -11.56
CA GLY G 201 -47.68 9.92 -11.36
C GLY G 201 -48.52 11.17 -11.17
N ILE G 202 -48.08 12.04 -10.26
CA ILE G 202 -48.79 13.27 -10.02
C ILE G 202 -48.96 14.08 -11.30
N LYS G 203 -47.88 14.21 -12.07
CA LYS G 203 -47.90 14.99 -13.30
C LYS G 203 -48.76 14.37 -14.38
N ARG G 204 -48.55 13.10 -14.67
CA ARG G 204 -49.33 12.47 -15.71
C ARG G 204 -50.80 12.55 -15.38
N ALA G 205 -51.12 12.55 -14.09
CA ALA G 205 -52.52 12.60 -13.65
C ALA G 205 -53.11 13.98 -13.63
N THR G 206 -52.38 14.94 -13.09
CA THR G 206 -52.89 16.31 -12.99
C THR G 206 -52.14 17.34 -13.81
N ASP G 207 -50.87 17.06 -14.10
CA ASP G 207 -50.04 17.98 -14.87
C ASP G 207 -49.88 19.27 -14.09
N VAL G 208 -50.01 19.17 -12.77
CA VAL G 208 -49.89 20.32 -11.89
C VAL G 208 -48.45 20.78 -11.76
N MET G 209 -48.26 22.06 -11.46
CA MET G 209 -46.92 22.60 -11.26
C MET G 209 -46.56 22.37 -9.81
N ILE G 210 -45.43 21.70 -9.57
CA ILE G 210 -44.96 21.41 -8.24
C ILE G 210 -44.39 22.68 -7.59
N ALA G 211 -43.56 23.41 -8.33
CA ALA G 211 -42.95 24.63 -7.84
C ALA G 211 -43.91 25.62 -7.16
N GLY G 212 -43.51 26.15 -6.01
CA GLY G 212 -44.34 27.11 -5.32
C GLY G 212 -45.55 26.56 -4.59
N LYS G 213 -45.64 25.24 -4.52
CA LYS G 213 -46.76 24.61 -3.82
C LYS G 213 -46.27 24.07 -2.49
N VAL G 214 -47.21 23.84 -1.58
CA VAL G 214 -46.87 23.29 -0.29
C VAL G 214 -47.20 21.81 -0.42
N ALA G 215 -46.19 20.95 -0.37
CA ALA G 215 -46.42 19.52 -0.49
C ALA G 215 -46.26 18.92 0.89
N VAL G 216 -47.27 18.19 1.32
CA VAL G 216 -47.25 17.56 2.64
C VAL G 216 -46.99 16.08 2.44
N VAL G 217 -45.91 15.58 3.03
CA VAL G 217 -45.53 14.18 2.92
C VAL G 217 -45.66 13.52 4.28
N ALA G 218 -46.47 12.48 4.35
CA ALA G 218 -46.67 11.75 5.60
C ALA G 218 -45.67 10.61 5.71
N GLY G 219 -44.85 10.66 6.74
CA GLY G 219 -43.85 9.63 6.94
C GLY G 219 -42.56 10.04 6.27
N TYR G 220 -41.45 9.88 6.99
CA TYR G 220 -40.12 10.19 6.48
C TYR G 220 -39.23 8.96 6.37
N GLY G 221 -39.82 7.83 6.01
CA GLY G 221 -39.04 6.61 5.82
C GLY G 221 -38.33 6.75 4.49
N ASP G 222 -37.85 5.64 3.95
CA ASP G 222 -37.16 5.71 2.66
C ASP G 222 -38.06 6.30 1.56
N VAL G 223 -39.34 5.94 1.56
CA VAL G 223 -40.24 6.43 0.54
C VAL G 223 -40.47 7.91 0.75
N GLY G 224 -40.77 8.31 1.98
CA GLY G 224 -40.99 9.71 2.27
C GLY G 224 -39.75 10.53 1.98
N LYS G 225 -38.59 9.96 2.27
CA LYS G 225 -37.33 10.63 2.00
C LYS G 225 -37.22 10.91 0.51
N GLY G 226 -37.53 9.88 -0.30
CA GLY G 226 -37.46 10.03 -1.74
C GLY G 226 -38.46 11.04 -2.28
N CYS G 227 -39.68 10.99 -1.78
CA CYS G 227 -40.73 11.91 -2.21
C CYS G 227 -40.43 13.34 -1.77
N ALA G 228 -39.99 13.50 -0.54
CA ALA G 228 -39.71 14.82 0.01
C ALA G 228 -38.67 15.50 -0.82
N GLN G 229 -37.67 14.72 -1.23
CA GLN G 229 -36.56 15.21 -2.05
C GLN G 229 -37.04 15.59 -3.46
N ALA G 230 -37.83 14.71 -4.06
CA ALA G 230 -38.34 14.96 -5.40
C ALA G 230 -39.13 16.25 -5.44
N LEU G 231 -40.04 16.43 -4.49
CA LEU G 231 -40.86 17.63 -4.43
C LEU G 231 -40.03 18.87 -4.13
N ARG G 232 -39.05 18.72 -3.24
CA ARG G 232 -38.19 19.83 -2.86
C ARG G 232 -37.40 20.33 -4.07
N GLY G 233 -36.92 19.39 -4.87
CA GLY G 233 -36.13 19.75 -6.03
C GLY G 233 -36.84 20.54 -7.11
N PHE G 234 -38.17 20.53 -7.09
CA PHE G 234 -38.92 21.25 -8.11
C PHE G 234 -39.37 22.60 -7.65
N GLY G 235 -39.12 22.90 -6.37
CA GLY G 235 -39.50 24.20 -5.86
C GLY G 235 -40.70 24.17 -4.94
N ALA G 236 -41.03 22.99 -4.42
CA ALA G 236 -42.16 22.90 -3.52
C ALA G 236 -41.66 23.05 -2.08
N ARG G 237 -42.54 23.50 -1.21
CA ARG G 237 -42.19 23.65 0.20
C ARG G 237 -42.77 22.40 0.86
N VAL G 238 -41.89 21.46 1.19
CA VAL G 238 -42.30 20.20 1.80
C VAL G 238 -42.43 20.27 3.32
N ILE G 239 -43.55 19.79 3.85
CA ILE G 239 -43.77 19.74 5.28
C ILE G 239 -43.86 18.26 5.54
N ILE G 240 -43.24 17.81 6.62
CA ILE G 240 -43.22 16.39 6.96
C ILE G 240 -43.97 16.04 8.25
N THR G 241 -44.59 14.88 8.27
CA THR G 241 -45.28 14.43 9.47
C THR G 241 -44.67 13.08 9.76
N GLU G 242 -44.41 12.80 11.04
CA GLU G 242 -43.79 11.55 11.43
C GLU G 242 -44.16 11.16 12.84
N ILE G 243 -43.98 9.87 13.16
CA ILE G 243 -44.28 9.38 14.51
C ILE G 243 -42.97 8.98 15.16
N ASP G 244 -41.94 8.78 14.33
CA ASP G 244 -40.63 8.39 14.81
C ASP G 244 -39.77 9.63 15.07
N PRO G 245 -39.25 9.76 16.29
CA PRO G 245 -38.41 10.91 16.65
C PRO G 245 -37.11 10.98 15.86
N ILE G 246 -36.55 9.82 15.53
CA ILE G 246 -35.32 9.78 14.76
C ILE G 246 -35.58 10.26 13.33
N ASN G 247 -36.56 9.66 12.67
CA ASN G 247 -36.91 10.03 11.31
C ASN G 247 -37.36 11.49 11.29
N ALA G 248 -37.90 11.96 12.41
CA ALA G 248 -38.35 13.34 12.50
C ALA G 248 -37.14 14.27 12.54
N LEU G 249 -36.15 13.91 13.35
CA LEU G 249 -34.94 14.71 13.47
C LEU G 249 -34.21 14.79 12.14
N GLN G 250 -34.24 13.70 11.37
CA GLN G 250 -33.59 13.69 10.06
C GLN G 250 -34.25 14.73 9.15
N ALA G 251 -35.58 14.71 9.13
CA ALA G 251 -36.32 15.65 8.32
C ALA G 251 -35.92 17.07 8.70
N ALA G 252 -35.87 17.32 10.02
CA ALA G 252 -35.50 18.64 10.53
C ALA G 252 -34.10 19.04 10.11
N MET G 253 -33.16 18.10 10.25
CA MET G 253 -31.78 18.39 9.87
C MET G 253 -31.65 18.62 8.36
N GLU G 254 -32.69 18.29 7.60
CA GLU G 254 -32.70 18.49 6.16
C GLU G 254 -33.47 19.74 5.77
N GLY G 255 -33.95 20.47 6.76
CA GLY G 255 -34.65 21.71 6.48
C GLY G 255 -36.14 21.60 6.24
N TYR G 256 -36.74 20.49 6.64
CA TYR G 256 -38.17 20.30 6.45
C TYR G 256 -38.91 20.60 7.74
N GLU G 257 -39.99 21.39 7.67
CA GLU G 257 -40.75 21.64 8.87
C GLU G 257 -41.48 20.35 9.19
N VAL G 258 -41.54 19.97 10.46
CA VAL G 258 -42.23 18.74 10.85
C VAL G 258 -43.39 19.02 11.81
N THR G 259 -44.61 18.76 11.35
CA THR G 259 -45.81 18.98 12.17
C THR G 259 -46.74 17.82 12.06
N THR G 260 -47.92 18.00 12.63
CA THR G 260 -48.96 16.98 12.59
C THR G 260 -49.84 17.24 11.38
N MET G 261 -50.50 16.20 10.89
CA MET G 261 -51.39 16.35 9.74
C MET G 261 -52.55 17.25 10.12
N ASP G 262 -52.92 17.24 11.39
CA ASP G 262 -54.01 18.06 11.88
C ASP G 262 -53.73 19.51 11.58
N GLU G 263 -52.45 19.88 11.69
CA GLU G 263 -52.04 21.24 11.43
C GLU G 263 -51.71 21.47 9.97
N ALA G 264 -50.94 20.55 9.38
CA ALA G 264 -50.51 20.65 7.98
C ALA G 264 -51.64 20.63 6.96
N CYS G 265 -52.69 19.90 7.24
CA CYS G 265 -53.82 19.82 6.31
C CYS G 265 -54.35 21.19 5.91
N LYS G 266 -54.27 22.16 6.81
CA LYS G 266 -54.77 23.50 6.50
C LYS G 266 -53.81 24.25 5.60
N GLU G 267 -52.60 23.72 5.44
CA GLU G 267 -51.60 24.40 4.63
C GLU G 267 -51.26 23.74 3.29
N GLY G 268 -51.25 22.42 3.28
CA GLY G 268 -50.89 21.68 2.08
C GLY G 268 -51.64 21.95 0.81
N ASN G 269 -50.93 21.79 -0.31
CA ASN G 269 -51.45 21.99 -1.67
C ASN G 269 -51.42 20.61 -2.35
N ILE G 270 -50.50 19.77 -1.89
CA ILE G 270 -50.32 18.42 -2.42
C ILE G 270 -50.04 17.56 -1.20
N PHE G 271 -50.74 16.44 -1.09
CA PHE G 271 -50.56 15.53 0.03
C PHE G 271 -50.09 14.17 -0.47
N VAL G 272 -49.04 13.65 0.16
CA VAL G 272 -48.50 12.35 -0.24
C VAL G 272 -48.33 11.47 0.98
N THR G 273 -49.01 10.34 1.02
CA THR G 273 -48.90 9.46 2.17
C THR G 273 -47.91 8.34 1.84
N THR G 274 -46.83 8.28 2.60
CA THR G 274 -45.77 7.28 2.41
C THR G 274 -45.70 6.41 3.65
N THR G 275 -46.65 6.65 4.54
CA THR G 275 -46.78 5.91 5.79
C THR G 275 -47.07 4.47 5.45
N GLY G 276 -46.92 3.57 6.42
CA GLY G 276 -47.26 2.20 6.12
C GLY G 276 -48.55 1.86 6.86
N CYS G 277 -49.28 2.88 7.33
CA CYS G 277 -50.49 2.61 8.09
C CYS G 277 -51.76 3.41 7.79
N VAL G 278 -52.84 2.97 8.44
CA VAL G 278 -54.18 3.55 8.27
C VAL G 278 -54.43 4.92 8.87
N ASP G 279 -55.49 5.54 8.38
CA ASP G 279 -55.93 6.83 8.89
C ASP G 279 -54.91 7.95 8.85
N ILE G 280 -54.27 8.17 7.72
CA ILE G 280 -53.33 9.27 7.65
C ILE G 280 -54.08 10.54 7.27
N ILE G 281 -54.92 10.46 6.24
CA ILE G 281 -55.70 11.61 5.83
C ILE G 281 -57.18 11.29 6.00
N LEU G 282 -57.80 11.89 7.01
CA LEU G 282 -59.20 11.67 7.31
C LEU G 282 -60.09 12.82 6.85
N GLY G 283 -61.39 12.66 7.03
CA GLY G 283 -62.31 13.71 6.63
C GLY G 283 -62.09 15.00 7.38
N ARG G 284 -61.64 14.91 8.63
CA ARG G 284 -61.40 16.10 9.44
C ARG G 284 -60.34 16.95 8.77
N HIS G 285 -59.48 16.29 8.00
CA HIS G 285 -58.41 16.95 7.27
C HIS G 285 -58.97 17.49 5.95
N PHE G 286 -59.63 16.61 5.19
CA PHE G 286 -60.25 16.96 3.90
C PHE G 286 -61.04 18.25 4.03
N GLU G 287 -61.79 18.40 5.12
CA GLU G 287 -62.59 19.59 5.34
C GLU G 287 -61.77 20.86 5.51
N GLN G 288 -60.47 20.69 5.80
CA GLN G 288 -59.58 21.82 5.99
C GLN G 288 -58.79 22.22 4.76
N MET G 289 -58.50 21.25 3.91
CA MET G 289 -57.74 21.46 2.68
C MET G 289 -58.12 22.62 1.76
N LYS G 290 -57.09 23.26 1.21
CA LYS G 290 -57.28 24.37 0.28
C LYS G 290 -57.96 23.82 -0.98
N ASP G 291 -58.62 24.70 -1.71
CA ASP G 291 -59.33 24.30 -2.93
C ASP G 291 -58.44 23.60 -3.93
N ASP G 292 -58.97 22.52 -4.51
CA ASP G 292 -58.23 21.77 -5.52
C ASP G 292 -56.95 21.13 -5.03
N ALA G 293 -56.93 20.78 -3.74
CA ALA G 293 -55.76 20.14 -3.18
C ALA G 293 -55.68 18.75 -3.77
N ILE G 294 -54.50 18.37 -4.26
CA ILE G 294 -54.28 17.06 -4.85
C ILE G 294 -53.86 16.05 -3.79
N VAL G 295 -54.65 15.01 -3.60
CA VAL G 295 -54.31 14.00 -2.61
C VAL G 295 -53.99 12.68 -3.30
N CYS G 296 -52.93 12.02 -2.83
CA CYS G 296 -52.54 10.74 -3.39
C CYS G 296 -51.76 9.96 -2.35
N ASN G 297 -51.66 8.65 -2.57
CA ASN G 297 -50.97 7.76 -1.66
C ASN G 297 -49.93 6.96 -2.43
N ILE G 298 -48.77 6.74 -1.82
CA ILE G 298 -47.70 5.99 -2.46
C ILE G 298 -47.25 4.80 -1.60
N GLY G 299 -47.79 4.70 -0.39
CA GLY G 299 -47.46 3.58 0.48
C GLY G 299 -48.15 2.37 -0.13
N HIS G 300 -47.47 1.23 -0.16
CA HIS G 300 -48.01 0.01 -0.74
C HIS G 300 -49.52 -0.22 -0.76
N PHE G 301 -50.23 0.03 0.35
CA PHE G 301 -51.68 -0.19 0.37
C PHE G 301 -52.49 1.09 0.24
N ASP G 302 -53.80 0.93 0.04
CA ASP G 302 -54.72 2.06 -0.11
C ASP G 302 -55.55 2.36 1.15
N VAL G 303 -54.99 2.07 2.32
CA VAL G 303 -55.66 2.28 3.60
C VAL G 303 -55.26 3.57 4.29
N GLU G 304 -54.36 4.32 3.67
CA GLU G 304 -53.85 5.56 4.26
C GLU G 304 -54.73 6.79 4.10
N ILE G 305 -55.47 6.87 2.99
CA ILE G 305 -56.37 7.99 2.75
C ILE G 305 -57.78 7.48 2.91
N ASP G 306 -58.64 8.25 3.56
CA ASP G 306 -60.01 7.82 3.76
C ASP G 306 -60.81 8.22 2.54
N VAL G 307 -60.85 7.33 1.54
CA VAL G 307 -61.56 7.62 0.31
C VAL G 307 -63.06 7.46 0.48
N LYS G 308 -63.46 6.49 1.31
CA LYS G 308 -64.86 6.23 1.57
C LYS G 308 -65.50 7.53 2.04
N TRP G 309 -64.81 8.22 2.94
CA TRP G 309 -65.32 9.48 3.47
C TRP G 309 -65.59 10.44 2.34
N LEU G 310 -64.61 10.60 1.47
CA LEU G 310 -64.78 11.51 0.33
C LEU G 310 -66.04 11.11 -0.41
N ASN G 311 -66.16 9.83 -0.70
CA ASN G 311 -67.31 9.30 -1.43
C ASN G 311 -68.63 9.50 -0.71
N GLU G 312 -68.61 9.42 0.61
CA GLU G 312 -69.83 9.57 1.39
C GLU G 312 -70.08 10.95 1.98
N ASN G 313 -69.20 11.92 1.72
CA ASN G 313 -69.45 13.24 2.27
C ASN G 313 -69.40 14.36 1.24
N ALA G 314 -68.68 14.13 0.14
CA ALA G 314 -68.58 15.13 -0.90
C ALA G 314 -69.95 15.43 -1.50
N VAL G 315 -70.17 16.71 -1.80
CA VAL G 315 -71.43 17.14 -2.40
C VAL G 315 -71.60 16.42 -3.73
N GLU G 316 -70.50 16.24 -4.45
CA GLU G 316 -70.53 15.55 -5.72
C GLU G 316 -69.13 15.16 -6.16
N LYS G 317 -69.05 14.08 -6.94
CA LYS G 317 -67.80 13.58 -7.47
C LYS G 317 -67.81 13.52 -9.00
N VAL G 318 -66.76 14.03 -9.63
CA VAL G 318 -66.68 14.01 -11.08
C VAL G 318 -65.35 13.42 -11.50
N ASN G 319 -65.40 12.37 -12.31
CA ASN G 319 -64.19 11.73 -12.78
C ASN G 319 -63.64 12.57 -13.92
N ILE G 320 -62.37 12.94 -13.84
CA ILE G 320 -61.74 13.75 -14.90
C ILE G 320 -61.25 12.81 -16.00
N LYS G 321 -60.73 11.67 -15.59
CA LYS G 321 -60.22 10.63 -16.49
C LYS G 321 -59.82 9.45 -15.62
N PRO G 322 -59.43 8.33 -16.22
CA PRO G 322 -59.04 7.20 -15.37
C PRO G 322 -58.07 7.54 -14.24
N GLN G 323 -58.41 7.07 -13.04
CA GLN G 323 -57.63 7.27 -11.84
C GLN G 323 -57.47 8.74 -11.42
N VAL G 324 -58.39 9.59 -11.85
CA VAL G 324 -58.33 11.01 -11.46
C VAL G 324 -59.74 11.52 -11.23
N ASP G 325 -60.04 11.79 -9.96
CA ASP G 325 -61.37 12.24 -9.56
C ASP G 325 -61.35 13.56 -8.80
N ARG G 326 -62.31 14.42 -9.09
CA ARG G 326 -62.39 15.71 -8.45
C ARG G 326 -63.69 15.79 -7.65
N TYR G 327 -63.56 15.75 -6.32
CA TYR G 327 -64.73 15.82 -5.44
C TYR G 327 -65.01 17.25 -5.05
N LEU G 328 -66.29 17.58 -4.91
CA LEU G 328 -66.69 18.93 -4.48
C LEU G 328 -67.20 18.76 -3.05
N LEU G 329 -66.61 19.49 -2.11
CA LEU G 329 -67.02 19.37 -0.72
C LEU G 329 -68.07 20.42 -0.38
N LYS G 330 -68.86 20.14 0.65
CA LYS G 330 -69.90 21.07 1.09
C LYS G 330 -69.36 22.48 1.31
N ASN G 331 -68.09 22.59 1.71
CA ASN G 331 -67.49 23.90 1.95
C ASN G 331 -67.17 24.63 0.62
N GLY G 332 -67.49 24.00 -0.49
CA GLY G 332 -67.23 24.62 -1.78
C GLY G 332 -65.82 24.41 -2.28
N HIS G 333 -65.05 23.59 -1.56
CA HIS G 333 -63.68 23.30 -1.95
C HIS G 333 -63.61 21.99 -2.71
N ARG G 334 -62.78 21.97 -3.75
CA ARG G 334 -62.61 20.77 -4.58
C ARG G 334 -61.39 20.01 -4.08
N ILE G 335 -61.41 18.70 -4.30
CA ILE G 335 -60.34 17.84 -3.86
C ILE G 335 -60.06 16.86 -4.99
N ILE G 336 -58.81 16.84 -5.45
CA ILE G 336 -58.44 15.95 -6.54
C ILE G 336 -57.77 14.73 -5.97
N LEU G 337 -58.47 13.60 -6.04
CA LEU G 337 -57.98 12.34 -5.54
C LEU G 337 -57.30 11.59 -6.68
N LEU G 338 -56.14 10.99 -6.43
CA LEU G 338 -55.44 10.25 -7.47
C LEU G 338 -55.44 8.72 -7.25
N ALA G 339 -55.65 7.98 -8.34
CA ALA G 339 -55.65 6.52 -8.32
C ALA G 339 -56.55 5.91 -7.25
N GLU G 340 -57.61 6.62 -6.90
CA GLU G 340 -58.55 6.14 -5.89
C GLU G 340 -57.89 5.77 -4.58
N GLY G 341 -56.80 6.47 -4.23
CA GLY G 341 -56.10 6.21 -2.99
C GLY G 341 -55.08 5.08 -3.06
N ARG G 342 -54.81 4.60 -4.26
CA ARG G 342 -53.84 3.52 -4.46
C ARG G 342 -52.50 4.09 -4.92
N LEU G 343 -51.49 3.22 -5.00
CA LEU G 343 -50.15 3.66 -5.38
C LEU G 343 -50.23 4.58 -6.59
N VAL G 344 -49.80 5.82 -6.38
CA VAL G 344 -49.87 6.82 -7.44
C VAL G 344 -48.85 6.62 -8.56
N ASN G 345 -47.63 6.23 -8.21
CA ASN G 345 -46.60 6.04 -9.23
C ASN G 345 -46.93 4.90 -10.18
N LEU G 346 -47.43 3.80 -9.64
CA LEU G 346 -47.79 2.64 -10.46
C LEU G 346 -49.20 2.74 -11.05
N GLY G 347 -50.06 3.54 -10.42
CA GLY G 347 -51.42 3.67 -10.91
C GLY G 347 -51.69 4.82 -11.84
N CYS G 348 -50.89 5.88 -11.75
CA CYS G 348 -51.09 7.03 -12.63
C CYS G 348 -49.89 7.23 -13.57
N ALA G 349 -48.89 6.37 -13.40
CA ALA G 349 -47.65 6.41 -14.19
C ALA G 349 -47.14 4.97 -14.37
N MET G 350 -45.91 4.84 -14.82
CA MET G 350 -45.32 3.54 -15.07
C MET G 350 -44.43 2.95 -13.96
N GLY G 351 -44.65 3.37 -12.72
CA GLY G 351 -43.85 2.85 -11.63
C GLY G 351 -42.42 3.35 -11.65
N HIS G 352 -41.54 2.66 -10.95
CA HIS G 352 -40.13 3.07 -10.88
C HIS G 352 -39.42 2.77 -12.17
N PRO G 353 -38.32 3.49 -12.46
CA PRO G 353 -37.56 3.25 -13.69
C PRO G 353 -36.92 1.86 -13.67
N SER G 354 -36.57 1.36 -14.84
CA SER G 354 -35.97 0.04 -14.98
C SER G 354 -34.67 -0.16 -14.23
N PHE G 355 -33.77 0.81 -14.35
CA PHE G 355 -32.47 0.67 -13.71
C PHE G 355 -32.58 0.33 -12.24
N VAL G 356 -33.42 1.07 -11.52
CA VAL G 356 -33.57 0.82 -10.10
C VAL G 356 -34.28 -0.48 -9.80
N MET G 357 -35.24 -0.85 -10.64
CA MET G 357 -35.97 -2.10 -10.45
C MET G 357 -35.02 -3.28 -10.66
N SER G 358 -33.97 -3.06 -11.45
CA SER G 358 -32.98 -4.10 -11.70
C SER G 358 -32.32 -4.53 -10.42
N ASN G 359 -32.10 -3.57 -9.52
CA ASN G 359 -31.49 -3.82 -8.21
C ASN G 359 -32.38 -4.76 -7.37
N SER G 360 -33.64 -4.39 -7.21
CA SER G 360 -34.57 -5.20 -6.43
C SER G 360 -34.75 -6.58 -7.05
N PHE G 361 -35.02 -6.59 -8.35
CA PHE G 361 -35.25 -7.84 -9.04
C PHE G 361 -34.05 -8.74 -9.08
N THR G 362 -32.86 -8.16 -9.07
CA THR G 362 -31.66 -8.98 -9.05
C THR G 362 -31.68 -9.67 -7.68
N ASN G 363 -32.01 -8.89 -6.66
CA ASN G 363 -32.09 -9.43 -5.31
C ASN G 363 -33.14 -10.53 -5.30
N GLN G 364 -34.24 -10.30 -6.01
CA GLN G 364 -35.32 -11.28 -6.10
C GLN G 364 -34.85 -12.57 -6.74
N VAL G 365 -34.12 -12.47 -7.85
CA VAL G 365 -33.63 -13.66 -8.50
C VAL G 365 -32.68 -14.42 -7.58
N MET G 366 -31.81 -13.69 -6.89
CA MET G 366 -30.85 -14.31 -5.97
C MET G 366 -31.57 -15.06 -4.86
N ALA G 367 -32.65 -14.51 -4.34
CA ALA G 367 -33.42 -15.15 -3.27
C ALA G 367 -34.10 -16.43 -3.77
N GLN G 368 -34.55 -16.40 -5.02
CA GLN G 368 -35.20 -17.55 -5.61
C GLN G 368 -34.20 -18.71 -5.73
N ILE G 369 -32.98 -18.38 -6.12
CA ILE G 369 -31.95 -19.38 -6.29
C ILE G 369 -31.50 -19.95 -4.93
N GLU G 370 -31.37 -19.07 -3.94
CA GLU G 370 -30.94 -19.47 -2.60
C GLU G 370 -31.96 -20.46 -2.03
N LEU G 371 -33.21 -20.00 -1.89
CA LEU G 371 -34.30 -20.81 -1.35
C LEU G 371 -34.49 -22.12 -2.11
N TRP G 372 -34.42 -22.05 -3.44
CA TRP G 372 -34.62 -23.24 -4.25
C TRP G 372 -33.39 -24.14 -4.23
N THR G 373 -32.24 -23.55 -4.54
CA THR G 373 -30.97 -24.26 -4.60
C THR G 373 -30.37 -24.67 -3.26
N HIS G 374 -30.41 -23.79 -2.25
CA HIS G 374 -29.86 -24.14 -0.94
C HIS G 374 -31.00 -24.01 0.05
N PRO G 375 -31.87 -25.02 0.09
CA PRO G 375 -33.01 -25.03 1.00
C PRO G 375 -32.66 -25.18 2.46
N ASP G 376 -31.81 -26.16 2.75
CA ASP G 376 -31.39 -26.47 4.11
C ASP G 376 -30.63 -25.31 4.76
N LYS G 377 -30.40 -24.27 3.99
CA LYS G 377 -29.71 -23.10 4.49
C LYS G 377 -30.73 -22.14 5.12
N TYR G 378 -32.01 -22.35 4.81
CA TYR G 378 -33.07 -21.47 5.32
C TYR G 378 -34.22 -22.15 6.05
N PRO G 379 -34.10 -22.32 7.37
CA PRO G 379 -35.19 -22.97 8.10
C PRO G 379 -36.41 -22.05 8.10
N VAL G 380 -37.57 -22.58 8.46
CA VAL G 380 -38.78 -21.76 8.48
C VAL G 380 -38.54 -20.51 9.31
N GLY G 381 -38.73 -19.36 8.70
CA GLY G 381 -38.50 -18.09 9.35
C GLY G 381 -38.19 -17.13 8.22
N VAL G 382 -37.92 -15.87 8.53
CA VAL G 382 -37.63 -14.87 7.49
C VAL G 382 -36.18 -14.42 7.57
N HIS G 383 -35.43 -14.66 6.49
CA HIS G 383 -34.01 -14.31 6.43
C HIS G 383 -33.62 -13.15 5.51
N PHE G 384 -32.34 -12.82 5.55
CA PHE G 384 -31.78 -11.75 4.71
C PHE G 384 -30.77 -12.38 3.75
N LEU G 385 -30.46 -11.66 2.67
CA LEU G 385 -29.48 -12.15 1.69
C LEU G 385 -28.12 -11.76 2.26
N PRO G 386 -27.10 -12.62 2.09
CA PRO G 386 -25.77 -12.25 2.63
C PRO G 386 -25.21 -10.97 2.01
N LYS G 387 -24.44 -10.22 2.78
CA LYS G 387 -23.86 -8.97 2.31
C LYS G 387 -23.07 -9.14 1.02
N LYS G 388 -22.40 -10.28 0.88
CA LYS G 388 -21.61 -10.51 -0.32
C LYS G 388 -22.50 -10.38 -1.54
N LEU G 389 -23.70 -10.96 -1.46
CA LEU G 389 -24.66 -10.91 -2.57
C LEU G 389 -25.17 -9.49 -2.71
N ASP G 390 -25.40 -8.83 -1.59
CA ASP G 390 -25.87 -7.46 -1.59
C ASP G 390 -24.88 -6.59 -2.37
N GLU G 391 -23.59 -6.71 -2.07
CA GLU G 391 -22.58 -5.91 -2.74
C GLU G 391 -22.46 -6.31 -4.20
N ALA G 392 -22.68 -7.59 -4.47
CA ALA G 392 -22.59 -8.12 -5.84
C ALA G 392 -23.67 -7.43 -6.69
N VAL G 393 -24.84 -7.25 -6.08
CA VAL G 393 -25.96 -6.61 -6.75
C VAL G 393 -25.63 -5.17 -7.13
N ALA G 394 -24.96 -4.43 -6.24
CA ALA G 394 -24.61 -3.06 -6.55
C ALA G 394 -23.54 -3.07 -7.62
N GLU G 395 -22.56 -3.94 -7.42
CA GLU G 395 -21.45 -4.07 -8.36
C GLU G 395 -21.91 -4.25 -9.80
N ALA G 396 -22.95 -5.06 -9.98
CA ALA G 396 -23.49 -5.36 -11.31
C ALA G 396 -23.99 -4.13 -12.07
N HIS G 397 -24.35 -3.08 -11.35
CA HIS G 397 -24.86 -1.87 -12.00
C HIS G 397 -23.84 -0.75 -12.14
N LEU G 398 -22.66 -0.97 -11.57
CA LEU G 398 -21.62 0.02 -11.62
C LEU G 398 -21.17 0.25 -13.05
N GLY G 399 -20.99 -0.83 -13.80
CA GLY G 399 -20.53 -0.73 -15.16
C GLY G 399 -21.34 0.19 -16.06
N LYS G 400 -22.66 -0.01 -16.08
CA LYS G 400 -23.54 0.80 -16.89
C LYS G 400 -23.37 2.30 -16.61
N LEU G 401 -23.16 2.64 -15.34
CA LEU G 401 -22.99 4.03 -14.93
C LEU G 401 -21.55 4.51 -15.15
N ASN G 402 -20.69 3.58 -15.49
CA ASN G 402 -19.28 3.89 -15.73
C ASN G 402 -18.52 4.27 -14.47
N VAL G 403 -18.95 3.73 -13.35
CA VAL G 403 -18.30 4.02 -12.08
C VAL G 403 -17.01 3.19 -12.06
N LYS G 404 -15.94 3.78 -11.54
CA LYS G 404 -14.68 3.07 -11.46
C LYS G 404 -14.39 2.84 -9.99
N LEU G 405 -14.63 1.62 -9.54
CA LEU G 405 -14.41 1.27 -8.15
C LEU G 405 -12.93 1.17 -7.84
N THR G 406 -12.57 1.48 -6.61
CA THR G 406 -11.17 1.40 -6.19
C THR G 406 -10.96 0.03 -5.55
N LYS G 407 -9.75 -0.50 -5.66
CA LYS G 407 -9.44 -1.80 -5.10
C LYS G 407 -8.41 -1.64 -3.98
N LEU G 408 -8.75 -2.14 -2.80
CA LEU G 408 -7.85 -2.04 -1.66
C LEU G 408 -6.54 -2.72 -2.02
N THR G 409 -5.44 -2.21 -1.50
CA THR G 409 -4.14 -2.83 -1.75
C THR G 409 -4.01 -3.86 -0.63
N GLU G 410 -3.07 -4.80 -0.77
CA GLU G 410 -2.91 -5.79 0.27
C GLU G 410 -2.62 -5.08 1.60
N LYS G 411 -1.90 -3.97 1.50
CA LYS G 411 -1.53 -3.18 2.66
C LYS G 411 -2.78 -2.58 3.30
N GLN G 412 -3.62 -1.94 2.49
CA GLN G 412 -4.83 -1.31 2.99
C GLN G 412 -5.78 -2.36 3.53
N ALA G 413 -6.00 -3.39 2.74
CA ALA G 413 -6.89 -4.48 3.13
C ALA G 413 -6.48 -5.00 4.50
N GLN G 414 -5.18 -5.06 4.73
CA GLN G 414 -4.60 -5.52 5.99
C GLN G 414 -4.86 -4.50 7.09
N TYR G 415 -4.59 -3.23 6.79
CA TYR G 415 -4.78 -2.16 7.74
C TYR G 415 -6.23 -2.10 8.22
N LEU G 416 -7.16 -2.17 7.27
CA LEU G 416 -8.57 -2.10 7.58
C LEU G 416 -9.02 -3.41 8.16
N GLY G 417 -8.21 -4.44 7.96
CA GLY G 417 -8.54 -5.75 8.48
C GLY G 417 -9.72 -6.39 7.75
N MET G 418 -9.80 -6.17 6.45
CA MET G 418 -10.87 -6.76 5.65
C MET G 418 -10.31 -7.26 4.31
N PRO G 419 -11.05 -8.13 3.62
CA PRO G 419 -10.59 -8.66 2.33
C PRO G 419 -10.74 -7.68 1.17
N ILE G 420 -9.85 -7.81 0.19
CA ILE G 420 -9.87 -6.95 -0.99
C ILE G 420 -11.26 -6.94 -1.62
N ASN G 421 -11.94 -8.09 -1.57
CA ASN G 421 -13.29 -8.24 -2.11
C ASN G 421 -14.29 -8.45 -0.99
N GLY G 422 -13.90 -9.25 0.01
CA GLY G 422 -14.76 -9.57 1.15
C GLY G 422 -15.65 -8.42 1.56
N PRO G 423 -16.83 -8.72 2.16
CA PRO G 423 -17.75 -7.66 2.58
C PRO G 423 -16.98 -6.53 3.22
N PHE G 424 -17.28 -5.31 2.79
CA PHE G 424 -16.62 -4.12 3.27
C PHE G 424 -17.26 -3.44 4.47
N LYS G 425 -18.37 -3.97 4.96
CA LYS G 425 -19.02 -3.35 6.10
C LYS G 425 -19.64 -4.34 7.08
N PRO G 426 -19.68 -3.96 8.37
CA PRO G 426 -20.27 -4.84 9.41
C PRO G 426 -21.78 -4.99 9.15
N ASP G 427 -22.37 -6.06 9.68
CA ASP G 427 -23.79 -6.31 9.49
C ASP G 427 -24.68 -5.18 9.99
N HIS G 428 -24.21 -4.40 10.95
CA HIS G 428 -25.02 -3.32 11.48
C HIS G 428 -24.90 -2.02 10.67
N TYR G 429 -24.04 -2.02 9.67
CA TYR G 429 -23.85 -0.82 8.85
C TYR G 429 -25.15 -0.42 8.16
N ARG G 430 -25.51 0.86 8.26
CA ARG G 430 -26.74 1.36 7.66
C ARG G 430 -26.58 2.10 6.32
N TYR G 431 -25.33 2.34 5.89
CA TYR G 431 -25.14 3.04 4.64
C TYR G 431 -25.84 4.39 4.69
N ASP H 2 -0.07 13.45 43.96
CA ASP H 2 1.04 13.08 43.05
C ASP H 2 1.40 14.25 42.13
N LYS H 3 1.06 14.11 40.85
CA LYS H 3 1.35 15.14 39.86
C LYS H 3 0.47 16.37 40.05
N LEU H 4 0.60 17.33 39.13
CA LEU H 4 -0.16 18.57 39.19
C LEU H 4 -1.65 18.30 39.19
N PRO H 5 -2.45 19.32 39.50
CA PRO H 5 -3.91 19.13 39.53
C PRO H 5 -4.49 19.18 38.13
N TYR H 6 -3.77 19.82 37.24
CA TYR H 6 -4.18 19.94 35.86
C TYR H 6 -3.08 20.69 35.14
N LYS H 7 -3.22 20.82 33.83
CA LYS H 7 -2.28 21.59 33.06
C LYS H 7 -2.95 21.93 31.75
N VAL H 8 -2.99 23.22 31.44
CA VAL H 8 -3.62 23.72 30.24
C VAL H 8 -2.71 24.76 29.63
N ALA H 9 -3.12 25.40 28.56
CA ALA H 9 -2.27 26.39 27.91
C ALA H 9 -2.25 27.72 28.65
N ASP H 10 -3.41 28.15 29.13
CA ASP H 10 -3.52 29.43 29.84
C ASP H 10 -4.85 29.44 30.60
N ILE H 11 -4.79 29.46 31.92
CA ILE H 11 -6.01 29.45 32.72
C ILE H 11 -6.71 30.81 32.67
N GLY H 12 -6.06 31.79 32.05
CA GLY H 12 -6.67 33.10 31.98
C GLY H 12 -7.81 33.10 30.99
N LEU H 13 -7.93 32.00 30.25
CA LEU H 13 -8.96 31.85 29.22
C LEU H 13 -10.29 31.36 29.79
N ALA H 14 -10.28 30.92 31.05
CA ALA H 14 -11.46 30.38 31.73
C ALA H 14 -12.72 31.22 31.63
N ALA H 15 -12.61 32.52 31.84
CA ALA H 15 -13.78 33.38 31.79
C ALA H 15 -14.47 33.28 30.45
N TRP H 16 -13.68 33.47 29.39
CA TRP H 16 -14.21 33.39 28.03
C TRP H 16 -14.71 31.98 27.76
N GLY H 17 -13.93 30.98 28.17
CA GLY H 17 -14.34 29.61 27.96
C GLY H 17 -15.70 29.35 28.58
N ARG H 18 -15.97 29.99 29.72
CA ARG H 18 -17.24 29.80 30.42
C ARG H 18 -18.44 30.37 29.66
N LYS H 19 -18.24 31.51 29.01
CA LYS H 19 -19.33 32.13 28.27
C LYS H 19 -19.67 31.20 27.09
N ALA H 20 -18.64 30.63 26.49
CA ALA H 20 -18.83 29.71 25.39
C ALA H 20 -19.62 28.51 25.89
N LEU H 21 -19.26 28.01 27.07
CA LEU H 21 -19.94 26.86 27.66
C LEU H 21 -21.40 27.22 27.96
N ASP H 22 -21.61 28.47 28.30
CA ASP H 22 -22.96 28.93 28.60
C ASP H 22 -23.82 28.88 27.34
N ILE H 23 -23.32 29.43 26.25
CA ILE H 23 -24.07 29.43 25.01
C ILE H 23 -24.19 27.98 24.52
N ALA H 24 -23.11 27.21 24.68
CA ALA H 24 -23.10 25.82 24.26
C ALA H 24 -24.21 25.05 24.91
N GLU H 25 -24.32 25.16 26.23
CA GLU H 25 -25.33 24.44 26.97
C GLU H 25 -26.73 24.62 26.39
N ASN H 26 -27.05 25.84 25.99
CA ASN H 26 -28.36 26.17 25.42
C ASN H 26 -28.55 25.52 24.06
N GLU H 27 -27.50 24.91 23.54
CA GLU H 27 -27.57 24.26 22.23
C GLU H 27 -27.55 22.75 22.33
N MET H 28 -27.32 22.22 23.52
CA MET H 28 -27.27 20.78 23.67
C MET H 28 -28.32 20.35 24.68
N PRO H 29 -29.58 20.24 24.20
CA PRO H 29 -30.74 19.82 25.02
C PRO H 29 -30.59 18.41 25.60
N GLY H 30 -29.99 17.52 24.83
CA GLY H 30 -29.82 16.16 25.29
C GLY H 30 -29.03 16.09 26.57
N LEU H 31 -27.87 16.75 26.60
CA LEU H 31 -27.02 16.77 27.78
C LEU H 31 -27.74 17.44 28.95
N MET H 32 -28.32 18.59 28.67
CA MET H 32 -29.03 19.31 29.71
C MET H 32 -30.19 18.49 30.26
N ARG H 33 -30.87 17.74 29.41
CA ARG H 33 -32.00 16.93 29.87
C ARG H 33 -31.46 15.80 30.74
N MET H 34 -30.28 15.29 30.40
CA MET H 34 -29.66 14.21 31.19
C MET H 34 -29.38 14.79 32.58
N ARG H 35 -28.94 16.05 32.61
CA ARG H 35 -28.66 16.77 33.85
C ARG H 35 -29.95 16.94 34.65
N GLU H 36 -30.99 17.39 33.96
CA GLU H 36 -32.29 17.60 34.58
C GLU H 36 -32.79 16.35 35.30
N MET H 37 -32.70 15.22 34.62
CA MET H 37 -33.20 13.98 35.20
C MET H 37 -32.32 13.24 36.19
N TYR H 38 -31.01 13.28 35.99
CA TYR H 38 -30.13 12.54 36.89
C TYR H 38 -29.24 13.30 37.86
N SER H 39 -29.33 14.62 37.88
CA SER H 39 -28.51 15.40 38.80
C SER H 39 -28.76 14.97 40.24
N ALA H 40 -30.01 14.75 40.61
CA ALA H 40 -30.37 14.34 41.97
C ALA H 40 -29.94 12.90 42.26
N SER H 41 -30.35 11.97 41.40
CA SER H 41 -30.02 10.56 41.60
C SER H 41 -28.53 10.31 41.56
N LYS H 42 -27.78 11.12 40.80
CA LYS H 42 -26.32 10.92 40.71
C LYS H 42 -26.04 9.47 40.34
N PRO H 43 -26.60 8.97 39.23
CA PRO H 43 -26.37 7.58 38.83
C PRO H 43 -24.90 7.20 38.65
N LEU H 44 -24.06 8.19 38.41
CA LEU H 44 -22.66 7.91 38.18
C LEU H 44 -21.80 8.07 39.41
N LYS H 45 -22.44 8.18 40.58
CA LYS H 45 -21.72 8.30 41.83
C LYS H 45 -20.82 7.08 42.04
N GLY H 46 -19.58 7.33 42.44
CA GLY H 46 -18.66 6.22 42.67
C GLY H 46 -17.85 5.87 41.45
N ALA H 47 -18.15 6.54 40.34
CA ALA H 47 -17.44 6.30 39.11
C ALA H 47 -16.25 7.24 39.00
N ARG H 48 -15.16 6.70 38.49
CA ARG H 48 -13.97 7.51 38.28
C ARG H 48 -13.70 7.34 36.78
N ILE H 49 -14.29 8.26 36.01
CA ILE H 49 -14.19 8.22 34.55
C ILE H 49 -12.96 8.91 33.99
N ALA H 50 -12.11 8.13 33.33
CA ALA H 50 -10.94 8.68 32.69
C ALA H 50 -11.38 8.89 31.25
N GLY H 51 -11.37 10.14 30.80
CA GLY H 51 -11.80 10.43 29.45
C GLY H 51 -10.69 10.88 28.53
N CYS H 52 -10.76 10.43 27.29
CA CYS H 52 -9.80 10.81 26.27
C CYS H 52 -10.67 11.15 25.06
N LEU H 53 -10.92 12.42 24.89
CA LEU H 53 -11.77 12.88 23.82
C LEU H 53 -11.42 14.34 23.60
N HIS H 54 -11.35 14.78 22.34
CA HIS H 54 -10.99 16.18 22.04
C HIS H 54 -11.56 17.12 23.11
N MET H 55 -10.73 18.02 23.63
CA MET H 55 -11.18 18.92 24.68
C MET H 55 -11.69 20.22 24.08
N THR H 56 -12.95 20.19 23.70
CA THR H 56 -13.61 21.34 23.09
C THR H 56 -14.73 21.81 23.99
N VAL H 57 -15.41 22.88 23.60
CA VAL H 57 -16.51 23.41 24.38
C VAL H 57 -17.61 22.37 24.61
N GLU H 58 -17.89 21.56 23.60
CA GLU H 58 -18.92 20.53 23.71
C GLU H 58 -18.47 19.42 24.65
N THR H 59 -17.18 19.09 24.62
CA THR H 59 -16.65 18.05 25.49
C THR H 59 -16.61 18.59 26.91
N ALA H 60 -16.64 19.91 27.03
CA ALA H 60 -16.64 20.57 28.34
C ALA H 60 -18.01 20.40 28.97
N VAL H 61 -19.06 20.58 28.16
CA VAL H 61 -20.43 20.41 28.64
C VAL H 61 -20.66 18.94 28.98
N LEU H 62 -20.01 18.05 28.24
CA LEU H 62 -20.15 16.63 28.51
C LEU H 62 -19.52 16.34 29.86
N ILE H 63 -18.28 16.78 30.05
CA ILE H 63 -17.57 16.56 31.31
C ILE H 63 -18.40 17.02 32.50
N GLU H 64 -18.87 18.25 32.44
CA GLU H 64 -19.66 18.82 33.52
C GLU H 64 -20.98 18.09 33.72
N THR H 65 -21.47 17.41 32.69
CA THR H 65 -22.72 16.68 32.82
C THR H 65 -22.44 15.40 33.57
N LEU H 66 -21.32 14.76 33.23
CA LEU H 66 -20.93 13.52 33.89
C LEU H 66 -20.75 13.82 35.37
N VAL H 67 -20.19 15.00 35.66
CA VAL H 67 -19.96 15.41 37.04
C VAL H 67 -21.27 15.69 37.77
N ALA H 68 -22.20 16.34 37.09
CA ALA H 68 -23.48 16.66 37.68
C ALA H 68 -24.19 15.35 38.02
N LEU H 69 -23.77 14.26 37.37
CA LEU H 69 -24.38 12.95 37.61
C LEU H 69 -23.63 12.15 38.66
N GLY H 70 -22.77 12.83 39.40
CA GLY H 70 -22.03 12.18 40.48
C GLY H 70 -20.74 11.50 40.14
N ALA H 71 -20.31 11.63 38.88
CA ALA H 71 -19.07 11.01 38.45
C ALA H 71 -17.82 11.81 38.82
N GLU H 72 -16.69 11.14 38.77
CA GLU H 72 -15.41 11.78 39.06
C GLU H 72 -14.60 11.57 37.79
N VAL H 73 -14.13 12.66 37.19
CA VAL H 73 -13.38 12.56 35.95
C VAL H 73 -12.04 13.27 35.89
N ARG H 74 -11.21 12.80 34.96
CA ARG H 74 -9.88 13.36 34.67
C ARG H 74 -9.85 13.28 33.15
N TRP H 75 -9.72 14.42 32.48
CA TRP H 75 -9.73 14.42 31.03
C TRP H 75 -8.40 14.63 30.33
N SER H 76 -8.44 14.45 29.01
CA SER H 76 -7.29 14.64 28.14
C SER H 76 -7.88 14.60 26.74
N SER H 77 -7.26 15.29 25.80
CA SER H 77 -7.75 15.28 24.43
C SER H 77 -7.18 14.03 23.77
N CYS H 78 -7.76 13.64 22.64
CA CYS H 78 -7.28 12.47 21.91
C CYS H 78 -6.58 12.93 20.66
N ASN H 79 -6.37 14.24 20.57
CA ASN H 79 -5.69 14.87 19.43
C ASN H 79 -4.82 16.00 19.94
N ILE H 80 -3.61 16.11 19.42
CA ILE H 80 -2.69 17.15 19.84
C ILE H 80 -3.03 18.54 19.31
N PHE H 81 -3.98 18.62 18.38
CA PHE H 81 -4.39 19.90 17.79
C PHE H 81 -5.85 20.25 18.05
N SER H 82 -6.65 19.25 18.40
CA SER H 82 -8.08 19.43 18.60
C SER H 82 -8.53 20.23 19.82
N THR H 83 -7.67 20.40 20.82
CA THR H 83 -8.06 21.12 22.02
C THR H 83 -8.47 22.58 21.82
N GLN H 84 -9.46 23.00 22.58
CA GLN H 84 -9.96 24.37 22.55
C GLN H 84 -9.56 24.85 23.92
N ASP H 85 -8.46 25.60 23.97
CA ASP H 85 -7.89 26.11 25.21
C ASP H 85 -8.79 26.92 26.14
N HIS H 86 -9.73 27.70 25.63
CA HIS H 86 -10.60 28.45 26.54
C HIS H 86 -11.58 27.50 27.20
N ALA H 87 -11.91 26.41 26.51
CA ALA H 87 -12.82 25.41 27.05
C ALA H 87 -12.09 24.61 28.12
N ALA H 88 -10.83 24.28 27.87
CA ALA H 88 -10.03 23.54 28.82
C ALA H 88 -9.83 24.36 30.08
N ALA H 89 -9.58 25.66 29.91
CA ALA H 89 -9.37 26.56 31.04
C ALA H 89 -10.58 26.58 31.96
N ALA H 90 -11.77 26.68 31.37
CA ALA H 90 -13.01 26.72 32.15
C ALA H 90 -13.13 25.44 32.98
N ILE H 91 -12.84 24.31 32.35
CA ILE H 91 -12.92 23.02 33.03
C ILE H 91 -11.87 22.94 34.14
N ALA H 92 -10.66 23.37 33.84
CA ALA H 92 -9.57 23.36 34.81
C ALA H 92 -9.92 24.26 35.98
N LYS H 93 -10.32 25.48 35.68
CA LYS H 93 -10.69 26.43 36.71
C LYS H 93 -11.93 25.95 37.49
N ALA H 94 -12.68 25.02 36.90
CA ALA H 94 -13.87 24.49 37.54
C ALA H 94 -13.53 23.42 38.56
N GLY H 95 -12.25 23.11 38.68
CA GLY H 95 -11.82 22.09 39.63
C GLY H 95 -11.68 20.72 39.01
N ILE H 96 -11.97 20.59 37.73
CA ILE H 96 -11.86 19.30 37.05
C ILE H 96 -10.43 19.14 36.53
N PRO H 97 -9.74 18.07 36.94
CA PRO H 97 -8.37 17.91 36.45
C PRO H 97 -8.34 17.57 34.97
N VAL H 98 -8.11 18.58 34.14
CA VAL H 98 -8.04 18.38 32.70
C VAL H 98 -6.59 18.57 32.29
N PHE H 99 -6.09 17.66 31.46
CA PHE H 99 -4.70 17.78 31.00
C PHE H 99 -4.66 17.80 29.49
N ALA H 100 -4.86 18.98 28.92
CA ALA H 100 -4.84 19.11 27.47
C ALA H 100 -4.71 20.57 27.03
N TRP H 101 -4.12 20.76 25.86
CA TRP H 101 -3.92 22.09 25.30
C TRP H 101 -3.61 21.91 23.81
N LYS H 102 -3.92 22.92 23.01
CA LYS H 102 -3.67 22.82 21.58
C LYS H 102 -2.17 22.86 21.26
N GLY H 103 -1.75 22.01 20.32
CA GLY H 103 -0.35 21.98 19.92
C GLY H 103 0.60 21.19 20.79
N GLU H 104 0.15 20.07 21.35
CA GLU H 104 1.02 19.25 22.17
C GLU H 104 1.97 18.47 21.26
N THR H 105 2.92 17.77 21.87
CA THR H 105 3.87 16.95 21.14
C THR H 105 3.49 15.52 21.46
N ASP H 106 3.79 14.61 20.54
CA ASP H 106 3.48 13.21 20.75
C ASP H 106 3.90 12.78 22.15
N GLU H 107 4.92 13.45 22.69
CA GLU H 107 5.40 13.13 24.02
C GLU H 107 4.43 13.63 25.08
N GLU H 108 4.09 14.91 25.03
CA GLU H 108 3.17 15.48 25.99
C GLU H 108 1.81 14.81 25.90
N TYR H 109 1.41 14.46 24.68
CA TYR H 109 0.13 13.80 24.44
C TYR H 109 -0.02 12.57 25.35
N LEU H 110 0.96 11.69 25.32
CA LEU H 110 0.96 10.47 26.14
C LEU H 110 1.01 10.79 27.65
N TRP H 111 1.72 11.86 28.01
CA TRP H 111 1.81 12.25 29.42
C TRP H 111 0.41 12.56 29.93
N CYS H 112 -0.35 13.32 29.16
CA CYS H 112 -1.69 13.70 29.52
C CYS H 112 -2.60 12.51 29.77
N ILE H 113 -2.57 11.53 28.88
CA ILE H 113 -3.42 10.36 29.05
C ILE H 113 -3.09 9.65 30.34
N GLU H 114 -1.79 9.51 30.61
CA GLU H 114 -1.32 8.83 31.81
C GLU H 114 -1.76 9.56 33.06
N GLN H 115 -1.98 10.86 32.92
CA GLN H 115 -2.40 11.70 34.03
C GLN H 115 -3.82 11.41 34.47
N THR H 116 -4.65 10.88 33.58
CA THR H 116 -6.05 10.59 33.91
C THR H 116 -6.30 9.22 34.52
N LEU H 117 -5.29 8.35 34.51
CA LEU H 117 -5.42 6.99 35.04
C LEU H 117 -5.58 6.85 36.55
N HIS H 118 -5.08 7.79 37.32
CA HIS H 118 -5.20 7.67 38.78
C HIS H 118 -5.94 8.79 39.47
N PHE H 119 -6.95 8.38 40.24
CA PHE H 119 -7.79 9.30 40.98
C PHE H 119 -7.42 9.36 42.47
N LYS H 120 -7.99 10.34 43.15
CA LYS H 120 -7.77 10.55 44.58
C LYS H 120 -7.94 9.26 45.37
N ASP H 121 -9.08 8.58 45.23
CA ASP H 121 -9.31 7.36 45.98
C ASP H 121 -9.10 6.07 45.21
N GLY H 122 -8.24 6.10 44.19
CA GLY H 122 -7.98 4.88 43.42
C GLY H 122 -7.83 5.12 41.93
N PRO H 123 -7.52 4.08 41.16
CA PRO H 123 -7.36 4.21 39.71
C PRO H 123 -8.72 4.32 39.02
N LEU H 124 -8.69 4.66 37.73
CA LEU H 124 -9.91 4.80 36.94
C LEU H 124 -10.70 3.50 36.90
N ASN H 125 -12.01 3.60 37.02
CA ASN H 125 -12.87 2.41 36.97
C ASN H 125 -13.84 2.54 35.81
N MET H 126 -13.59 3.50 34.92
CA MET H 126 -14.46 3.72 33.76
C MET H 126 -13.68 4.41 32.67
N ILE H 127 -14.00 4.10 31.42
CA ILE H 127 -13.32 4.70 30.28
C ILE H 127 -14.31 5.34 29.33
N LEU H 128 -14.00 6.55 28.89
CA LEU H 128 -14.82 7.27 27.92
C LEU H 128 -13.83 7.65 26.84
N ASP H 129 -13.71 6.79 25.84
CA ASP H 129 -12.74 7.00 24.77
C ASP H 129 -13.30 7.45 23.42
N ASP H 130 -12.41 8.06 22.64
CA ASP H 130 -12.71 8.51 21.29
C ASP H 130 -11.42 8.22 20.53
N GLY H 131 -11.39 7.12 19.80
CA GLY H 131 -10.19 6.76 19.08
C GLY H 131 -9.54 5.50 19.58
N GLY H 132 -9.85 5.09 20.81
CA GLY H 132 -9.28 3.88 21.37
C GLY H 132 -7.91 4.00 22.02
N ASP H 133 -7.37 5.22 22.09
CA ASP H 133 -6.06 5.43 22.69
C ASP H 133 -6.03 5.07 24.18
N LEU H 134 -7.02 5.51 24.93
CA LEU H 134 -7.07 5.21 26.35
C LEU H 134 -7.24 3.72 26.59
N THR H 135 -8.17 3.12 25.88
CA THR H 135 -8.44 1.70 26.03
C THR H 135 -7.28 0.85 25.54
N ASN H 136 -6.56 1.31 24.53
CA ASN H 136 -5.43 0.55 24.02
C ASN H 136 -4.22 0.73 24.93
N LEU H 137 -4.13 1.89 25.58
CA LEU H 137 -3.04 2.18 26.50
C LEU H 137 -3.17 1.25 27.71
N ILE H 138 -4.32 1.32 28.38
CA ILE H 138 -4.57 0.48 29.55
C ILE H 138 -4.34 -0.97 29.22
N HIS H 139 -4.96 -1.43 28.14
CA HIS H 139 -4.86 -2.82 27.72
C HIS H 139 -3.44 -3.31 27.48
N THR H 140 -2.62 -2.50 26.81
CA THR H 140 -1.26 -2.91 26.49
C THR H 140 -0.15 -2.39 27.41
N LYS H 141 -0.42 -1.34 28.17
CA LYS H 141 0.61 -0.81 29.06
C LYS H 141 0.28 -0.93 30.54
N HIS H 142 -1.00 -0.84 30.88
CA HIS H 142 -1.45 -0.93 32.27
C HIS H 142 -2.40 -2.10 32.57
N PRO H 143 -2.16 -3.27 31.96
CA PRO H 143 -3.03 -4.44 32.19
C PRO H 143 -3.51 -4.64 33.63
N GLN H 144 -2.73 -4.18 34.60
CA GLN H 144 -3.10 -4.33 36.00
C GLN H 144 -4.41 -3.64 36.31
N LEU H 145 -4.63 -2.48 35.69
CA LEU H 145 -5.84 -1.70 35.93
C LEU H 145 -7.05 -2.24 35.18
N LEU H 146 -6.79 -3.13 34.23
CA LEU H 146 -7.84 -3.71 33.39
C LEU H 146 -9.02 -4.30 34.14
N SER H 147 -8.75 -4.99 35.24
CA SER H 147 -9.82 -5.63 36.00
C SER H 147 -10.60 -4.70 36.93
N GLY H 148 -10.16 -3.45 37.02
CA GLY H 148 -10.86 -2.51 37.88
C GLY H 148 -11.75 -1.58 37.09
N ILE H 149 -11.66 -1.66 35.77
CA ILE H 149 -12.47 -0.84 34.87
C ILE H 149 -13.83 -1.52 34.62
N ARG H 150 -14.92 -0.85 34.94
CA ARG H 150 -16.24 -1.46 34.75
C ARG H 150 -16.69 -1.54 33.30
N GLY H 151 -16.28 -0.56 32.50
CA GLY H 151 -16.67 -0.59 31.11
C GLY H 151 -16.02 0.48 30.26
N ILE H 152 -16.11 0.29 28.95
CA ILE H 152 -15.54 1.24 28.00
C ILE H 152 -16.68 1.91 27.23
N SER H 153 -16.39 3.10 26.71
CA SER H 153 -17.38 3.85 25.94
C SER H 153 -16.65 4.45 24.73
N GLU H 154 -16.76 3.80 23.58
CA GLU H 154 -16.11 4.29 22.38
C GLU H 154 -17.09 4.98 21.47
N GLU H 155 -16.67 6.07 20.83
CA GLU H 155 -17.59 6.82 19.97
C GLU H 155 -17.12 7.06 18.54
N THR H 156 -15.90 6.67 18.23
CA THR H 156 -15.38 6.87 16.90
C THR H 156 -15.45 5.63 16.04
N THR H 157 -15.78 5.81 14.76
CA THR H 157 -15.90 4.69 13.81
C THR H 157 -14.65 3.81 13.83
N THR H 158 -13.49 4.44 13.78
CA THR H 158 -12.24 3.68 13.80
C THR H 158 -12.03 2.98 15.14
N GLY H 159 -12.27 3.71 16.23
CA GLY H 159 -12.08 3.15 17.55
C GLY H 159 -12.95 1.95 17.76
N VAL H 160 -14.22 2.09 17.41
CA VAL H 160 -15.20 1.02 17.55
C VAL H 160 -14.80 -0.16 16.66
N HIS H 161 -14.20 0.17 15.53
CA HIS H 161 -13.72 -0.82 14.58
C HIS H 161 -12.62 -1.60 15.28
N ASN H 162 -11.71 -0.87 15.92
CA ASN H 162 -10.61 -1.48 16.65
C ASN H 162 -11.11 -2.36 17.78
N LEU H 163 -12.17 -1.92 18.45
CA LEU H 163 -12.75 -2.69 19.55
C LEU H 163 -13.26 -4.04 19.06
N TYR H 164 -14.06 -4.02 17.98
CA TYR H 164 -14.62 -5.24 17.41
C TYR H 164 -13.47 -6.17 17.08
N LYS H 165 -12.36 -5.58 16.62
CA LYS H 165 -11.17 -6.35 16.26
C LYS H 165 -10.56 -6.98 17.50
N MET H 166 -10.47 -6.19 18.58
CA MET H 166 -9.91 -6.66 19.84
C MET H 166 -10.69 -7.88 20.32
N MET H 167 -12.01 -7.81 20.26
CA MET H 167 -12.83 -8.93 20.69
C MET H 167 -12.59 -10.13 19.80
N ALA H 168 -12.59 -9.89 18.49
CA ALA H 168 -12.38 -10.95 17.51
C ALA H 168 -11.09 -11.73 17.79
N ASN H 169 -10.16 -11.10 18.48
CA ASN H 169 -8.89 -11.74 18.79
C ASN H 169 -8.78 -12.10 20.28
N GLY H 170 -9.86 -11.86 21.02
CA GLY H 170 -9.86 -12.16 22.43
C GLY H 170 -8.91 -11.27 23.23
N ILE H 171 -8.70 -10.05 22.77
CA ILE H 171 -7.83 -9.10 23.45
C ILE H 171 -8.61 -8.16 24.37
N LEU H 172 -9.85 -7.86 24.00
CA LEU H 172 -10.70 -6.98 24.79
C LEU H 172 -10.92 -7.64 26.14
N LYS H 173 -10.65 -6.92 27.21
CA LYS H 173 -10.82 -7.47 28.54
C LYS H 173 -11.85 -6.76 29.40
N VAL H 174 -12.52 -5.76 28.82
CA VAL H 174 -13.56 -5.03 29.55
C VAL H 174 -14.74 -4.78 28.62
N PRO H 175 -15.97 -4.86 29.15
CA PRO H 175 -17.16 -4.62 28.32
C PRO H 175 -17.10 -3.24 27.69
N ALA H 176 -17.34 -3.18 26.38
CA ALA H 176 -17.32 -1.91 25.68
C ALA H 176 -18.67 -1.66 25.06
N ILE H 177 -19.00 -0.39 24.85
CA ILE H 177 -20.27 -0.05 24.22
C ILE H 177 -19.97 0.76 22.97
N ASN H 178 -20.55 0.33 21.86
CA ASN H 178 -20.37 1.03 20.60
C ASN H 178 -21.38 2.17 20.56
N VAL H 179 -20.90 3.39 20.79
CA VAL H 179 -21.76 4.57 20.79
C VAL H 179 -21.83 5.21 19.42
N ASN H 180 -20.80 4.97 18.61
CA ASN H 180 -20.79 5.56 17.29
C ASN H 180 -21.94 5.03 16.47
N ASP H 181 -22.26 3.75 16.65
CA ASP H 181 -23.29 3.11 15.87
C ASP H 181 -24.72 3.23 16.32
N SER H 182 -25.00 4.25 17.13
CA SER H 182 -26.37 4.51 17.54
C SER H 182 -26.82 5.32 16.34
N VAL H 183 -28.09 5.27 16.00
CA VAL H 183 -28.53 6.01 14.83
C VAL H 183 -28.35 7.50 15.04
N THR H 184 -28.65 7.94 16.25
CA THR H 184 -28.55 9.36 16.57
C THR H 184 -27.12 9.87 16.59
N LYS H 185 -26.16 8.96 16.69
CA LYS H 185 -24.76 9.38 16.66
C LYS H 185 -24.25 9.37 15.24
N SER H 186 -24.23 8.19 14.65
CA SER H 186 -23.73 8.00 13.30
C SER H 186 -24.39 8.81 12.18
N LYS H 187 -25.70 8.71 12.04
CA LYS H 187 -26.39 9.41 10.97
C LYS H 187 -26.46 10.90 11.17
N PHE H 188 -26.14 11.37 12.37
CA PHE H 188 -26.20 12.81 12.61
C PHE H 188 -24.84 13.45 12.85
N ASP H 189 -24.02 12.85 13.71
CA ASP H 189 -22.71 13.41 14.01
C ASP H 189 -21.83 13.30 12.77
N ASN H 190 -21.46 12.08 12.42
CA ASN H 190 -20.60 11.82 11.27
C ASN H 190 -21.07 12.57 10.02
N LEU H 191 -22.33 12.40 9.67
CA LEU H 191 -22.90 13.04 8.49
C LEU H 191 -23.18 14.54 8.58
N TYR H 192 -24.14 14.94 9.41
CA TYR H 192 -24.48 16.35 9.55
C TYR H 192 -23.36 17.18 10.18
N GLY H 193 -22.60 16.56 11.07
CA GLY H 193 -21.51 17.25 11.69
C GLY H 193 -20.50 17.72 10.65
N CYS H 194 -19.90 16.77 9.94
CA CYS H 194 -18.90 17.08 8.93
C CYS H 194 -19.44 17.98 7.81
N ARG H 195 -20.73 17.85 7.53
CA ARG H 195 -21.35 18.67 6.51
C ARG H 195 -21.16 20.13 6.88
N GLU H 196 -21.19 20.41 8.17
CA GLU H 196 -21.05 21.77 8.68
C GLU H 196 -19.64 22.21 9.08
N SER H 197 -18.85 21.31 9.64
CA SER H 197 -17.52 21.66 10.09
C SER H 197 -16.36 21.47 9.11
N LEU H 198 -16.59 20.80 7.99
CA LEU H 198 -15.49 20.59 7.04
C LEU H 198 -15.09 21.89 6.35
N ILE H 199 -16.05 22.58 5.74
CA ILE H 199 -15.79 23.82 5.04
C ILE H 199 -15.33 24.89 6.01
N ASP H 200 -15.75 24.76 7.27
CA ASP H 200 -15.35 25.71 8.32
C ASP H 200 -13.84 25.62 8.49
N GLY H 201 -13.33 24.40 8.57
CA GLY H 201 -11.90 24.21 8.70
C GLY H 201 -11.17 24.67 7.46
N ILE H 202 -11.64 24.26 6.30
CA ILE H 202 -11.02 24.66 5.03
C ILE H 202 -10.99 26.18 4.88
N LYS H 203 -12.11 26.83 5.17
CA LYS H 203 -12.20 28.28 5.05
C LYS H 203 -11.35 29.03 6.06
N ARG H 204 -11.48 28.70 7.33
CA ARG H 204 -10.70 29.39 8.35
C ARG H 204 -9.23 29.24 8.06
N ALA H 205 -8.84 28.12 7.45
CA ALA H 205 -7.44 27.86 7.14
C ALA H 205 -6.97 28.53 5.86
N THR H 206 -7.76 28.42 4.79
CA THR H 206 -7.36 29.00 3.51
C THR H 206 -8.24 30.14 3.01
N ASP H 207 -9.48 30.16 3.45
CA ASP H 207 -10.43 31.20 3.04
C ASP H 207 -10.67 31.08 1.55
N VAL H 208 -10.45 29.89 1.02
CA VAL H 208 -10.60 29.62 -0.40
C VAL H 208 -12.06 29.58 -0.82
N MET H 209 -12.33 29.87 -2.09
CA MET H 209 -13.70 29.81 -2.59
C MET H 209 -13.99 28.40 -3.05
N ILE H 210 -15.03 27.81 -2.48
CA ILE H 210 -15.44 26.45 -2.81
C ILE H 210 -16.09 26.39 -4.19
N ALA H 211 -16.98 27.34 -4.48
CA ALA H 211 -17.69 27.41 -5.76
C ALA H 211 -16.79 27.34 -7.00
N GLY H 212 -17.19 26.52 -7.95
CA GLY H 212 -16.42 26.40 -9.18
C GLY H 212 -15.14 25.60 -9.07
N LYS H 213 -14.90 24.97 -7.94
CA LYS H 213 -13.69 24.16 -7.77
C LYS H 213 -14.06 22.68 -7.88
N VAL H 214 -13.07 21.85 -8.17
CA VAL H 214 -13.29 20.42 -8.25
C VAL H 214 -12.82 19.88 -6.91
N ALA H 215 -13.75 19.39 -6.11
CA ALA H 215 -13.41 18.87 -4.81
C ALA H 215 -13.44 17.35 -4.90
N VAL H 216 -12.35 16.72 -4.51
CA VAL H 216 -12.25 15.27 -4.55
C VAL H 216 -12.39 14.72 -3.13
N VAL H 217 -13.41 13.90 -2.91
CA VAL H 217 -13.68 13.33 -1.60
C VAL H 217 -13.41 11.82 -1.63
N ALA H 218 -12.49 11.36 -0.80
CA ALA H 218 -12.18 9.94 -0.73
C ALA H 218 -13.06 9.25 0.30
N GLY H 219 -13.83 8.27 -0.17
CA GLY H 219 -14.73 7.56 0.72
C GLY H 219 -16.10 8.21 0.73
N TYR H 220 -17.14 7.41 0.57
CA TYR H 220 -18.50 7.91 0.59
C TYR H 220 -19.30 7.39 1.78
N GLY H 221 -18.64 7.19 2.92
CA GLY H 221 -19.34 6.74 4.10
C GLY H 221 -20.13 7.92 4.63
N ASP H 222 -20.52 7.88 5.89
CA ASP H 222 -21.27 8.98 6.48
C ASP H 222 -20.50 10.30 6.45
N VAL H 223 -19.20 10.25 6.69
CA VAL H 223 -18.38 11.46 6.67
C VAL H 223 -18.28 11.98 5.24
N GLY H 224 -17.95 11.10 4.30
CA GLY H 224 -17.83 11.50 2.91
C GLY H 224 -19.16 12.04 2.40
N LYS H 225 -20.24 11.43 2.87
CA LYS H 225 -21.58 11.84 2.46
C LYS H 225 -21.80 13.26 2.91
N GLY H 226 -21.43 13.55 4.15
CA GLY H 226 -21.60 14.89 4.67
C GLY H 226 -20.73 15.90 3.96
N CYS H 227 -19.47 15.53 3.72
CA CYS H 227 -18.51 16.41 3.06
C CYS H 227 -18.88 16.69 1.63
N ALA H 228 -19.26 15.63 0.91
CA ALA H 228 -19.63 15.74 -0.50
C ALA H 228 -20.80 16.68 -0.64
N GLN H 229 -21.75 16.58 0.29
CA GLN H 229 -22.92 17.44 0.29
C GLN H 229 -22.56 18.89 0.57
N ALA H 230 -21.73 19.10 1.59
CA ALA H 230 -21.30 20.44 1.96
C ALA H 230 -20.65 21.16 0.78
N LEU H 231 -19.68 20.51 0.16
CA LEU H 231 -18.98 21.07 -0.99
C LEU H 231 -19.91 21.28 -2.21
N ARG H 232 -20.78 20.32 -2.44
CA ARG H 232 -21.71 20.43 -3.56
C ARG H 232 -22.60 21.66 -3.41
N GLY H 233 -23.08 21.88 -2.18
CA GLY H 233 -23.96 23.00 -1.93
C GLY H 233 -23.39 24.38 -2.14
N PHE H 234 -22.07 24.47 -2.24
CA PHE H 234 -21.45 25.77 -2.41
C PHE H 234 -21.10 26.01 -3.85
N GLY H 235 -21.27 24.99 -4.69
CA GLY H 235 -20.98 25.12 -6.10
C GLY H 235 -19.73 24.40 -6.56
N ALA H 236 -19.27 23.45 -5.78
CA ALA H 236 -18.08 22.70 -6.15
C ALA H 236 -18.50 21.45 -6.92
N ARG H 237 -17.61 20.97 -7.78
CA ARG H 237 -17.92 19.77 -8.53
C ARG H 237 -17.20 18.67 -7.77
N VAL H 238 -17.98 17.88 -7.03
CA VAL H 238 -17.42 16.81 -6.22
C VAL H 238 -17.25 15.51 -6.97
N ILE H 239 -16.05 14.94 -6.88
CA ILE H 239 -15.75 13.65 -7.49
C ILE H 239 -15.54 12.74 -6.30
N ILE H 240 -16.04 11.52 -6.38
CA ILE H 240 -15.93 10.57 -5.28
C ILE H 240 -15.09 9.35 -5.63
N THR H 241 -14.39 8.81 -4.63
CA THR H 241 -13.60 7.61 -4.83
C THR H 241 -14.06 6.68 -3.74
N GLU H 242 -14.26 5.41 -4.07
CA GLU H 242 -14.74 4.45 -3.09
C GLU H 242 -14.24 3.05 -3.41
N ILE H 243 -14.29 2.16 -2.41
CA ILE H 243 -13.88 0.78 -2.62
C ILE H 243 -15.14 -0.10 -2.48
N ASP H 244 -16.18 0.48 -1.89
CA ASP H 244 -17.41 -0.25 -1.70
C ASP H 244 -18.34 0.01 -2.88
N PRO H 245 -18.85 -1.06 -3.51
CA PRO H 245 -19.75 -0.94 -4.66
C PRO H 245 -21.10 -0.33 -4.30
N ILE H 246 -21.55 -0.58 -3.06
CA ILE H 246 -22.83 -0.03 -2.61
C ILE H 246 -22.68 1.46 -2.39
N ASN H 247 -21.68 1.88 -1.62
CA ASN H 247 -21.45 3.29 -1.34
C ASN H 247 -21.14 4.00 -2.66
N ALA H 248 -20.58 3.26 -3.59
CA ALA H 248 -20.23 3.82 -4.88
C ALA H 248 -21.50 4.11 -5.65
N LEU H 249 -22.42 3.15 -5.65
CA LEU H 249 -23.69 3.31 -6.35
C LEU H 249 -24.50 4.49 -5.79
N GLN H 250 -24.45 4.67 -4.48
CA GLN H 250 -25.15 5.77 -3.83
C GLN H 250 -24.62 7.10 -4.34
N ALA H 251 -23.30 7.22 -4.41
CA ALA H 251 -22.69 8.45 -4.90
C ALA H 251 -23.16 8.71 -6.32
N ALA H 252 -23.20 7.66 -7.13
CA ALA H 252 -23.63 7.77 -8.53
C ALA H 252 -25.09 8.22 -8.61
N MET H 253 -25.94 7.58 -7.82
CA MET H 253 -27.35 7.93 -7.78
C MET H 253 -27.55 9.37 -7.30
N GLU H 254 -26.51 9.96 -6.72
CA GLU H 254 -26.60 11.33 -6.22
C GLU H 254 -25.98 12.31 -7.20
N GLY H 255 -25.55 11.80 -8.35
CA GLY H 255 -24.95 12.63 -9.37
C GLY H 255 -23.48 12.96 -9.20
N TYR H 256 -22.75 12.13 -8.46
CA TYR H 256 -21.32 12.35 -8.25
C TYR H 256 -20.53 11.40 -9.14
N GLU H 257 -19.54 11.92 -9.85
CA GLU H 257 -18.76 11.05 -10.68
C GLU H 257 -17.91 10.26 -9.68
N VAL H 258 -17.73 8.97 -9.93
CA VAL H 258 -16.93 8.12 -9.06
C VAL H 258 -15.75 7.50 -9.82
N THR H 259 -14.54 7.92 -9.47
CA THR H 259 -13.32 7.39 -10.11
C THR H 259 -12.28 7.03 -9.08
N THR H 260 -11.10 6.69 -9.57
CA THR H 260 -9.99 6.34 -8.71
C THR H 260 -9.19 7.61 -8.46
N MET H 261 -8.48 7.64 -7.33
CA MET H 261 -7.67 8.79 -6.97
C MET H 261 -6.59 8.97 -8.01
N ASP H 262 -6.12 7.85 -8.57
CA ASP H 262 -5.10 7.87 -9.62
C ASP H 262 -5.53 8.78 -10.76
N GLU H 263 -6.83 8.75 -11.06
CA GLU H 263 -7.37 9.57 -12.12
C GLU H 263 -7.79 10.93 -11.61
N ALA H 264 -8.49 10.95 -10.48
CA ALA H 264 -8.99 12.20 -9.90
C ALA H 264 -7.93 13.20 -9.47
N CYS H 265 -6.78 12.72 -9.03
CA CYS H 265 -5.72 13.61 -8.58
C CYS H 265 -5.30 14.63 -9.63
N LYS H 266 -5.44 14.29 -10.90
CA LYS H 266 -5.07 15.22 -11.97
C LYS H 266 -6.15 16.28 -12.18
N GLU H 267 -7.31 16.07 -11.57
CA GLU H 267 -8.41 16.99 -11.73
C GLU H 267 -8.77 17.85 -10.51
N GLY H 268 -8.68 17.25 -9.32
CA GLY H 268 -9.03 17.94 -8.09
C GLY H 268 -8.38 19.27 -7.76
N ASN H 269 -9.15 20.14 -7.11
CA ASN H 269 -8.69 21.45 -6.69
C ASN H 269 -8.65 21.44 -5.15
N ILE H 270 -9.44 20.55 -4.57
CA ILE H 270 -9.52 20.40 -3.13
C ILE H 270 -9.66 18.91 -2.89
N PHE H 271 -8.85 18.37 -1.98
CA PHE H 271 -8.90 16.96 -1.68
C PHE H 271 -9.26 16.73 -0.23
N VAL H 272 -10.23 15.87 0.02
CA VAL H 272 -10.69 15.58 1.37
C VAL H 272 -10.74 14.08 1.57
N THR H 273 -9.95 13.57 2.52
CA THR H 273 -9.96 12.13 2.78
C THR H 273 -10.86 11.83 3.97
N THR H 274 -11.89 11.03 3.74
CA THR H 274 -12.85 10.65 4.77
C THR H 274 -12.78 9.16 4.96
N THR H 275 -11.80 8.57 4.30
CA THR H 275 -11.55 7.13 4.36
C THR H 275 -11.14 6.81 5.78
N GLY H 276 -11.18 5.54 6.15
CA GLY H 276 -10.71 5.21 7.48
C GLY H 276 -9.39 4.50 7.35
N CYS H 277 -8.73 4.60 6.19
CA CYS H 277 -7.47 3.88 6.02
C CYS H 277 -6.29 4.62 5.39
N VAL H 278 -5.15 3.95 5.42
CA VAL H 278 -3.89 4.48 4.91
C VAL H 278 -3.71 4.61 3.41
N ASP H 279 -2.71 5.39 3.03
CA ASP H 279 -2.36 5.58 1.63
C ASP H 279 -3.47 6.04 0.70
N ILE H 280 -4.20 7.10 1.06
CA ILE H 280 -5.24 7.58 0.19
C ILE H 280 -4.62 8.58 -0.80
N ILE H 281 -3.82 9.51 -0.30
CA ILE H 281 -3.17 10.47 -1.16
C ILE H 281 -1.66 10.29 -1.04
N LEU H 282 -1.06 9.75 -2.09
CA LEU H 282 0.38 9.49 -2.13
C LEU H 282 1.15 10.49 -2.97
N GLY H 283 2.46 10.38 -2.97
CA GLY H 283 3.29 11.27 -3.75
C GLY H 283 2.98 11.19 -5.23
N ARG H 284 2.63 10.00 -5.71
CA ARG H 284 2.32 9.82 -7.12
C ARG H 284 1.15 10.72 -7.49
N HIS H 285 0.30 11.00 -6.50
CA HIS H 285 -0.86 11.87 -6.69
C HIS H 285 -0.42 13.32 -6.58
N PHE H 286 0.32 13.62 -5.52
CA PHE H 286 0.80 14.97 -5.28
C PHE H 286 1.47 15.55 -6.52
N GLU H 287 2.25 14.72 -7.20
CA GLU H 287 2.97 15.15 -8.39
C GLU H 287 2.05 15.52 -9.54
N GLN H 288 0.79 15.09 -9.47
CA GLN H 288 -0.18 15.35 -10.52
C GLN H 288 -1.04 16.57 -10.27
N MET H 289 -1.29 16.82 -8.99
CA MET H 289 -2.14 17.93 -8.55
C MET H 289 -1.90 19.30 -9.17
N LYS H 290 -3.01 20.00 -9.42
CA LYS H 290 -2.98 21.33 -9.99
C LYS H 290 -2.32 22.26 -8.98
N ASP H 291 -1.79 23.38 -9.45
CA ASP H 291 -1.12 24.33 -8.58
C ASP H 291 -1.99 24.81 -7.44
N ASP H 292 -1.41 24.91 -6.25
CA ASP H 292 -2.12 25.38 -5.07
C ASP H 292 -3.30 24.52 -4.66
N ALA H 293 -3.21 23.23 -4.95
CA ALA H 293 -4.29 22.33 -4.58
C ALA H 293 -4.31 22.24 -3.06
N ILE H 294 -5.49 22.36 -2.45
CA ILE H 294 -5.62 22.28 -1.00
C ILE H 294 -5.89 20.84 -0.59
N VAL H 295 -5.01 20.27 0.23
CA VAL H 295 -5.19 18.91 0.67
C VAL H 295 -5.45 18.89 2.16
N CYS H 296 -6.39 18.06 2.59
CA CYS H 296 -6.73 17.94 4.00
C CYS H 296 -7.40 16.59 4.26
N ASN H 297 -7.38 16.18 5.52
CA ASN H 297 -7.94 14.90 5.94
C ASN H 297 -8.97 15.13 7.06
N ILE H 298 -10.05 14.38 7.04
CA ILE H 298 -11.07 14.53 8.05
C ILE H 298 -11.39 13.17 8.70
N GLY H 299 -10.77 12.11 8.21
CA GLY H 299 -10.98 10.80 8.82
C GLY H 299 -10.20 10.84 10.13
N HIS H 300 -10.79 10.29 11.20
CA HIS H 300 -10.17 10.32 12.52
C HIS H 300 -8.64 10.34 12.66
N PHE H 301 -7.91 9.55 11.87
CA PHE H 301 -6.44 9.55 11.99
C PHE H 301 -5.74 10.29 10.87
N ASP H 302 -4.43 10.51 11.05
CA ASP H 302 -3.62 11.24 10.07
C ASP H 302 -2.74 10.34 9.20
N VAL H 303 -3.22 9.12 8.94
CA VAL H 303 -2.49 8.15 8.11
C VAL H 303 -2.97 8.10 6.66
N GLU H 304 -3.97 8.92 6.33
CA GLU H 304 -4.55 8.91 4.99
C GLU H 304 -3.78 9.68 3.93
N ILE H 305 -3.14 10.78 4.33
CA ILE H 305 -2.35 11.59 3.42
C ILE H 305 -0.88 11.32 3.75
N ASP H 306 -0.05 11.15 2.73
CA ASP H 306 1.36 10.88 2.95
C ASP H 306 2.05 12.23 3.09
N VAL H 307 2.11 12.72 4.33
CA VAL H 307 2.73 14.01 4.60
C VAL H 307 4.25 13.91 4.60
N LYS H 308 4.75 12.77 5.04
CA LYS H 308 6.19 12.55 5.07
C LYS H 308 6.72 12.78 3.67
N TRP H 309 6.03 12.24 2.67
CA TRP H 309 6.46 12.40 1.29
C TRP H 309 6.59 13.86 0.93
N LEU H 310 5.58 14.64 1.29
CA LEU H 310 5.59 16.05 1.00
C LEU H 310 6.83 16.66 1.61
N ASN H 311 7.06 16.34 2.88
CA ASN H 311 8.21 16.83 3.63
C ASN H 311 9.54 16.37 3.07
N GLU H 312 9.58 15.18 2.49
CA GLU H 312 10.82 14.66 1.95
C GLU H 312 10.98 14.79 0.45
N ASN H 313 9.99 15.38 -0.25
CA ASN H 313 10.14 15.52 -1.69
C ASN H 313 9.96 16.94 -2.22
N ALA H 314 9.23 17.76 -1.46
CA ALA H 314 8.98 19.13 -1.86
C ALA H 314 10.28 19.93 -1.93
N VAL H 315 10.37 20.79 -2.93
CA VAL H 315 11.56 21.61 -3.10
C VAL H 315 11.74 22.48 -1.85
N GLU H 316 10.63 22.94 -1.30
CA GLU H 316 10.65 23.77 -0.11
C GLU H 316 9.27 23.86 0.53
N LYS H 317 9.24 24.05 1.83
CA LYS H 317 8.00 24.14 2.58
C LYS H 317 7.94 25.45 3.35
N VAL H 318 6.84 26.17 3.23
CA VAL H 318 6.67 27.44 3.94
C VAL H 318 5.38 27.41 4.73
N ASN H 319 5.47 27.70 6.02
CA ASN H 319 4.29 27.73 6.88
C ASN H 319 3.60 29.08 6.71
N ILE H 320 2.31 29.05 6.39
CA ILE H 320 1.57 30.30 6.19
C ILE H 320 1.12 30.80 7.55
N LYS H 321 0.69 29.87 8.38
CA LYS H 321 0.25 30.16 9.74
C LYS H 321 -0.01 28.81 10.40
N PRO H 322 -0.34 28.79 11.70
CA PRO H 322 -0.59 27.51 12.36
C PRO H 322 -1.51 26.57 11.57
N GLN H 323 -1.08 25.33 11.43
CA GLN H 323 -1.81 24.29 10.72
C GLN H 323 -2.06 24.59 9.24
N VAL H 324 -1.27 25.46 8.65
CA VAL H 324 -1.41 25.75 7.22
C VAL H 324 -0.02 25.85 6.59
N ASP H 325 0.31 24.89 5.73
CA ASP H 325 1.61 24.86 5.08
C ASP H 325 1.50 24.78 3.57
N ARG H 326 2.38 25.50 2.89
CA ARG H 326 2.40 25.53 1.45
C ARG H 326 3.72 24.97 0.93
N TYR H 327 3.67 23.76 0.37
CA TYR H 327 4.85 23.12 -0.17
C TYR H 327 5.03 23.47 -1.64
N LEU H 328 6.29 23.60 -2.07
CA LEU H 328 6.58 23.87 -3.47
C LEU H 328 7.18 22.59 -3.99
N LEU H 329 6.59 22.04 -5.05
CA LEU H 329 7.09 20.79 -5.61
C LEU H 329 8.08 21.07 -6.75
N LYS H 330 8.92 20.09 -7.03
CA LYS H 330 9.91 20.22 -8.10
C LYS H 330 9.27 20.61 -9.41
N ASN H 331 8.01 20.21 -9.63
CA ASN H 331 7.31 20.53 -10.87
C ASN H 331 6.87 21.97 -10.92
N GLY H 332 7.15 22.71 -9.85
CA GLY H 332 6.78 24.11 -9.80
C GLY H 332 5.36 24.31 -9.31
N HIS H 333 4.73 23.24 -8.85
CA HIS H 333 3.37 23.34 -8.35
C HIS H 333 3.38 23.42 -6.84
N ARG H 334 2.49 24.27 -6.30
CA ARG H 334 2.37 24.44 -4.87
C ARG H 334 1.26 23.54 -4.36
N ILE H 335 1.39 23.11 -3.10
CA ILE H 335 0.39 22.25 -2.48
C ILE H 335 0.13 22.79 -1.08
N ILE H 336 -1.12 23.11 -0.78
CA ILE H 336 -1.45 23.63 0.54
C ILE H 336 -1.98 22.50 1.41
N LEU H 337 -1.19 22.10 2.39
CA LEU H 337 -1.56 21.02 3.32
C LEU H 337 -2.21 21.63 4.55
N LEU H 338 -3.30 21.04 5.02
CA LEU H 338 -3.98 21.57 6.20
C LEU H 338 -3.87 20.70 7.46
N ALA H 339 -3.65 21.34 8.60
CA ALA H 339 -3.53 20.66 9.88
C ALA H 339 -2.54 19.49 9.89
N GLU H 340 -1.52 19.58 9.03
CA GLU H 340 -0.50 18.56 8.96
C GLU H 340 -1.05 17.16 8.70
N GLY H 341 -2.16 17.09 7.97
CA GLY H 341 -2.75 15.79 7.67
C GLY H 341 -3.67 15.25 8.74
N ARG H 342 -3.98 16.08 9.73
CA ARG H 342 -4.87 15.68 10.82
C ARG H 342 -6.27 16.24 10.60
N LEU H 343 -7.22 15.84 11.46
CA LEU H 343 -8.61 16.27 11.34
C LEU H 343 -8.69 17.75 11.07
N VAL H 344 -9.18 18.11 9.89
CA VAL H 344 -9.25 19.49 9.49
C VAL H 344 -10.31 20.31 10.24
N ASN H 345 -11.47 19.73 10.50
CA ASN H 345 -12.53 20.46 11.19
C ASN H 345 -12.16 20.81 12.62
N LEU H 346 -11.51 19.87 13.30
CA LEU H 346 -11.11 20.09 14.69
C LEU H 346 -9.75 20.78 14.81
N GLY H 347 -8.92 20.65 13.78
CA GLY H 347 -7.61 21.27 13.81
C GLY H 347 -7.50 22.66 13.23
N CYS H 348 -8.36 23.02 12.28
CA CYS H 348 -8.35 24.31 11.64
C CYS H 348 -9.60 25.12 11.95
N ALA H 349 -10.53 24.48 12.66
CA ALA H 349 -11.80 25.08 13.08
C ALA H 349 -12.16 24.56 14.47
N MET H 350 -13.40 24.81 14.87
CA MET H 350 -13.87 24.40 16.18
C MET H 350 -14.66 23.08 16.24
N GLY H 351 -14.41 22.18 15.28
CA GLY H 351 -15.12 20.91 15.27
C GLY H 351 -16.58 21.01 14.90
N HIS H 352 -17.37 19.99 15.23
CA HIS H 352 -18.80 20.00 14.92
C HIS H 352 -19.56 20.96 15.83
N PRO H 353 -20.71 21.46 15.38
CA PRO H 353 -21.49 22.38 16.20
C PRO H 353 -21.99 21.66 17.46
N SER H 354 -22.41 22.45 18.45
CA SER H 354 -22.88 21.90 19.70
C SER H 354 -24.11 21.03 19.58
N PHE H 355 -25.12 21.53 18.88
CA PHE H 355 -26.35 20.77 18.74
C PHE H 355 -26.15 19.32 18.34
N VAL H 356 -25.31 19.09 17.34
CA VAL H 356 -25.09 17.73 16.89
C VAL H 356 -24.25 16.93 17.88
N MET H 357 -23.31 17.59 18.54
CA MET H 357 -22.46 16.91 19.50
C MET H 357 -23.31 16.45 20.68
N SER H 358 -24.41 17.18 20.93
CA SER H 358 -25.31 16.84 22.02
C SER H 358 -25.88 15.45 21.83
N ASN H 359 -26.11 15.09 20.57
CA ASN H 359 -26.65 13.77 20.23
C ASN H 359 -25.65 12.69 20.64
N SER H 360 -24.43 12.80 20.16
CA SER H 360 -23.38 11.84 20.46
C SER H 360 -23.10 11.76 21.96
N PHE H 361 -22.91 12.92 22.57
CA PHE H 361 -22.61 12.98 23.99
C PHE H 361 -23.73 12.50 24.89
N THR H 362 -24.98 12.65 24.44
CA THR H 362 -26.10 12.15 25.20
C THR H 362 -25.96 10.62 25.17
N ASN H 363 -25.63 10.10 24.00
CA ASN H 363 -25.43 8.67 23.81
C ASN H 363 -24.29 8.25 24.72
N GLN H 364 -23.27 9.10 24.82
CA GLN H 364 -22.12 8.82 25.65
C GLN H 364 -22.51 8.71 27.11
N VAL H 365 -23.27 9.69 27.59
CA VAL H 365 -23.69 9.70 28.99
C VAL H 365 -24.53 8.46 29.29
N MET H 366 -25.38 8.08 28.33
CA MET H 366 -26.23 6.91 28.49
C MET H 366 -25.41 5.64 28.65
N ALA H 367 -24.34 5.54 27.86
CA ALA H 367 -23.48 4.36 27.91
C ALA H 367 -22.72 4.28 29.22
N GLN H 368 -22.34 5.42 29.75
CA GLN H 368 -21.61 5.49 31.01
C GLN H 368 -22.50 5.01 32.13
N ILE H 369 -23.78 5.40 32.10
CA ILE H 369 -24.74 4.99 33.12
C ILE H 369 -25.10 3.50 32.99
N GLU H 370 -25.22 3.01 31.77
CA GLU H 370 -25.55 1.62 31.52
C GLU H 370 -24.44 0.73 32.06
N LEU H 371 -23.22 0.95 31.58
CA LEU H 371 -22.05 0.19 31.96
C LEU H 371 -21.75 0.26 33.46
N TRP H 372 -21.91 1.45 34.02
CA TRP H 372 -21.66 1.65 35.43
C TRP H 372 -22.80 1.11 36.28
N THR H 373 -24.01 1.56 35.97
CA THR H 373 -25.20 1.18 36.68
C THR H 373 -25.69 -0.27 36.44
N HIS H 374 -25.70 -0.74 35.21
CA HIS H 374 -26.16 -2.11 34.94
C HIS H 374 -25.00 -2.85 34.32
N PRO H 375 -24.05 -3.27 35.14
CA PRO H 375 -22.86 -3.99 34.67
C PRO H 375 -23.13 -5.38 34.14
N ASP H 376 -23.88 -6.16 34.92
CA ASP H 376 -24.18 -7.54 34.58
C ASP H 376 -24.99 -7.64 33.30
N LYS H 377 -25.35 -6.49 32.75
CA LYS H 377 -26.11 -6.45 31.51
C LYS H 377 -25.16 -6.49 30.32
N TYR H 378 -23.89 -6.19 30.58
CA TYR H 378 -22.88 -6.15 29.53
C TYR H 378 -21.64 -6.99 29.75
N PRO H 379 -21.68 -8.27 29.33
CA PRO H 379 -20.50 -9.12 29.51
C PRO H 379 -19.37 -8.59 28.61
N VAL H 380 -18.13 -9.03 28.83
CA VAL H 380 -17.01 -8.56 28.02
C VAL H 380 -17.32 -8.78 26.54
N GLY H 381 -17.27 -7.69 25.79
CA GLY H 381 -17.57 -7.72 24.37
C GLY H 381 -17.99 -6.30 24.06
N VAL H 382 -18.36 -6.01 22.80
CA VAL H 382 -18.79 -4.67 22.42
C VAL H 382 -20.28 -4.65 22.08
N HIS H 383 -21.04 -3.83 22.80
CA HIS H 383 -22.49 -3.75 22.61
C HIS H 383 -23.02 -2.43 22.04
N PHE H 384 -24.33 -2.42 21.80
CA PHE H 384 -25.02 -1.26 21.26
C PHE H 384 -26.02 -0.79 22.32
N LEU H 385 -26.44 0.47 22.21
CA LEU H 385 -27.42 1.03 23.12
C LEU H 385 -28.79 0.57 22.58
N PRO H 386 -29.74 0.26 23.48
CA PRO H 386 -31.06 -0.16 22.99
C PRO H 386 -31.78 0.92 22.17
N LYS H 387 -32.56 0.50 21.18
CA LYS H 387 -33.29 1.45 20.32
C LYS H 387 -34.11 2.45 21.10
N LYS H 388 -34.70 1.99 22.21
CA LYS H 388 -35.51 2.88 23.02
C LYS H 388 -34.69 4.09 23.44
N LEU H 389 -33.44 3.85 23.82
CA LEU H 389 -32.55 4.92 24.25
C LEU H 389 -32.17 5.75 23.04
N ASP H 390 -31.99 5.08 21.92
CA ASP H 390 -31.63 5.74 20.68
C ASP H 390 -32.71 6.75 20.29
N GLU H 391 -33.97 6.32 20.35
CA GLU H 391 -35.07 7.22 20.01
C GLU H 391 -35.22 8.32 21.05
N ALA H 392 -34.94 7.97 22.30
CA ALA H 392 -35.04 8.94 23.40
C ALA H 392 -34.08 10.08 23.13
N VAL H 393 -32.89 9.73 22.62
CA VAL H 393 -31.86 10.73 22.31
C VAL H 393 -32.34 11.71 21.25
N ALA H 394 -32.99 11.19 20.22
CA ALA H 394 -33.48 12.06 19.15
C ALA H 394 -34.61 12.92 19.70
N GLU H 395 -35.49 12.27 20.45
CA GLU H 395 -36.64 12.94 21.05
C GLU H 395 -36.24 14.17 21.84
N ALA H 396 -35.16 14.04 22.60
CA ALA H 396 -34.66 15.12 23.45
C ALA H 396 -34.28 16.38 22.69
N HIS H 397 -34.01 16.27 21.39
CA HIS H 397 -33.62 17.44 20.62
C HIS H 397 -34.74 17.99 19.75
N LEU H 398 -35.87 17.28 19.72
CA LEU H 398 -37.02 17.69 18.93
C LEU H 398 -37.59 19.01 19.41
N GLY H 399 -37.68 19.17 20.73
CA GLY H 399 -38.21 20.40 21.29
C GLY H 399 -37.52 21.67 20.84
N LYS H 400 -36.19 21.71 20.96
CA LYS H 400 -35.43 22.90 20.57
C LYS H 400 -35.72 23.31 19.13
N LEU H 401 -35.88 22.33 18.26
CA LEU H 401 -36.15 22.59 16.85
C LEU H 401 -37.61 22.89 16.60
N ASN H 402 -38.42 22.70 17.63
CA ASN H 402 -39.86 22.92 17.53
C ASN H 402 -40.57 21.91 16.63
N VAL H 403 -40.05 20.69 16.59
CA VAL H 403 -40.65 19.65 15.78
C VAL H 403 -41.86 19.13 16.57
N LYS H 404 -42.96 18.86 15.86
CA LYS H 404 -44.16 18.35 16.52
C LYS H 404 -44.34 16.91 16.06
N LEU H 405 -43.98 15.98 16.92
CA LEU H 405 -44.07 14.58 16.59
C LEU H 405 -45.51 14.16 16.61
N THR H 406 -45.84 13.15 15.82
CA THR H 406 -47.20 12.64 15.78
C THR H 406 -47.24 11.43 16.71
N LYS H 407 -48.42 11.17 17.26
CA LYS H 407 -48.61 10.06 18.16
C LYS H 407 -49.59 9.06 17.56
N LEU H 408 -49.15 7.82 17.45
CA LEU H 408 -49.98 6.77 16.88
C LEU H 408 -51.26 6.67 17.72
N THR H 409 -52.38 6.34 17.09
CA THR H 409 -53.63 6.15 17.81
C THR H 409 -53.61 4.68 18.21
N GLU H 410 -54.45 4.30 19.16
CA GLU H 410 -54.49 2.91 19.56
C GLU H 410 -54.75 2.06 18.33
N LYS H 411 -55.58 2.59 17.43
CA LYS H 411 -55.95 1.90 16.20
C LYS H 411 -54.76 1.71 15.28
N GLN H 412 -54.01 2.78 15.07
CA GLN H 412 -52.83 2.74 14.23
C GLN H 412 -51.78 1.85 14.86
N ALA H 413 -51.45 2.11 16.12
CA ALA H 413 -50.45 1.32 16.84
C ALA H 413 -50.77 -0.17 16.70
N GLN H 414 -52.06 -0.47 16.70
CA GLN H 414 -52.53 -1.84 16.59
C GLN H 414 -52.31 -2.36 15.18
N TYR H 415 -52.67 -1.52 14.21
CA TYR H 415 -52.53 -1.85 12.78
C TYR H 415 -51.07 -2.14 12.45
N LEU H 416 -50.19 -1.23 12.86
CA LEU H 416 -48.76 -1.38 12.60
C LEU H 416 -48.18 -2.48 13.47
N GLY H 417 -48.90 -2.83 14.52
CA GLY H 417 -48.42 -3.86 15.42
C GLY H 417 -47.25 -3.39 16.24
N MET H 418 -47.28 -2.14 16.68
CA MET H 418 -46.21 -1.59 17.49
C MET H 418 -46.78 -0.68 18.59
N PRO H 419 -46.01 -0.40 19.64
CA PRO H 419 -46.47 0.45 20.73
C PRO H 419 -46.48 1.93 20.41
N ILE H 420 -47.41 2.66 21.03
CA ILE H 420 -47.52 4.10 20.82
C ILE H 420 -46.14 4.76 21.02
N ASN H 421 -45.40 4.26 22.00
CA ASN H 421 -44.06 4.77 22.30
C ASN H 421 -42.97 3.76 21.94
N GLY H 422 -43.25 2.49 22.20
CA GLY H 422 -42.30 1.42 21.93
C GLY H 422 -41.50 1.66 20.67
N PRO H 423 -40.27 1.12 20.57
CA PRO H 423 -39.44 1.31 19.38
C PRO H 423 -40.28 1.16 18.11
N PHE H 424 -40.11 2.14 17.22
CA PHE H 424 -40.85 2.19 15.97
C PHE H 424 -40.21 1.52 14.77
N LYS H 425 -39.03 0.93 14.97
CA LYS H 425 -38.33 0.26 13.87
C LYS H 425 -37.58 -1.02 14.24
N PRO H 426 -37.53 -2.00 13.33
CA PRO H 426 -36.81 -3.25 13.59
C PRO H 426 -35.32 -2.97 13.77
N ASP H 427 -34.62 -3.88 14.42
CA ASP H 427 -33.20 -3.68 14.66
C ASP H 427 -32.38 -3.53 13.39
N HIS H 428 -32.86 -4.08 12.27
CA HIS H 428 -32.11 -3.98 11.01
C HIS H 428 -32.40 -2.70 10.24
N TYR H 429 -33.31 -1.88 10.76
CA TYR H 429 -33.65 -0.62 10.09
C TYR H 429 -32.41 0.29 10.00
N ARG H 430 -32.17 0.84 8.81
CA ARG H 430 -31.01 1.68 8.57
C ARG H 430 -31.30 3.18 8.53
N TYR H 431 -32.57 3.56 8.60
CA TYR H 431 -32.91 4.97 8.56
C TYR H 431 -32.32 5.59 7.30
PA NAD I . 29.90 -10.53 -16.93
O1A NAD I . 30.40 -9.53 -17.90
O2A NAD I . 29.68 -9.95 -15.57
O5B NAD I . 30.96 -11.69 -16.71
C5B NAD I . 31.44 -12.51 -17.78
C4B NAD I . 32.86 -12.79 -17.33
O4B NAD I . 33.52 -13.65 -18.30
C3B NAD I . 33.77 -11.55 -17.26
O3B NAD I . 34.23 -11.32 -15.90
C2B NAD I . 34.87 -11.89 -18.27
O2B NAD I . 36.15 -11.36 -17.83
C1B NAD I . 34.85 -13.43 -18.29
N9A NAD I . 35.33 -13.98 -19.53
C8A NAD I . 35.17 -13.47 -20.78
N7A NAD I . 35.73 -14.21 -21.72
C5A NAD I . 36.27 -15.24 -21.00
C6A NAD I . 37.02 -16.38 -21.42
N6A NAD I . 37.34 -16.65 -22.69
N1A NAD I . 37.44 -17.26 -20.45
C2A NAD I . 37.12 -16.99 -19.14
N3A NAD I . 36.42 -15.95 -18.67
C4A NAD I . 36.04 -15.12 -19.65
O3 NAD I . 28.58 -11.19 -17.54
PN NAD I . 27.35 -11.81 -16.71
O1N NAD I . 26.34 -10.81 -16.23
O2N NAD I . 27.91 -12.66 -15.63
O5D NAD I . 26.70 -12.62 -17.92
C5D NAD I . 27.44 -13.69 -18.57
C4D NAD I . 26.55 -14.27 -19.66
O4D NAD I . 25.46 -14.98 -19.05
C3D NAD I . 25.92 -13.26 -20.61
O3D NAD I . 25.88 -13.80 -21.93
C2D NAD I . 24.52 -13.10 -20.07
O2D NAD I . 23.60 -12.66 -21.11
C1D NAD I . 24.24 -14.50 -19.56
N1N NAD I . 23.21 -14.59 -18.53
C2N NAD I . 22.43 -15.77 -18.45
C3N NAD I . 21.37 -15.95 -17.44
C7N NAD I . 20.62 -17.25 -17.47
O7N NAD I . 19.76 -17.33 -16.60
N7N NAD I . 20.85 -18.26 -18.34
C4N NAD I . 21.13 -14.84 -16.46
C5N NAD I . 22.02 -13.60 -16.61
C6N NAD I . 22.95 -13.54 -17.57
N9 3DD J . 15.96 -15.98 -17.38
C8 3DD J . 16.26 -16.89 -16.42
N7 3DD J . 15.21 -17.32 -15.83
C5 3DD J . 14.14 -16.75 -16.37
C6 3DD J . 12.71 -16.85 -16.12
N6 3DD J . 12.23 -17.71 -15.15
N1 3DD J . 11.89 -16.08 -16.90
C2 3DD J . 12.37 -15.22 -17.86
C3 3DD J . 13.72 -15.10 -18.11
C4 3DD J . 14.60 -15.83 -17.40
C1' 3DD J . 17.01 -15.34 -18.19
C2' 3DD J . 17.32 -13.91 -17.82
O2' 3DD J . 17.41 -13.80 -16.39
C3' 3DD J . 18.67 -13.45 -18.46
O3' 3DD J . 18.83 -13.63 -19.90
C4' 3DD J . 18.88 -12.03 -18.13
O4A 3DD J . 19.84 -11.47 -18.58
O4B 3DD J . 18.01 -11.37 -17.32
PA NAD K . 29.68 2.26 2.14
O1A NAD K . 29.18 3.53 1.61
O2A NAD K . 29.90 1.21 1.09
O5B NAD K . 28.63 1.58 3.12
C5B NAD K . 28.14 2.24 4.29
C4B NAD K . 26.74 1.67 4.40
O4B NAD K . 26.12 2.24 5.57
C3B NAD K . 25.80 2.06 3.26
O3B NAD K . 25.33 0.91 2.53
C2B NAD K . 24.72 2.86 3.98
O2B NAD K . 23.43 2.69 3.39
C1B NAD K . 24.77 2.30 5.39
N9A NAD K . 24.29 3.23 6.38
C8A NAD K . 24.46 4.58 6.39
N7A NAD K . 23.90 5.17 7.43
C5A NAD K . 23.35 4.09 8.13
C6A NAD K . 22.62 4.03 9.34
N6A NAD K . 22.31 5.09 10.07
N1A NAD K . 22.20 2.78 9.79
C2A NAD K . 22.52 1.68 9.03
N3A NAD K . 23.20 1.66 7.89
C4A NAD K . 23.59 2.89 7.49
O3 NAD K . 31.01 2.57 2.94
PN NAD K . 32.27 1.56 3.19
O1N NAD K . 33.24 1.50 2.08
O2N NAD K . 31.69 0.22 3.55
O5D NAD K . 32.91 2.36 4.39
C5D NAD K . 32.17 2.54 5.65
C4D NAD K . 33.05 3.34 6.58
O4D NAD K . 34.16 2.52 7.00
C3D NAD K . 33.67 4.61 5.99
O3D NAD K . 33.72 5.63 6.99
C2D NAD K . 35.07 4.17 5.62
O2D NAD K . 35.98 5.29 5.57
C1D NAD K . 35.38 3.18 6.73
N1N NAD K . 36.41 2.20 6.39
C2N NAD K . 37.22 1.68 7.44
C3N NAD K . 38.26 0.70 7.19
C7N NAD K . 39.03 0.23 8.36
O7N NAD K . 39.91 -0.60 8.07
N7N NAD K . 38.82 0.65 9.64
C4N NAD K . 38.49 0.23 5.80
C5N NAD K . 37.59 0.83 4.72
C6N NAD K . 36.66 1.73 5.05
N9 3DD L . 43.69 0.72 7.13
C8 3DD L . 43.42 -0.54 7.57
N7 3DD L . 44.48 -1.22 7.72
C5 3DD L . 45.54 -0.48 7.40
C6 3DD L . 46.97 -0.71 7.38
N6 3DD L . 47.51 -1.93 7.75
N1 3DD L . 47.77 0.32 6.98
C2 3DD L . 47.26 1.55 6.60
C3 3DD L . 45.91 1.80 6.62
C4 3DD L . 45.04 0.82 7.01
C1' 3DD L . 42.61 1.68 6.88
C2' 3DD L . 42.31 1.93 5.42
O2' 3DD L . 42.25 0.68 4.73
C3' 3DD L . 40.96 2.70 5.25
O3' 3DD L . 40.80 3.96 5.95
C4' 3DD L . 40.70 2.92 3.80
O4A 3DD L . 39.74 3.57 3.46
O4B 3DD L . 41.54 2.36 2.85
PA NAD M . 18.76 -38.28 14.30
O1A NAD M . 18.46 -39.15 15.45
O2A NAD M . 20.23 -38.07 14.06
O5B NAD M . 18.20 -36.83 14.54
C5B NAD M . 16.82 -36.53 14.80
C4B NAD M . 16.92 -35.31 15.69
O4B NAD M . 15.60 -34.85 16.03
C3B NAD M . 17.60 -35.57 17.05
O3B NAD M . 18.83 -34.80 17.18
C2B NAD M . 16.50 -35.21 18.05
O2B NAD M . 17.03 -34.59 19.24
C1B NAD M . 15.60 -34.25 17.25
N9A NAD M . 14.23 -34.27 17.69
C8A NAD M . 13.50 -35.34 18.13
N7A NAD M . 12.24 -35.03 18.46
C5A NAD M . 12.21 -33.67 18.21
C6A NAD M . 11.19 -32.71 18.36
N6A NAD M . 9.97 -33.01 18.81
N1A NAD M . 11.46 -31.41 18.03
C2A NAD M . 12.72 -31.10 17.57
N3A NAD M . 13.73 -31.93 17.41
C4A NAD M . 13.41 -33.19 17.74
O3 NAD M . 18.02 -38.91 13.03
PN NAD M . 18.46 -38.77 11.48
O1N NAD M . 19.48 -39.75 11.04
O2N NAD M . 18.86 -37.35 11.26
O5D NAD M . 17.06 -39.19 10.86
C5D NAD M . 15.86 -38.38 11.07
C4D NAD M . 14.72 -39.06 10.35
O4D NAD M . 14.92 -38.88 8.93
C3D NAD M . 14.59 -40.57 10.58
O3D NAD M . 13.21 -40.96 10.65
C2D NAD M . 15.25 -41.17 9.35
O2D NAD M . 14.73 -42.48 9.07
C1D NAD M . 14.88 -40.16 8.29
N1N NAD M . 15.79 -40.15 7.13
C2N NAD M . 15.25 -39.78 5.88
C3N NAD M . 16.08 -39.75 4.66
C7N NAD M . 15.41 -39.33 3.37
O7N NAD M . 16.16 -39.32 2.40
N7N NAD M . 14.09 -38.99 3.26
C4N NAD M . 17.53 -40.11 4.78
C5N NAD M . 18.01 -40.50 6.17
C6N NAD M . 17.18 -40.51 7.21
N9 3DD N . 16.60 -42.73 0.18
C8 3DD N . 16.87 -41.48 -0.29
N7 3DD N . 17.20 -41.48 -1.53
C5 3DD N . 17.16 -42.73 -1.98
C6 3DD N . 17.41 -43.34 -3.27
N6 3DD N . 17.77 -42.59 -4.37
N1 3DD N . 17.27 -44.71 -3.36
C2 3DD N . 16.90 -45.50 -2.27
C3 3DD N . 16.65 -44.96 -1.04
C4 3DD N . 16.77 -43.60 -0.87
C1' 3DD N . 16.20 -42.94 1.57
C2' 3DD N . 17.25 -43.58 2.44
O2' 3DD N . 18.50 -42.93 2.20
C3' 3DD N . 16.86 -43.43 3.97
O3' 3DD N . 15.57 -43.96 4.38
C4' 3DD N . 17.94 -44.06 4.78
O4A 3DD N . 17.79 -44.16 5.97
O4B 3DD N . 19.08 -44.54 4.17
PA NAD O . 41.79 -37.04 15.56
O1A NAD O . 42.12 -38.44 15.91
O2A NAD O . 40.32 -36.79 15.50
O5B NAD O . 42.31 -36.68 14.12
C5B NAD O . 43.68 -36.78 13.74
C4B NAD O . 43.56 -37.15 12.28
O4B NAD O . 44.89 -37.28 11.72
C3B NAD O . 42.89 -38.53 12.02
O3B NAD O . 41.66 -38.39 11.27
C2B NAD O . 44.02 -39.28 11.30
O2B NAD O . 43.49 -40.17 10.31
C1B NAD O . 44.87 -38.16 10.70
N9A NAD O . 46.24 -38.52 10.50
C8A NAD O . 47.01 -39.32 11.32
N7A NAD O . 48.25 -39.48 10.87
C5A NAD O . 48.25 -38.72 9.70
C6A NAD O . 49.28 -38.47 8.75
N6A NAD O . 50.51 -38.96 8.85
N1A NAD O . 48.98 -37.67 7.67
C2A NAD O . 47.70 -37.16 7.58
N3A NAD O . 46.68 -37.35 8.43
C4A NAD O . 47.02 -38.14 9.47
O3 NAD O . 42.52 -36.09 16.59
PN NAD O . 42.03 -34.64 17.06
O1N NAD O . 41.01 -34.64 18.14
O2N NAD O . 41.59 -33.89 15.85
O5D NAD O . 43.41 -34.17 17.69
C5D NAD O . 44.60 -34.02 16.84
C4D NAD O . 45.76 -33.58 17.73
O4D NAD O . 45.55 -32.21 18.13
C3D NAD O . 45.93 -34.38 19.02
O3D NAD O . 47.30 -34.55 19.31
C2D NAD O . 45.31 -33.50 20.06
O2D NAD O . 45.84 -33.75 21.37
C1D NAD O . 45.61 -32.12 19.54
N1N NAD O . 44.70 -31.06 19.99
C2N NAD O . 45.20 -29.74 20.12
C3N NAD O . 44.34 -28.63 20.56
C7N NAD O . 44.99 -27.27 20.66
O7N NAD O . 44.20 -26.39 21.03
N7N NAD O . 46.28 -26.98 20.37
C4N NAD O . 42.90 -28.91 20.88
C5N NAD O . 42.44 -30.35 20.71
C6N NAD O . 43.30 -31.29 20.30
N9 3DD P . 43.84 -25.65 25.05
C8 3DD P . 43.51 -24.75 24.09
N7 3DD P . 43.15 -23.62 24.57
C5 3DD P . 43.21 -23.67 25.88
C6 3DD P . 42.93 -22.74 26.95
N6 3DD P . 42.50 -21.47 26.67
N1 3DD P . 43.10 -23.17 28.24
C2 3DD P . 43.53 -24.44 28.56
C3 3DD P . 43.81 -25.36 27.57
C4 3DD P . 43.66 -25.03 26.25
C1' 3DD P . 44.29 -27.01 24.72
C2' 3DD P . 43.26 -28.08 24.96
O2' 3DD P . 41.99 -27.62 24.49
C3' 3DD P . 43.63 -29.40 24.23
O3' 3DD P . 44.93 -29.97 24.49
C4' 3DD P . 42.59 -30.42 24.53
O4A 3DD P . 42.75 -31.55 24.14
O4B 3DD P . 41.45 -30.08 25.24
PA NAD Q . -30.97 31.98 -24.07
O1A NAD Q . -30.53 33.00 -25.04
O2A NAD Q . -31.17 32.52 -22.70
O5B NAD Q . -29.88 30.85 -23.92
C5B NAD Q . -29.40 30.07 -25.01
C4B NAD Q . -27.97 29.81 -24.59
O4B NAD Q . -27.33 28.99 -25.61
C3B NAD Q . -27.08 31.07 -24.51
O3B NAD Q . -26.59 31.29 -23.17
C2B NAD Q . -26.01 30.78 -25.55
O2B NAD Q . -24.75 31.31 -25.13
C1B NAD Q . -26.01 29.25 -25.64
N9A NAD Q . -25.56 28.75 -26.90
C8A NAD Q . -25.81 29.29 -28.14
N7A NAD Q . -25.25 28.60 -29.13
C5A NAD Q . -24.64 27.55 -28.46
C6A NAD Q . -23.87 26.45 -28.93
N6A NAD Q . -23.60 26.23 -30.21
N1A NAD Q . -23.37 25.57 -28.00
C2A NAD Q . -23.65 25.80 -26.68
N3A NAD Q . -24.35 26.79 -26.16
C4A NAD Q . -24.81 27.63 -27.10
O3 NAD Q . -32.30 31.32 -24.64
PN NAD Q . -33.45 30.61 -23.78
O1N NAD Q . -34.44 31.55 -23.20
O2N NAD Q . -32.82 29.76 -22.74
O5D NAD Q . -34.14 29.82 -24.99
C5D NAD Q . -33.40 28.78 -25.71
C4D NAD Q . -34.30 28.22 -26.80
O4D NAD Q . -35.36 27.47 -26.19
C3D NAD Q . -34.99 29.25 -27.70
O3D NAD Q . -35.01 28.77 -29.05
C2D NAD Q . -36.40 29.33 -27.13
O2D NAD Q . -37.36 29.75 -28.11
C1D NAD Q . -36.61 27.93 -26.66
N1N NAD Q . -37.61 27.77 -25.60
C2N NAD Q . -38.35 26.57 -25.54
C3N NAD Q . -39.36 26.33 -24.51
C7N NAD Q . -40.08 25.03 -24.55
O7N NAD Q . -40.91 24.89 -23.64
N7N NAD Q . -39.85 24.04 -25.48
C4N NAD Q . -39.59 27.39 -23.49
C5N NAD Q . -38.75 28.66 -23.63
C6N NAD Q . -37.86 28.78 -24.60
N9 3DD R . -44.77 26.17 -24.30
C8 3DD R . -44.42 25.25 -23.35
N7 3DD R . -45.45 24.78 -22.75
C5 3DD R . -46.54 25.34 -23.24
C6 3DD R . -47.97 25.20 -22.97
N6 3DD R . -48.42 24.32 -22.01
N1 3DD R . -48.83 25.97 -23.72
C2 3DD R . -48.39 26.86 -24.68
C3 3DD R . -47.05 27.01 -24.97
C4 3DD R . -46.12 26.29 -24.28
C1' 3DD R . -43.75 26.83 -25.11
C2' 3DD R . -43.51 28.27 -24.76
O2' 3DD R . -43.47 28.40 -23.34
C3' 3DD R . -42.17 28.79 -25.39
O3' 3DD R . -42.02 28.67 -26.83
C4' 3DD R . -41.99 30.21 -25.01
O4A 3DD R . -41.06 30.81 -25.47
O4B 3DD R . -42.86 30.82 -24.17
PA NAD S . -31.10 44.00 -4.37
O1A NAD S . -31.66 45.28 -4.84
O2A NAD S . -30.90 43.02 -5.47
O5B NAD S . -32.09 43.27 -3.39
C5B NAD S . -32.56 43.85 -2.17
C4B NAD S . -33.94 43.24 -2.07
O4B NAD S . -34.58 43.70 -0.86
C3B NAD S . -34.91 43.67 -3.20
O3B NAD S . -35.36 42.53 -3.98
C2B NAD S . -36.01 44.37 -2.43
O2B NAD S . -37.27 44.12 -3.05
C1B NAD S . -35.92 43.75 -1.02
N9A NAD S . -36.40 44.63 0.02
C8A NAD S . -36.28 45.99 0.09
N7A NAD S . -36.82 46.50 1.19
C5A NAD S . -37.31 45.39 1.83
C6A NAD S . -38.00 45.27 3.07
N6A NAD S . -38.32 46.28 3.85
N1A NAD S . -38.37 44.00 3.47
C2A NAD S . -38.05 42.93 2.64
N3A NAD S . -37.39 42.97 1.48
C4A NAD S . -37.06 44.23 1.13
O3 NAD S . -29.75 44.33 -3.60
PN NAD S . -28.48 43.38 -3.42
O1N NAD S . -27.53 43.38 -4.55
O2N NAD S . -28.98 42.00 -3.09
O5D NAD S . -27.81 44.15 -2.19
C5D NAD S . -28.50 44.25 -0.90
C4D NAD S . -27.62 45.03 0.04
O4D NAD S . -26.48 44.23 0.37
C3D NAD S . -27.05 46.35 -0.49
O3D NAD S . -27.04 47.34 0.56
C2D NAD S . -25.64 45.99 -0.90
O2D NAD S . -24.76 47.13 -0.90
C1D NAD S . -25.29 44.96 0.12
N1N NAD S . -24.22 44.04 -0.27
C2N NAD S . -23.39 43.51 0.73
C3N NAD S . -22.32 42.57 0.44
C7N NAD S . -21.49 42.07 1.59
O7N NAD S . -20.59 41.27 1.23
N7N NAD S . -21.68 42.43 2.90
C4N NAD S . -22.10 42.18 -0.98
C5N NAD S . -23.04 42.78 -2.01
C6N NAD S . -23.99 43.63 -1.63
N9 3DD T . -16.89 42.74 0.25
C8 3DD T . -17.10 41.47 0.66
N7 3DD T . -16.03 40.81 0.77
C5 3DD T . -15.01 41.59 0.44
C6 3DD T . -13.58 41.41 0.39
N6 3DD T . -13.00 40.20 0.73
N1 3DD T . -12.82 42.49 -0.01
C2 3DD T . -13.36 43.69 -0.34
C3 3DD T . -14.72 43.90 -0.30
C4 3DD T . -15.55 42.89 0.08
C1' 3DD T . -18.00 43.69 0.06
C2' 3DD T . -18.34 43.97 -1.36
O2' 3DD T . -18.38 42.73 -2.06
C3' 3DD T . -19.73 44.70 -1.46
O3' 3DD T . -19.88 45.93 -0.71
C4' 3DD T . -20.03 44.97 -2.88
O4A 3DD T . -21.02 45.60 -3.17
O4B 3DD T . -19.18 44.51 -3.85
PA NAD U . -40.49 2.94 6.29
O1A NAD U . -40.69 2.01 7.43
O2A NAD U . -39.07 3.22 6.00
O5B NAD U . -41.09 4.37 6.61
C5B NAD U . -42.47 4.59 6.96
C4B NAD U . -42.37 5.79 7.90
O4B NAD U . -43.70 6.17 8.31
C3B NAD U . -41.64 5.49 9.23
O3B NAD U . -40.43 6.29 9.35
C2B NAD U . -42.73 5.77 10.28
O2B NAD U . -42.19 6.34 11.49
C1B NAD U . -43.68 6.74 9.53
N9A NAD U . -45.04 6.68 10.00
C8A NAD U . -45.75 5.57 10.38
N7A NAD U . -47.00 5.84 10.76
C5A NAD U . -47.07 7.21 10.58
C6A NAD U . -48.12 8.14 10.79
N6A NAD U . -49.33 7.80 11.23
N1A NAD U . -47.89 9.47 10.52
C2A NAD U . -46.64 9.83 10.06
N3A NAD U . -45.61 9.03 9.84
C4A NAD U . -45.88 7.74 10.11
O3 NAD U . -41.23 2.33 5.04
PN NAD U . -40.84 2.56 3.49
O1N NAD U . -39.80 1.66 2.97
O2N NAD U . -40.51 4.01 3.33
O5D NAD U . -42.25 2.12 2.88
C5D NAD U . -43.47 2.88 3.19
C4D NAD U . -44.62 2.20 2.49
O4D NAD U . -44.47 2.44 1.08
C3D NAD U . -44.71 0.68 2.66
O3D NAD U . -46.08 0.28 2.75
C2D NAD U . -44.08 0.15 1.40
O2D NAD U . -44.59 -1.17 1.09
C1D NAD U . -44.48 1.20 0.38
N1N NAD U . -43.63 1.28 -0.80
C2N NAD U . -44.20 1.70 -2.03
C3N NAD U . -43.41 1.81 -3.25
C7N NAD U . -44.13 2.26 -4.49
O7N NAD U . -43.39 2.33 -5.48
N7N NAD U . -45.47 2.57 -4.54
C4N NAD U . -41.96 1.48 -3.18
C5N NAD U . -41.42 1.04 -1.84
C6N NAD U . -42.21 0.97 -0.78
N9 3DD V . -42.96 -1.01 -7.87
C8 3DD V . -42.72 0.27 -8.30
N7 3DD V . -42.41 0.32 -9.54
C5 3DD V . -42.42 -0.91 -10.04
C6 3DD V . -42.16 -1.47 -11.36
N6 3DD V . -41.82 -0.64 -12.42
N1 3DD V . -42.29 -2.83 -11.50
C2 3DD V . -42.63 -3.67 -10.45
C3 3DD V . -42.89 -3.18 -9.19
C4 3DD V . -42.79 -1.83 -8.96
C1' 3DD V . -43.33 -1.29 -6.48
C2' 3DD V . -42.23 -1.91 -5.66
O2' 3DD V . -41.00 -1.20 -5.91
C3' 3DD V . -42.57 -1.83 -4.13
O3' 3DD V . -43.84 -2.40 -3.68
C4' 3DD V . -41.45 -2.46 -3.36
O4A 3DD V . -41.54 -2.58 -2.16
O4B 3DD V . -40.32 -2.89 -4.00
PA NAD W . -17.53 4.75 7.05
O1A NAD W . -17.14 3.34 7.33
O2A NAD W . -19.01 4.95 7.06
O5B NAD W . -17.07 5.17 5.59
C5B NAD W . -15.71 5.13 5.16
C4B NAD W . -15.85 4.80 3.69
O4B NAD W . -14.53 4.75 3.09
C3B NAD W . -16.47 3.42 3.40
O3B NAD W . -17.74 3.50 2.69
C2B NAD W . -15.35 2.73 2.62
O2B NAD W . -15.90 1.90 1.60
C1B NAD W . -14.54 3.90 2.04
N9A NAD W . -13.16 3.58 1.80
C8A NAD W . -12.35 2.76 2.55
N7A NAD W . -11.11 2.67 2.07
C5A NAD W . -11.16 3.49 0.95
C6A NAD W . -10.17 3.82 0.02
N6A NAD W . -8.92 3.36 0.07
N1A NAD W . -10.50 4.68 -1.00
C2A NAD W . -11.80 5.15 -1.05
N3A NAD W . -12.78 4.88 -0.20
C4A NAD W . -12.40 4.05 0.77
O3 NAD W . -16.78 5.68 8.10
PN NAD W . -17.30 7.11 8.64
O1N NAD W . -18.31 7.05 9.74
O2N NAD W . -17.78 7.90 7.47
O5D NAD W . -15.89 7.56 9.27
C5D NAD W . -14.73 7.76 8.40
C4D NAD W . -13.58 8.18 9.26
O4D NAD W . -13.81 9.52 9.73
C3D NAD W . -13.34 7.33 10.50
O3D NAD W . -11.93 7.18 10.71
C2D NAD W . -13.98 8.15 11.61
O2D NAD W . -13.43 7.86 12.91
C1D NAD W . -13.72 9.55 11.15
N1N NAD W . -14.63 10.56 11.66
C2N NAD W . -14.16 11.89 11.83
C3N NAD W . -15.02 12.97 12.36
C7N NAD W . -14.41 14.32 12.49
O7N NAD W . -15.20 15.14 12.94
N7N NAD W . -13.14 14.65 12.18
C4N NAD W . -16.44 12.64 12.71
C5N NAD W . -16.88 11.19 12.50
C6N NAD W . -16.01 10.28 12.02
N9 3DD X . -15.48 15.72 17.02
C8 3DD X . -15.85 16.65 16.08
N7 3DD X . -16.22 17.75 16.62
C5 3DD X . -16.13 17.65 17.93
C6 3DD X . -16.40 18.55 19.03
N6 3DD X . -16.86 19.83 18.81
N1 3DD X . -16.17 18.06 20.30
C2 3DD X . -15.71 16.77 20.55
C3 3DD X . -15.44 15.90 19.52
C4 3DD X . -15.63 16.30 18.23
C1' 3DD X . -15.01 14.40 16.63
C2' 3DD X . -16.02 13.30 16.83
O2' 3DD X . -17.32 13.73 16.37
C3' 3DD X . -15.62 12.01 16.05
O3' 3DD X . -14.27 11.47 16.27
C4' 3DD X . -16.62 10.95 16.32
O4A 3DD X . -16.44 9.85 15.87
O4B 3DD X . -17.73 11.24 17.08
#